data_6P8T
#
_entry.id   6P8T
#
_cell.length_a   92.266
_cell.length_b   172.467
_cell.length_c   191.891
_cell.angle_alpha   90.000
_cell.angle_beta   103.113
_cell.angle_gamma   90.000
#
_symmetry.space_group_name_H-M   'P 1 21 1'
#
loop_
_entity.id
_entity.type
_entity.pdbx_description
1 polymer 'Phenylalanine--tRNA ligase beta subunit'
2 polymer 'Phenylalanine--tRNA ligase alpha subunit'
3 non-polymer 'MAGNESIUM ION'
4 non-polymer N-benzyl-2-(cyclohex-1-en-1-yl)ethan-1-amine
5 water water
#
loop_
_entity_poly.entity_id
_entity_poly.type
_entity_poly.pdbx_seq_one_letter_code
_entity_poly.pdbx_strand_id
1 'polypeptide(L)'
;MKISENWLRTWVNPAIDSDTLSDQLTMLGLEVDELASVAKPFTGVVVGEVLTVEQHPDADRLRVTTVNIGSGEPLQIVCG
APNVRAGMKAPVATIGAVLPGDFKIKKGKLRGVESQGMLCGASEIDLEDKIDGLLELPADAPVGVNIREYLKLDDNVIDI
SITPNRGDCFSIRGIAREVAVINQLQMNEPEIKSVDATITDEKKVVINTDGAPRYLGRVIKNVNVKAATPEWMEQALARS
GIRTHSILVDVTNYVLMELGQPMHAFDLAKIEGTVHVRQAKPQEKLQLLNDQEVELQEDVMVIADDQKALAIAGIMGGLA
SSVTDDTTDIFLESAFFAPLAIAGRARRFGLHTDSSQRYERGVDFELPVIAMNRASQLIQELAGGEFGPITVAEKSDLLP
KREAIELKQAQVDQLLGYKVAAEFITDALTRLGCEVTVQANGEWSVVPPSHRYDMAIYQDLIEEVARIDGYDNIQISLPS
MDVQLAKYQDRFEIAQLRQTVATLGYQEAISFSFADAKLEKQLNPQVSPLMLANPISSDLAAMRSTLLSSLIPCVQYNLN
RQQSRVRFFELGLRFDYQNANSIQDLKQIPTLALVAVGSREPESWHAKPQPMDFFDFKGEVEEILAAGRVKVEYVRSERP
WLHPGQSAEILVDGQSIGYLGRLHPSLENELDLSTTWVAELDQAAVLQSYVSNFTELSRFPSVRRDIALLISDNINVRDI
QQLIEKTGGELLDSTWLFDVYTGQGVEEGKRSLAFALLWQHPSRTLEDAEIKSGMDNIIQVLENTYQATLRAS
;
A,B,E,F
2 'polypeptide(L)'
;MRVTMSLEALTTEALAAIAAAQDLVALDQVRVQFTGKKSQLAEQSKALGKMDPEERKVQGAAIHAVRETINNALTERQTA
LQQAALAQKLASETIDITLPGRGQRIGTVHPVTQVQERICQFFTKAGFTVATGPEVEDDYHNFEALNIPGHHPARAMHDT
FYFDANHLLRTHTSGVQIRTMETSQPPIRIVCPGRVYRCDSDQTHSPMFHQIEGLYVAENTSFAELKGLLINLLNEFFEK
DLKVRFRPSYFPFTEPSAEVDIMDERGRWLEVLGCGMVHPNVLRAAGIDPDKYKGFAFGLGVERFAMLRYGINDLRMFYQ
NDVRFLRQFA
;
C,D,G,H
#
# COMPACT_ATOMS: atom_id res chain seq x y z
N MET A 1 8.99 -26.22 -16.01
CA MET A 1 10.44 -26.24 -16.08
C MET A 1 11.07 -25.75 -14.78
N LYS A 2 12.00 -26.53 -14.24
CA LYS A 2 12.75 -26.18 -13.04
C LYS A 2 14.16 -25.80 -13.43
N ILE A 3 14.63 -24.65 -12.94
CA ILE A 3 15.97 -24.17 -13.23
C ILE A 3 16.60 -23.65 -11.94
N SER A 4 17.92 -23.78 -11.86
CA SER A 4 18.66 -23.27 -10.72
C SER A 4 18.79 -21.76 -10.79
N GLU A 5 18.58 -21.10 -9.64
CA GLU A 5 18.69 -19.64 -9.62
C GLU A 5 20.13 -19.19 -9.82
N ASN A 6 21.08 -19.87 -9.17
CA ASN A 6 22.49 -19.51 -9.35
C ASN A 6 22.92 -19.66 -10.80
N TRP A 7 22.46 -20.71 -11.47
CA TRP A 7 22.70 -20.84 -12.91
C TRP A 7 22.08 -19.68 -13.68
N LEU A 8 20.92 -19.20 -13.21
CA LEU A 8 20.32 -18.01 -13.81
C LEU A 8 21.08 -16.75 -13.44
N ARG A 9 21.73 -16.73 -12.27
CA ARG A 9 22.50 -15.57 -11.86
C ARG A 9 23.76 -15.40 -12.70
N THR A 10 24.33 -16.51 -13.19
CA THR A 10 25.52 -16.42 -14.03
C THR A 10 25.23 -15.74 -15.36
N TRP A 11 23.97 -15.67 -15.76
CA TRP A 11 23.56 -14.93 -16.95
C TRP A 11 23.05 -13.53 -16.63
N VAL A 12 22.24 -13.39 -15.58
CA VAL A 12 21.75 -12.10 -15.12
C VAL A 12 21.70 -12.13 -13.60
N ASN A 13 22.48 -11.26 -12.95
CA ASN A 13 22.48 -11.12 -11.50
C ASN A 13 21.83 -9.80 -11.15
N PRO A 14 20.52 -9.76 -10.92
CA PRO A 14 19.82 -8.48 -10.70
C PRO A 14 20.09 -7.85 -9.35
N ALA A 15 20.83 -8.51 -8.46
CA ALA A 15 21.14 -7.99 -7.13
C ALA A 15 19.86 -7.69 -6.33
N ILE A 16 18.92 -8.64 -6.37
CA ILE A 16 17.70 -8.58 -5.59
C ILE A 16 17.45 -9.94 -4.98
N ASP A 17 16.65 -9.97 -3.92
CA ASP A 17 16.37 -11.22 -3.23
C ASP A 17 15.58 -12.17 -4.14
N SER A 18 15.51 -13.44 -3.71
CA SER A 18 14.83 -14.45 -4.51
C SER A 18 13.33 -14.23 -4.59
N ASP A 19 12.73 -13.55 -3.60
CA ASP A 19 11.30 -13.32 -3.63
C ASP A 19 10.91 -12.32 -4.72
N THR A 20 11.59 -11.17 -4.78
CA THR A 20 11.28 -10.19 -5.81
C THR A 20 11.68 -10.69 -7.20
N LEU A 21 12.65 -11.59 -7.28
CA LEU A 21 13.00 -12.18 -8.57
C LEU A 21 11.89 -13.08 -9.07
N SER A 22 11.32 -13.91 -8.20
CA SER A 22 10.20 -14.74 -8.59
C SER A 22 8.94 -13.91 -8.84
N ASP A 23 8.78 -12.81 -8.11
CA ASP A 23 7.66 -11.91 -8.37
C ASP A 23 7.76 -11.30 -9.76
N GLN A 24 8.98 -11.00 -10.20
CA GLN A 24 9.17 -10.44 -11.54
C GLN A 24 8.81 -11.47 -12.61
N LEU A 25 9.14 -12.75 -12.39
CA LEU A 25 8.82 -13.78 -13.36
C LEU A 25 7.31 -14.00 -13.47
N THR A 26 6.62 -14.05 -12.32
CA THR A 26 5.17 -14.24 -12.35
C THR A 26 4.47 -13.06 -13.02
N MET A 27 4.89 -11.83 -12.69
CA MET A 27 4.32 -10.64 -13.31
C MET A 27 4.77 -10.45 -14.74
N LEU A 28 5.66 -11.30 -15.26
CA LEU A 28 6.11 -11.24 -16.63
C LEU A 28 5.42 -12.28 -17.51
N GLY A 29 4.51 -13.09 -16.95
CA GLY A 29 3.86 -14.15 -17.67
C GLY A 29 4.41 -15.53 -17.40
N LEU A 30 5.39 -15.66 -16.51
CA LEU A 30 6.03 -16.93 -16.20
C LEU A 30 5.71 -17.27 -14.74
N GLU A 31 4.56 -17.92 -14.54
CA GLU A 31 4.08 -18.20 -13.19
C GLU A 31 5.02 -19.17 -12.47
N VAL A 32 5.64 -18.70 -11.40
CA VAL A 32 6.50 -19.55 -10.58
C VAL A 32 5.62 -20.36 -9.64
N ASP A 33 5.62 -21.68 -9.81
CA ASP A 33 4.81 -22.54 -8.94
C ASP A 33 5.45 -22.75 -7.58
N GLU A 34 6.78 -22.76 -7.51
CA GLU A 34 7.47 -23.01 -6.25
C GLU A 34 8.91 -22.53 -6.35
N LEU A 35 9.40 -21.93 -5.26
CA LEU A 35 10.80 -21.56 -5.12
C LEU A 35 11.28 -22.06 -3.76
N ALA A 36 12.12 -23.08 -3.77
CA ALA A 36 12.63 -23.67 -2.54
C ALA A 36 14.13 -23.87 -2.67
N SER A 37 14.79 -23.98 -1.52
CA SER A 37 16.22 -24.25 -1.49
C SER A 37 16.51 -25.66 -2.01
N VAL A 38 17.74 -25.86 -2.50
CA VAL A 38 18.13 -27.17 -3.02
C VAL A 38 18.02 -28.22 -1.92
N ALA A 39 18.42 -27.87 -0.70
CA ALA A 39 18.29 -28.75 0.45
C ALA A 39 17.52 -28.04 1.55
N LYS A 40 16.88 -28.83 2.41
CA LYS A 40 16.16 -28.26 3.53
C LYS A 40 17.13 -27.55 4.47
N PRO A 41 16.68 -26.47 5.12
CA PRO A 41 17.60 -25.67 5.93
C PRO A 41 18.13 -26.44 7.13
N PHE A 42 19.42 -26.24 7.41
CA PHE A 42 20.08 -26.82 8.57
C PHE A 42 21.27 -25.96 8.93
N THR A 43 21.56 -25.86 10.22
CA THR A 43 22.59 -24.98 10.73
C THR A 43 23.77 -25.79 11.26
N GLY A 44 24.96 -25.46 10.80
CA GLY A 44 26.18 -26.06 11.33
C GLY A 44 26.58 -27.37 10.69
N VAL A 45 27.36 -27.31 9.62
CA VAL A 45 27.89 -28.49 8.96
C VAL A 45 29.08 -28.11 8.11
N VAL A 46 30.29 -28.23 8.66
CA VAL A 46 31.51 -27.86 7.96
C VAL A 46 32.15 -29.11 7.35
N VAL A 47 33.30 -28.93 6.72
CA VAL A 47 33.98 -30.01 5.99
C VAL A 47 35.22 -30.43 6.78
N GLY A 48 35.48 -31.75 6.80
CA GLY A 48 36.63 -32.28 7.48
C GLY A 48 37.30 -33.37 6.66
N GLU A 49 38.49 -33.75 7.10
CA GLU A 49 39.29 -34.78 6.44
C GLU A 49 39.53 -35.92 7.42
N VAL A 50 39.14 -37.13 7.03
CA VAL A 50 39.32 -38.30 7.88
C VAL A 50 40.79 -38.71 7.87
N LEU A 51 41.36 -38.94 9.05
CA LEU A 51 42.77 -39.27 9.18
C LEU A 51 43.00 -40.78 9.27
N THR A 52 42.51 -41.42 10.32
CA THR A 52 42.72 -42.84 10.55
C THR A 52 41.39 -43.55 10.74
N VAL A 53 41.38 -44.85 10.46
CA VAL A 53 40.20 -45.69 10.59
C VAL A 53 40.60 -46.99 11.27
N GLU A 54 39.83 -47.39 12.28
CA GLU A 54 40.03 -48.66 12.97
C GLU A 54 38.71 -49.43 12.96
N GLN A 55 38.78 -50.73 12.81
CA GLN A 55 37.61 -51.57 12.61
C GLN A 55 37.42 -52.54 13.78
N HIS A 56 36.36 -53.34 13.68
CA HIS A 56 35.93 -54.35 14.65
C HIS A 56 35.72 -53.79 16.06
N PRO A 57 34.84 -52.78 16.25
CA PRO A 57 34.42 -52.45 17.61
C PRO A 57 32.96 -52.84 17.86
N ASP A 58 32.66 -53.27 19.10
CA ASP A 58 31.29 -53.63 19.49
C ASP A 58 30.70 -54.70 18.58
N ALA A 59 31.56 -55.55 18.02
CA ALA A 59 31.16 -56.62 17.10
C ALA A 59 30.42 -55.99 15.91
N ASP A 60 29.52 -56.75 15.29
CA ASP A 60 28.69 -56.29 14.17
C ASP A 60 29.63 -55.83 13.05
N ARG A 61 29.50 -54.60 12.54
CA ARG A 61 30.37 -54.11 11.48
C ARG A 61 30.44 -52.60 11.49
N LEU A 62 31.17 -52.04 12.46
CA LEU A 62 31.34 -50.60 12.60
C LEU A 62 32.82 -50.26 12.49
N ARG A 63 33.13 -48.97 12.65
CA ARG A 63 34.51 -48.51 12.56
C ARG A 63 34.61 -47.13 13.22
N VAL A 64 35.54 -47.00 14.16
CA VAL A 64 35.80 -45.73 14.83
C VAL A 64 36.91 -45.00 14.06
N THR A 65 36.70 -43.71 13.80
CA THR A 65 37.62 -42.93 13.01
C THR A 65 37.76 -41.54 13.62
N THR A 66 38.77 -40.80 13.15
CA THR A 66 39.02 -39.43 13.56
C THR A 66 39.07 -38.55 12.32
N VAL A 67 38.32 -37.45 12.35
CA VAL A 67 38.22 -36.53 11.22
C VAL A 67 38.70 -35.16 11.66
N ASN A 68 39.53 -34.53 10.83
CA ASN A 68 40.08 -33.20 11.11
C ASN A 68 39.25 -32.17 10.33
N ILE A 69 38.39 -31.46 11.05
CA ILE A 69 37.51 -30.46 10.43
C ILE A 69 38.06 -29.06 10.72
N GLY A 70 39.40 -28.95 10.77
CA GLY A 70 40.03 -27.70 11.13
C GLY A 70 40.13 -27.44 12.62
N SER A 71 39.59 -28.33 13.45
CA SER A 71 39.68 -28.17 14.89
C SER A 71 41.08 -28.52 15.37
N GLY A 72 41.49 -27.87 16.47
CA GLY A 72 42.81 -28.15 17.02
C GLY A 72 42.93 -29.55 17.58
N GLU A 73 41.96 -29.96 18.39
CA GLU A 73 41.90 -31.30 18.97
C GLU A 73 40.62 -31.97 18.49
N PRO A 74 40.62 -32.53 17.28
CA PRO A 74 39.40 -33.15 16.75
C PRO A 74 39.06 -34.43 17.50
N LEU A 75 37.76 -34.67 17.63
CA LEU A 75 37.26 -35.83 18.35
C LEU A 75 36.90 -36.93 17.35
N GLN A 76 36.29 -38.00 17.84
CA GLN A 76 35.97 -39.18 17.04
C GLN A 76 34.46 -39.35 16.91
N ILE A 77 34.08 -40.32 16.09
CA ILE A 77 32.68 -40.69 15.89
C ILE A 77 32.64 -42.03 15.16
N VAL A 78 31.71 -42.90 15.54
CA VAL A 78 31.61 -44.21 14.93
C VAL A 78 30.69 -44.14 13.72
N CYS A 79 30.88 -45.07 12.78
CA CYS A 79 30.06 -45.14 11.59
C CYS A 79 30.25 -46.51 10.95
N GLY A 80 29.29 -46.89 10.12
CA GLY A 80 29.35 -48.16 9.43
C GLY A 80 29.23 -48.02 7.93
N ALA A 81 29.88 -47.01 7.37
CA ALA A 81 29.78 -46.74 5.94
C ALA A 81 30.71 -47.67 5.17
N PRO A 82 30.19 -48.52 4.27
CA PRO A 82 31.08 -49.37 3.47
C PRO A 82 31.64 -48.63 2.25
N ASN A 83 32.89 -48.20 2.34
CA ASN A 83 33.54 -47.45 1.27
C ASN A 83 34.72 -48.26 0.74
N VAL A 84 35.57 -47.59 -0.06
CA VAL A 84 36.73 -48.24 -0.66
C VAL A 84 38.00 -47.67 -0.04
N ARG A 85 38.35 -46.45 -0.41
CA ARG A 85 39.57 -45.81 0.08
C ARG A 85 39.30 -45.13 1.41
N ALA A 86 40.17 -45.39 2.39
CA ALA A 86 40.05 -44.80 3.72
C ALA A 86 40.91 -43.54 3.80
N GLY A 87 40.35 -42.50 4.42
CA GLY A 87 41.04 -41.22 4.54
C GLY A 87 40.47 -40.17 3.61
N MET A 88 39.16 -40.19 3.43
CA MET A 88 38.48 -39.27 2.53
C MET A 88 38.12 -37.98 3.26
N LYS A 89 37.89 -36.93 2.47
CA LYS A 89 37.47 -35.64 2.99
C LYS A 89 35.98 -35.49 2.76
N ALA A 90 35.22 -35.30 3.84
CA ALA A 90 33.76 -35.23 3.77
C ALA A 90 33.23 -34.20 4.74
N PRO A 91 32.24 -33.40 4.32
CA PRO A 91 31.55 -32.51 5.26
C PRO A 91 31.03 -33.27 6.49
N VAL A 92 31.08 -32.60 7.63
CA VAL A 92 30.72 -33.20 8.91
C VAL A 92 29.87 -32.20 9.69
N ALA A 93 28.75 -32.67 10.21
CA ALA A 93 27.91 -31.86 11.08
C ALA A 93 28.50 -31.79 12.48
N THR A 94 28.49 -30.60 13.06
CA THR A 94 29.11 -30.37 14.36
C THR A 94 28.21 -30.91 15.47
N ILE A 95 28.55 -30.62 16.73
CA ILE A 95 27.75 -31.09 17.85
C ILE A 95 26.47 -30.27 17.98
N GLY A 96 26.56 -28.96 17.75
CA GLY A 96 25.40 -28.11 17.80
C GLY A 96 24.67 -28.04 16.48
N ALA A 97 24.88 -29.03 15.63
CA ALA A 97 24.24 -29.07 14.33
C ALA A 97 22.73 -29.28 14.47
N VAL A 98 22.00 -28.85 13.43
CA VAL A 98 20.54 -29.00 13.41
C VAL A 98 20.12 -29.58 12.06
N LEU A 99 20.48 -30.84 11.83
CA LEU A 99 20.11 -31.52 10.59
C LEU A 99 18.59 -31.59 10.48
N PRO A 100 18.07 -31.71 9.25
CA PRO A 100 16.60 -31.74 9.07
C PRO A 100 15.95 -32.84 9.89
N GLY A 101 14.82 -32.48 10.52
CA GLY A 101 14.12 -33.41 11.38
C GLY A 101 14.52 -33.34 12.84
N ASP A 102 15.04 -32.19 13.28
CA ASP A 102 15.57 -32.04 14.64
C ASP A 102 16.60 -33.13 14.95
N PHE A 103 17.48 -33.40 13.98
CA PHE A 103 18.53 -34.38 14.14
C PHE A 103 19.77 -33.77 14.78
N LYS A 104 19.56 -33.02 15.86
CA LYS A 104 20.67 -32.39 16.59
C LYS A 104 21.40 -33.47 17.37
N ILE A 105 22.50 -33.96 16.82
CA ILE A 105 23.28 -35.02 17.46
C ILE A 105 23.91 -34.44 18.72
N LYS A 106 23.48 -34.92 19.88
CA LYS A 106 23.91 -34.41 21.18
C LYS A 106 25.20 -35.08 21.67
N LYS A 107 26.10 -35.44 20.76
CA LYS A 107 27.37 -36.06 21.10
C LYS A 107 27.18 -37.30 21.96
N GLY A 108 27.42 -37.17 23.26
CA GLY A 108 27.27 -38.31 24.14
C GLY A 108 28.43 -39.27 24.00
N LYS A 109 28.12 -40.56 23.87
CA LYS A 109 29.15 -41.58 23.73
C LYS A 109 28.55 -42.79 23.03
N LEU A 110 29.27 -43.32 22.05
CA LEU A 110 28.84 -44.52 21.33
C LEU A 110 29.53 -45.72 21.98
N ARG A 111 29.00 -46.12 23.13
CA ARG A 111 29.55 -47.21 23.95
C ARG A 111 30.99 -46.94 24.34
N GLY A 112 31.19 -45.82 25.04
CA GLY A 112 32.49 -45.45 25.54
C GLY A 112 33.20 -44.39 24.72
N VAL A 113 33.18 -44.55 23.40
CA VAL A 113 33.88 -43.61 22.52
C VAL A 113 33.11 -42.30 22.49
N GLU A 114 33.75 -41.23 22.98
CA GLU A 114 33.12 -39.92 23.00
C GLU A 114 33.03 -39.36 21.59
N SER A 115 31.85 -38.85 21.24
CA SER A 115 31.58 -38.31 19.91
C SER A 115 31.44 -36.79 19.97
N GLN A 116 31.49 -36.17 18.79
CA GLN A 116 31.34 -34.72 18.64
C GLN A 116 30.81 -34.45 17.22
N GLY A 117 29.55 -34.79 17.00
CA GLY A 117 28.92 -34.59 15.71
C GLY A 117 28.80 -35.88 14.92
N MET A 118 28.29 -35.74 13.71
CA MET A 118 28.08 -36.86 12.79
C MET A 118 28.79 -36.56 11.47
N LEU A 119 29.78 -37.38 11.14
CA LEU A 119 30.53 -37.21 9.90
C LEU A 119 29.98 -38.14 8.81
N CYS A 120 28.70 -37.94 8.51
CA CYS A 120 28.02 -38.76 7.50
C CYS A 120 26.85 -37.94 6.95
N GLY A 121 25.91 -38.61 6.29
CA GLY A 121 24.76 -37.94 5.74
C GLY A 121 24.60 -38.14 4.24
N ALA A 122 24.63 -39.40 3.79
CA ALA A 122 24.39 -39.68 2.38
C ALA A 122 22.96 -39.30 1.98
N SER A 123 21.98 -39.68 2.81
CA SER A 123 20.60 -39.28 2.61
C SER A 123 20.09 -38.29 3.63
N GLU A 124 20.78 -38.15 4.78
CA GLU A 124 20.38 -37.17 5.79
C GLU A 124 20.69 -35.74 5.39
N ILE A 125 21.33 -35.52 4.23
CA ILE A 125 21.63 -34.18 3.73
C ILE A 125 20.77 -33.84 2.52
N ASP A 126 19.80 -34.68 2.19
CA ASP A 126 18.85 -34.59 1.07
C ASP A 126 19.48 -34.98 -0.26
N LEU A 127 20.71 -35.49 -0.26
CA LEU A 127 21.32 -35.98 -1.48
C LEU A 127 20.73 -37.33 -1.87
N GLU A 128 20.63 -37.57 -3.17
CA GLU A 128 20.07 -38.80 -3.71
C GLU A 128 21.23 -39.70 -4.13
N ASP A 129 21.67 -40.55 -3.21
CA ASP A 129 22.75 -41.49 -3.46
C ASP A 129 22.19 -42.89 -3.67
N LYS A 130 23.01 -43.76 -4.27
CA LYS A 130 22.60 -45.13 -4.56
C LYS A 130 22.97 -46.06 -3.41
N ILE A 131 24.25 -46.25 -3.18
CA ILE A 131 24.73 -47.14 -2.12
C ILE A 131 24.76 -46.39 -0.80
N ASP A 132 24.37 -47.07 0.27
CA ASP A 132 24.43 -46.49 1.60
C ASP A 132 25.87 -46.20 1.99
N GLY A 133 26.04 -45.22 2.86
CA GLY A 133 27.36 -44.82 3.32
C GLY A 133 28.14 -43.94 2.37
N LEU A 134 27.56 -43.58 1.23
CA LEU A 134 28.21 -42.68 0.27
C LEU A 134 28.09 -41.21 0.66
N LEU A 135 28.24 -40.90 1.96
CA LEU A 135 28.10 -39.53 2.44
C LEU A 135 29.28 -38.70 1.94
N GLU A 136 28.99 -37.77 1.02
CA GLU A 136 29.98 -36.86 0.47
C GLU A 136 31.10 -37.62 -0.25
N LEU A 137 30.96 -37.78 -1.55
CA LEU A 137 31.94 -38.52 -2.32
C LEU A 137 33.28 -37.80 -2.28
N PRO A 138 34.39 -38.52 -2.11
CA PRO A 138 35.71 -37.87 -2.05
C PRO A 138 36.18 -37.37 -3.41
N ALA A 139 35.51 -36.35 -3.94
CA ALA A 139 35.94 -35.77 -5.20
C ALA A 139 37.04 -34.74 -5.00
N ASP A 140 36.91 -33.89 -3.97
CA ASP A 140 37.92 -32.89 -3.65
C ASP A 140 37.87 -32.56 -2.16
N ALA A 141 38.27 -31.34 -1.80
CA ALA A 141 38.26 -30.91 -0.41
C ALA A 141 38.20 -29.39 -0.32
N PRO A 142 37.07 -28.81 0.09
CA PRO A 142 36.98 -27.36 0.26
C PRO A 142 37.68 -26.81 1.49
N VAL A 143 38.42 -27.63 2.23
CA VAL A 143 39.28 -27.21 3.33
C VAL A 143 38.47 -26.57 4.45
N GLY A 144 37.36 -27.20 4.82
CA GLY A 144 36.65 -26.83 6.03
C GLY A 144 35.60 -25.75 5.89
N VAL A 145 35.17 -25.40 4.68
CA VAL A 145 34.15 -24.39 4.49
C VAL A 145 32.78 -25.01 4.80
N ASN A 146 31.77 -24.17 4.97
CA ASN A 146 30.43 -24.67 5.22
C ASN A 146 29.90 -25.43 4.00
N ILE A 147 29.24 -26.57 4.26
CA ILE A 147 28.74 -27.41 3.17
C ILE A 147 27.69 -26.68 2.36
N ARG A 148 27.01 -25.69 2.94
CA ARG A 148 26.02 -24.90 2.20
C ARG A 148 26.67 -24.03 1.12
N GLU A 149 27.99 -23.84 1.16
CA GLU A 149 28.68 -23.01 0.18
C GLU A 149 29.51 -23.80 -0.81
N TYR A 150 29.93 -25.02 -0.48
CA TYR A 150 30.73 -25.81 -1.41
C TYR A 150 29.86 -26.39 -2.53
N LEU A 151 28.79 -27.08 -2.17
CA LEU A 151 27.85 -27.61 -3.16
C LEU A 151 26.74 -26.63 -3.50
N LYS A 152 26.76 -25.43 -2.93
CA LYS A 152 25.72 -24.42 -3.14
C LYS A 152 24.34 -24.98 -2.81
N LEU A 153 24.23 -25.55 -1.61
CA LEU A 153 22.97 -26.17 -1.19
C LEU A 153 21.91 -25.15 -0.83
N ASP A 154 22.30 -23.91 -0.51
CA ASP A 154 21.34 -22.85 -0.25
C ASP A 154 20.82 -22.21 -1.53
N ASP A 155 21.20 -22.72 -2.69
CA ASP A 155 20.64 -22.24 -3.95
C ASP A 155 19.16 -22.56 -4.01
N ASN A 156 18.43 -21.78 -4.80
CA ASN A 156 16.99 -21.95 -4.96
C ASN A 156 16.68 -22.52 -6.33
N VAL A 157 15.77 -23.49 -6.37
CA VAL A 157 15.26 -24.05 -7.61
C VAL A 157 13.91 -23.42 -7.90
N ILE A 158 13.77 -22.85 -9.10
CA ILE A 158 12.57 -22.11 -9.49
C ILE A 158 11.74 -23.00 -10.40
N ASP A 159 10.55 -23.38 -9.94
CA ASP A 159 9.66 -24.24 -10.71
C ASP A 159 8.73 -23.34 -11.51
N ILE A 160 9.14 -23.04 -12.75
CA ILE A 160 8.40 -22.14 -13.62
C ILE A 160 7.50 -22.96 -14.53
N SER A 161 6.23 -22.55 -14.63
CA SER A 161 5.28 -23.13 -15.57
C SER A 161 5.01 -22.08 -16.65
N ILE A 162 5.49 -22.35 -17.86
CA ILE A 162 5.46 -21.39 -18.96
C ILE A 162 4.41 -21.84 -19.98
N THR A 163 3.65 -20.87 -20.49
CA THR A 163 2.60 -21.15 -21.45
C THR A 163 3.19 -21.47 -22.82
N PRO A 164 2.43 -22.19 -23.67
CA PRO A 164 3.00 -22.61 -24.96
C PRO A 164 3.34 -21.48 -25.91
N ASN A 165 2.79 -20.28 -25.71
CA ASN A 165 3.13 -19.17 -26.59
C ASN A 165 4.55 -18.65 -26.35
N ARG A 166 5.14 -18.98 -25.20
CA ARG A 166 6.50 -18.54 -24.90
C ARG A 166 7.48 -19.70 -24.98
N GLY A 167 7.63 -20.28 -26.17
CA GLY A 167 8.56 -21.38 -26.35
C GLY A 167 10.01 -20.99 -26.19
N ASP A 168 10.32 -19.69 -26.25
CA ASP A 168 11.69 -19.23 -26.09
C ASP A 168 12.17 -19.34 -24.64
N CYS A 169 11.26 -19.38 -23.68
CA CYS A 169 11.62 -19.37 -22.27
C CYS A 169 11.85 -20.76 -21.70
N PHE A 170 12.00 -21.78 -22.55
CA PHE A 170 12.23 -23.14 -22.09
C PHE A 170 13.71 -23.41 -21.89
N SER A 171 14.45 -22.40 -21.44
CA SER A 171 15.89 -22.52 -21.26
C SER A 171 16.38 -21.42 -20.35
N ILE A 172 17.63 -21.55 -19.91
CA ILE A 172 18.25 -20.51 -19.09
C ILE A 172 18.39 -19.22 -19.88
N ARG A 173 18.73 -19.34 -21.17
CA ARG A 173 18.90 -18.15 -22.01
C ARG A 173 17.58 -17.42 -22.20
N GLY A 174 16.47 -18.17 -22.32
CA GLY A 174 15.18 -17.53 -22.51
C GLY A 174 14.67 -16.85 -21.25
N ILE A 175 14.93 -17.45 -20.09
CA ILE A 175 14.51 -16.84 -18.83
C ILE A 175 15.40 -15.64 -18.49
N ALA A 176 16.71 -15.77 -18.74
CA ALA A 176 17.63 -14.69 -18.41
C ALA A 176 17.35 -13.45 -19.25
N ARG A 177 16.95 -13.65 -20.51
CA ARG A 177 16.58 -12.50 -21.35
C ARG A 177 15.35 -11.80 -20.77
N GLU A 178 14.40 -12.57 -20.25
CA GLU A 178 13.24 -11.97 -19.62
C GLU A 178 13.62 -11.20 -18.36
N VAL A 179 14.50 -11.77 -17.53
CA VAL A 179 14.94 -11.09 -16.31
C VAL A 179 15.79 -9.87 -16.67
N ALA A 180 16.53 -9.93 -17.78
CA ALA A 180 17.34 -8.79 -18.18
C ALA A 180 16.49 -7.65 -18.76
N VAL A 181 15.39 -7.99 -19.45
CA VAL A 181 14.56 -6.94 -20.05
C VAL A 181 13.79 -6.18 -18.98
N ILE A 182 13.28 -6.90 -17.96
CA ILE A 182 12.45 -6.24 -16.96
C ILE A 182 13.30 -5.35 -16.06
N ASN A 183 14.58 -5.67 -15.89
CA ASN A 183 15.47 -4.91 -15.02
C ASN A 183 16.43 -4.02 -15.80
N GLN A 184 16.21 -3.86 -17.10
CA GLN A 184 16.99 -2.94 -17.94
C GLN A 184 18.48 -3.28 -17.93
N LEU A 185 18.80 -4.55 -17.75
CA LEU A 185 20.18 -5.03 -17.80
C LEU A 185 20.43 -5.75 -19.12
N GLN A 186 21.71 -6.00 -19.38
CA GLN A 186 22.14 -6.73 -20.58
C GLN A 186 22.71 -8.07 -20.13
N MET A 187 22.16 -9.16 -20.68
CA MET A 187 22.61 -10.49 -20.31
C MET A 187 23.99 -10.76 -20.89
N ASN A 188 24.94 -11.10 -20.02
CA ASN A 188 26.30 -11.44 -20.45
C ASN A 188 26.38 -12.94 -20.63
N GLU A 189 26.07 -13.39 -21.84
CA GLU A 189 26.12 -14.81 -22.16
C GLU A 189 27.56 -15.32 -22.03
N PRO A 190 27.74 -16.58 -21.65
CA PRO A 190 29.10 -17.12 -21.58
C PRO A 190 29.74 -17.17 -22.95
N GLU A 191 31.01 -16.77 -23.02
CA GLU A 191 31.72 -16.69 -24.29
C GLU A 191 31.87 -18.09 -24.87
N ILE A 192 31.29 -18.31 -26.05
CA ILE A 192 31.30 -19.61 -26.70
C ILE A 192 32.49 -19.67 -27.65
N LYS A 193 33.23 -20.79 -27.60
CA LYS A 193 34.39 -21.00 -28.44
C LYS A 193 34.12 -22.16 -29.39
N SER A 194 34.33 -21.92 -30.68
CA SER A 194 34.13 -22.96 -31.68
C SER A 194 35.32 -23.91 -31.71
N VAL A 195 35.07 -25.13 -32.19
CA VAL A 195 36.09 -26.16 -32.27
C VAL A 195 36.55 -26.27 -33.72
N ASP A 196 37.86 -26.22 -33.94
CA ASP A 196 38.43 -26.33 -35.28
C ASP A 196 38.46 -27.78 -35.71
N ALA A 197 38.23 -28.01 -37.01
CA ALA A 197 38.20 -29.35 -37.55
C ALA A 197 39.61 -29.83 -37.89
N THR A 198 39.98 -30.99 -37.36
CA THR A 198 41.27 -31.59 -37.64
C THR A 198 41.21 -32.72 -38.67
N ILE A 199 40.06 -33.39 -38.79
CA ILE A 199 39.88 -34.48 -39.74
C ILE A 199 38.81 -34.05 -40.74
N THR A 200 38.71 -34.81 -41.84
CA THR A 200 37.74 -34.57 -42.90
C THR A 200 36.97 -35.86 -43.13
N ASP A 201 35.82 -36.01 -42.45
CA ASP A 201 35.01 -37.21 -42.56
C ASP A 201 33.71 -36.89 -43.31
N GLU A 202 32.81 -37.87 -43.34
CA GLU A 202 31.70 -37.87 -44.28
C GLU A 202 30.64 -36.83 -43.90
N LYS A 203 29.61 -36.76 -44.74
CA LYS A 203 28.52 -35.82 -44.56
C LYS A 203 27.33 -36.34 -45.37
N LYS A 204 26.18 -35.69 -45.18
CA LYS A 204 24.97 -36.06 -45.91
C LYS A 204 23.91 -34.97 -45.83
N VAL A 205 23.37 -34.57 -46.98
CA VAL A 205 22.30 -33.58 -47.06
C VAL A 205 21.05 -34.26 -47.60
N VAL A 206 19.92 -33.98 -46.98
CA VAL A 206 18.65 -34.58 -47.36
C VAL A 206 17.56 -33.53 -47.23
N ILE A 207 16.83 -33.29 -48.31
CA ILE A 207 15.73 -32.32 -48.31
C ILE A 207 14.43 -33.05 -48.65
N ASN A 208 14.32 -34.32 -48.22
CA ASN A 208 13.12 -35.10 -48.47
C ASN A 208 11.92 -34.65 -47.66
N THR A 209 12.07 -33.62 -46.82
CA THR A 209 10.98 -33.10 -46.01
C THR A 209 11.01 -31.58 -46.04
N ASP A 210 10.01 -30.98 -45.40
CA ASP A 210 9.97 -29.54 -45.18
C ASP A 210 10.05 -29.16 -43.71
N GLY A 211 9.99 -30.15 -42.81
CA GLY A 211 10.03 -29.90 -41.38
C GLY A 211 11.41 -29.78 -40.78
N ALA A 212 12.46 -29.81 -41.60
CA ALA A 212 13.83 -29.63 -41.12
C ALA A 212 14.57 -28.70 -42.08
N PRO A 213 14.28 -27.40 -42.00
CA PRO A 213 14.93 -26.44 -42.90
C PRO A 213 16.38 -26.13 -42.54
N ARG A 214 16.87 -26.64 -41.41
CA ARG A 214 18.25 -26.39 -41.01
C ARG A 214 18.74 -27.58 -40.20
N TYR A 215 19.72 -28.31 -40.73
CA TYR A 215 20.31 -29.47 -40.07
C TYR A 215 21.81 -29.30 -40.02
N LEU A 216 22.40 -29.54 -38.85
CA LEU A 216 23.85 -29.50 -38.69
C LEU A 216 24.31 -30.80 -38.04
N GLY A 217 25.27 -31.45 -38.68
CA GLY A 217 25.82 -32.69 -38.15
C GLY A 217 27.34 -32.65 -38.13
N ARG A 218 27.91 -33.18 -37.06
CA ARG A 218 29.36 -33.22 -36.88
C ARG A 218 29.79 -34.62 -36.50
N VAL A 219 30.77 -35.15 -37.22
CA VAL A 219 31.35 -36.45 -36.93
C VAL A 219 32.56 -36.24 -36.02
N ILE A 220 32.55 -36.88 -34.86
CA ILE A 220 33.61 -36.76 -33.87
C ILE A 220 34.11 -38.15 -33.53
N LYS A 221 35.37 -38.44 -33.84
CA LYS A 221 35.94 -39.76 -33.68
C LYS A 221 36.72 -39.87 -32.39
N ASN A 222 36.71 -41.08 -31.80
CA ASN A 222 37.48 -41.42 -30.61
C ASN A 222 37.09 -40.51 -29.43
N VAL A 223 35.83 -40.59 -29.04
CA VAL A 223 35.32 -39.89 -27.89
C VAL A 223 35.30 -40.84 -26.70
N ASN A 224 35.45 -40.28 -25.50
CA ASN A 224 35.42 -41.08 -24.27
C ASN A 224 33.98 -41.05 -23.75
N VAL A 225 33.19 -42.04 -24.18
CA VAL A 225 31.80 -42.13 -23.72
C VAL A 225 31.74 -42.45 -22.23
N LYS A 226 32.77 -43.07 -21.68
CA LYS A 226 32.84 -43.39 -20.26
C LYS A 226 33.53 -42.29 -19.46
N ALA A 227 33.53 -41.06 -19.96
CA ALA A 227 34.22 -39.97 -19.29
C ALA A 227 33.48 -39.57 -18.02
N ALA A 228 34.20 -38.84 -17.16
CA ALA A 228 33.64 -38.39 -15.89
C ALA A 228 32.76 -37.16 -16.11
N THR A 229 31.55 -37.20 -15.58
CA THR A 229 30.66 -36.05 -15.63
C THR A 229 30.97 -35.13 -14.45
N PRO A 230 31.34 -33.87 -14.69
CA PRO A 230 31.76 -33.00 -13.59
C PRO A 230 30.60 -32.70 -12.64
N GLU A 231 30.98 -32.25 -11.44
CA GLU A 231 29.98 -31.96 -10.41
C GLU A 231 29.11 -30.77 -10.79
N TRP A 232 29.70 -29.76 -11.44
CA TRP A 232 28.93 -28.57 -11.79
C TRP A 232 27.88 -28.88 -12.85
N MET A 233 28.23 -29.72 -13.84
CA MET A 233 27.25 -30.08 -14.86
C MET A 233 26.25 -31.11 -14.35
N GLU A 234 26.67 -31.99 -13.45
CA GLU A 234 25.75 -32.96 -12.87
C GLU A 234 24.72 -32.26 -11.99
N GLN A 235 25.17 -31.33 -11.14
CA GLN A 235 24.24 -30.61 -10.27
C GLN A 235 23.33 -29.68 -11.05
N ALA A 236 23.87 -29.01 -12.08
CA ALA A 236 23.04 -28.12 -12.89
C ALA A 236 21.91 -28.88 -13.56
N LEU A 237 22.18 -30.11 -14.01
CA LEU A 237 21.13 -30.95 -14.57
C LEU A 237 20.24 -31.55 -13.47
N ALA A 238 20.81 -31.84 -12.30
CA ALA A 238 20.05 -32.47 -11.23
C ALA A 238 18.96 -31.54 -10.71
N ARG A 239 19.35 -30.34 -10.24
CA ARG A 239 18.37 -29.41 -9.72
C ARG A 239 17.50 -28.79 -10.81
N SER A 240 17.76 -29.09 -12.07
CA SER A 240 16.85 -28.76 -13.15
C SER A 240 15.90 -29.91 -13.49
N GLY A 241 15.89 -30.96 -12.67
CA GLY A 241 14.97 -32.06 -12.88
C GLY A 241 15.42 -33.06 -13.91
N ILE A 242 16.68 -33.05 -14.32
CA ILE A 242 17.19 -33.94 -15.36
C ILE A 242 18.17 -34.92 -14.73
N ARG A 243 17.97 -36.20 -15.03
CA ARG A 243 18.80 -37.28 -14.51
C ARG A 243 20.12 -37.36 -15.27
N THR A 244 21.09 -38.05 -14.67
CA THR A 244 22.40 -38.24 -15.28
C THR A 244 22.47 -39.60 -15.95
N HIS A 245 23.19 -39.66 -17.07
CA HIS A 245 23.36 -40.91 -17.81
C HIS A 245 24.83 -41.10 -18.17
N SER A 246 25.18 -40.85 -19.42
CA SER A 246 26.56 -40.89 -19.87
C SER A 246 27.11 -39.46 -19.92
N ILE A 247 28.28 -39.30 -20.53
CA ILE A 247 28.85 -37.96 -20.65
C ILE A 247 28.26 -37.23 -21.86
N LEU A 248 27.94 -37.94 -22.94
CA LEU A 248 27.39 -37.30 -24.12
C LEU A 248 25.94 -36.89 -23.92
N VAL A 249 25.14 -37.73 -23.24
CA VAL A 249 23.74 -37.39 -23.00
C VAL A 249 23.61 -36.24 -22.02
N ASP A 250 24.54 -36.14 -21.05
CA ASP A 250 24.48 -35.03 -20.10
C ASP A 250 24.82 -33.70 -20.75
N VAL A 251 25.75 -33.72 -21.71
CA VAL A 251 26.11 -32.48 -22.40
C VAL A 251 24.96 -31.99 -23.26
N THR A 252 24.34 -32.90 -24.03
CA THR A 252 23.20 -32.53 -24.84
C THR A 252 22.02 -32.07 -23.99
N ASN A 253 21.86 -32.66 -22.80
CA ASN A 253 20.84 -32.17 -21.88
C ASN A 253 21.25 -30.84 -21.25
N TYR A 254 22.55 -30.61 -21.11
CA TYR A 254 23.01 -29.34 -20.55
C TYR A 254 22.79 -28.20 -21.54
N VAL A 255 23.18 -28.39 -22.80
CA VAL A 255 22.96 -27.36 -23.81
C VAL A 255 21.47 -27.16 -24.07
N LEU A 256 20.68 -28.23 -23.90
CA LEU A 256 19.23 -28.08 -24.04
C LEU A 256 18.66 -27.18 -22.96
N MET A 257 19.15 -27.30 -21.73
CA MET A 257 18.69 -26.44 -20.64
C MET A 257 19.32 -25.06 -20.70
N GLU A 258 20.51 -24.94 -21.29
CA GLU A 258 21.22 -23.67 -21.29
C GLU A 258 20.74 -22.76 -22.40
N LEU A 259 20.70 -23.27 -23.63
CA LEU A 259 20.32 -22.46 -24.79
C LEU A 259 18.90 -22.73 -25.27
N GLY A 260 18.41 -23.97 -25.16
CA GLY A 260 17.11 -24.33 -25.66
C GLY A 260 17.11 -25.09 -26.97
N GLN A 261 18.28 -25.41 -27.52
CA GLN A 261 18.38 -26.16 -28.75
C GLN A 261 18.65 -27.62 -28.44
N PRO A 262 17.69 -28.52 -28.61
CA PRO A 262 17.95 -29.94 -28.36
C PRO A 262 18.92 -30.52 -29.38
N MET A 263 19.73 -31.46 -28.91
CA MET A 263 20.70 -32.16 -29.75
C MET A 263 20.65 -33.64 -29.43
N HIS A 264 21.31 -34.43 -30.27
CA HIS A 264 21.38 -35.87 -30.06
C HIS A 264 22.63 -36.41 -30.73
N ALA A 265 23.30 -37.34 -30.07
CA ALA A 265 24.51 -37.98 -30.58
C ALA A 265 24.19 -39.40 -30.97
N PHE A 266 24.64 -39.80 -32.16
CA PHE A 266 24.45 -41.15 -32.67
C PHE A 266 25.76 -41.93 -32.58
N ASP A 267 25.66 -43.22 -32.87
CA ASP A 267 26.83 -44.10 -32.95
C ASP A 267 27.21 -44.23 -34.41
N LEU A 268 28.25 -43.49 -34.83
CA LEU A 268 28.60 -43.40 -36.24
C LEU A 268 28.83 -44.78 -36.85
N ALA A 269 29.37 -45.73 -36.09
CA ALA A 269 29.57 -47.07 -36.60
C ALA A 269 28.24 -47.76 -36.92
N LYS A 270 27.14 -47.26 -36.38
CA LYS A 270 25.82 -47.84 -36.62
C LYS A 270 24.99 -47.01 -37.61
N ILE A 271 25.60 -46.06 -38.29
CA ILE A 271 24.98 -45.33 -39.40
C ILE A 271 25.62 -45.83 -40.68
N GLU A 272 24.81 -46.43 -41.55
CA GLU A 272 25.31 -47.02 -42.80
C GLU A 272 25.08 -46.03 -43.93
N GLY A 273 26.18 -45.50 -44.47
CA GLY A 273 26.07 -44.61 -45.62
C GLY A 273 25.60 -43.22 -45.21
N THR A 274 24.84 -42.60 -46.10
CA THR A 274 24.34 -41.25 -45.87
C THR A 274 23.18 -41.26 -44.87
N VAL A 275 23.07 -40.17 -44.11
CA VAL A 275 21.97 -39.99 -43.17
C VAL A 275 20.84 -39.27 -43.87
N HIS A 276 19.61 -39.61 -43.49
CA HIS A 276 18.41 -39.07 -44.12
C HIS A 276 17.50 -38.46 -43.07
N VAL A 277 17.04 -37.23 -43.32
CA VAL A 277 15.97 -36.64 -42.53
C VAL A 277 14.72 -36.66 -43.41
N ARG A 278 13.92 -37.72 -43.28
CA ARG A 278 12.82 -37.99 -44.18
C ARG A 278 11.55 -38.28 -43.39
N GLN A 279 10.44 -38.36 -44.12
CA GLN A 279 9.19 -38.83 -43.54
C GLN A 279 9.20 -40.35 -43.49
N ALA A 280 8.67 -40.89 -42.40
CA ALA A 280 8.67 -42.33 -42.22
C ALA A 280 7.82 -43.03 -43.27
N LYS A 281 8.17 -44.27 -43.57
CA LYS A 281 7.37 -45.09 -44.46
C LYS A 281 6.08 -45.50 -43.74
N PRO A 282 5.03 -45.81 -44.50
CA PRO A 282 3.76 -46.23 -43.86
C PRO A 282 3.96 -47.45 -42.97
N GLN A 283 3.67 -47.26 -41.69
CA GLN A 283 3.79 -48.31 -40.67
C GLN A 283 5.22 -48.82 -40.56
N GLU A 284 6.17 -47.89 -40.52
CA GLU A 284 7.57 -48.24 -40.35
C GLU A 284 7.89 -48.46 -38.89
N LYS A 285 8.67 -49.50 -38.61
CA LYS A 285 9.01 -49.91 -37.25
C LYS A 285 10.35 -49.31 -36.83
N LEU A 286 10.49 -49.12 -35.52
CA LEU A 286 11.71 -48.54 -34.95
C LEU A 286 11.69 -48.79 -33.44
N GLN A 287 12.84 -49.17 -32.90
CA GLN A 287 13.00 -49.36 -31.46
C GLN A 287 13.72 -48.14 -30.89
N LEU A 288 13.02 -47.39 -30.03
CA LEU A 288 13.57 -46.18 -29.44
C LEU A 288 14.65 -46.53 -28.43
N LEU A 289 15.26 -45.48 -27.85
CA LEU A 289 16.31 -45.70 -26.86
C LEU A 289 15.78 -46.37 -25.59
N ASN A 290 14.49 -46.24 -25.31
CA ASN A 290 13.87 -47.02 -24.25
C ASN A 290 13.42 -48.37 -24.80
N ASP A 291 12.99 -49.25 -23.89
CA ASP A 291 12.57 -50.58 -24.29
C ASP A 291 11.30 -50.59 -25.13
N GLN A 292 10.68 -49.44 -25.37
CA GLN A 292 9.46 -49.36 -26.13
C GLN A 292 9.75 -49.37 -27.63
N GLU A 293 9.10 -50.26 -28.36
CA GLU A 293 9.18 -50.32 -29.81
C GLU A 293 7.89 -49.78 -30.40
N VAL A 294 7.99 -48.83 -31.32
CA VAL A 294 6.85 -48.12 -31.86
C VAL A 294 6.70 -48.41 -33.34
N GLU A 295 5.46 -48.26 -33.82
CA GLU A 295 5.12 -48.40 -35.23
C GLU A 295 4.68 -47.02 -35.72
N LEU A 296 5.46 -46.44 -36.62
CA LEU A 296 5.28 -45.05 -37.02
C LEU A 296 4.21 -44.94 -38.10
N GLN A 297 3.96 -43.70 -38.52
CA GLN A 297 3.09 -43.38 -39.64
C GLN A 297 3.86 -42.55 -40.66
N GLU A 298 3.26 -42.38 -41.84
CA GLU A 298 3.91 -41.67 -42.93
C GLU A 298 3.80 -40.16 -42.81
N ASP A 299 3.38 -39.64 -41.65
CA ASP A 299 3.38 -38.21 -41.39
C ASP A 299 4.33 -37.82 -40.27
N VAL A 300 5.01 -38.77 -39.66
CA VAL A 300 5.97 -38.51 -38.58
C VAL A 300 7.36 -38.44 -39.19
N MET A 301 8.03 -37.31 -39.02
CA MET A 301 9.36 -37.13 -39.56
C MET A 301 10.38 -37.90 -38.71
N VAL A 302 11.31 -38.58 -39.38
CA VAL A 302 12.32 -39.40 -38.73
C VAL A 302 13.67 -39.13 -39.35
N ILE A 303 14.72 -39.51 -38.62
CA ILE A 303 16.10 -39.41 -39.07
C ILE A 303 16.59 -40.81 -39.36
N ALA A 304 16.75 -41.13 -40.64
CA ALA A 304 17.12 -42.49 -41.05
C ALA A 304 18.37 -42.49 -41.92
N ASP A 305 18.68 -43.65 -42.50
CA ASP A 305 19.81 -43.75 -43.42
C ASP A 305 19.37 -44.42 -44.72
N ASP A 306 20.26 -45.17 -45.35
CA ASP A 306 19.98 -45.79 -46.64
C ASP A 306 19.25 -47.12 -46.53
N GLN A 307 19.05 -47.66 -45.32
CA GLN A 307 18.38 -48.93 -45.16
C GLN A 307 17.36 -48.90 -44.04
N LYS A 308 17.82 -48.66 -42.82
CA LYS A 308 16.97 -48.71 -41.63
C LYS A 308 16.59 -47.29 -41.20
N ALA A 309 16.12 -47.15 -39.96
CA ALA A 309 15.80 -45.86 -39.38
C ALA A 309 16.49 -45.74 -38.03
N LEU A 310 16.95 -44.53 -37.71
CA LEU A 310 17.75 -44.31 -36.51
C LEU A 310 16.97 -43.67 -35.36
N ALA A 311 16.10 -42.70 -35.65
CA ALA A 311 15.44 -41.99 -34.56
C ALA A 311 14.22 -41.26 -35.10
N ILE A 312 13.31 -40.91 -34.19
CA ILE A 312 12.22 -40.00 -34.49
C ILE A 312 12.75 -38.57 -34.36
N ALA A 313 12.52 -37.76 -35.39
CA ALA A 313 13.14 -36.44 -35.48
C ALA A 313 12.71 -35.56 -34.30
N GLY A 314 13.69 -35.19 -33.48
CA GLY A 314 13.48 -34.24 -32.40
C GLY A 314 12.62 -34.74 -31.26
N ILE A 315 12.28 -36.02 -31.22
CA ILE A 315 11.43 -36.55 -30.16
C ILE A 315 12.23 -37.49 -29.27
N MET A 316 12.65 -38.63 -29.83
CA MET A 316 13.41 -39.61 -29.08
C MET A 316 14.28 -40.41 -30.03
N GLY A 317 15.53 -40.65 -29.61
CA GLY A 317 16.44 -41.46 -30.38
C GLY A 317 16.13 -42.94 -30.31
N GLY A 318 16.71 -43.69 -31.25
CA GLY A 318 16.50 -45.12 -31.30
C GLY A 318 17.59 -45.90 -30.57
N LEU A 319 17.30 -47.18 -30.33
CA LEU A 319 18.26 -48.04 -29.66
C LEU A 319 19.34 -48.54 -30.61
N ALA A 320 19.02 -48.63 -31.91
CA ALA A 320 20.00 -49.10 -32.88
C ALA A 320 21.12 -48.10 -33.11
N SER A 321 20.89 -46.82 -32.81
CA SER A 321 21.89 -45.77 -33.00
C SER A 321 22.36 -45.19 -31.67
N SER A 322 21.93 -45.73 -30.55
CA SER A 322 22.28 -45.20 -29.25
C SER A 322 23.77 -45.39 -28.98
N VAL A 323 24.36 -44.43 -28.28
CA VAL A 323 25.76 -44.51 -27.89
C VAL A 323 25.86 -45.44 -26.69
N THR A 324 26.53 -46.58 -26.89
CA THR A 324 26.69 -47.57 -25.84
C THR A 324 28.10 -47.50 -25.27
N ASP A 325 28.44 -48.44 -24.40
CA ASP A 325 29.78 -48.50 -23.82
C ASP A 325 30.82 -49.01 -24.81
N ASP A 326 30.40 -49.48 -25.98
CA ASP A 326 31.31 -49.89 -27.04
C ASP A 326 31.39 -48.87 -28.17
N THR A 327 30.97 -47.63 -27.91
CA THR A 327 30.96 -46.57 -28.91
C THR A 327 32.29 -45.85 -28.93
N THR A 328 32.84 -45.65 -30.13
CA THR A 328 34.09 -44.92 -30.32
C THR A 328 33.89 -43.61 -31.07
N ASP A 329 33.26 -43.65 -32.23
CA ASP A 329 32.99 -42.47 -33.04
C ASP A 329 31.51 -42.13 -32.96
N ILE A 330 31.19 -40.83 -32.91
CA ILE A 330 29.82 -40.36 -32.76
C ILE A 330 29.52 -39.33 -33.84
N PHE A 331 28.23 -39.16 -34.11
CA PHE A 331 27.72 -38.17 -35.05
C PHE A 331 26.77 -37.25 -34.29
N LEU A 332 27.18 -35.99 -34.12
CA LEU A 332 26.44 -35.05 -33.29
C LEU A 332 25.44 -34.29 -34.16
N GLU A 333 24.17 -34.36 -33.78
CA GLU A 333 23.08 -33.70 -34.51
C GLU A 333 22.70 -32.40 -33.80
N SER A 334 22.53 -31.34 -34.59
CA SER A 334 22.08 -30.05 -34.06
C SER A 334 21.24 -29.38 -35.15
N ALA A 335 19.92 -29.63 -35.12
CA ALA A 335 19.03 -29.20 -36.17
C ALA A 335 17.84 -28.45 -35.59
N PHE A 336 17.22 -27.63 -36.42
CA PHE A 336 15.96 -26.98 -36.11
C PHE A 336 14.83 -27.69 -36.85
N PHE A 337 13.82 -28.13 -36.12
CA PHE A 337 12.67 -28.81 -36.70
C PHE A 337 11.46 -27.90 -36.64
N ALA A 338 10.71 -27.85 -37.74
CA ALA A 338 9.54 -26.99 -37.81
C ALA A 338 8.53 -27.39 -36.74
N PRO A 339 7.96 -26.44 -36.00
CA PRO A 339 7.03 -26.82 -34.92
C PRO A 339 5.77 -27.50 -35.43
N LEU A 340 5.31 -27.16 -36.63
CA LEU A 340 4.14 -27.83 -37.19
C LEU A 340 4.44 -29.27 -37.59
N ALA A 341 5.71 -29.61 -37.80
CA ALA A 341 6.10 -30.96 -38.17
C ALA A 341 6.42 -31.84 -36.96
N ILE A 342 6.39 -31.28 -35.75
CA ILE A 342 6.65 -32.04 -34.55
C ILE A 342 5.46 -32.07 -33.59
N ALA A 343 4.53 -31.12 -33.69
CA ALA A 343 3.44 -31.01 -32.74
C ALA A 343 2.51 -32.22 -32.82
N GLY A 344 2.15 -32.76 -31.66
CA GLY A 344 1.20 -33.84 -31.54
C GLY A 344 1.75 -35.23 -31.79
N ARG A 345 2.78 -35.36 -32.63
CA ARG A 345 3.28 -36.67 -32.99
C ARG A 345 3.95 -37.38 -31.81
N ALA A 346 4.47 -36.62 -30.85
CA ALA A 346 5.08 -37.25 -29.68
C ALA A 346 4.04 -37.81 -28.72
N ARG A 347 2.86 -37.19 -28.63
CA ARG A 347 1.81 -37.68 -27.76
C ARG A 347 1.13 -38.93 -28.29
N ARG A 348 1.34 -39.28 -29.56
CA ARG A 348 0.74 -40.48 -30.12
C ARG A 348 1.27 -41.73 -29.41
N PHE A 349 2.56 -41.75 -29.09
CA PHE A 349 3.21 -42.91 -28.49
C PHE A 349 3.42 -42.75 -26.99
N GLY A 350 2.70 -41.83 -26.36
CA GLY A 350 2.86 -41.61 -24.93
C GLY A 350 4.21 -41.06 -24.54
N LEU A 351 4.76 -40.15 -25.35
CA LEU A 351 6.08 -39.59 -25.13
C LEU A 351 5.98 -38.08 -24.94
N HIS A 352 6.74 -37.57 -23.96
CA HIS A 352 6.81 -36.14 -23.70
C HIS A 352 8.19 -35.86 -23.10
N THR A 353 9.17 -35.66 -23.97
CA THR A 353 10.55 -35.45 -23.58
C THR A 353 10.90 -33.97 -23.64
N ASP A 354 12.08 -33.63 -23.12
CA ASP A 354 12.55 -32.25 -23.15
C ASP A 354 12.76 -31.76 -24.57
N SER A 355 13.17 -32.65 -25.47
CA SER A 355 13.30 -32.27 -26.88
C SER A 355 11.95 -32.22 -27.58
N SER A 356 10.98 -32.99 -27.09
CA SER A 356 9.66 -33.01 -27.72
C SER A 356 8.92 -31.69 -27.52
N GLN A 357 8.68 -31.32 -26.27
CA GLN A 357 7.87 -30.14 -25.98
C GLN A 357 8.52 -28.87 -26.51
N ARG A 358 9.85 -28.83 -26.60
CA ARG A 358 10.53 -27.64 -27.10
C ARG A 358 10.45 -27.54 -28.62
N TYR A 359 10.42 -28.67 -29.33
CA TYR A 359 10.28 -28.62 -30.78
C TYR A 359 8.83 -28.42 -31.21
N GLU A 360 7.86 -28.95 -30.44
CA GLU A 360 6.46 -28.68 -30.74
C GLU A 360 6.16 -27.19 -30.62
N ARG A 361 6.68 -26.56 -29.58
CA ARG A 361 6.61 -25.11 -29.45
C ARG A 361 7.74 -24.49 -30.28
N GLY A 362 7.95 -23.19 -30.13
CA GLY A 362 8.95 -22.51 -30.93
C GLY A 362 10.35 -22.65 -30.35
N VAL A 363 11.30 -23.05 -31.20
CA VAL A 363 12.71 -23.13 -30.84
C VAL A 363 13.50 -22.24 -31.80
N ASP A 364 14.50 -21.54 -31.26
CA ASP A 364 15.28 -20.61 -32.05
C ASP A 364 15.90 -21.30 -33.26
N PHE A 365 15.50 -20.86 -34.46
CA PHE A 365 16.05 -21.45 -35.67
C PHE A 365 17.45 -20.95 -35.99
N GLU A 366 17.88 -19.84 -35.38
CA GLU A 366 19.24 -19.34 -35.51
C GLU A 366 20.17 -19.90 -34.44
N LEU A 367 19.76 -20.97 -33.78
CA LEU A 367 20.48 -21.55 -32.65
C LEU A 367 21.23 -22.85 -32.96
N PRO A 368 20.81 -23.67 -33.96
CA PRO A 368 21.59 -24.88 -34.28
C PRO A 368 23.08 -24.65 -34.44
N VAL A 369 23.49 -23.57 -35.09
CA VAL A 369 24.93 -23.33 -35.27
C VAL A 369 25.59 -23.00 -33.94
N ILE A 370 24.85 -22.44 -32.99
CA ILE A 370 25.43 -22.05 -31.71
C ILE A 370 25.54 -23.25 -30.78
N ALA A 371 24.51 -24.11 -30.77
CA ALA A 371 24.55 -25.28 -29.89
C ALA A 371 25.57 -26.30 -30.37
N MET A 372 25.86 -26.34 -31.67
CA MET A 372 26.90 -27.22 -32.18
C MET A 372 28.26 -26.83 -31.61
N ASN A 373 28.55 -25.54 -31.58
CA ASN A 373 29.80 -25.07 -31.00
C ASN A 373 29.82 -25.25 -29.49
N ARG A 374 28.65 -25.26 -28.85
CA ARG A 374 28.59 -25.43 -27.40
C ARG A 374 28.89 -26.87 -27.00
N ALA A 375 28.28 -27.82 -27.69
CA ALA A 375 28.52 -29.23 -27.37
C ALA A 375 29.94 -29.64 -27.75
N SER A 376 30.40 -29.24 -28.93
CA SER A 376 31.74 -29.61 -29.37
C SER A 376 32.80 -29.05 -28.43
N GLN A 377 32.56 -27.86 -27.87
CA GLN A 377 33.49 -27.32 -26.88
C GLN A 377 33.47 -28.16 -25.60
N LEU A 378 32.28 -28.57 -25.16
CA LEU A 378 32.18 -29.37 -23.94
C LEU A 378 32.61 -30.82 -24.17
N ILE A 379 32.40 -31.36 -25.37
CA ILE A 379 32.80 -32.73 -25.65
C ILE A 379 34.31 -32.85 -25.67
N GLN A 380 34.99 -31.92 -26.34
CA GLN A 380 36.45 -31.95 -26.38
C GLN A 380 37.04 -31.66 -25.00
N GLU A 381 36.41 -30.76 -24.24
CA GLU A 381 36.96 -30.39 -22.94
C GLU A 381 36.75 -31.49 -21.91
N LEU A 382 35.61 -32.19 -21.97
CA LEU A 382 35.26 -33.17 -20.95
C LEU A 382 35.51 -34.61 -21.39
N ALA A 383 35.55 -34.88 -22.70
CA ALA A 383 35.80 -36.22 -23.19
C ALA A 383 36.88 -36.28 -24.25
N GLY A 384 36.98 -35.27 -25.11
CA GLY A 384 37.99 -35.26 -26.14
C GLY A 384 37.64 -36.15 -27.32
N GLY A 385 38.24 -35.84 -28.46
CA GLY A 385 38.02 -36.63 -29.65
C GLY A 385 38.62 -35.97 -30.87
N GLU A 386 38.48 -36.66 -32.00
CA GLU A 386 38.96 -36.18 -33.29
C GLU A 386 37.77 -35.53 -34.00
N PHE A 387 37.75 -34.20 -34.01
CA PHE A 387 36.61 -33.46 -34.52
C PHE A 387 36.72 -33.21 -36.01
N GLY A 388 35.62 -33.39 -36.72
CA GLY A 388 35.55 -33.14 -38.14
C GLY A 388 34.85 -31.83 -38.45
N PRO A 389 34.57 -31.59 -39.73
CA PRO A 389 33.92 -30.34 -40.13
C PRO A 389 32.43 -30.35 -39.79
N ILE A 390 31.82 -29.17 -39.92
CA ILE A 390 30.40 -29.00 -39.66
C ILE A 390 29.64 -29.14 -40.98
N THR A 391 28.71 -30.08 -41.02
CA THR A 391 27.87 -30.29 -42.20
C THR A 391 26.61 -29.44 -42.07
N VAL A 392 26.38 -28.56 -43.05
CA VAL A 392 25.24 -27.66 -43.03
C VAL A 392 24.31 -28.05 -44.18
N ALA A 393 23.14 -28.59 -43.82
CA ALA A 393 22.08 -28.92 -44.78
C ALA A 393 20.93 -27.94 -44.52
N GLU A 394 20.93 -26.84 -45.26
CA GLU A 394 20.04 -25.72 -44.98
C GLU A 394 19.21 -25.39 -46.22
N LYS A 395 17.89 -25.29 -46.03
CA LYS A 395 16.96 -24.77 -47.02
C LYS A 395 16.49 -23.42 -46.50
N SER A 396 17.29 -22.39 -46.75
CA SER A 396 17.08 -21.09 -46.11
C SER A 396 15.79 -20.42 -46.54
N ASP A 397 15.18 -20.84 -47.64
CA ASP A 397 13.97 -20.18 -48.13
C ASP A 397 12.72 -20.58 -47.36
N LEU A 398 12.75 -21.71 -46.64
CA LEU A 398 11.60 -22.18 -45.89
C LEU A 398 11.79 -22.07 -44.38
N LEU A 399 12.69 -21.20 -43.93
CA LEU A 399 12.81 -20.92 -42.51
C LEU A 399 11.60 -20.12 -42.04
N PRO A 400 11.27 -20.19 -40.73
CA PRO A 400 10.13 -19.41 -40.22
C PRO A 400 10.31 -17.91 -40.45
N LYS A 401 9.47 -17.35 -41.30
CA LYS A 401 9.60 -15.94 -41.68
C LYS A 401 9.16 -15.03 -40.55
N ARG A 402 9.87 -13.91 -40.40
CA ARG A 402 9.55 -12.90 -39.38
C ARG A 402 9.53 -11.53 -40.06
N GLU A 403 8.50 -11.30 -40.86
CA GLU A 403 8.35 -10.02 -41.54
C GLU A 403 8.03 -8.91 -40.55
N ALA A 404 8.28 -7.68 -40.97
CA ALA A 404 8.08 -6.53 -40.11
C ALA A 404 6.61 -6.31 -39.81
N ILE A 405 6.32 -5.97 -38.55
CA ILE A 405 4.97 -5.65 -38.11
C ILE A 405 4.91 -4.16 -37.82
N GLU A 406 3.85 -3.51 -38.29
CA GLU A 406 3.68 -2.07 -38.11
C GLU A 406 2.86 -1.81 -36.85
N LEU A 407 3.34 -0.87 -36.03
CA LEU A 407 2.69 -0.52 -34.78
C LEU A 407 2.70 1.00 -34.62
N LYS A 408 1.51 1.57 -34.41
CA LYS A 408 1.37 3.00 -34.20
C LYS A 408 1.01 3.29 -32.75
N GLN A 409 1.29 4.51 -32.32
CA GLN A 409 0.96 4.93 -30.96
C GLN A 409 -0.54 4.91 -30.72
N ALA A 410 -1.33 5.20 -31.75
CA ALA A 410 -2.78 5.21 -31.61
C ALA A 410 -3.33 3.82 -31.32
N GLN A 411 -2.68 2.77 -31.85
CA GLN A 411 -3.14 1.41 -31.60
C GLN A 411 -2.82 0.97 -30.17
N VAL A 412 -1.65 1.36 -29.67
CA VAL A 412 -1.30 1.02 -28.29
C VAL A 412 -2.16 1.79 -27.31
N ASP A 413 -2.51 3.04 -27.65
CA ASP A 413 -3.37 3.83 -26.77
C ASP A 413 -4.81 3.32 -26.79
N GLN A 414 -5.26 2.81 -27.92
CA GLN A 414 -6.65 2.34 -28.01
C GLN A 414 -6.84 1.02 -27.28
N LEU A 415 -5.92 0.08 -27.46
CA LEU A 415 -6.10 -1.25 -26.87
C LEU A 415 -5.85 -1.23 -25.37
N LEU A 416 -4.83 -0.49 -24.91
CA LEU A 416 -4.53 -0.44 -23.49
C LEU A 416 -5.47 0.50 -22.74
N GLY A 417 -6.03 1.51 -23.42
CA GLY A 417 -6.87 2.48 -22.78
C GLY A 417 -6.13 3.63 -22.12
N TYR A 418 -4.83 3.50 -21.91
CA TYR A 418 -4.01 4.56 -21.33
C TYR A 418 -2.78 4.77 -22.20
N LYS A 419 -2.18 5.94 -22.06
CA LYS A 419 -1.04 6.32 -22.89
C LYS A 419 0.27 5.90 -22.22
N VAL A 420 1.09 5.16 -22.97
CA VAL A 420 2.44 4.80 -22.55
C VAL A 420 3.42 5.60 -23.40
N ALA A 421 4.51 6.03 -22.78
CA ALA A 421 5.48 6.88 -23.47
C ALA A 421 6.04 6.18 -24.69
N ALA A 422 6.21 6.94 -25.78
CA ALA A 422 6.81 6.39 -26.99
C ALA A 422 8.25 5.95 -26.75
N GLU A 423 8.92 6.57 -25.76
CA GLU A 423 10.25 6.11 -25.37
C GLU A 423 10.18 4.76 -24.67
N PHE A 424 9.07 4.49 -23.97
CA PHE A 424 8.90 3.19 -23.31
C PHE A 424 8.60 2.09 -24.32
N ILE A 425 7.76 2.39 -25.31
CA ILE A 425 7.38 1.38 -26.30
C ILE A 425 8.60 0.94 -27.11
N THR A 426 9.44 1.89 -27.51
CA THR A 426 10.63 1.53 -28.29
C THR A 426 11.65 0.80 -27.44
N ASP A 427 11.90 1.29 -26.22
CA ASP A 427 12.92 0.67 -25.37
C ASP A 427 12.52 -0.74 -24.96
N ALA A 428 11.25 -0.95 -24.61
CA ALA A 428 10.82 -2.28 -24.18
C ALA A 428 10.90 -3.29 -25.32
N LEU A 429 10.50 -2.89 -26.52
CA LEU A 429 10.52 -3.82 -27.65
C LEU A 429 11.95 -4.10 -28.12
N THR A 430 12.82 -3.08 -28.09
CA THR A 430 14.15 -3.24 -28.66
C THR A 430 15.05 -4.11 -27.78
N ARG A 431 14.78 -4.20 -26.48
CA ARG A 431 15.57 -5.07 -25.62
C ARG A 431 15.00 -6.48 -25.53
N LEU A 432 13.72 -6.66 -25.85
CA LEU A 432 13.15 -7.99 -25.95
C LEU A 432 13.70 -8.77 -27.14
N GLY A 433 14.46 -8.12 -28.02
CA GLY A 433 15.02 -8.77 -29.20
C GLY A 433 14.54 -8.20 -30.52
N CYS A 434 13.72 -7.15 -30.51
CA CYS A 434 13.16 -6.60 -31.74
C CYS A 434 14.04 -5.50 -32.30
N GLU A 435 14.08 -5.40 -33.63
CA GLU A 435 14.78 -4.33 -34.33
C GLU A 435 13.73 -3.35 -34.83
N VAL A 436 13.47 -2.32 -34.02
CA VAL A 436 12.42 -1.35 -34.30
C VAL A 436 13.02 -0.16 -35.04
N THR A 437 12.43 0.18 -36.18
CA THR A 437 12.83 1.33 -36.97
C THR A 437 11.71 2.36 -36.97
N VAL A 438 12.05 3.60 -36.60
CA VAL A 438 11.05 4.66 -36.46
C VAL A 438 10.63 5.18 -37.82
N GLN A 439 9.57 4.59 -38.39
CA GLN A 439 9.06 5.05 -39.67
C GLN A 439 8.26 6.35 -39.49
N ALA A 440 8.26 7.16 -40.56
CA ALA A 440 7.50 8.41 -40.60
C ALA A 440 7.84 9.32 -39.43
N ASN A 441 6.90 9.47 -38.51
CA ASN A 441 7.10 10.39 -37.38
C ASN A 441 6.67 9.75 -36.06
N GLY A 442 5.48 9.15 -36.04
CA GLY A 442 4.95 8.61 -34.80
C GLY A 442 4.77 7.10 -34.79
N GLU A 443 4.91 6.47 -35.96
CA GLU A 443 4.73 5.04 -36.09
C GLU A 443 6.08 4.32 -36.02
N TRP A 444 6.01 2.99 -35.94
CA TRP A 444 7.20 2.17 -35.84
C TRP A 444 7.08 0.98 -36.77
N SER A 445 8.23 0.43 -37.15
CA SER A 445 8.33 -0.79 -37.94
C SER A 445 9.19 -1.76 -37.16
N VAL A 446 8.55 -2.60 -36.35
CA VAL A 446 9.23 -3.52 -35.44
C VAL A 446 9.23 -4.92 -36.05
N VAL A 447 10.41 -5.55 -36.08
CA VAL A 447 10.53 -6.92 -36.54
C VAL A 447 10.71 -7.83 -35.34
N PRO A 448 10.10 -9.02 -35.32
CA PRO A 448 10.26 -9.90 -34.17
C PRO A 448 11.57 -10.66 -34.23
N PRO A 449 12.14 -11.01 -33.08
CA PRO A 449 13.41 -11.75 -33.08
C PRO A 449 13.24 -13.17 -33.60
N SER A 450 14.37 -13.85 -33.74
CA SER A 450 14.39 -15.20 -34.29
C SER A 450 13.90 -16.25 -33.30
N HIS A 451 13.87 -15.95 -32.01
CA HIS A 451 13.53 -16.93 -30.98
C HIS A 451 12.08 -16.87 -30.54
N ARG A 452 11.35 -15.83 -30.89
CA ARG A 452 9.96 -15.66 -30.46
C ARG A 452 9.02 -16.02 -31.61
N TYR A 453 8.09 -16.93 -31.33
CA TYR A 453 7.14 -17.41 -32.32
C TYR A 453 5.72 -16.88 -32.09
N ASP A 454 5.56 -15.93 -31.16
CA ASP A 454 4.24 -15.44 -30.77
C ASP A 454 3.98 -14.01 -31.23
N MET A 455 4.82 -13.46 -32.09
CA MET A 455 4.66 -12.10 -32.60
C MET A 455 4.30 -12.17 -34.09
N ALA A 456 3.05 -11.84 -34.41
CA ALA A 456 2.59 -11.90 -35.79
C ALA A 456 1.75 -10.68 -36.15
N ILE A 457 0.94 -10.19 -35.22
CA ILE A 457 0.10 -9.02 -35.44
C ILE A 457 0.50 -7.93 -34.45
N TYR A 458 -0.07 -6.74 -34.65
CA TYR A 458 0.31 -5.59 -33.83
C TYR A 458 -0.15 -5.75 -32.40
N GLN A 459 -1.24 -6.48 -32.16
CA GLN A 459 -1.71 -6.72 -30.80
C GLN A 459 -0.68 -7.50 -30.00
N ASP A 460 0.12 -8.35 -30.65
CA ASP A 460 1.18 -9.06 -29.95
C ASP A 460 2.21 -8.08 -29.39
N LEU A 461 2.54 -7.05 -30.16
CA LEU A 461 3.46 -6.03 -29.66
C LEU A 461 2.85 -5.21 -28.54
N ILE A 462 1.53 -4.99 -28.59
CA ILE A 462 0.87 -4.22 -27.54
C ILE A 462 0.85 -5.01 -26.23
N GLU A 463 0.68 -6.34 -26.32
CA GLU A 463 0.78 -7.17 -25.12
C GLU A 463 2.19 -7.10 -24.52
N GLU A 464 3.21 -6.99 -25.38
CA GLU A 464 4.57 -6.90 -24.88
C GLU A 464 4.81 -5.58 -24.15
N VAL A 465 4.16 -4.50 -24.58
CA VAL A 465 4.31 -3.23 -23.90
C VAL A 465 3.69 -3.29 -22.50
N ALA A 466 2.49 -3.86 -22.39
CA ALA A 466 1.84 -3.97 -21.09
C ALA A 466 2.57 -4.94 -20.18
N ARG A 467 3.29 -5.91 -20.75
CA ARG A 467 4.06 -6.85 -19.94
C ARG A 467 5.25 -6.16 -19.29
N ILE A 468 6.05 -5.44 -20.08
CA ILE A 468 7.27 -4.83 -19.56
C ILE A 468 6.93 -3.62 -18.69
N ASP A 469 5.95 -2.81 -19.11
CA ASP A 469 5.52 -1.69 -18.29
C ASP A 469 4.88 -2.17 -16.99
N GLY A 470 4.30 -3.36 -16.99
CA GLY A 470 3.71 -3.93 -15.80
C GLY A 470 2.20 -3.98 -15.83
N TYR A 471 1.63 -5.14 -15.52
CA TYR A 471 0.17 -5.24 -15.44
C TYR A 471 -0.41 -4.52 -14.24
N ASP A 472 0.42 -4.16 -13.25
CA ASP A 472 -0.03 -3.32 -12.15
C ASP A 472 -0.12 -1.85 -12.52
N ASN A 473 0.26 -1.49 -13.75
CA ASN A 473 0.16 -0.11 -14.24
C ASN A 473 -0.99 0.06 -15.23
N ILE A 474 -1.95 -0.86 -15.23
CA ILE A 474 -3.12 -0.74 -16.10
C ILE A 474 -4.12 0.17 -15.41
N GLN A 475 -4.39 1.32 -16.00
CA GLN A 475 -5.31 2.28 -15.40
C GLN A 475 -6.74 1.77 -15.48
N ILE A 476 -7.54 2.15 -14.49
CA ILE A 476 -8.89 1.62 -14.32
C ILE A 476 -9.88 2.53 -15.04
N SER A 477 -10.77 1.93 -15.83
CA SER A 477 -11.81 2.65 -16.55
C SER A 477 -13.07 1.80 -16.56
N LEU A 478 -14.13 2.34 -17.16
CA LEU A 478 -15.39 1.64 -17.29
C LEU A 478 -15.91 1.75 -18.72
N PRO A 479 -16.40 0.66 -19.29
CA PRO A 479 -16.96 0.72 -20.64
C PRO A 479 -18.26 1.50 -20.66
N SER A 480 -18.60 2.02 -21.84
CA SER A 480 -19.80 2.81 -22.05
C SER A 480 -20.67 2.16 -23.10
N MET A 481 -21.98 2.42 -23.00
CA MET A 481 -22.95 1.85 -23.91
C MET A 481 -24.20 2.70 -23.89
N ASP A 482 -25.03 2.53 -24.91
CA ASP A 482 -26.29 3.26 -25.02
C ASP A 482 -27.38 2.56 -24.21
N VAL A 483 -28.21 3.35 -23.55
CA VAL A 483 -29.33 2.83 -22.77
C VAL A 483 -30.45 2.49 -23.76
N GLN A 484 -30.53 1.22 -24.15
CA GLN A 484 -31.55 0.75 -25.07
C GLN A 484 -32.41 -0.28 -24.37
N LEU A 485 -33.72 -0.04 -24.36
CA LEU A 485 -34.66 -0.95 -23.71
C LEU A 485 -34.93 -2.13 -24.64
N ALA A 486 -34.55 -3.33 -24.20
CA ALA A 486 -34.63 -4.51 -25.04
C ALA A 486 -36.05 -5.05 -25.10
N LYS A 487 -36.33 -5.81 -26.15
CA LYS A 487 -37.64 -6.42 -26.33
C LYS A 487 -37.87 -7.49 -25.26
N TYR A 488 -39.07 -7.48 -24.68
CA TYR A 488 -39.40 -8.42 -23.62
C TYR A 488 -40.90 -8.65 -23.62
N GLN A 489 -41.30 -9.91 -23.62
CA GLN A 489 -42.70 -10.31 -23.54
C GLN A 489 -42.95 -10.98 -22.20
N ASP A 490 -44.13 -10.73 -21.63
CA ASP A 490 -44.47 -11.30 -20.32
C ASP A 490 -44.46 -12.82 -20.40
N ARG A 491 -43.71 -13.45 -19.49
CA ARG A 491 -43.55 -14.90 -19.51
C ARG A 491 -43.30 -15.40 -18.10
N PHE A 492 -43.32 -16.72 -17.95
CA PHE A 492 -42.98 -17.39 -16.70
C PHE A 492 -41.47 -17.54 -16.65
N GLU A 493 -40.81 -16.72 -15.83
CA GLU A 493 -39.37 -16.73 -15.77
C GLU A 493 -38.86 -17.95 -15.01
N ILE A 494 -37.62 -18.35 -15.32
CA ILE A 494 -37.03 -19.53 -14.68
C ILE A 494 -36.89 -19.31 -13.18
N ALA A 495 -36.62 -18.08 -12.75
CA ALA A 495 -36.50 -17.80 -11.33
C ALA A 495 -37.84 -17.97 -10.62
N GLN A 496 -38.94 -17.56 -11.27
CA GLN A 496 -40.25 -17.74 -10.68
C GLN A 496 -40.69 -19.20 -10.69
N LEU A 497 -40.14 -20.01 -11.59
CA LEU A 497 -40.40 -21.45 -11.54
C LEU A 497 -39.73 -22.08 -10.34
N ARG A 498 -38.48 -21.71 -10.06
CA ARG A 498 -37.79 -22.24 -8.89
C ARG A 498 -38.53 -21.86 -7.61
N GLN A 499 -39.00 -20.62 -7.51
CA GLN A 499 -39.69 -20.19 -6.30
C GLN A 499 -40.99 -20.95 -6.09
N THR A 500 -41.65 -21.36 -7.18
CA THR A 500 -42.88 -22.14 -7.04
C THR A 500 -42.57 -23.56 -6.61
N VAL A 501 -41.63 -24.22 -7.27
CA VAL A 501 -41.29 -25.60 -6.93
C VAL A 501 -40.68 -25.66 -5.54
N ALA A 502 -39.93 -24.62 -5.13
CA ALA A 502 -39.42 -24.58 -3.77
C ALA A 502 -40.53 -24.31 -2.76
N THR A 503 -41.53 -23.52 -3.13
CA THR A 503 -42.68 -23.33 -2.25
C THR A 503 -43.48 -24.62 -2.09
N LEU A 504 -43.51 -25.46 -3.13
CA LEU A 504 -44.18 -26.75 -3.06
C LEU A 504 -43.37 -27.78 -2.28
N GLY A 505 -42.18 -27.43 -1.81
CA GLY A 505 -41.41 -28.30 -0.94
C GLY A 505 -40.33 -29.13 -1.58
N TYR A 506 -39.81 -28.72 -2.74
CA TYR A 506 -38.78 -29.47 -3.44
C TYR A 506 -37.45 -28.74 -3.35
N GLN A 507 -36.37 -29.51 -3.19
CA GLN A 507 -35.02 -28.98 -3.14
C GLN A 507 -34.35 -29.13 -4.50
N GLU A 508 -33.68 -28.08 -4.95
CA GLU A 508 -33.03 -28.11 -6.25
C GLU A 508 -31.80 -29.00 -6.19
N ALA A 509 -31.79 -30.05 -6.99
CA ALA A 509 -30.62 -30.91 -7.14
C ALA A 509 -29.96 -30.63 -8.48
N ILE A 510 -28.66 -30.89 -8.54
CA ILE A 510 -27.87 -30.74 -9.77
C ILE A 510 -27.03 -32.00 -9.90
N SER A 511 -27.47 -32.93 -10.72
CA SER A 511 -26.78 -34.19 -10.94
C SER A 511 -26.03 -34.16 -12.27
N PHE A 512 -25.19 -35.17 -12.47
CA PHE A 512 -24.35 -35.22 -13.67
C PHE A 512 -25.19 -35.46 -14.92
N SER A 513 -24.76 -34.84 -16.02
CA SER A 513 -25.47 -35.00 -17.28
C SER A 513 -25.28 -36.39 -17.87
N PHE A 514 -24.33 -37.17 -17.38
CA PHE A 514 -24.12 -38.55 -17.81
C PHE A 514 -24.38 -39.48 -16.62
N ALA A 515 -24.93 -40.66 -16.92
CA ALA A 515 -25.30 -41.61 -15.90
C ALA A 515 -24.92 -43.02 -16.36
N ASP A 516 -25.28 -44.00 -15.55
CA ASP A 516 -24.97 -45.39 -15.86
C ASP A 516 -25.90 -45.90 -16.97
N ALA A 517 -25.32 -46.65 -17.91
CA ALA A 517 -26.12 -47.20 -18.99
C ALA A 517 -27.04 -48.31 -18.52
N LYS A 518 -26.67 -48.99 -17.42
CA LYS A 518 -27.51 -50.07 -16.92
C LYS A 518 -28.78 -49.53 -16.27
N LEU A 519 -28.64 -48.47 -15.45
CA LEU A 519 -29.83 -47.83 -14.90
C LEU A 519 -30.67 -47.18 -16.00
N GLU A 520 -30.02 -46.65 -17.04
CA GLU A 520 -30.76 -46.13 -18.18
C GLU A 520 -31.53 -47.22 -18.88
N LYS A 521 -30.99 -48.45 -18.92
CA LYS A 521 -31.70 -49.58 -19.50
C LYS A 521 -32.82 -50.07 -18.60
N GLN A 522 -32.65 -49.96 -17.28
CA GLN A 522 -33.70 -50.39 -16.35
C GLN A 522 -34.96 -49.55 -16.52
N LEU A 523 -34.80 -48.24 -16.63
CA LEU A 523 -35.96 -47.37 -16.81
C LEU A 523 -36.66 -47.65 -18.13
N ASN A 524 -35.92 -47.59 -19.23
CA ASN A 524 -36.45 -47.85 -20.56
C ASN A 524 -35.61 -48.94 -21.22
N PRO A 525 -36.10 -50.18 -21.26
CA PRO A 525 -35.31 -51.25 -21.88
C PRO A 525 -35.10 -51.08 -23.38
N GLN A 526 -35.89 -50.23 -24.03
CA GLN A 526 -35.75 -49.96 -25.46
C GLN A 526 -35.05 -48.63 -25.73
N VAL A 527 -34.10 -48.24 -24.88
CA VAL A 527 -33.41 -46.97 -25.03
C VAL A 527 -32.13 -47.18 -25.80
N SER A 528 -31.74 -46.16 -26.57
CA SER A 528 -30.47 -46.14 -27.31
C SER A 528 -29.72 -44.88 -26.88
N PRO A 529 -29.04 -44.94 -25.74
CA PRO A 529 -28.43 -43.72 -25.18
C PRO A 529 -27.14 -43.34 -25.89
N LEU A 530 -26.87 -42.04 -25.87
CA LEU A 530 -25.61 -41.52 -26.41
C LEU A 530 -24.48 -41.85 -25.46
N MET A 531 -23.54 -42.68 -25.92
CA MET A 531 -22.45 -43.15 -25.09
C MET A 531 -21.19 -42.31 -25.29
N LEU A 532 -20.52 -41.98 -24.19
CA LEU A 532 -19.26 -41.28 -24.26
C LEU A 532 -18.18 -42.19 -24.84
N ALA A 533 -17.18 -41.57 -25.48
CA ALA A 533 -16.09 -42.34 -26.06
C ALA A 533 -15.00 -42.64 -25.05
N ASN A 534 -14.85 -41.79 -24.03
CA ASN A 534 -13.85 -41.99 -22.97
C ASN A 534 -14.43 -41.58 -21.63
N PRO A 535 -15.40 -42.33 -21.12
CA PRO A 535 -15.95 -42.01 -19.80
C PRO A 535 -14.97 -42.38 -18.69
N ILE A 536 -15.03 -41.60 -17.60
CA ILE A 536 -14.13 -41.84 -16.48
C ILE A 536 -14.54 -43.08 -15.69
N SER A 537 -15.78 -43.53 -15.83
CA SER A 537 -16.24 -44.71 -15.12
C SER A 537 -17.47 -45.26 -15.83
N SER A 538 -17.87 -46.47 -15.45
CA SER A 538 -19.00 -47.13 -16.09
C SER A 538 -20.33 -46.47 -15.70
N ASP A 539 -20.41 -45.92 -14.49
CA ASP A 539 -21.64 -45.29 -14.03
C ASP A 539 -21.80 -43.85 -14.52
N LEU A 540 -20.85 -43.33 -15.29
CA LEU A 540 -20.92 -42.00 -15.87
C LEU A 540 -20.59 -42.06 -17.36
N ALA A 541 -21.19 -43.01 -18.06
CA ALA A 541 -20.85 -43.28 -19.45
C ALA A 541 -21.96 -43.01 -20.45
N ALA A 542 -23.20 -42.85 -20.00
CA ALA A 542 -24.34 -42.64 -20.89
C ALA A 542 -24.96 -41.29 -20.62
N MET A 543 -25.04 -40.46 -21.66
CA MET A 543 -25.75 -39.20 -21.55
C MET A 543 -27.22 -39.45 -21.23
N ARG A 544 -27.70 -38.83 -20.15
CA ARG A 544 -29.01 -39.16 -19.60
C ARG A 544 -30.12 -38.88 -20.62
N SER A 545 -30.84 -39.93 -21.01
CA SER A 545 -32.06 -39.74 -21.80
C SER A 545 -33.19 -39.21 -20.94
N THR A 546 -33.10 -39.40 -19.63
CA THR A 546 -34.04 -38.84 -18.67
C THR A 546 -33.26 -38.43 -17.43
N LEU A 547 -33.74 -37.38 -16.76
CA LEU A 547 -33.06 -36.90 -15.56
C LEU A 547 -33.17 -37.87 -14.39
N LEU A 548 -33.96 -38.94 -14.52
CA LEU A 548 -34.07 -39.93 -13.45
C LEU A 548 -32.81 -40.76 -13.33
N SER A 549 -32.12 -41.02 -14.44
CA SER A 549 -30.92 -41.85 -14.40
C SER A 549 -29.81 -41.23 -13.57
N SER A 550 -29.87 -39.91 -13.34
CA SER A 550 -28.89 -39.24 -12.49
C SER A 550 -29.47 -38.77 -11.16
N LEU A 551 -30.78 -38.55 -11.08
CA LEU A 551 -31.39 -38.12 -9.82
C LEU A 551 -31.62 -39.30 -8.88
N ILE A 552 -31.95 -40.48 -9.43
CA ILE A 552 -32.18 -41.65 -8.59
C ILE A 552 -30.94 -42.01 -7.75
N PRO A 553 -29.72 -42.01 -8.30
CA PRO A 553 -28.55 -42.20 -7.43
C PRO A 553 -28.44 -41.17 -6.33
N CYS A 554 -28.87 -39.93 -6.58
CA CYS A 554 -28.85 -38.92 -5.53
C CYS A 554 -29.91 -39.20 -4.47
N VAL A 555 -31.07 -39.72 -4.88
CA VAL A 555 -32.08 -40.13 -3.91
C VAL A 555 -31.58 -41.30 -3.10
N GLN A 556 -30.99 -42.30 -3.76
CA GLN A 556 -30.42 -43.44 -3.06
C GLN A 556 -29.27 -43.03 -2.15
N TYR A 557 -28.55 -41.97 -2.51
CA TYR A 557 -27.51 -41.44 -1.65
C TYR A 557 -28.07 -41.01 -0.30
N ASN A 558 -29.18 -40.27 -0.32
CA ASN A 558 -29.81 -39.81 0.91
C ASN A 558 -30.54 -40.95 1.63
N LEU A 559 -31.27 -41.78 0.88
CA LEU A 559 -32.03 -42.86 1.50
C LEU A 559 -31.13 -43.80 2.29
N ASN A 560 -29.91 -44.03 1.81
CA ASN A 560 -28.95 -44.87 2.51
C ASN A 560 -28.33 -44.18 3.72
N ARG A 561 -28.65 -42.91 3.95
CA ARG A 561 -28.08 -42.19 5.09
C ARG A 561 -29.17 -41.69 6.02
N GLN A 562 -30.12 -42.57 6.35
CA GLN A 562 -31.17 -42.30 7.35
C GLN A 562 -32.00 -41.08 6.97
N GLN A 563 -32.45 -41.05 5.72
CA GLN A 563 -33.30 -39.99 5.22
C GLN A 563 -34.57 -40.61 4.66
N SER A 564 -35.67 -40.48 5.40
CA SER A 564 -36.93 -41.07 4.97
C SER A 564 -37.59 -40.27 3.85
N ARG A 565 -37.36 -38.95 3.81
CA ARG A 565 -38.07 -38.07 2.89
C ARG A 565 -37.05 -37.19 2.17
N VAL A 566 -36.92 -37.37 0.86
CA VAL A 566 -36.05 -36.56 0.02
C VAL A 566 -36.82 -36.18 -1.24
N ARG A 567 -36.89 -34.89 -1.52
CA ARG A 567 -37.66 -34.37 -2.66
C ARG A 567 -36.73 -33.48 -3.49
N PHE A 568 -36.57 -33.81 -4.77
CA PHE A 568 -35.63 -33.14 -5.64
C PHE A 568 -36.34 -32.54 -6.85
N PHE A 569 -35.69 -31.54 -7.44
CA PHE A 569 -36.08 -31.03 -8.75
C PHE A 569 -34.84 -30.45 -9.41
N GLU A 570 -34.74 -30.62 -10.73
CA GLU A 570 -33.53 -30.25 -11.45
C GLU A 570 -33.89 -29.58 -12.77
N LEU A 571 -33.02 -28.67 -13.21
CA LEU A 571 -33.17 -27.97 -14.49
C LEU A 571 -31.79 -27.89 -15.14
N GLY A 572 -31.50 -28.82 -16.05
CA GLY A 572 -32.41 -29.88 -16.41
C GLY A 572 -32.39 -30.24 -17.88
N LEU A 573 -31.22 -30.60 -18.39
CA LEU A 573 -31.05 -30.92 -19.80
C LEU A 573 -30.95 -32.43 -19.99
N ARG A 574 -31.89 -33.00 -20.75
CA ARG A 574 -31.83 -34.39 -21.15
C ARG A 574 -31.49 -34.49 -22.62
N PHE A 575 -31.05 -35.68 -23.04
CA PHE A 575 -30.49 -35.90 -24.36
C PHE A 575 -31.30 -37.01 -25.06
N ASP A 576 -32.22 -36.61 -25.93
CA ASP A 576 -33.01 -37.55 -26.70
C ASP A 576 -32.19 -38.02 -27.90
N TYR A 577 -31.91 -39.33 -27.95
CA TYR A 577 -31.07 -39.88 -29.00
C TYR A 577 -31.68 -41.10 -29.69
N GLN A 578 -32.91 -41.48 -29.33
CA GLN A 578 -33.54 -42.64 -29.95
C GLN A 578 -34.11 -42.28 -31.32
N ASN A 579 -34.20 -43.30 -32.19
CA ASN A 579 -34.64 -43.13 -33.57
C ASN A 579 -33.81 -42.10 -34.32
N ALA A 580 -32.50 -42.07 -34.02
CA ALA A 580 -31.57 -41.15 -34.64
C ALA A 580 -30.55 -41.96 -35.44
N ASN A 581 -30.30 -41.54 -36.68
CA ASN A 581 -29.32 -42.19 -37.54
C ASN A 581 -27.96 -41.51 -37.50
N SER A 582 -27.84 -40.36 -36.85
CA SER A 582 -26.56 -39.68 -36.72
C SER A 582 -26.62 -38.81 -35.47
N ILE A 583 -25.43 -38.37 -35.03
CA ILE A 583 -25.35 -37.58 -33.81
C ILE A 583 -25.92 -36.18 -34.00
N GLN A 584 -26.00 -35.69 -35.24
CA GLN A 584 -26.64 -34.40 -35.47
C GLN A 584 -28.14 -34.47 -35.26
N ASP A 585 -28.72 -35.66 -35.24
CA ASP A 585 -30.13 -35.85 -34.91
C ASP A 585 -30.38 -35.88 -33.40
N LEU A 586 -29.35 -35.62 -32.59
CA LEU A 586 -29.52 -35.59 -31.15
C LEU A 586 -30.36 -34.39 -30.73
N LYS A 587 -31.25 -34.60 -29.77
CA LYS A 587 -32.12 -33.56 -29.25
C LYS A 587 -31.76 -33.32 -27.79
N GLN A 588 -31.37 -32.10 -27.47
CA GLN A 588 -31.00 -31.70 -26.11
C GLN A 588 -32.10 -30.78 -25.59
N ILE A 589 -33.00 -31.34 -24.78
CA ILE A 589 -34.22 -30.66 -24.34
C ILE A 589 -34.03 -30.22 -22.88
N PRO A 590 -34.10 -28.93 -22.57
CA PRO A 590 -34.10 -28.50 -21.17
C PRO A 590 -35.45 -28.83 -20.53
N THR A 591 -35.41 -29.61 -19.45
CA THR A 591 -36.60 -30.13 -18.82
C THR A 591 -36.61 -29.80 -17.32
N LEU A 592 -37.78 -29.98 -16.71
CA LEU A 592 -37.98 -29.82 -15.28
C LEU A 592 -38.35 -31.17 -14.69
N ALA A 593 -37.46 -31.72 -13.86
CA ALA A 593 -37.67 -33.02 -13.26
C ALA A 593 -38.21 -32.87 -11.84
N LEU A 594 -38.99 -33.86 -11.41
CA LEU A 594 -39.52 -33.93 -10.06
C LEU A 594 -39.36 -35.35 -9.55
N VAL A 595 -38.73 -35.50 -8.38
CA VAL A 595 -38.57 -36.79 -7.73
C VAL A 595 -38.93 -36.62 -6.27
N ALA A 596 -39.88 -37.43 -5.79
CA ALA A 596 -40.35 -37.32 -4.42
C ALA A 596 -40.57 -38.71 -3.85
N VAL A 597 -39.92 -38.99 -2.72
CA VAL A 597 -40.15 -40.21 -1.95
C VAL A 597 -40.42 -39.82 -0.51
N GLY A 598 -41.18 -40.66 0.18
CA GLY A 598 -41.56 -40.37 1.55
C GLY A 598 -42.90 -39.66 1.66
N SER A 599 -43.13 -39.11 2.84
CA SER A 599 -44.38 -38.40 3.10
C SER A 599 -44.43 -37.09 2.32
N ARG A 600 -45.65 -36.60 2.12
CA ARG A 600 -45.83 -35.32 1.43
C ARG A 600 -45.24 -34.17 2.23
N GLU A 601 -45.69 -34.00 3.46
CA GLU A 601 -45.21 -32.98 4.38
C GLU A 601 -44.40 -33.61 5.49
N PRO A 602 -43.45 -32.88 6.08
CA PRO A 602 -42.58 -33.48 7.10
C PRO A 602 -43.36 -33.96 8.31
N GLU A 603 -42.71 -34.82 9.09
CA GLU A 603 -43.36 -35.45 10.24
C GLU A 603 -43.73 -34.39 11.28
N SER A 604 -45.01 -34.36 11.64
CA SER A 604 -45.52 -33.43 12.63
C SER A 604 -46.56 -34.15 13.49
N TRP A 605 -47.16 -33.41 14.42
CA TRP A 605 -48.16 -33.95 15.32
C TRP A 605 -49.56 -34.00 14.70
N HIS A 606 -49.72 -33.50 13.47
CA HIS A 606 -51.05 -33.43 12.87
C HIS A 606 -51.53 -34.80 12.40
N ALA A 607 -50.62 -35.62 11.86
CA ALA A 607 -50.99 -36.94 11.37
C ALA A 607 -49.74 -37.79 11.27
N LYS A 608 -49.95 -39.10 11.18
CA LYS A 608 -48.85 -40.02 10.99
C LYS A 608 -48.31 -39.88 9.57
N PRO A 609 -46.99 -39.88 9.38
CA PRO A 609 -46.43 -39.69 8.04
C PRO A 609 -46.79 -40.84 7.11
N GLN A 610 -47.39 -40.49 5.97
CA GLN A 610 -47.75 -41.45 4.94
C GLN A 610 -47.35 -40.87 3.58
N PRO A 611 -46.89 -41.71 2.67
CA PRO A 611 -46.48 -41.21 1.35
C PRO A 611 -47.66 -40.68 0.55
N MET A 612 -47.34 -39.89 -0.48
CA MET A 612 -48.37 -39.28 -1.31
C MET A 612 -49.05 -40.35 -2.17
N ASP A 613 -50.26 -40.01 -2.62
CA ASP A 613 -50.93 -40.78 -3.65
C ASP A 613 -50.81 -40.01 -4.96
N PHE A 614 -51.51 -40.48 -6.00
CA PHE A 614 -51.36 -39.87 -7.32
C PHE A 614 -51.87 -38.43 -7.33
N PHE A 615 -52.96 -38.16 -6.61
CA PHE A 615 -53.59 -36.85 -6.68
C PHE A 615 -52.86 -35.81 -5.83
N ASP A 616 -52.11 -36.23 -4.82
CA ASP A 616 -51.21 -35.30 -4.15
C ASP A 616 -50.12 -34.83 -5.09
N PHE A 617 -49.55 -35.77 -5.87
CA PHE A 617 -48.50 -35.41 -6.81
C PHE A 617 -49.05 -34.64 -8.00
N LYS A 618 -50.23 -35.02 -8.49
CA LYS A 618 -50.86 -34.29 -9.58
C LYS A 618 -51.26 -32.89 -9.15
N GLY A 619 -51.69 -32.72 -7.89
CA GLY A 619 -52.02 -31.39 -7.40
C GLY A 619 -50.84 -30.45 -7.36
N GLU A 620 -49.63 -31.00 -7.21
CA GLU A 620 -48.44 -30.17 -7.25
C GLU A 620 -48.00 -29.88 -8.68
N VAL A 621 -48.15 -30.85 -9.57
CA VAL A 621 -47.82 -30.62 -10.98
C VAL A 621 -48.84 -29.71 -11.64
N GLU A 622 -50.11 -29.81 -11.24
CA GLU A 622 -51.12 -28.92 -11.80
C GLU A 622 -50.87 -27.47 -11.42
N GLU A 623 -50.25 -27.22 -10.26
CA GLU A 623 -49.99 -25.85 -9.85
C GLU A 623 -48.76 -25.28 -10.55
N ILE A 624 -47.74 -26.13 -10.79
CA ILE A 624 -46.59 -25.68 -11.57
C ILE A 624 -47.01 -25.32 -12.98
N LEU A 625 -47.93 -26.11 -13.56
CA LEU A 625 -48.45 -25.80 -14.89
C LEU A 625 -49.33 -24.57 -14.86
N ALA A 626 -50.18 -24.44 -13.83
CA ALA A 626 -51.04 -23.26 -13.72
C ALA A 626 -50.24 -22.00 -13.46
N ALA A 627 -49.08 -22.13 -12.81
CA ALA A 627 -48.22 -20.97 -12.59
C ALA A 627 -47.63 -20.41 -13.87
N GLY A 628 -47.74 -21.14 -14.99
CA GLY A 628 -47.27 -20.65 -16.26
C GLY A 628 -48.39 -20.47 -17.28
N ARG A 629 -49.63 -20.46 -16.80
CA ARG A 629 -50.81 -20.29 -17.64
C ARG A 629 -50.88 -21.35 -18.74
N VAL A 630 -50.52 -22.58 -18.39
CA VAL A 630 -50.47 -23.68 -19.34
C VAL A 630 -51.76 -24.48 -19.24
N LYS A 631 -52.49 -24.59 -20.35
CA LYS A 631 -53.69 -25.41 -20.41
C LYS A 631 -53.30 -26.82 -20.86
N VAL A 632 -53.74 -27.82 -20.11
CA VAL A 632 -53.22 -29.17 -20.24
C VAL A 632 -54.36 -30.18 -20.17
N GLU A 633 -54.30 -31.18 -21.05
CA GLU A 633 -55.16 -32.36 -20.99
C GLU A 633 -54.31 -33.56 -20.61
N TYR A 634 -54.86 -34.45 -19.79
CA TYR A 634 -54.14 -35.61 -19.29
C TYR A 634 -54.63 -36.88 -19.96
N VAL A 635 -53.68 -37.78 -20.25
CA VAL A 635 -53.98 -39.08 -20.84
C VAL A 635 -53.00 -40.09 -20.26
N ARG A 636 -53.36 -41.37 -20.37
CA ARG A 636 -52.55 -42.43 -19.76
C ARG A 636 -51.22 -42.56 -20.48
N SER A 637 -50.13 -42.53 -19.72
CA SER A 637 -48.80 -42.69 -20.27
C SER A 637 -48.44 -44.16 -20.41
N GLU A 638 -47.56 -44.45 -21.37
CA GLU A 638 -47.11 -45.81 -21.65
C GLU A 638 -45.59 -45.93 -21.55
N ARG A 639 -44.97 -45.07 -20.74
CA ARG A 639 -43.53 -45.13 -20.56
C ARG A 639 -43.17 -46.35 -19.72
N PRO A 640 -42.08 -47.05 -20.05
CA PRO A 640 -41.78 -48.33 -19.38
C PRO A 640 -41.54 -48.20 -17.88
N TRP A 641 -40.85 -47.15 -17.45
CA TRP A 641 -40.46 -47.02 -16.05
C TRP A 641 -41.59 -46.50 -15.17
N LEU A 642 -42.81 -46.43 -15.67
CA LEU A 642 -43.93 -45.87 -14.92
C LEU A 642 -44.97 -46.94 -14.61
N HIS A 643 -45.67 -46.75 -13.49
CA HIS A 643 -46.83 -47.54 -13.14
C HIS A 643 -47.92 -47.26 -14.16
N PRO A 644 -48.31 -48.25 -14.97
CA PRO A 644 -49.23 -47.97 -16.08
C PRO A 644 -50.60 -47.51 -15.65
N GLY A 645 -51.01 -47.77 -14.41
CA GLY A 645 -52.33 -47.38 -13.95
C GLY A 645 -52.37 -46.03 -13.24
N GLN A 646 -51.21 -45.53 -12.84
CA GLN A 646 -51.09 -44.28 -12.11
C GLN A 646 -50.00 -43.40 -12.70
N SER A 647 -50.05 -43.19 -14.02
CA SER A 647 -49.08 -42.33 -14.70
C SER A 647 -49.77 -41.63 -15.85
N ALA A 648 -49.60 -40.31 -15.90
CA ALA A 648 -50.27 -39.47 -16.89
C ALA A 648 -49.27 -38.96 -17.92
N GLU A 649 -49.78 -38.71 -19.13
CA GLU A 649 -49.04 -37.99 -20.15
C GLU A 649 -49.64 -36.59 -20.27
N ILE A 650 -48.77 -35.58 -20.20
CA ILE A 650 -49.21 -34.19 -20.16
C ILE A 650 -49.20 -33.65 -21.57
N LEU A 651 -50.39 -33.40 -22.13
CA LEU A 651 -50.55 -32.97 -23.51
C LEU A 651 -51.04 -31.53 -23.56
N VAL A 652 -50.51 -30.76 -24.50
CA VAL A 652 -51.04 -29.44 -24.83
C VAL A 652 -51.24 -29.39 -26.35
N ASP A 653 -52.45 -29.02 -26.77
CA ASP A 653 -52.83 -29.02 -28.18
C ASP A 653 -52.61 -30.38 -28.84
N GLY A 654 -52.68 -31.45 -28.04
CA GLY A 654 -52.56 -32.80 -28.54
C GLY A 654 -51.18 -33.41 -28.45
N GLN A 655 -50.14 -32.58 -28.37
CA GLN A 655 -48.77 -33.08 -28.29
C GLN A 655 -48.29 -33.11 -26.85
N SER A 656 -47.42 -34.07 -26.56
CA SER A 656 -46.94 -34.28 -25.20
C SER A 656 -45.82 -33.30 -24.87
N ILE A 657 -45.82 -32.81 -23.63
CA ILE A 657 -44.75 -31.99 -23.10
C ILE A 657 -44.11 -32.60 -21.86
N GLY A 658 -44.52 -33.79 -21.47
CA GLY A 658 -43.96 -34.42 -20.29
C GLY A 658 -44.93 -35.45 -19.73
N TYR A 659 -44.61 -35.89 -18.51
CA TYR A 659 -45.40 -36.94 -17.86
C TYR A 659 -45.41 -36.68 -16.36
N LEU A 660 -46.24 -37.45 -15.66
CA LEU A 660 -46.26 -37.45 -14.21
C LEU A 660 -46.88 -38.76 -13.74
N GLY A 661 -46.40 -39.25 -12.61
CA GLY A 661 -46.86 -40.51 -12.06
C GLY A 661 -45.77 -41.20 -11.26
N ARG A 662 -46.17 -42.27 -10.59
CA ARG A 662 -45.21 -42.98 -9.75
C ARG A 662 -44.38 -43.96 -10.59
N LEU A 663 -43.20 -44.27 -10.07
CA LEU A 663 -42.34 -45.25 -10.71
C LEU A 663 -43.01 -46.61 -10.72
N HIS A 664 -42.63 -47.44 -11.69
CA HIS A 664 -43.15 -48.79 -11.73
C HIS A 664 -42.71 -49.55 -10.48
N PRO A 665 -43.64 -50.13 -9.72
CA PRO A 665 -43.26 -50.74 -8.44
C PRO A 665 -42.18 -51.80 -8.55
N SER A 666 -42.05 -52.46 -9.70
CA SER A 666 -40.95 -53.40 -9.90
C SER A 666 -39.61 -52.68 -9.88
N LEU A 667 -39.53 -51.50 -10.53
CA LEU A 667 -38.30 -50.72 -10.49
C LEU A 667 -38.02 -50.18 -9.10
N GLU A 668 -39.06 -49.94 -8.31
CA GLU A 668 -38.85 -49.46 -6.94
C GLU A 668 -38.16 -50.50 -6.09
N ASN A 669 -38.48 -51.78 -6.29
CA ASN A 669 -37.86 -52.84 -5.51
C ASN A 669 -36.44 -53.13 -6.00
N GLU A 670 -36.22 -53.08 -7.31
CA GLU A 670 -34.88 -53.28 -7.84
C GLU A 670 -33.92 -52.18 -7.39
N LEU A 671 -34.46 -50.98 -7.13
CA LEU A 671 -33.65 -49.86 -6.69
C LEU A 671 -33.79 -49.55 -5.20
N ASP A 672 -34.67 -50.26 -4.49
CA ASP A 672 -34.88 -50.05 -3.05
C ASP A 672 -35.27 -48.60 -2.77
N LEU A 673 -36.44 -48.22 -3.27
CA LEU A 673 -36.86 -46.82 -3.28
C LEU A 673 -38.22 -46.58 -2.62
N SER A 674 -38.83 -47.61 -2.03
CA SER A 674 -40.16 -47.51 -1.43
C SER A 674 -41.13 -47.05 -2.50
N THR A 675 -41.87 -45.96 -2.32
CA THR A 675 -42.79 -45.44 -3.32
C THR A 675 -42.30 -44.07 -3.76
N THR A 676 -41.97 -43.94 -5.04
CA THR A 676 -41.45 -42.70 -5.60
C THR A 676 -42.46 -42.08 -6.56
N TRP A 677 -42.38 -40.76 -6.68
CA TRP A 677 -43.23 -40.00 -7.60
C TRP A 677 -42.33 -39.18 -8.51
N VAL A 678 -42.40 -39.44 -9.81
CA VAL A 678 -41.52 -38.82 -10.78
C VAL A 678 -42.35 -38.04 -11.78
N ALA A 679 -41.73 -37.00 -12.34
CA ALA A 679 -42.35 -36.18 -13.38
C ALA A 679 -41.26 -35.40 -14.09
N GLU A 680 -41.47 -35.19 -15.39
CA GLU A 680 -40.57 -34.38 -16.20
C GLU A 680 -41.40 -33.51 -17.14
N LEU A 681 -40.97 -32.27 -17.31
CA LEU A 681 -41.69 -31.30 -18.12
C LEU A 681 -40.71 -30.47 -18.93
N ASP A 682 -41.02 -30.28 -20.21
CA ASP A 682 -40.19 -29.41 -21.05
C ASP A 682 -40.27 -27.98 -20.53
N GLN A 683 -39.10 -27.36 -20.36
CA GLN A 683 -39.07 -25.97 -19.88
C GLN A 683 -39.74 -25.03 -20.87
N ALA A 684 -39.59 -25.30 -22.17
CA ALA A 684 -40.20 -24.45 -23.18
C ALA A 684 -41.72 -24.44 -23.05
N ALA A 685 -42.30 -25.50 -22.49
CA ALA A 685 -43.73 -25.56 -22.25
C ALA A 685 -44.13 -24.90 -20.94
N VAL A 686 -43.28 -25.00 -19.92
CA VAL A 686 -43.60 -24.41 -18.62
C VAL A 686 -43.22 -22.94 -18.60
N LEU A 687 -42.00 -22.62 -19.04
CA LEU A 687 -41.53 -21.25 -19.07
C LEU A 687 -41.97 -20.55 -20.34
N GLN A 688 -43.27 -20.57 -20.62
CA GLN A 688 -43.81 -20.00 -21.83
C GLN A 688 -44.31 -18.58 -21.59
N SER A 689 -44.42 -17.83 -22.69
CA SER A 689 -44.98 -16.49 -22.63
C SER A 689 -46.51 -16.58 -22.56
N TYR A 690 -47.12 -15.48 -22.10
CA TYR A 690 -48.57 -15.44 -21.97
C TYR A 690 -49.06 -14.02 -22.23
N VAL A 691 -50.37 -13.92 -22.47
CA VAL A 691 -51.02 -12.64 -22.72
C VAL A 691 -52.41 -12.70 -22.09
N SER A 692 -52.74 -11.70 -21.27
CA SER A 692 -54.04 -11.65 -20.61
C SER A 692 -55.00 -10.79 -21.42
N ASN A 693 -56.23 -11.27 -21.53
CA ASN A 693 -57.30 -10.55 -22.24
C ASN A 693 -58.47 -10.34 -21.28
N PHE A 694 -58.97 -9.12 -21.22
CA PHE A 694 -60.04 -8.79 -20.29
C PHE A 694 -61.40 -9.12 -20.90
N THR A 695 -62.26 -9.73 -20.08
CA THR A 695 -63.64 -10.00 -20.45
C THR A 695 -64.56 -9.40 -19.39
N GLU A 696 -65.72 -8.93 -19.84
CA GLU A 696 -66.66 -8.28 -18.94
C GLU A 696 -67.20 -9.26 -17.91
N LEU A 697 -67.60 -8.73 -16.75
CA LEU A 697 -68.15 -9.51 -15.67
C LEU A 697 -69.63 -9.20 -15.53
N SER A 698 -70.44 -10.24 -15.38
CA SER A 698 -71.88 -10.06 -15.20
C SER A 698 -72.16 -9.38 -13.87
N ARG A 699 -73.19 -8.54 -13.85
CA ARG A 699 -73.57 -7.78 -12.66
C ARG A 699 -74.77 -8.38 -11.94
N PHE A 700 -75.26 -9.53 -12.38
CA PHE A 700 -76.40 -10.17 -11.76
C PHE A 700 -76.04 -11.56 -11.25
N PRO A 701 -76.73 -12.05 -10.23
CA PRO A 701 -76.30 -13.29 -9.57
C PRO A 701 -76.41 -14.52 -10.46
N SER A 702 -75.50 -15.47 -10.22
CA SER A 702 -75.48 -16.74 -10.95
C SER A 702 -76.40 -17.75 -10.27
N VAL A 703 -76.52 -18.93 -10.88
CA VAL A 703 -77.36 -20.00 -10.37
C VAL A 703 -76.52 -21.27 -10.26
N ARG A 704 -76.66 -21.97 -9.15
CA ARG A 704 -75.91 -23.19 -8.86
C ARG A 704 -76.83 -24.39 -8.97
N ARG A 705 -76.38 -25.42 -9.70
CA ARG A 705 -77.18 -26.62 -9.90
C ARG A 705 -76.30 -27.85 -9.72
N ASP A 706 -76.92 -28.95 -9.31
CA ASP A 706 -76.24 -30.21 -9.03
C ASP A 706 -76.82 -31.32 -9.90
N ILE A 707 -75.94 -32.19 -10.39
CA ILE A 707 -76.32 -33.38 -11.12
C ILE A 707 -75.53 -34.56 -10.58
N ALA A 708 -76.22 -35.68 -10.34
CA ALA A 708 -75.61 -36.88 -9.78
C ALA A 708 -75.77 -38.01 -10.79
N LEU A 709 -74.67 -38.37 -11.46
CA LEU A 709 -74.67 -39.42 -12.46
C LEU A 709 -74.22 -40.74 -11.84
N LEU A 710 -74.82 -41.83 -12.28
CA LEU A 710 -74.36 -43.19 -11.94
C LEU A 710 -73.87 -43.80 -13.24
N ILE A 711 -72.55 -43.76 -13.45
CA ILE A 711 -71.95 -44.15 -14.71
C ILE A 711 -70.89 -45.23 -14.44
N SER A 712 -70.56 -45.98 -15.49
CA SER A 712 -69.52 -46.98 -15.38
C SER A 712 -68.17 -46.32 -15.08
N ASP A 713 -67.29 -47.08 -14.44
CA ASP A 713 -66.00 -46.56 -14.02
C ASP A 713 -64.97 -46.49 -15.14
N ASN A 714 -65.32 -46.94 -16.35
CA ASN A 714 -64.38 -47.00 -17.46
C ASN A 714 -64.50 -45.82 -18.41
N ILE A 715 -65.18 -44.75 -17.99
CA ILE A 715 -65.26 -43.51 -18.77
C ILE A 715 -64.63 -42.40 -17.95
N ASN A 716 -63.69 -41.69 -18.55
CA ASN A 716 -62.96 -40.64 -17.84
C ASN A 716 -63.86 -39.45 -17.55
N VAL A 717 -63.60 -38.80 -16.41
CA VAL A 717 -64.44 -37.67 -16.01
C VAL A 717 -64.18 -36.44 -16.86
N ARG A 718 -63.06 -36.39 -17.59
CA ARG A 718 -62.83 -35.27 -18.49
C ARG A 718 -63.78 -35.31 -19.67
N ASP A 719 -64.00 -36.49 -20.25
CA ASP A 719 -64.95 -36.62 -21.34
C ASP A 719 -66.36 -36.28 -20.88
N ILE A 720 -66.70 -36.66 -19.65
CA ILE A 720 -68.00 -36.29 -19.09
C ILE A 720 -68.08 -34.78 -18.90
N GLN A 721 -67.00 -34.18 -18.40
CA GLN A 721 -66.99 -32.73 -18.19
C GLN A 721 -67.01 -31.98 -19.53
N GLN A 722 -66.22 -32.43 -20.49
CA GLN A 722 -66.19 -31.77 -21.80
C GLN A 722 -67.54 -31.86 -22.50
N LEU A 723 -68.21 -33.01 -22.38
CA LEU A 723 -69.51 -33.16 -23.01
C LEU A 723 -70.56 -32.26 -22.37
N ILE A 724 -70.48 -32.08 -21.04
CA ILE A 724 -71.42 -31.21 -20.35
C ILE A 724 -71.21 -29.75 -20.76
N GLU A 725 -69.95 -29.35 -20.93
CA GLU A 725 -69.67 -27.95 -21.29
C GLU A 725 -70.12 -27.64 -22.71
N LYS A 726 -69.98 -28.60 -23.63
CA LYS A 726 -70.42 -28.38 -25.00
C LYS A 726 -71.94 -28.30 -25.09
N THR A 727 -72.63 -29.33 -24.59
CA THR A 727 -74.10 -29.36 -24.68
C THR A 727 -74.76 -28.31 -23.79
N GLY A 728 -74.03 -27.79 -22.79
CA GLY A 728 -74.61 -26.76 -21.95
C GLY A 728 -74.82 -25.44 -22.66
N GLY A 729 -73.95 -25.12 -23.61
CA GLY A 729 -74.08 -23.90 -24.37
C GLY A 729 -73.27 -22.76 -23.79
N GLU A 730 -73.68 -21.54 -24.18
CA GLU A 730 -72.99 -20.33 -23.73
C GLU A 730 -73.44 -19.90 -22.34
N LEU A 731 -74.63 -20.29 -21.90
CA LEU A 731 -75.11 -19.91 -20.58
C LEU A 731 -74.32 -20.60 -19.49
N LEU A 732 -73.97 -21.87 -19.69
CA LEU A 732 -73.14 -22.61 -18.74
C LEU A 732 -71.70 -22.11 -18.88
N ASP A 733 -71.21 -21.40 -17.85
CA ASP A 733 -69.88 -20.80 -17.91
C ASP A 733 -68.81 -21.65 -17.24
N SER A 734 -69.16 -22.50 -16.28
CA SER A 734 -68.16 -23.29 -15.58
C SER A 734 -68.82 -24.52 -14.97
N THR A 735 -68.05 -25.60 -14.87
CA THR A 735 -68.49 -26.81 -14.20
C THR A 735 -67.30 -27.44 -13.51
N TRP A 736 -67.59 -28.24 -12.48
CA TRP A 736 -66.53 -28.88 -11.72
C TRP A 736 -67.10 -30.06 -10.94
N LEU A 737 -66.34 -31.15 -10.90
CA LEU A 737 -66.72 -32.32 -10.12
C LEU A 737 -66.40 -32.09 -8.64
N PHE A 738 -67.31 -32.50 -7.76
CA PHE A 738 -67.13 -32.29 -6.33
C PHE A 738 -67.38 -33.52 -5.47
N ASP A 739 -67.72 -34.67 -6.06
CA ASP A 739 -67.95 -35.85 -5.24
C ASP A 739 -67.96 -37.09 -6.12
N VAL A 740 -67.29 -38.15 -5.66
CA VAL A 740 -67.38 -39.48 -6.24
C VAL A 740 -67.66 -40.46 -5.11
N TYR A 741 -68.25 -41.59 -5.47
CA TYR A 741 -68.66 -42.58 -4.47
C TYR A 741 -68.69 -43.96 -5.10
N THR A 742 -67.97 -44.90 -4.51
CA THR A 742 -67.90 -46.29 -4.96
C THR A 742 -68.04 -47.24 -3.78
N GLY A 743 -69.07 -47.02 -2.96
CA GLY A 743 -69.28 -47.84 -1.79
C GLY A 743 -70.49 -48.75 -1.88
N GLN A 744 -71.30 -48.77 -0.81
CA GLN A 744 -72.50 -49.57 -0.79
C GLN A 744 -73.64 -48.84 -1.50
N GLY A 745 -74.36 -49.55 -2.36
CA GLY A 745 -75.44 -48.98 -3.14
C GLY A 745 -75.13 -48.86 -4.62
N VAL A 746 -73.88 -49.02 -5.03
CA VAL A 746 -73.48 -48.97 -6.42
C VAL A 746 -72.88 -50.31 -6.80
N GLU A 747 -73.36 -50.89 -7.90
CA GLU A 747 -72.88 -52.19 -8.34
C GLU A 747 -71.42 -52.09 -8.78
N GLU A 748 -70.71 -53.22 -8.67
CA GLU A 748 -69.31 -53.26 -9.05
C GLU A 748 -69.16 -52.98 -10.55
N GLY A 749 -68.24 -52.09 -10.88
CA GLY A 749 -68.05 -51.67 -12.26
C GLY A 749 -68.66 -50.33 -12.61
N LYS A 750 -69.26 -49.64 -11.64
CA LYS A 750 -69.87 -48.34 -11.88
C LYS A 750 -69.55 -47.42 -10.71
N ARG A 751 -69.75 -46.13 -10.92
CA ARG A 751 -69.47 -45.13 -9.89
C ARG A 751 -70.49 -44.00 -10.01
N SER A 752 -70.72 -43.32 -8.89
CA SER A 752 -71.67 -42.22 -8.81
C SER A 752 -70.89 -40.91 -8.75
N LEU A 753 -70.99 -40.10 -9.80
CA LEU A 753 -70.31 -38.82 -9.90
C LEU A 753 -71.30 -37.69 -9.69
N ALA A 754 -70.85 -36.65 -8.98
CA ALA A 754 -71.68 -35.49 -8.69
C ALA A 754 -70.99 -34.24 -9.24
N PHE A 755 -71.55 -33.69 -10.31
CA PHE A 755 -71.00 -32.50 -10.95
C PHE A 755 -71.79 -31.26 -10.56
N ALA A 756 -71.11 -30.13 -10.57
CA ALA A 756 -71.69 -28.84 -10.23
C ALA A 756 -71.78 -27.98 -11.48
N LEU A 757 -72.98 -27.49 -11.79
CA LEU A 757 -73.22 -26.67 -12.96
C LEU A 757 -73.51 -25.24 -12.51
N LEU A 758 -72.70 -24.30 -12.97
CA LEU A 758 -72.87 -22.88 -12.67
C LEU A 758 -73.33 -22.18 -13.93
N TRP A 759 -74.55 -21.66 -13.90
CA TRP A 759 -75.13 -20.96 -15.04
C TRP A 759 -75.01 -19.45 -14.83
N GLN A 760 -74.49 -18.76 -15.84
CA GLN A 760 -74.28 -17.32 -15.77
C GLN A 760 -74.88 -16.65 -17.00
N HIS A 761 -75.35 -15.42 -16.79
CA HIS A 761 -76.04 -14.62 -17.78
C HIS A 761 -75.29 -13.32 -17.98
N PRO A 762 -75.03 -12.90 -19.22
CA PRO A 762 -74.22 -11.69 -19.44
C PRO A 762 -74.98 -10.39 -19.20
N SER A 763 -76.30 -10.40 -19.41
CA SER A 763 -77.06 -9.16 -19.40
C SER A 763 -78.21 -9.13 -18.39
N ARG A 764 -79.01 -10.21 -18.30
CA ARG A 764 -80.23 -10.18 -17.52
C ARG A 764 -80.13 -11.13 -16.32
N THR A 765 -81.28 -11.53 -15.78
CA THR A 765 -81.37 -12.51 -14.70
C THR A 765 -81.98 -13.79 -15.24
N LEU A 766 -81.40 -14.93 -14.84
CA LEU A 766 -81.82 -16.22 -15.38
C LEU A 766 -83.22 -16.57 -14.93
N GLU A 767 -84.03 -17.05 -15.88
CA GLU A 767 -85.34 -17.59 -15.57
C GLU A 767 -85.24 -19.11 -15.39
N ASP A 768 -86.21 -19.66 -14.65
CA ASP A 768 -86.21 -21.09 -14.39
C ASP A 768 -86.51 -21.90 -15.64
N ALA A 769 -87.04 -21.28 -16.69
CA ALA A 769 -87.37 -22.01 -17.90
C ALA A 769 -86.12 -22.36 -18.70
N GLU A 770 -85.23 -21.38 -18.87
CA GLU A 770 -84.03 -21.61 -19.66
C GLU A 770 -83.02 -22.49 -18.93
N ILE A 771 -83.00 -22.45 -17.60
CA ILE A 771 -82.10 -23.30 -16.84
C ILE A 771 -82.53 -24.75 -16.93
N LYS A 772 -83.82 -25.01 -16.66
CA LYS A 772 -84.32 -26.38 -16.75
C LYS A 772 -84.24 -26.92 -18.16
N SER A 773 -84.33 -26.05 -19.17
CA SER A 773 -84.13 -26.48 -20.55
C SER A 773 -82.70 -26.95 -20.78
N GLY A 774 -81.73 -26.26 -20.17
CA GLY A 774 -80.35 -26.69 -20.29
C GLY A 774 -80.05 -27.92 -19.45
N MET A 775 -80.66 -28.00 -18.26
CA MET A 775 -80.46 -29.17 -17.41
C MET A 775 -81.01 -30.42 -18.07
N ASP A 776 -82.23 -30.34 -18.62
CA ASP A 776 -82.80 -31.50 -19.31
C ASP A 776 -82.01 -31.84 -20.57
N ASN A 777 -81.41 -30.85 -21.22
CA ASN A 777 -80.62 -31.13 -22.42
C ASN A 777 -79.31 -31.84 -22.07
N ILE A 778 -78.71 -31.48 -20.93
CA ILE A 778 -77.45 -32.10 -20.54
C ILE A 778 -77.67 -33.52 -20.03
N ILE A 779 -78.72 -33.72 -19.24
CA ILE A 779 -78.97 -35.07 -18.72
C ILE A 779 -79.41 -36.01 -19.83
N GLN A 780 -80.08 -35.49 -20.86
CA GLN A 780 -80.53 -36.35 -21.94
C GLN A 780 -79.37 -36.84 -22.80
N VAL A 781 -78.44 -35.95 -23.14
CA VAL A 781 -77.29 -36.36 -23.94
C VAL A 781 -76.35 -37.24 -23.12
N LEU A 782 -76.36 -37.10 -21.80
CA LEU A 782 -75.54 -37.98 -20.96
C LEU A 782 -76.12 -39.38 -20.89
N GLU A 783 -77.46 -39.49 -20.87
CA GLU A 783 -78.08 -40.81 -20.88
C GLU A 783 -77.96 -41.49 -22.23
N ASN A 784 -77.87 -40.70 -23.31
CA ASN A 784 -77.77 -41.28 -24.65
C ASN A 784 -76.33 -41.67 -24.97
N THR A 785 -75.36 -40.89 -24.51
CA THR A 785 -73.97 -41.14 -24.88
C THR A 785 -73.33 -42.20 -23.99
N TYR A 786 -73.66 -42.22 -22.70
CA TYR A 786 -73.01 -43.11 -21.76
C TYR A 786 -73.95 -44.07 -21.04
N GLN A 787 -75.27 -43.91 -21.19
CA GLN A 787 -76.26 -44.72 -20.49
C GLN A 787 -76.09 -44.59 -18.97
N ALA A 788 -76.47 -43.42 -18.46
CA ALA A 788 -76.35 -43.09 -17.06
C ALA A 788 -77.72 -42.70 -16.50
N THR A 789 -77.77 -42.59 -15.17
CA THR A 789 -78.96 -42.13 -14.47
C THR A 789 -78.63 -40.85 -13.72
N LEU A 790 -79.56 -39.90 -13.76
CA LEU A 790 -79.31 -38.56 -13.25
C LEU A 790 -80.22 -38.27 -12.06
N ARG A 791 -79.87 -37.21 -11.33
CA ARG A 791 -80.66 -36.72 -10.20
C ARG A 791 -80.40 -35.22 -10.07
N ALA A 792 -80.91 -34.63 -9.00
CA ALA A 792 -80.73 -33.19 -8.77
C ALA A 792 -80.67 -32.87 -7.28
N MET B 1 -60.13 28.19 -22.41
CA MET B 1 -60.75 29.39 -22.95
C MET B 1 -61.46 29.10 -24.27
N LYS B 2 -62.65 29.67 -24.42
CA LYS B 2 -63.41 29.57 -25.66
C LYS B 2 -63.28 30.87 -26.45
N ILE B 3 -63.05 30.73 -27.75
CA ILE B 3 -63.00 31.87 -28.67
C ILE B 3 -63.69 31.48 -29.96
N SER B 4 -64.41 32.41 -30.56
CA SER B 4 -65.02 32.16 -31.86
C SER B 4 -63.96 32.21 -32.94
N GLU B 5 -63.93 31.17 -33.79
CA GLU B 5 -62.89 31.09 -34.82
C GLU B 5 -62.98 32.23 -35.82
N ASN B 6 -64.20 32.68 -36.14
CA ASN B 6 -64.34 33.80 -37.05
C ASN B 6 -63.75 35.08 -36.47
N TRP B 7 -63.92 35.30 -35.17
CA TRP B 7 -63.29 36.44 -34.51
C TRP B 7 -61.77 36.32 -34.56
N LEU B 8 -61.24 35.10 -34.41
CA LEU B 8 -59.80 34.90 -34.48
C LEU B 8 -59.28 35.17 -35.88
N ARG B 9 -60.01 34.73 -36.91
CA ARG B 9 -59.54 34.87 -38.28
C ARG B 9 -59.63 36.31 -38.79
N THR B 10 -60.35 37.19 -38.09
CA THR B 10 -60.27 38.61 -38.41
C THR B 10 -58.91 39.20 -38.04
N TRP B 11 -58.20 38.56 -37.12
CA TRP B 11 -56.85 38.98 -36.75
C TRP B 11 -55.79 38.30 -37.60
N VAL B 12 -55.99 37.02 -37.93
CA VAL B 12 -55.07 36.29 -38.81
C VAL B 12 -55.83 35.15 -39.48
N ASN B 13 -55.82 35.12 -40.81
CA ASN B 13 -56.52 34.09 -41.57
C ASN B 13 -55.50 33.22 -42.30
N PRO B 14 -55.10 32.07 -41.74
CA PRO B 14 -54.04 31.28 -42.35
C PRO B 14 -54.43 30.55 -43.63
N ALA B 15 -55.68 30.68 -44.08
CA ALA B 15 -56.16 30.06 -45.31
C ALA B 15 -55.98 28.54 -45.28
N ILE B 16 -56.40 27.93 -44.16
CA ILE B 16 -56.39 26.48 -44.00
C ILE B 16 -57.69 26.08 -43.31
N ASP B 17 -57.98 24.78 -43.36
CA ASP B 17 -59.21 24.26 -42.78
C ASP B 17 -59.20 24.44 -41.26
N SER B 18 -60.40 24.37 -40.67
CA SER B 18 -60.53 24.60 -39.24
C SER B 18 -59.91 23.46 -38.42
N ASP B 19 -59.85 22.26 -38.97
CA ASP B 19 -59.21 21.15 -38.28
C ASP B 19 -57.71 21.38 -38.12
N THR B 20 -57.05 21.76 -39.22
CA THR B 20 -55.61 22.03 -39.16
C THR B 20 -55.32 23.23 -38.26
N LEU B 21 -56.22 24.20 -38.21
CA LEU B 21 -56.01 25.36 -37.35
C LEU B 21 -55.91 24.96 -35.89
N SER B 22 -56.78 24.05 -35.43
CA SER B 22 -56.71 23.58 -34.06
C SER B 22 -55.48 22.71 -33.84
N ASP B 23 -55.13 21.87 -34.81
CA ASP B 23 -53.94 21.04 -34.69
C ASP B 23 -52.67 21.88 -34.63
N GLN B 24 -52.68 23.05 -35.27
CA GLN B 24 -51.57 23.98 -35.11
C GLN B 24 -51.49 24.48 -33.67
N LEU B 25 -52.63 24.91 -33.12
CA LEU B 25 -52.66 25.37 -31.73
C LEU B 25 -52.26 24.26 -30.77
N THR B 26 -52.78 23.05 -31.00
CA THR B 26 -52.45 21.93 -30.13
C THR B 26 -50.96 21.61 -30.17
N MET B 27 -50.37 21.66 -31.36
CA MET B 27 -48.95 21.38 -31.50
C MET B 27 -48.05 22.54 -31.07
N LEU B 28 -48.63 23.70 -30.77
CA LEU B 28 -47.88 24.85 -30.26
C LEU B 28 -47.93 24.95 -28.75
N GLY B 29 -48.50 23.96 -28.07
CA GLY B 29 -48.63 23.97 -26.62
C GLY B 29 -49.97 24.41 -26.11
N LEU B 30 -50.90 24.77 -27.00
CA LEU B 30 -52.23 25.25 -26.62
C LEU B 30 -53.25 24.22 -27.09
N GLU B 31 -53.43 23.19 -26.28
CA GLU B 31 -54.25 22.04 -26.68
C GLU B 31 -55.71 22.45 -26.81
N VAL B 32 -56.28 22.15 -27.98
CA VAL B 32 -57.71 22.37 -28.21
C VAL B 32 -58.47 21.16 -27.69
N ASP B 33 -59.31 21.38 -26.68
CA ASP B 33 -60.11 20.28 -26.14
C ASP B 33 -61.35 19.98 -26.97
N GLU B 34 -61.84 20.96 -27.72
CA GLU B 34 -63.05 20.77 -28.52
C GLU B 34 -63.16 21.87 -29.56
N LEU B 35 -63.53 21.50 -30.78
CA LEU B 35 -63.85 22.43 -31.85
C LEU B 35 -65.18 22.02 -32.45
N ALA B 36 -66.24 22.72 -32.08
CA ALA B 36 -67.58 22.43 -32.58
C ALA B 36 -68.23 23.73 -33.05
N SER B 37 -69.23 23.58 -33.91
CA SER B 37 -69.96 24.73 -34.40
C SER B 37 -70.78 25.37 -33.28
N VAL B 38 -71.15 26.64 -33.49
CA VAL B 38 -71.94 27.36 -32.51
C VAL B 38 -73.28 26.67 -32.29
N ALA B 39 -73.89 26.18 -33.37
CA ALA B 39 -75.15 25.47 -33.30
C ALA B 39 -75.04 24.15 -34.06
N LYS B 40 -75.86 23.18 -33.67
CA LYS B 40 -75.85 21.89 -34.34
C LYS B 40 -76.43 22.03 -35.75
N PRO B 41 -76.06 21.14 -36.67
CA PRO B 41 -76.54 21.26 -38.04
C PRO B 41 -78.01 20.90 -38.17
N PHE B 42 -78.71 21.65 -39.03
CA PHE B 42 -80.10 21.36 -39.37
C PHE B 42 -80.35 21.84 -40.79
N THR B 43 -81.52 21.49 -41.32
CA THR B 43 -81.84 21.84 -42.70
C THR B 43 -81.99 23.34 -42.86
N GLY B 44 -81.94 23.80 -44.11
CA GLY B 44 -82.03 25.21 -44.41
C GLY B 44 -83.36 25.82 -44.03
N VAL B 45 -83.41 26.48 -42.88
CA VAL B 45 -84.61 27.19 -42.42
C VAL B 45 -84.29 28.66 -42.32
N VAL B 46 -85.32 29.49 -42.49
CA VAL B 46 -85.17 30.93 -42.59
C VAL B 46 -86.10 31.62 -41.59
N VAL B 47 -85.59 32.65 -40.93
CA VAL B 47 -86.42 33.50 -40.09
C VAL B 47 -87.38 34.28 -40.99
N GLY B 48 -88.67 34.08 -40.80
CA GLY B 48 -89.70 34.69 -41.62
C GLY B 48 -90.42 35.82 -40.91
N GLU B 49 -91.16 36.59 -41.71
CA GLU B 49 -91.94 37.72 -41.20
C GLU B 49 -93.41 37.33 -41.19
N VAL B 50 -94.02 37.38 -40.00
CA VAL B 50 -95.43 37.04 -39.86
C VAL B 50 -96.29 38.17 -40.45
N LEU B 51 -97.32 37.78 -41.20
CA LEU B 51 -98.20 38.74 -41.86
C LEU B 51 -99.49 38.97 -41.10
N THR B 52 -100.28 37.91 -40.89
CA THR B 52 -101.56 38.03 -40.23
C THR B 52 -101.77 36.87 -39.26
N VAL B 53 -102.75 37.02 -38.38
CA VAL B 53 -103.15 35.99 -37.43
C VAL B 53 -104.65 35.74 -37.60
N GLU B 54 -105.11 34.65 -37.00
CA GLU B 54 -106.50 34.22 -37.15
C GLU B 54 -107.17 33.95 -35.81
N GLN B 55 -106.64 34.50 -34.71
CA GLN B 55 -107.23 34.39 -33.38
C GLN B 55 -107.34 32.90 -33.01
N HIS B 56 -108.51 32.42 -32.58
CA HIS B 56 -108.72 31.03 -32.18
C HIS B 56 -107.74 30.62 -31.08
N PRO B 57 -107.95 31.07 -29.83
CA PRO B 57 -107.05 30.74 -28.71
C PRO B 57 -107.02 29.25 -28.40
N LEU B 62 -104.00 27.76 -28.90
CA LEU B 62 -103.15 27.95 -30.07
C LEU B 62 -103.49 29.25 -30.79
N ARG B 63 -102.97 29.40 -32.00
CA ARG B 63 -103.22 30.58 -32.83
C ARG B 63 -102.77 30.35 -34.26
N VAL B 64 -103.71 30.42 -35.21
CA VAL B 64 -103.38 30.26 -36.61
C VAL B 64 -102.86 31.59 -37.15
N THR B 65 -101.75 31.54 -37.88
CA THR B 65 -101.11 32.74 -38.40
C THR B 65 -100.56 32.47 -39.79
N THR B 66 -100.08 33.54 -40.43
CA THR B 66 -99.47 33.46 -41.75
C THR B 66 -98.09 34.09 -41.69
N VAL B 67 -97.09 33.39 -42.21
CA VAL B 67 -95.71 33.83 -42.18
C VAL B 67 -95.19 33.97 -43.60
N ASN B 68 -94.43 35.03 -43.85
CA ASN B 68 -93.85 35.31 -45.17
C ASN B 68 -92.37 34.97 -45.13
N ILE B 69 -91.96 33.98 -45.91
CA ILE B 69 -90.58 33.51 -45.93
C ILE B 69 -89.87 34.11 -47.13
N GLY B 70 -90.52 35.07 -47.79
CA GLY B 70 -89.93 35.73 -48.93
C GLY B 70 -89.83 34.88 -50.18
N SER B 71 -90.75 33.95 -50.37
CA SER B 71 -90.74 33.08 -51.54
C SER B 71 -92.17 32.64 -51.83
N GLY B 72 -92.75 33.16 -52.91
CA GLY B 72 -94.08 32.77 -53.32
C GLY B 72 -95.19 33.26 -52.42
N GLU B 73 -96.01 32.33 -51.93
CA GLU B 73 -97.15 32.62 -51.08
C GLU B 73 -96.79 32.45 -49.61
N PRO B 74 -97.34 33.29 -48.73
CA PRO B 74 -97.04 33.15 -47.30
C PRO B 74 -97.62 31.86 -46.74
N LEU B 75 -96.78 31.10 -46.03
CA LEU B 75 -97.19 29.81 -45.51
C LEU B 75 -98.18 29.97 -44.36
N GLN B 76 -98.97 28.93 -44.16
CA GLN B 76 -99.97 28.88 -43.08
C GLN B 76 -99.44 27.94 -42.01
N ILE B 77 -99.09 28.49 -40.85
CA ILE B 77 -98.52 27.75 -39.74
C ILE B 77 -99.38 27.98 -38.51
N VAL B 78 -99.81 26.90 -37.88
CA VAL B 78 -100.59 26.96 -36.64
C VAL B 78 -99.67 26.63 -35.48
N CYS B 79 -99.64 27.51 -34.47
CA CYS B 79 -98.78 27.33 -33.33
C CYS B 79 -99.44 27.92 -32.10
N GLY B 80 -98.87 27.61 -30.93
CA GLY B 80 -99.36 28.14 -29.68
C GLY B 80 -98.32 29.00 -28.98
N ALA B 81 -97.44 29.60 -29.78
CA ALA B 81 -96.38 30.44 -29.23
C ALA B 81 -96.97 31.72 -28.64
N PRO B 82 -96.85 31.95 -27.33
CA PRO B 82 -97.45 33.15 -26.72
C PRO B 82 -96.65 34.43 -26.92
N ASN B 83 -95.52 34.38 -27.63
CA ASN B 83 -94.71 35.57 -27.82
C ASN B 83 -95.39 36.53 -28.80
N VAL B 84 -94.77 37.68 -29.00
CA VAL B 84 -95.31 38.70 -29.90
C VAL B 84 -95.28 38.17 -31.32
N ARG B 85 -96.43 38.13 -31.97
CA ARG B 85 -96.54 37.64 -33.34
C ARG B 85 -97.34 38.65 -34.15
N ALA B 86 -97.82 38.24 -35.33
CA ALA B 86 -98.60 39.07 -36.24
C ALA B 86 -97.84 40.35 -36.59
N GLY B 87 -96.69 40.16 -37.22
CA GLY B 87 -95.84 41.28 -37.60
C GLY B 87 -94.41 41.13 -37.13
N MET B 88 -94.11 40.00 -36.49
CA MET B 88 -92.78 39.75 -35.96
C MET B 88 -91.92 39.02 -37.00
N LYS B 89 -90.61 39.06 -36.77
CA LYS B 89 -89.63 38.37 -37.60
C LYS B 89 -89.01 37.27 -36.74
N ALA B 90 -89.58 36.07 -36.83
CA ALA B 90 -89.17 34.95 -36.00
C ALA B 90 -88.74 33.76 -36.86
N PRO B 91 -87.88 32.89 -36.34
CA PRO B 91 -87.51 31.69 -37.09
C PRO B 91 -88.67 30.72 -37.21
N VAL B 92 -88.69 29.97 -38.31
CA VAL B 92 -89.72 28.97 -38.56
C VAL B 92 -89.19 27.95 -39.56
N ALA B 93 -89.40 26.67 -39.26
CA ALA B 93 -88.97 25.59 -40.14
C ALA B 93 -89.94 25.49 -41.32
N THR B 94 -89.42 25.62 -42.53
CA THR B 94 -90.25 25.52 -43.73
C THR B 94 -90.88 24.14 -43.84
N ILE B 95 -90.04 23.11 -43.97
CA ILE B 95 -90.50 21.72 -44.05
C ILE B 95 -89.32 20.79 -43.82
N GLY B 96 -89.50 19.79 -42.98
CA GLY B 96 -88.46 18.81 -42.73
C GLY B 96 -88.50 18.34 -41.28
N ALA B 97 -87.38 17.76 -40.86
CA ALA B 97 -87.26 17.23 -39.50
C ALA B 97 -85.77 17.12 -39.20
N VAL B 98 -85.22 18.13 -38.52
CA VAL B 98 -83.78 18.24 -38.33
C VAL B 98 -83.44 18.75 -36.94
N LEU B 99 -84.45 19.08 -36.16
CA LEU B 99 -84.22 19.56 -34.80
C LEU B 99 -83.52 18.48 -33.99
N PRO B 100 -82.64 18.86 -33.06
CA PRO B 100 -81.90 17.86 -32.27
C PRO B 100 -82.81 16.89 -31.51
N GLY B 101 -84.01 17.33 -31.13
CA GLY B 101 -84.93 16.46 -30.43
C GLY B 101 -86.37 16.68 -30.83
N ASP B 102 -86.61 16.99 -32.09
CA ASP B 102 -87.96 17.23 -32.60
C ASP B 102 -87.98 16.93 -34.09
N PHE B 103 -89.09 17.27 -34.74
CA PHE B 103 -89.25 17.02 -36.16
C PHE B 103 -89.94 18.20 -36.86
N VAL B 113 -106.21 25.11 -44.44
CA VAL B 113 -104.81 25.40 -44.13
C VAL B 113 -104.19 24.24 -43.35
N GLU B 114 -103.61 23.28 -44.09
CA GLU B 114 -102.97 22.14 -43.45
C GLU B 114 -101.73 22.59 -42.68
N SER B 115 -101.62 22.14 -41.44
CA SER B 115 -100.49 22.51 -40.58
C SER B 115 -99.18 22.00 -41.17
N GLN B 116 -98.34 22.91 -41.64
CA GLN B 116 -97.06 22.58 -42.27
C GLN B 116 -95.97 23.33 -41.52
N GLY B 117 -95.45 22.71 -40.47
CA GLY B 117 -94.35 23.27 -39.69
C GLY B 117 -94.82 23.94 -38.42
N MET B 118 -93.84 24.39 -37.64
CA MET B 118 -94.08 25.06 -36.38
C MET B 118 -93.23 26.32 -36.31
N LEU B 119 -93.82 27.41 -35.81
CA LEU B 119 -93.08 28.63 -35.57
C LEU B 119 -91.92 28.33 -34.62
N CYS B 120 -90.71 28.33 -35.14
CA CYS B 120 -89.56 27.81 -34.41
C CYS B 120 -89.33 28.58 -33.12
N GLY B 121 -89.00 27.84 -32.06
CA GLY B 121 -88.81 28.43 -30.75
C GLY B 121 -87.40 28.93 -30.51
N ALA B 122 -87.23 29.61 -29.36
CA ALA B 122 -85.92 30.11 -29.00
C ALA B 122 -84.97 28.98 -28.62
N SER B 123 -85.47 27.97 -27.93
CA SER B 123 -84.67 26.82 -27.54
C SER B 123 -84.74 25.76 -28.64
N GLU B 124 -84.25 24.55 -28.33
CA GLU B 124 -84.23 23.41 -29.24
C GLU B 124 -83.37 23.65 -30.48
N ILE B 125 -82.56 24.69 -30.50
CA ILE B 125 -81.63 24.98 -31.59
C ILE B 125 -80.18 24.93 -31.11
N ASP B 126 -79.96 24.34 -29.93
CA ASP B 126 -78.63 24.17 -29.34
C ASP B 126 -77.91 25.49 -29.10
N LEU B 127 -78.66 26.59 -29.05
CA LEU B 127 -78.06 27.91 -28.81
C LEU B 127 -79.18 28.84 -28.36
N GLU B 128 -79.31 29.04 -27.06
CA GLU B 128 -80.35 29.90 -26.50
C GLU B 128 -79.89 30.55 -25.20
N ASP B 132 -88.80 32.78 -22.82
CA ASP B 132 -89.85 33.07 -23.77
C ASP B 132 -89.73 32.21 -25.01
N GLY B 133 -90.80 31.48 -25.34
CA GLY B 133 -90.79 30.63 -26.51
C GLY B 133 -91.01 31.41 -27.80
N LEU B 134 -90.35 30.94 -28.86
CA LEU B 134 -90.41 31.55 -30.19
C LEU B 134 -89.96 33.02 -30.14
N LEU B 135 -88.65 33.17 -29.96
CA LEU B 135 -88.04 34.49 -29.90
C LEU B 135 -87.91 35.07 -31.31
N GLU B 136 -88.56 36.21 -31.54
CA GLU B 136 -88.44 36.89 -32.81
C GLU B 136 -87.10 37.59 -32.92
N LEU B 137 -86.59 37.68 -34.16
CA LEU B 137 -85.36 38.40 -34.40
C LEU B 137 -85.56 39.89 -34.13
N PRO B 138 -84.48 40.61 -33.81
CA PRO B 138 -84.62 42.04 -33.50
C PRO B 138 -85.13 42.84 -34.68
N ALA B 139 -84.32 42.95 -35.72
CA ALA B 139 -84.71 43.68 -36.93
C ALA B 139 -83.89 43.12 -38.10
N ASP B 140 -83.95 43.80 -39.24
CA ASP B 140 -83.23 43.41 -40.44
C ASP B 140 -83.57 41.98 -40.84
N ALA B 141 -84.87 41.72 -41.00
CA ALA B 141 -85.35 40.38 -41.30
C ALA B 141 -84.93 39.97 -42.71
N PRO B 142 -84.13 38.92 -42.87
CA PRO B 142 -83.78 38.47 -44.22
C PRO B 142 -84.91 37.67 -44.85
N VAL B 143 -85.11 37.89 -46.15
CA VAL B 143 -86.19 37.25 -46.89
C VAL B 143 -85.59 36.04 -47.60
N GLY B 144 -85.65 34.88 -46.95
CA GLY B 144 -85.20 33.64 -47.53
C GLY B 144 -83.81 33.20 -47.11
N VAL B 145 -83.02 34.08 -46.52
CA VAL B 145 -81.66 33.74 -46.15
C VAL B 145 -81.65 32.76 -44.98
N ASN B 146 -80.75 31.79 -45.04
CA ASN B 146 -80.64 30.79 -43.98
C ASN B 146 -80.32 31.46 -42.65
N ILE B 147 -81.00 31.03 -41.59
CA ILE B 147 -80.79 31.62 -40.27
C ILE B 147 -79.36 31.37 -39.79
N ARG B 148 -78.74 30.28 -40.25
CA ARG B 148 -77.38 29.99 -39.85
C ARG B 148 -76.40 31.02 -40.38
N GLU B 149 -76.73 31.68 -41.49
CA GLU B 149 -75.88 32.73 -42.05
C GLU B 149 -76.20 34.10 -41.46
N TYR B 150 -77.45 34.33 -41.06
CA TYR B 150 -77.81 35.62 -40.47
C TYR B 150 -77.23 35.77 -39.08
N LEU B 151 -77.29 34.72 -38.26
CA LEU B 151 -76.75 34.74 -36.91
C LEU B 151 -75.35 34.18 -36.83
N LYS B 152 -74.74 33.83 -37.97
CA LYS B 152 -73.40 33.23 -38.01
C LYS B 152 -73.34 31.97 -37.15
N LEU B 153 -74.32 31.09 -37.33
CA LEU B 153 -74.42 29.88 -36.51
C LEU B 153 -73.42 28.80 -36.93
N ASP B 154 -72.83 28.92 -38.13
CA ASP B 154 -71.83 27.96 -38.57
C ASP B 154 -70.42 28.33 -38.12
N ASP B 155 -70.29 29.35 -37.28
CA ASP B 155 -69.01 29.68 -36.69
C ASP B 155 -68.57 28.57 -35.74
N ASN B 156 -67.26 28.49 -35.51
CA ASN B 156 -66.68 27.48 -34.65
C ASN B 156 -66.25 28.11 -33.32
N VAL B 157 -66.38 27.33 -32.25
CA VAL B 157 -65.96 27.73 -30.91
C VAL B 157 -64.79 26.84 -30.52
N ILE B 158 -63.59 27.41 -30.54
CA ILE B 158 -62.37 26.66 -30.21
C ILE B 158 -62.15 26.72 -28.70
N ASP B 159 -62.07 25.56 -28.07
CA ASP B 159 -61.91 25.46 -26.62
C ASP B 159 -60.44 25.23 -26.31
N ILE B 160 -59.69 26.32 -26.14
CA ILE B 160 -58.27 26.24 -25.89
C ILE B 160 -58.02 25.92 -24.42
N SER B 161 -56.94 25.18 -24.16
CA SER B 161 -56.50 24.87 -22.80
C SER B 161 -55.09 25.44 -22.64
N ILE B 162 -54.97 26.56 -21.95
CA ILE B 162 -53.72 27.29 -21.82
C ILE B 162 -53.07 26.92 -20.50
N THR B 163 -51.79 26.56 -20.54
CA THR B 163 -51.02 26.30 -19.34
C THR B 163 -50.71 27.62 -18.63
N PRO B 164 -50.43 27.57 -17.32
CA PRO B 164 -50.20 28.82 -16.57
C PRO B 164 -48.97 29.60 -17.00
N ASN B 165 -48.11 29.05 -17.86
CA ASN B 165 -46.94 29.79 -18.30
C ASN B 165 -47.24 30.71 -19.47
N ARG B 166 -48.33 30.47 -20.19
CA ARG B 166 -48.69 31.30 -21.35
C ARG B 166 -49.82 32.25 -20.97
N GLY B 167 -49.48 33.18 -20.07
CA GLY B 167 -50.45 34.17 -19.61
C GLY B 167 -50.90 35.11 -20.70
N ASP B 168 -50.13 35.24 -21.78
CA ASP B 168 -50.48 36.14 -22.87
C ASP B 168 -51.53 35.55 -23.80
N CYS B 169 -51.67 34.23 -23.83
CA CYS B 169 -52.58 33.57 -24.77
C CYS B 169 -54.02 33.51 -24.28
N PHE B 170 -54.37 34.29 -23.25
CA PHE B 170 -55.73 34.31 -22.71
C PHE B 170 -56.63 35.30 -23.45
N SER B 171 -56.39 35.52 -24.73
CA SER B 171 -57.16 36.51 -25.49
C SER B 171 -57.02 36.23 -26.97
N ILE B 172 -57.84 36.92 -27.76
CA ILE B 172 -57.73 36.84 -29.21
C ILE B 172 -56.37 37.34 -29.66
N ARG B 173 -55.90 38.44 -29.07
CA ARG B 173 -54.58 38.97 -29.41
C ARG B 173 -53.47 37.98 -29.11
N GLY B 174 -53.61 37.19 -28.05
CA GLY B 174 -52.60 36.19 -27.74
C GLY B 174 -52.66 34.99 -28.66
N ILE B 175 -53.87 34.52 -28.97
CA ILE B 175 -54.02 33.37 -29.87
C ILE B 175 -53.61 33.75 -31.28
N ALA B 176 -54.01 34.93 -31.74
CA ALA B 176 -53.69 35.35 -33.11
C ALA B 176 -52.19 35.47 -33.32
N ARG B 177 -51.45 35.89 -32.28
CA ARG B 177 -50.00 35.94 -32.39
C ARG B 177 -49.42 34.56 -32.56
N GLU B 178 -50.04 33.53 -31.97
CA GLU B 178 -49.55 32.17 -32.11
C GLU B 178 -49.84 31.62 -33.50
N VAL B 179 -51.07 31.82 -33.99
CA VAL B 179 -51.43 31.34 -35.32
C VAL B 179 -50.62 32.06 -36.39
N ALA B 180 -50.30 33.34 -36.18
CA ALA B 180 -49.53 34.09 -37.17
C ALA B 180 -48.09 33.62 -37.24
N VAL B 181 -47.51 33.22 -36.10
CA VAL B 181 -46.12 32.78 -36.10
C VAL B 181 -45.97 31.43 -36.77
N ILE B 182 -46.90 30.51 -36.51
CA ILE B 182 -46.78 29.17 -37.06
C ILE B 182 -47.08 29.17 -38.56
N ASN B 183 -47.87 30.13 -39.04
CA ASN B 183 -48.18 30.24 -40.45
C ASN B 183 -47.39 31.33 -41.16
N GLN B 184 -46.47 31.99 -40.46
CA GLN B 184 -45.59 33.01 -41.04
C GLN B 184 -46.39 34.16 -41.65
N LEU B 185 -47.43 34.58 -40.94
CA LEU B 185 -48.23 35.74 -41.32
C LEU B 185 -48.01 36.85 -40.29
N GLN B 186 -48.61 38.01 -40.57
CA GLN B 186 -48.55 39.16 -39.68
C GLN B 186 -49.97 39.53 -39.27
N MET B 187 -50.17 39.72 -37.97
CA MET B 187 -51.52 39.87 -37.42
C MET B 187 -52.19 41.12 -37.95
N ASN B 188 -53.48 41.00 -38.27
CA ASN B 188 -54.30 42.16 -38.63
C ASN B 188 -54.80 42.81 -37.35
N GLU B 189 -53.88 43.48 -36.67
CA GLU B 189 -54.20 44.16 -35.42
C GLU B 189 -55.10 45.36 -35.72
N PRO B 190 -56.31 45.41 -35.18
CA PRO B 190 -57.23 46.52 -35.51
C PRO B 190 -56.68 47.84 -34.99
N GLU B 191 -56.49 48.79 -35.89
CA GLU B 191 -55.96 50.09 -35.51
C GLU B 191 -56.93 50.81 -34.57
N ILE B 192 -56.48 51.08 -33.36
CA ILE B 192 -57.33 51.71 -32.35
C ILE B 192 -57.13 53.22 -32.39
N LYS B 193 -58.24 53.95 -32.37
CA LYS B 193 -58.22 55.41 -32.38
C LYS B 193 -58.46 55.92 -30.96
N SER B 194 -57.59 56.80 -30.50
CA SER B 194 -57.72 57.38 -29.17
C SER B 194 -58.80 58.45 -29.16
N VAL B 195 -59.37 58.67 -27.98
CA VAL B 195 -60.41 59.67 -27.77
C VAL B 195 -59.78 60.89 -27.11
N ASP B 196 -59.93 62.05 -27.73
CA ASP B 196 -59.38 63.27 -27.18
C ASP B 196 -60.22 63.75 -25.99
N ALA B 197 -59.56 64.46 -25.08
CA ALA B 197 -60.21 64.94 -23.87
C ALA B 197 -61.01 66.21 -24.17
N THR B 198 -62.33 66.13 -23.97
CA THR B 198 -63.20 67.29 -24.17
C THR B 198 -63.43 68.06 -22.88
N ILE B 199 -63.63 67.35 -21.77
CA ILE B 199 -63.80 67.98 -20.47
C ILE B 199 -62.52 67.75 -19.65
N THR B 200 -62.47 68.39 -18.47
CA THR B 200 -61.32 68.29 -17.56
C THR B 200 -61.86 68.15 -16.14
N ASP B 201 -62.33 66.96 -15.81
CA ASP B 201 -62.84 66.65 -14.48
C ASP B 201 -62.21 65.35 -13.97
N GLU B 202 -60.91 65.20 -14.15
CA GLU B 202 -60.24 63.96 -13.82
C GLU B 202 -60.16 63.76 -12.31
N LYS B 203 -59.87 62.53 -11.90
CA LYS B 203 -59.72 62.16 -10.51
C LYS B 203 -58.24 61.99 -10.17
N LYS B 204 -57.96 61.92 -8.87
CA LYS B 204 -56.61 61.73 -8.38
C LYS B 204 -56.42 60.26 -8.00
N VAL B 205 -55.29 59.68 -8.42
CA VAL B 205 -54.97 58.29 -8.16
C VAL B 205 -53.64 58.23 -7.42
N VAL B 206 -53.63 57.53 -6.30
CA VAL B 206 -52.44 57.36 -5.47
C VAL B 206 -52.21 55.87 -5.27
N ILE B 207 -50.98 55.42 -5.51
CA ILE B 207 -50.61 54.01 -5.40
C ILE B 207 -49.88 53.83 -4.07
N ASN B 208 -50.57 53.26 -3.08
CA ASN B 208 -49.98 53.02 -1.77
C ASN B 208 -49.20 51.71 -1.70
N THR B 209 -49.32 50.85 -2.70
CA THR B 209 -48.68 49.54 -2.69
C THR B 209 -47.70 49.43 -3.85
N ASP B 210 -47.09 48.26 -3.98
CA ASP B 210 -46.16 47.97 -5.06
C ASP B 210 -46.70 46.97 -6.08
N GLY B 211 -47.85 46.35 -5.79
CA GLY B 211 -48.46 45.40 -6.70
C GLY B 211 -49.25 46.00 -7.85
N ALA B 212 -49.24 47.32 -7.99
CA ALA B 212 -49.91 48.00 -9.10
C ALA B 212 -49.00 49.10 -9.61
N PRO B 213 -47.95 48.75 -10.36
CA PRO B 213 -47.00 49.76 -10.84
C PRO B 213 -47.52 50.61 -11.99
N ARG B 214 -48.72 50.37 -12.48
CA ARG B 214 -49.30 51.17 -13.55
C ARG B 214 -50.81 51.16 -13.41
N TYR B 215 -51.38 52.32 -13.10
CA TYR B 215 -52.82 52.48 -12.96
C TYR B 215 -53.28 53.61 -13.86
N LEU B 216 -54.32 53.35 -14.66
CA LEU B 216 -54.89 54.35 -15.54
C LEU B 216 -56.37 54.52 -15.22
N GLY B 217 -56.79 55.76 -15.02
CA GLY B 217 -58.19 56.06 -14.74
C GLY B 217 -58.67 57.22 -15.57
N ARG B 218 -59.87 57.07 -16.14
CA ARG B 218 -60.49 58.12 -16.94
C ARG B 218 -61.93 58.32 -16.45
N VAL B 219 -62.36 59.57 -16.44
CA VAL B 219 -63.70 59.94 -16.01
C VAL B 219 -64.55 60.21 -17.24
N ILE B 220 -65.72 59.58 -17.30
CA ILE B 220 -66.67 59.79 -18.38
C ILE B 220 -68.03 60.05 -17.76
N LYS B 221 -68.65 61.16 -18.15
CA LYS B 221 -69.91 61.61 -17.56
C LYS B 221 -71.06 61.49 -18.55
N ASN B 222 -72.26 61.27 -18.02
CA ASN B 222 -73.50 61.22 -18.78
C ASN B 222 -73.45 60.13 -19.86
N VAL B 223 -73.41 58.90 -19.38
CA VAL B 223 -73.39 57.72 -20.24
C VAL B 223 -74.74 57.04 -20.18
N ASN B 224 -75.14 56.43 -21.30
CA ASN B 224 -76.39 55.70 -21.39
C ASN B 224 -76.13 54.25 -20.96
N VAL B 225 -76.24 54.00 -19.65
CA VAL B 225 -75.92 52.69 -19.10
C VAL B 225 -77.02 51.66 -19.31
N LYS B 226 -78.17 52.06 -19.87
CA LYS B 226 -79.33 51.20 -19.94
C LYS B 226 -79.74 50.83 -21.37
N ALA B 227 -78.90 51.11 -22.37
CA ALA B 227 -79.28 50.83 -23.75
C ALA B 227 -78.04 50.74 -24.63
N ALA B 228 -77.84 49.57 -25.25
CA ALA B 228 -76.92 49.34 -26.36
C ALA B 228 -76.91 47.87 -26.73
N THR B 229 -75.84 47.16 -26.37
CA THR B 229 -75.65 45.74 -26.61
C THR B 229 -75.77 45.42 -28.09
N PRO B 230 -74.74 45.70 -28.89
CA PRO B 230 -74.79 45.33 -30.31
C PRO B 230 -74.70 43.81 -30.48
N GLU B 231 -75.21 43.35 -31.63
CA GLU B 231 -75.28 41.92 -31.88
C GLU B 231 -73.89 41.31 -32.04
N TRP B 232 -72.95 42.05 -32.64
CA TRP B 232 -71.62 41.51 -32.86
C TRP B 232 -70.85 41.35 -31.55
N MET B 233 -71.03 42.30 -30.62
CA MET B 233 -70.35 42.20 -29.33
C MET B 233 -71.02 41.19 -28.42
N GLU B 234 -72.33 41.00 -28.56
CA GLU B 234 -73.03 39.99 -27.75
C GLU B 234 -72.60 38.58 -28.15
N GLN B 235 -72.48 38.32 -29.46
CA GLN B 235 -72.09 37.00 -29.92
C GLN B 235 -70.63 36.70 -29.62
N ALA B 236 -69.76 37.69 -29.82
CA ALA B 236 -68.34 37.48 -29.53
C ALA B 236 -68.10 37.14 -28.07
N LEU B 237 -68.90 37.71 -27.17
CA LEU B 237 -68.79 37.37 -25.75
C LEU B 237 -69.49 36.06 -25.43
N ALA B 238 -70.66 35.82 -26.04
CA ALA B 238 -71.41 34.60 -25.75
C ALA B 238 -70.66 33.36 -26.23
N ARG B 239 -70.02 33.45 -27.39
CA ARG B 239 -69.24 32.32 -27.90
C ARG B 239 -67.93 32.13 -27.17
N SER B 240 -67.52 33.09 -26.34
CA SER B 240 -66.39 32.94 -25.44
C SER B 240 -66.82 32.55 -24.03
N GLY B 241 -68.12 32.37 -23.79
CA GLY B 241 -68.63 31.95 -22.50
C GLY B 241 -69.12 33.07 -21.60
N ILE B 242 -69.14 34.30 -22.09
CA ILE B 242 -69.51 35.46 -21.28
C ILE B 242 -70.90 35.92 -21.71
N ARG B 243 -71.83 35.97 -20.76
CA ARG B 243 -73.17 36.46 -21.02
C ARG B 243 -73.21 37.98 -20.86
N THR B 244 -74.29 38.58 -21.35
CA THR B 244 -74.44 40.03 -21.33
C THR B 244 -75.19 40.47 -20.07
N HIS B 245 -74.78 41.61 -19.53
CA HIS B 245 -75.41 42.19 -18.36
C HIS B 245 -75.83 43.62 -18.64
N SER B 246 -74.96 44.58 -18.34
CA SER B 246 -75.15 45.96 -18.75
C SER B 246 -74.30 46.22 -19.99
N ILE B 247 -74.07 47.49 -20.30
CA ILE B 247 -73.31 47.82 -21.50
C ILE B 247 -71.84 48.05 -21.19
N LEU B 248 -71.53 48.70 -20.07
CA LEU B 248 -70.14 48.97 -19.72
C LEU B 248 -69.42 47.67 -19.34
N VAL B 249 -70.09 46.77 -18.63
CA VAL B 249 -69.47 45.50 -18.29
C VAL B 249 -69.25 44.66 -19.55
N ASP B 250 -70.15 44.79 -20.54
CA ASP B 250 -69.93 44.10 -21.81
C ASP B 250 -68.74 44.69 -22.56
N VAL B 251 -68.58 46.00 -22.50
CA VAL B 251 -67.44 46.64 -23.15
C VAL B 251 -66.13 46.21 -22.49
N THR B 252 -66.11 46.17 -21.16
CA THR B 252 -64.90 45.74 -20.45
C THR B 252 -64.64 44.25 -20.64
N ASN B 253 -65.70 43.45 -20.79
CA ASN B 253 -65.50 42.03 -21.06
C ASN B 253 -65.02 41.79 -22.48
N TYR B 254 -65.48 42.60 -23.44
CA TYR B 254 -65.03 42.44 -24.82
C TYR B 254 -63.55 42.79 -24.97
N VAL B 255 -63.14 43.95 -24.43
CA VAL B 255 -61.74 44.33 -24.49
C VAL B 255 -60.87 43.38 -23.69
N LEU B 256 -61.45 42.69 -22.70
CA LEU B 256 -60.71 41.66 -21.99
C LEU B 256 -60.41 40.48 -22.91
N MET B 257 -61.42 40.01 -23.65
CA MET B 257 -61.22 38.87 -24.54
C MET B 257 -60.44 39.25 -25.79
N GLU B 258 -60.51 40.52 -26.21
CA GLU B 258 -59.87 40.93 -27.45
C GLU B 258 -58.37 41.15 -27.27
N LEU B 259 -57.99 41.94 -26.27
CA LEU B 259 -56.59 42.30 -26.08
C LEU B 259 -55.92 41.59 -24.92
N GLY B 260 -56.69 41.18 -23.91
CA GLY B 260 -56.15 40.50 -22.74
C GLY B 260 -56.09 41.35 -21.50
N GLN B 261 -56.37 42.65 -21.60
CA GLN B 261 -56.31 43.54 -20.44
C GLN B 261 -57.70 43.66 -19.83
N PRO B 262 -57.92 43.18 -18.61
CA PRO B 262 -59.22 43.37 -17.96
C PRO B 262 -59.40 44.80 -17.47
N MET B 263 -60.65 45.25 -17.49
CA MET B 263 -61.00 46.59 -17.07
C MET B 263 -62.28 46.55 -16.25
N HIS B 264 -62.54 47.66 -15.54
CA HIS B 264 -63.75 47.77 -14.73
C HIS B 264 -64.14 49.23 -14.63
N ALA B 265 -65.44 49.49 -14.64
CA ALA B 265 -65.99 50.83 -14.55
C ALA B 265 -66.71 51.01 -13.22
N PHE B 266 -66.48 52.14 -12.57
CA PHE B 266 -67.08 52.45 -11.28
C PHE B 266 -68.17 53.50 -11.45
N ASP B 267 -69.03 53.59 -10.43
CA ASP B 267 -69.99 54.68 -10.32
C ASP B 267 -69.27 55.88 -9.71
N LEU B 268 -69.05 56.93 -10.51
CA LEU B 268 -68.30 58.08 -10.03
C LEU B 268 -69.02 58.79 -8.88
N ALA B 269 -70.36 58.75 -8.87
CA ALA B 269 -71.11 59.36 -7.79
C ALA B 269 -70.97 58.61 -6.47
N LYS B 270 -70.30 57.45 -6.46
CA LYS B 270 -70.10 56.67 -5.24
C LYS B 270 -68.62 56.56 -4.87
N ILE B 271 -67.76 57.35 -5.48
CA ILE B 271 -66.34 57.41 -5.13
C ILE B 271 -66.10 58.78 -4.50
N GLU B 272 -65.87 58.80 -3.19
CA GLU B 272 -65.70 60.03 -2.44
C GLU B 272 -64.21 60.27 -2.20
N GLY B 273 -63.64 61.18 -2.97
CA GLY B 273 -62.26 61.60 -2.78
C GLY B 273 -61.28 60.88 -3.68
N THR B 274 -60.01 60.92 -3.26
CA THR B 274 -58.93 60.34 -4.03
C THR B 274 -59.09 58.82 -4.15
N VAL B 275 -58.78 58.30 -5.33
CA VAL B 275 -58.83 56.85 -5.56
C VAL B 275 -57.50 56.25 -5.14
N HIS B 276 -57.56 55.27 -4.24
CA HIS B 276 -56.37 54.63 -3.69
C HIS B 276 -56.33 53.17 -4.09
N VAL B 277 -55.17 52.71 -4.56
CA VAL B 277 -54.89 51.29 -4.75
C VAL B 277 -53.89 50.91 -3.67
N ARG B 278 -54.35 50.17 -2.67
CA ARG B 278 -53.59 49.91 -1.46
C ARG B 278 -53.83 48.47 -1.02
N GLN B 279 -53.13 48.08 0.05
CA GLN B 279 -53.41 46.82 0.71
C GLN B 279 -54.56 47.00 1.69
N ALA B 280 -55.42 45.99 1.78
CA ALA B 280 -56.61 46.09 2.59
C ALA B 280 -56.27 46.15 4.08
N LYS B 281 -57.09 46.89 4.82
CA LYS B 281 -56.93 46.97 6.26
C LYS B 281 -57.25 45.60 6.88
N PRO B 282 -56.70 45.31 8.07
CA PRO B 282 -56.93 44.00 8.69
C PRO B 282 -58.42 43.73 8.91
N GLN B 283 -58.91 42.67 8.27
CA GLN B 283 -60.31 42.27 8.34
C GLN B 283 -61.24 43.39 7.87
N GLU B 284 -60.84 44.07 6.79
CA GLU B 284 -61.65 45.13 6.22
C GLU B 284 -62.86 44.53 5.49
N LYS B 285 -64.04 45.01 5.83
CA LYS B 285 -65.27 44.47 5.26
C LYS B 285 -65.54 45.04 3.88
N LEU B 286 -66.19 44.24 3.04
CA LEU B 286 -66.53 44.66 1.68
C LEU B 286 -67.57 43.72 1.12
N GLN B 287 -68.61 44.28 0.50
CA GLN B 287 -69.65 43.50 -0.16
C GLN B 287 -69.39 43.52 -1.66
N LEU B 288 -69.13 42.35 -2.23
CA LEU B 288 -68.77 42.25 -3.63
C LEU B 288 -70.00 42.29 -4.53
N LEU B 289 -69.77 42.34 -5.84
CA LEU B 289 -70.85 42.45 -6.81
C LEU B 289 -71.78 41.26 -6.79
N ASN B 290 -71.30 40.09 -6.37
CA ASN B 290 -72.13 38.89 -6.24
C ASN B 290 -72.88 38.85 -4.90
N ASP B 291 -73.09 39.99 -4.27
CA ASP B 291 -73.76 40.14 -2.98
C ASP B 291 -73.05 39.39 -1.86
N GLN B 292 -71.83 38.91 -2.10
CA GLN B 292 -71.06 38.18 -1.09
C GLN B 292 -70.24 39.18 -0.27
N GLU B 293 -70.34 39.07 1.05
CA GLU B 293 -69.59 39.94 1.95
C GLU B 293 -68.39 39.18 2.49
N VAL B 294 -67.20 39.69 2.22
CA VAL B 294 -65.95 39.07 2.66
C VAL B 294 -65.17 40.06 3.51
N GLU B 295 -64.41 39.52 4.46
CA GLU B 295 -63.49 40.31 5.27
C GLU B 295 -62.07 40.04 4.76
N LEU B 296 -61.45 41.07 4.21
CA LEU B 296 -60.16 40.93 3.56
C LEU B 296 -59.04 40.78 4.60
N GLN B 297 -57.80 40.72 4.11
CA GLN B 297 -56.62 40.70 4.96
C GLN B 297 -55.62 41.72 4.44
N GLU B 298 -54.53 41.90 5.19
CA GLU B 298 -53.48 42.82 4.77
C GLU B 298 -52.64 42.27 3.62
N ASP B 299 -53.10 41.19 2.97
CA ASP B 299 -52.38 40.55 1.88
C ASP B 299 -53.02 40.76 0.52
N VAL B 300 -54.30 41.10 0.47
CA VAL B 300 -55.04 41.26 -0.79
C VAL B 300 -55.10 42.73 -1.14
N MET B 301 -54.77 43.06 -2.38
CA MET B 301 -54.87 44.43 -2.86
C MET B 301 -56.33 44.84 -3.00
N VAL B 302 -56.57 46.13 -2.80
CA VAL B 302 -57.93 46.68 -2.82
C VAL B 302 -57.91 48.03 -3.52
N ILE B 303 -59.04 48.38 -4.13
CA ILE B 303 -59.25 49.70 -4.73
C ILE B 303 -60.18 50.46 -3.81
N ALA B 304 -59.64 51.48 -3.14
CA ALA B 304 -60.39 52.21 -2.12
C ALA B 304 -60.30 53.72 -2.40
N ASP B 305 -61.09 54.48 -1.65
CA ASP B 305 -61.08 55.93 -1.68
C ASP B 305 -60.55 56.45 -0.34
N ASP B 306 -60.96 57.65 0.04
CA ASP B 306 -60.54 58.25 1.30
C ASP B 306 -61.39 57.82 2.50
N GLN B 307 -62.38 56.96 2.28
CA GLN B 307 -63.26 56.53 3.37
C GLN B 307 -63.46 55.03 3.37
N LYS B 308 -64.09 54.51 2.32
CA LYS B 308 -64.47 53.11 2.24
C LYS B 308 -63.56 52.36 1.25
N ALA B 309 -63.96 51.14 0.90
CA ALA B 309 -63.29 50.34 -0.10
C ALA B 309 -64.25 50.04 -1.23
N LEU B 310 -63.75 50.10 -2.46
CA LEU B 310 -64.60 49.97 -3.63
C LEU B 310 -64.56 48.59 -4.29
N ALA B 311 -63.37 47.99 -4.42
CA ALA B 311 -63.27 46.75 -5.17
C ALA B 311 -62.00 46.00 -4.79
N ILE B 312 -62.07 44.68 -4.86
CA ILE B 312 -60.88 43.85 -4.75
C ILE B 312 -60.08 44.00 -6.04
N ALA B 313 -58.86 44.53 -5.92
CA ALA B 313 -58.07 44.92 -7.09
C ALA B 313 -57.82 43.76 -8.04
N GLY B 314 -58.44 43.82 -9.23
CA GLY B 314 -58.19 42.87 -10.28
C GLY B 314 -58.94 41.55 -10.17
N ILE B 315 -59.88 41.44 -9.22
CA ILE B 315 -60.61 40.19 -9.05
C ILE B 315 -62.09 40.43 -9.26
N MET B 316 -62.73 41.18 -8.35
CA MET B 316 -64.14 41.47 -8.45
C MET B 316 -64.42 42.82 -7.81
N GLY B 317 -65.35 43.57 -8.41
CA GLY B 317 -65.77 44.85 -7.88
C GLY B 317 -66.72 44.70 -6.70
N GLY B 318 -67.04 45.84 -6.11
CA GLY B 318 -67.95 45.90 -4.98
C GLY B 318 -69.36 46.24 -5.41
N LEU B 319 -70.32 45.87 -4.57
CA LEU B 319 -71.73 46.14 -4.86
C LEU B 319 -72.03 47.63 -4.77
N ALA B 320 -71.29 48.37 -3.95
CA ALA B 320 -71.54 49.80 -3.78
C ALA B 320 -71.17 50.57 -5.04
N SER B 321 -69.92 50.45 -5.47
CA SER B 321 -69.41 51.20 -6.62
C SER B 321 -69.83 50.62 -7.96
N SER B 322 -70.73 49.64 -7.97
CA SER B 322 -71.17 49.04 -9.23
C SER B 322 -71.99 50.04 -10.04
N VAL B 323 -71.90 49.90 -11.37
CA VAL B 323 -72.64 50.76 -12.28
C VAL B 323 -74.05 50.19 -12.43
N THR B 324 -75.03 50.88 -11.87
CA THR B 324 -76.42 50.45 -11.92
C THR B 324 -77.17 51.24 -12.97
N ASP B 325 -78.49 51.00 -13.07
CA ASP B 325 -79.33 51.70 -14.03
C ASP B 325 -79.60 53.14 -13.63
N ASP B 326 -79.19 53.56 -12.43
CA ASP B 326 -79.32 54.94 -11.98
C ASP B 326 -77.99 55.68 -12.02
N THR B 327 -77.03 55.19 -12.79
CA THR B 327 -75.69 55.78 -12.86
C THR B 327 -75.62 56.78 -14.00
N THR B 328 -74.97 57.91 -13.74
CA THR B 328 -74.75 58.94 -14.75
C THR B 328 -73.27 59.18 -15.04
N ASP B 329 -72.43 59.24 -14.00
CA ASP B 329 -71.01 59.47 -14.16
C ASP B 329 -70.25 58.17 -13.86
N ILE B 330 -69.13 57.99 -14.56
CA ILE B 330 -68.41 56.72 -14.54
C ILE B 330 -66.90 56.98 -14.52
N PHE B 331 -66.19 56.20 -13.70
CA PHE B 331 -64.73 56.23 -13.64
C PHE B 331 -64.21 54.88 -14.15
N LEU B 332 -63.43 54.92 -15.22
CA LEU B 332 -62.94 53.71 -15.88
C LEU B 332 -61.55 53.36 -15.37
N GLU B 333 -61.41 52.16 -14.84
CA GLU B 333 -60.12 51.64 -14.39
C GLU B 333 -59.49 50.77 -15.47
N SER B 334 -58.19 50.97 -15.70
CA SER B 334 -57.43 50.17 -16.67
C SER B 334 -55.99 50.10 -16.15
N ALA B 335 -55.76 49.16 -15.23
CA ALA B 335 -54.48 49.07 -14.54
C ALA B 335 -53.81 47.72 -14.81
N PHE B 336 -52.51 47.69 -14.58
CA PHE B 336 -51.73 46.46 -14.60
C PHE B 336 -51.39 46.09 -13.16
N PHE B 337 -51.79 44.89 -12.74
CA PHE B 337 -51.52 44.40 -11.40
C PHE B 337 -50.46 43.30 -11.49
N ALA B 338 -49.49 43.36 -10.59
CA ALA B 338 -48.41 42.38 -10.60
C ALA B 338 -48.98 40.99 -10.30
N PRO B 339 -48.49 39.94 -10.98
CA PRO B 339 -49.06 38.61 -10.74
C PRO B 339 -48.76 38.07 -9.35
N LEU B 340 -47.56 38.34 -8.82
CA LEU B 340 -47.21 37.86 -7.48
C LEU B 340 -48.01 38.55 -6.38
N ALA B 341 -48.71 39.64 -6.68
CA ALA B 341 -49.55 40.34 -5.71
C ALA B 341 -51.02 39.99 -5.84
N ILE B 342 -51.38 39.11 -6.77
CA ILE B 342 -52.77 38.69 -6.95
C ILE B 342 -52.95 37.18 -6.81
N ALA B 343 -51.92 36.38 -7.04
CA ALA B 343 -52.08 34.93 -7.06
C ALA B 343 -52.59 34.40 -5.73
N GLY B 344 -53.69 33.65 -5.79
CA GLY B 344 -54.25 33.00 -4.63
C GLY B 344 -55.34 33.78 -3.92
N ARG B 345 -55.39 35.10 -4.08
CA ARG B 345 -56.37 35.90 -3.35
C ARG B 345 -57.79 35.61 -3.81
N ALA B 346 -57.98 35.36 -5.11
CA ALA B 346 -59.31 35.08 -5.63
C ALA B 346 -59.86 33.77 -5.06
N ARG B 347 -59.06 32.70 -5.16
CA ARG B 347 -59.47 31.41 -4.62
C ARG B 347 -59.68 31.45 -3.11
N ARG B 348 -59.03 32.40 -2.42
CA ARG B 348 -59.18 32.50 -0.98
C ARG B 348 -60.61 32.86 -0.59
N PHE B 349 -61.33 33.58 -1.45
CA PHE B 349 -62.72 33.94 -1.21
C PHE B 349 -63.69 33.14 -2.08
N GLY B 350 -63.22 32.03 -2.64
CA GLY B 350 -64.06 31.22 -3.52
C GLY B 350 -64.46 31.95 -4.78
N LEU B 351 -63.49 32.58 -5.44
CA LEU B 351 -63.73 33.35 -6.65
C LEU B 351 -62.79 32.91 -7.75
N HIS B 352 -63.33 32.80 -8.97
CA HIS B 352 -62.55 32.46 -10.17
C HIS B 352 -63.15 33.28 -11.33
N THR B 353 -62.71 34.53 -11.43
CA THR B 353 -63.20 35.45 -12.44
C THR B 353 -62.21 35.54 -13.60
N ASP B 354 -62.71 36.07 -14.72
CA ASP B 354 -61.85 36.25 -15.89
C ASP B 354 -60.72 37.23 -15.62
N SER B 355 -60.96 38.25 -14.80
CA SER B 355 -59.91 39.21 -14.49
C SER B 355 -58.87 38.62 -13.54
N SER B 356 -59.31 37.78 -12.60
CA SER B 356 -58.39 37.24 -11.61
C SER B 356 -57.40 36.27 -12.24
N GLN B 357 -57.90 35.32 -13.04
CA GLN B 357 -57.03 34.30 -13.61
C GLN B 357 -56.03 34.92 -14.59
N ARG B 358 -56.45 35.92 -15.35
CA ARG B 358 -55.53 36.55 -16.30
C ARG B 358 -54.45 37.33 -15.59
N TYR B 359 -54.80 38.01 -14.49
CA TYR B 359 -53.79 38.74 -13.73
C TYR B 359 -52.80 37.80 -13.05
N GLU B 360 -53.23 36.60 -12.67
CA GLU B 360 -52.34 35.67 -11.99
C GLU B 360 -51.28 35.12 -12.94
N ARG B 361 -51.66 34.83 -14.18
CA ARG B 361 -50.70 34.28 -15.14
C ARG B 361 -49.83 35.35 -15.77
N GLY B 362 -50.28 36.60 -15.80
CA GLY B 362 -49.49 37.68 -16.36
C GLY B 362 -50.17 38.40 -17.51
N VAL B 363 -50.51 39.67 -17.30
CA VAL B 363 -51.12 40.51 -18.33
C VAL B 363 -50.05 41.45 -18.87
N ASP B 364 -50.06 41.66 -20.19
CA ASP B 364 -49.12 42.58 -20.82
C ASP B 364 -49.23 43.96 -20.20
N PHE B 365 -48.14 44.40 -19.56
CA PHE B 365 -48.16 45.66 -18.81
C PHE B 365 -48.13 46.89 -19.70
N GLU B 366 -47.99 46.73 -21.01
CA GLU B 366 -48.05 47.85 -21.96
C GLU B 366 -49.44 48.02 -22.55
N LEU B 367 -50.44 47.33 -22.01
CA LEU B 367 -51.81 47.31 -22.51
C LEU B 367 -52.77 48.33 -21.87
N PRO B 368 -52.56 48.77 -20.62
CA PRO B 368 -53.53 49.74 -20.04
C PRO B 368 -53.87 50.92 -20.92
N VAL B 369 -52.88 51.59 -21.50
CA VAL B 369 -53.16 52.74 -22.37
C VAL B 369 -53.88 52.28 -23.64
N ILE B 370 -53.48 51.12 -24.18
CA ILE B 370 -54.13 50.62 -25.38
C ILE B 370 -55.55 50.18 -25.09
N ALA B 371 -55.76 49.49 -23.96
CA ALA B 371 -57.10 49.06 -23.60
C ALA B 371 -57.97 50.22 -23.16
N MET B 372 -57.36 51.27 -22.59
CA MET B 372 -58.13 52.46 -22.25
C MET B 372 -58.66 53.15 -23.50
N ASN B 373 -57.83 53.26 -24.54
CA ASN B 373 -58.29 53.84 -25.79
C ASN B 373 -59.34 52.97 -26.46
N ARG B 374 -59.20 51.66 -26.38
CA ARG B 374 -60.16 50.75 -27.01
C ARG B 374 -61.52 50.85 -26.35
N ALA B 375 -61.56 50.74 -25.03
CA ALA B 375 -62.84 50.81 -24.32
C ALA B 375 -63.46 52.19 -24.45
N SER B 376 -62.64 53.24 -24.47
CA SER B 376 -63.18 54.60 -24.61
C SER B 376 -63.80 54.80 -25.98
N GLN B 377 -63.09 54.43 -27.04
CA GLN B 377 -63.65 54.51 -28.39
C GLN B 377 -64.91 53.65 -28.50
N LEU B 378 -64.91 52.47 -27.90
CA LEU B 378 -66.09 51.62 -27.90
C LEU B 378 -67.22 52.26 -27.11
N ILE B 379 -66.90 52.87 -25.97
CA ILE B 379 -67.92 53.52 -25.15
C ILE B 379 -68.51 54.72 -25.89
N GLN B 380 -67.64 55.57 -26.47
CA GLN B 380 -68.11 56.73 -27.19
C GLN B 380 -68.97 56.35 -28.39
N GLU B 381 -68.69 55.20 -29.00
CA GLU B 381 -69.49 54.77 -30.15
C GLU B 381 -70.85 54.23 -29.70
N LEU B 382 -70.87 53.48 -28.60
CA LEU B 382 -72.10 52.85 -28.13
C LEU B 382 -72.85 53.68 -27.08
N ALA B 383 -72.16 54.60 -26.41
CA ALA B 383 -72.79 55.50 -25.44
C ALA B 383 -72.22 56.89 -25.64
N GLY B 384 -72.86 57.87 -25.01
CA GLY B 384 -72.41 59.25 -25.07
C GLY B 384 -71.67 59.63 -23.81
N GLY B 385 -70.93 60.73 -23.89
CA GLY B 385 -70.24 61.22 -22.71
C GLY B 385 -69.11 62.16 -23.06
N GLU B 386 -68.71 62.94 -22.05
CA GLU B 386 -67.55 63.82 -22.13
C GLU B 386 -66.35 63.11 -21.51
N PHE B 387 -65.34 62.85 -22.33
CA PHE B 387 -64.17 62.10 -21.90
C PHE B 387 -63.13 63.04 -21.31
N GLY B 388 -62.74 62.78 -20.07
CA GLY B 388 -61.69 63.54 -19.43
C GLY B 388 -60.32 62.96 -19.74
N PRO B 389 -59.27 63.62 -19.25
CA PRO B 389 -57.92 63.12 -19.49
C PRO B 389 -57.66 61.84 -18.71
N ILE B 390 -56.74 61.03 -19.24
CA ILE B 390 -56.39 59.76 -18.60
C ILE B 390 -55.38 60.04 -17.48
N THR B 391 -55.75 59.66 -16.25
CA THR B 391 -54.88 59.84 -15.10
C THR B 391 -53.92 58.66 -15.03
N VAL B 392 -52.63 58.93 -15.25
CA VAL B 392 -51.61 57.88 -15.29
C VAL B 392 -50.88 57.87 -13.95
N ALA B 393 -51.16 56.85 -13.15
CA ALA B 393 -50.42 56.60 -11.91
C ALA B 393 -49.47 55.45 -12.19
N GLU B 394 -48.19 55.78 -12.40
CA GLU B 394 -47.21 54.81 -12.84
C GLU B 394 -45.96 54.91 -11.97
N LYS B 395 -45.54 53.80 -11.39
CA LYS B 395 -44.28 53.71 -10.66
C LYS B 395 -43.34 52.85 -11.50
N SER B 396 -42.59 53.49 -12.39
CA SER B 396 -41.65 52.78 -13.24
C SER B 396 -40.52 52.18 -12.40
N ASP B 397 -39.69 51.38 -13.05
CA ASP B 397 -38.63 50.59 -12.42
C ASP B 397 -39.23 49.52 -11.51
N LEU B 398 -40.54 49.55 -11.31
CA LEU B 398 -41.28 48.49 -10.64
C LEU B 398 -42.06 47.62 -11.61
N LEU B 399 -42.11 47.99 -12.89
CA LEU B 399 -42.74 47.18 -13.91
C LEU B 399 -41.93 45.91 -14.15
N PRO B 400 -42.53 44.89 -14.77
CA PRO B 400 -41.79 43.65 -15.06
C PRO B 400 -40.56 43.92 -15.91
N LYS B 401 -39.40 43.50 -15.40
CA LYS B 401 -38.15 43.68 -16.11
C LYS B 401 -38.04 42.69 -17.26
N ARG B 402 -37.67 43.19 -18.43
CA ARG B 402 -37.42 42.32 -19.59
C ARG B 402 -35.97 42.43 -20.03
N GLU B 403 -35.05 42.06 -19.13
CA GLU B 403 -33.63 42.15 -19.43
C GLU B 403 -33.25 41.19 -20.55
N ALA B 404 -32.21 41.54 -21.29
CA ALA B 404 -31.73 40.70 -22.37
C ALA B 404 -31.21 39.37 -21.83
N ILE B 405 -31.35 38.32 -22.63
CA ILE B 405 -30.97 36.97 -22.25
C ILE B 405 -29.88 36.50 -23.21
N GLU B 406 -28.72 36.14 -22.65
CA GLU B 406 -27.66 35.56 -23.46
C GLU B 406 -28.10 34.21 -24.00
N LEU B 407 -27.76 33.93 -25.25
CA LEU B 407 -28.16 32.69 -25.90
C LEU B 407 -27.14 32.35 -26.98
N LYS B 408 -26.42 31.26 -26.79
CA LYS B 408 -25.43 30.80 -27.75
C LYS B 408 -26.01 29.69 -28.63
N GLN B 409 -25.44 29.55 -29.82
CA GLN B 409 -25.86 28.47 -30.71
C GLN B 409 -25.39 27.11 -30.21
N ALA B 410 -24.32 27.06 -29.42
CA ALA B 410 -23.88 25.80 -28.83
C ALA B 410 -24.82 25.32 -27.73
N GLN B 411 -25.59 26.24 -27.13
CA GLN B 411 -26.53 25.85 -26.07
C GLN B 411 -27.74 25.13 -26.65
N VAL B 412 -28.32 25.68 -27.73
CA VAL B 412 -29.49 25.05 -28.33
C VAL B 412 -29.12 23.71 -28.96
N ASP B 413 -27.87 23.56 -29.41
CA ASP B 413 -27.43 22.30 -29.98
C ASP B 413 -27.34 21.20 -28.92
N GLN B 414 -26.77 21.52 -27.76
CA GLN B 414 -26.59 20.50 -26.73
C GLN B 414 -27.88 20.22 -25.99
N LEU B 415 -28.78 21.20 -25.88
CA LEU B 415 -30.00 21.02 -25.12
C LEU B 415 -31.09 20.35 -25.95
N LEU B 416 -31.07 20.53 -27.26
CA LEU B 416 -32.04 19.89 -28.14
C LEU B 416 -31.54 18.55 -28.68
N GLY B 417 -30.23 18.33 -28.73
CA GLY B 417 -29.67 17.12 -29.27
C GLY B 417 -29.43 17.13 -30.76
N TYR B 418 -30.08 18.04 -31.49
CA TYR B 418 -29.89 18.19 -32.92
C TYR B 418 -29.60 19.65 -33.23
N LYS B 419 -29.24 19.92 -34.48
CA LYS B 419 -28.83 21.26 -34.90
C LYS B 419 -29.96 21.92 -35.68
N VAL B 420 -30.43 23.06 -35.17
CA VAL B 420 -31.41 23.89 -35.86
C VAL B 420 -30.66 25.02 -36.55
N ALA B 421 -31.08 25.36 -37.76
CA ALA B 421 -30.42 26.40 -38.53
C ALA B 421 -30.48 27.73 -37.78
N ALA B 422 -29.35 28.44 -37.77
CA ALA B 422 -29.30 29.74 -37.10
C ALA B 422 -30.28 30.73 -37.72
N GLU B 423 -30.58 30.57 -39.01
CA GLU B 423 -31.60 31.40 -39.63
C GLU B 423 -32.96 31.20 -38.96
N PHE B 424 -33.29 29.95 -38.62
CA PHE B 424 -34.58 29.67 -38.00
C PHE B 424 -34.62 30.18 -36.56
N ILE B 425 -33.51 30.04 -35.83
CA ILE B 425 -33.48 30.46 -34.43
C ILE B 425 -33.77 31.95 -34.30
N THR B 426 -33.10 32.77 -35.10
CA THR B 426 -33.32 34.21 -35.05
C THR B 426 -34.70 34.57 -35.57
N ASP B 427 -35.17 33.86 -36.61
CA ASP B 427 -36.48 34.16 -37.18
C ASP B 427 -37.60 33.76 -36.25
N ALA B 428 -37.51 32.56 -35.66
CA ALA B 428 -38.58 32.10 -34.78
C ALA B 428 -38.73 32.98 -33.54
N LEU B 429 -37.60 33.40 -32.96
CA LEU B 429 -37.66 34.27 -31.79
C LEU B 429 -38.19 35.65 -32.16
N THR B 430 -37.83 36.15 -33.34
CA THR B 430 -38.29 37.48 -33.75
C THR B 430 -39.80 37.50 -33.97
N ARG B 431 -40.34 36.48 -34.63
CA ARG B 431 -41.79 36.44 -34.85
C ARG B 431 -42.57 36.38 -33.54
N LEU B 432 -41.98 35.77 -32.51
CA LEU B 432 -42.60 35.74 -31.19
C LEU B 432 -42.48 37.06 -30.45
N GLY B 433 -41.86 38.08 -31.05
CA GLY B 433 -41.79 39.40 -30.47
C GLY B 433 -40.51 39.72 -29.73
N CYS B 434 -39.39 39.08 -30.07
CA CYS B 434 -38.13 39.27 -29.36
C CYS B 434 -37.19 40.16 -30.17
N GLU B 435 -36.47 41.02 -29.46
CA GLU B 435 -35.46 41.90 -30.07
C GLU B 435 -34.11 41.21 -29.94
N VAL B 436 -33.78 40.38 -30.94
CA VAL B 436 -32.55 39.62 -30.94
C VAL B 436 -31.51 40.37 -31.76
N THR B 437 -30.37 40.68 -31.15
CA THR B 437 -29.26 41.34 -31.81
C THR B 437 -28.07 40.40 -31.81
N VAL B 438 -27.52 40.13 -33.00
CA VAL B 438 -26.42 39.20 -33.16
C VAL B 438 -25.13 39.82 -32.61
N GLN B 439 -24.85 39.59 -31.33
CA GLN B 439 -23.63 40.13 -30.74
C GLN B 439 -22.43 39.35 -31.25
N ALA B 440 -21.35 40.08 -31.55
CA ALA B 440 -20.11 39.50 -32.07
C ALA B 440 -20.38 38.60 -33.26
N ASN B 441 -20.29 37.29 -33.05
CA ASN B 441 -20.53 36.32 -34.11
C ASN B 441 -20.99 35.01 -33.50
N GLY B 442 -22.11 34.48 -34.00
CA GLY B 442 -22.65 33.22 -33.54
C GLY B 442 -23.40 33.28 -32.22
N GLU B 443 -23.35 34.40 -31.51
CA GLU B 443 -24.03 34.56 -30.24
C GLU B 443 -25.08 35.65 -30.33
N TRP B 444 -26.12 35.55 -29.51
CA TRP B 444 -27.26 36.45 -29.58
C TRP B 444 -27.56 37.04 -28.21
N SER B 445 -28.28 38.16 -28.23
CA SER B 445 -28.80 38.82 -27.03
C SER B 445 -30.28 39.06 -27.28
N VAL B 446 -31.13 38.23 -26.67
CA VAL B 446 -32.56 38.21 -26.97
C VAL B 446 -33.29 38.99 -25.88
N VAL B 447 -34.07 39.97 -26.29
CA VAL B 447 -34.90 40.77 -25.40
C VAL B 447 -36.33 40.28 -25.50
N PRO B 448 -36.92 39.73 -24.44
CA PRO B 448 -38.27 39.18 -24.55
C PRO B 448 -39.29 40.30 -24.65
N PRO B 449 -40.44 40.05 -25.27
CA PRO B 449 -41.48 41.08 -25.35
C PRO B 449 -42.13 41.36 -24.00
N SER B 450 -43.03 42.33 -23.97
CA SER B 450 -43.65 42.73 -22.71
C SER B 450 -44.78 41.80 -22.29
N HIS B 451 -45.35 41.04 -23.21
CA HIS B 451 -46.48 40.17 -22.90
C HIS B 451 -46.06 38.77 -22.45
N ARG B 452 -44.82 38.37 -22.67
CA ARG B 452 -44.34 37.04 -22.33
C ARG B 452 -43.77 37.06 -20.91
N TYR B 453 -44.43 36.36 -20.00
CA TYR B 453 -43.98 36.23 -18.63
C TYR B 453 -43.26 34.91 -18.37
N ASP B 454 -42.90 34.18 -19.42
CA ASP B 454 -42.28 32.87 -19.27
C ASP B 454 -40.89 32.82 -19.92
N MET B 455 -40.29 33.96 -20.22
CA MET B 455 -38.94 34.04 -20.77
C MET B 455 -38.04 34.72 -19.75
N ALA B 456 -37.05 33.99 -19.24
CA ALA B 456 -36.15 34.53 -18.23
C ALA B 456 -34.74 33.96 -18.39
N ILE B 457 -34.63 32.65 -18.59
CA ILE B 457 -33.35 32.00 -18.77
C ILE B 457 -33.25 31.51 -20.22
N TYR B 458 -32.05 31.05 -20.59
CA TYR B 458 -31.85 30.61 -21.97
C TYR B 458 -32.56 29.31 -22.28
N GLN B 459 -32.99 28.55 -21.26
CA GLN B 459 -33.79 27.36 -21.52
C GLN B 459 -35.18 27.72 -22.05
N ASP B 460 -35.74 28.86 -21.62
CA ASP B 460 -37.04 29.27 -22.14
C ASP B 460 -36.97 29.57 -23.62
N LEU B 461 -35.85 30.15 -24.08
CA LEU B 461 -35.71 30.50 -25.48
C LEU B 461 -35.52 29.27 -26.36
N ILE B 462 -34.80 28.26 -25.86
CA ILE B 462 -34.59 27.05 -26.64
C ILE B 462 -35.90 26.28 -26.80
N GLU B 463 -36.75 26.29 -25.77
CA GLU B 463 -38.07 25.67 -25.91
C GLU B 463 -38.89 26.39 -26.98
N GLU B 464 -38.73 27.71 -27.09
CA GLU B 464 -39.42 28.45 -28.14
C GLU B 464 -38.94 28.02 -29.52
N VAL B 465 -37.65 27.73 -29.66
CA VAL B 465 -37.12 27.27 -30.93
C VAL B 465 -37.73 25.91 -31.29
N ALA B 466 -37.78 25.00 -30.33
CA ALA B 466 -38.37 23.69 -30.58
C ALA B 466 -39.88 23.80 -30.80
N ARG B 467 -40.54 24.77 -30.16
CA ARG B 467 -41.97 24.96 -30.38
C ARG B 467 -42.25 25.40 -31.81
N ILE B 468 -41.52 26.39 -32.30
CA ILE B 468 -41.80 26.95 -33.62
C ILE B 468 -41.25 26.05 -34.72
N ASP B 469 -40.02 25.56 -34.56
CA ASP B 469 -39.46 24.65 -35.57
C ASP B 469 -40.23 23.34 -35.61
N GLY B 470 -40.71 22.87 -34.47
CA GLY B 470 -41.56 21.68 -34.46
C GLY B 470 -41.05 20.59 -33.55
N TYR B 471 -41.94 20.07 -32.70
CA TYR B 471 -41.60 18.93 -31.86
C TYR B 471 -41.51 17.64 -32.67
N ASP B 472 -42.14 17.59 -33.84
CA ASP B 472 -41.99 16.43 -34.72
C ASP B 472 -40.64 16.43 -35.44
N ASN B 473 -39.87 17.51 -35.35
CA ASN B 473 -38.54 17.58 -35.93
C ASN B 473 -37.45 17.28 -34.90
N ILE B 474 -37.82 16.80 -33.72
CA ILE B 474 -36.84 16.38 -32.72
C ILE B 474 -36.27 15.04 -33.16
N GLN B 475 -34.96 14.99 -33.39
CA GLN B 475 -34.33 13.78 -33.88
C GLN B 475 -34.16 12.75 -32.76
N ILE B 476 -34.13 11.48 -33.15
CA ILE B 476 -34.13 10.38 -32.20
C ILE B 476 -32.69 10.03 -31.82
N SER B 477 -32.45 9.85 -30.53
CA SER B 477 -31.14 9.45 -30.03
C SER B 477 -31.33 8.67 -28.73
N LEU B 478 -30.24 8.08 -28.25
CA LEU B 478 -30.25 7.29 -27.04
C LEU B 478 -29.23 7.81 -26.04
N PRO B 479 -29.55 7.79 -24.75
CA PRO B 479 -28.58 8.23 -23.74
C PRO B 479 -27.49 7.18 -23.52
N SER B 480 -26.28 7.67 -23.28
CA SER B 480 -25.13 6.81 -23.02
C SER B 480 -24.79 6.85 -21.53
N MET B 481 -24.32 5.71 -21.02
CA MET B 481 -23.99 5.60 -19.61
C MET B 481 -22.84 4.61 -19.45
N ASP B 482 -22.15 4.70 -18.31
CA ASP B 482 -21.10 3.77 -17.95
C ASP B 482 -21.72 2.56 -17.26
N VAL B 483 -21.48 1.38 -17.80
CA VAL B 483 -21.97 0.15 -17.19
C VAL B 483 -21.11 -0.14 -15.96
N GLN B 484 -21.70 -0.03 -14.78
CA GLN B 484 -21.02 -0.29 -13.52
C GLN B 484 -21.88 -1.23 -12.68
N LEU B 485 -21.27 -2.31 -12.19
CA LEU B 485 -22.00 -3.32 -11.45
C LEU B 485 -22.37 -2.78 -10.08
N ALA B 486 -23.65 -2.48 -9.89
CA ALA B 486 -24.11 -1.85 -8.66
C ALA B 486 -24.05 -2.82 -7.48
N LYS B 487 -24.03 -2.26 -6.28
CA LYS B 487 -23.99 -3.07 -5.07
C LYS B 487 -25.32 -3.80 -4.88
N TYR B 488 -25.23 -5.07 -4.48
CA TYR B 488 -26.43 -5.87 -4.26
C TYR B 488 -26.09 -6.98 -3.28
N GLN B 489 -26.90 -7.10 -2.23
CA GLN B 489 -26.77 -8.16 -1.25
C GLN B 489 -27.94 -9.12 -1.39
N ASP B 490 -27.66 -10.41 -1.27
CA ASP B 490 -28.68 -11.44 -1.45
C ASP B 490 -29.81 -11.24 -0.44
N ARG B 491 -31.05 -11.32 -0.93
CA ARG B 491 -32.21 -11.02 -0.10
C ARG B 491 -33.44 -11.69 -0.69
N PHE B 492 -34.52 -11.69 0.09
CA PHE B 492 -35.83 -12.12 -0.37
C PHE B 492 -36.45 -10.99 -1.18
N GLU B 493 -36.49 -11.14 -2.49
CA GLU B 493 -36.99 -10.09 -3.36
C GLU B 493 -38.51 -9.95 -3.24
N ILE B 494 -39.01 -8.77 -3.63
CA ILE B 494 -40.44 -8.53 -3.61
C ILE B 494 -41.15 -9.38 -4.66
N ALA B 495 -40.48 -9.62 -5.80
CA ALA B 495 -41.07 -10.46 -6.84
C ALA B 495 -41.10 -11.92 -6.43
N GLN B 496 -40.15 -12.36 -5.61
CA GLN B 496 -40.16 -13.73 -5.11
C GLN B 496 -41.17 -13.92 -3.98
N LEU B 497 -41.50 -12.85 -3.26
CA LEU B 497 -42.53 -12.95 -2.23
C LEU B 497 -43.91 -13.11 -2.85
N ARG B 498 -44.18 -12.37 -3.94
CA ARG B 498 -45.47 -12.51 -4.62
C ARG B 498 -45.67 -13.92 -5.16
N GLN B 499 -44.58 -14.55 -5.64
CA GLN B 499 -44.70 -15.90 -6.18
C GLN B 499 -44.97 -16.91 -5.07
N THR B 500 -44.35 -16.74 -3.90
CA THR B 500 -44.57 -17.65 -2.80
C THR B 500 -46.00 -17.57 -2.28
N VAL B 501 -46.50 -16.34 -2.08
CA VAL B 501 -47.85 -16.17 -1.56
C VAL B 501 -48.88 -16.63 -2.58
N ALA B 502 -48.60 -16.42 -3.88
CA ALA B 502 -49.52 -16.88 -4.92
C ALA B 502 -49.56 -18.40 -4.98
N THR B 503 -48.44 -19.07 -4.73
CA THR B 503 -48.45 -20.53 -4.67
C THR B 503 -49.26 -21.03 -3.48
N LEU B 504 -49.31 -20.25 -2.40
CA LEU B 504 -50.13 -20.62 -1.25
C LEU B 504 -51.61 -20.37 -1.49
N GLY B 505 -51.98 -19.78 -2.63
CA GLY B 505 -53.37 -19.65 -3.02
C GLY B 505 -54.01 -18.31 -2.66
N TYR B 506 -53.24 -17.23 -2.77
CA TYR B 506 -53.74 -15.89 -2.46
C TYR B 506 -53.65 -15.00 -3.68
N GLN B 507 -54.68 -14.18 -3.87
CA GLN B 507 -54.73 -13.22 -4.97
C GLN B 507 -54.32 -11.84 -4.47
N GLU B 508 -53.53 -11.14 -5.28
CA GLU B 508 -53.02 -9.82 -4.89
C GLU B 508 -54.13 -8.80 -5.01
N ALA B 509 -54.40 -8.08 -3.93
CA ALA B 509 -55.37 -7.00 -3.90
C ALA B 509 -54.65 -5.67 -3.71
N ILE B 510 -55.28 -4.60 -4.20
CA ILE B 510 -54.79 -3.24 -4.02
C ILE B 510 -55.97 -2.42 -3.51
N SER B 511 -56.03 -2.20 -2.21
CA SER B 511 -57.10 -1.42 -1.59
C SER B 511 -56.63 0.00 -1.33
N PHE B 512 -57.60 0.89 -1.12
CA PHE B 512 -57.29 2.30 -0.89
C PHE B 512 -56.52 2.46 0.41
N SER B 513 -55.57 3.40 0.41
CA SER B 513 -54.79 3.68 1.61
C SER B 513 -55.60 4.39 2.69
N PHE B 514 -56.78 4.89 2.35
CA PHE B 514 -57.69 5.48 3.33
C PHE B 514 -58.94 4.63 3.43
N ALA B 515 -59.43 4.45 4.65
CA ALA B 515 -60.61 3.62 4.88
C ALA B 515 -61.62 4.34 5.78
N ASP B 516 -62.67 3.63 6.17
CA ASP B 516 -63.72 4.22 7.00
C ASP B 516 -63.28 4.24 8.47
N ALA B 517 -63.59 5.34 9.16
CA ALA B 517 -63.22 5.46 10.56
C ALA B 517 -64.06 4.54 11.44
N LYS B 518 -65.29 4.21 11.02
CA LYS B 518 -66.13 3.31 11.80
C LYS B 518 -65.54 1.91 11.86
N LEU B 519 -65.11 1.39 10.71
CA LEU B 519 -64.43 0.10 10.70
C LEU B 519 -63.06 0.19 11.35
N GLU B 520 -62.40 1.34 11.25
CA GLU B 520 -61.12 1.52 11.92
C GLU B 520 -61.27 1.49 13.43
N LYS B 521 -62.42 1.96 13.93
CA LYS B 521 -62.72 1.87 15.36
C LYS B 521 -63.35 0.55 15.75
N GLN B 522 -63.99 -0.15 14.81
CA GLN B 522 -64.51 -1.49 15.11
C GLN B 522 -63.38 -2.47 15.37
N LEU B 523 -62.32 -2.40 14.57
CA LEU B 523 -61.17 -3.28 14.77
C LEU B 523 -60.46 -2.95 16.08
N ASN B 524 -59.94 -1.73 16.19
CA ASN B 524 -59.25 -1.28 17.40
C ASN B 524 -60.00 -0.08 17.97
N PRO B 525 -60.79 -0.26 19.04
CA PRO B 525 -61.56 0.87 19.58
C PRO B 525 -60.69 1.93 20.23
N GLN B 526 -59.43 1.64 20.54
CA GLN B 526 -58.51 2.62 21.11
C GLN B 526 -57.52 3.13 20.07
N VAL B 527 -57.97 3.35 18.84
CA VAL B 527 -57.08 3.77 17.76
C VAL B 527 -57.12 5.29 17.64
N SER B 528 -55.98 5.87 17.25
CA SER B 528 -55.87 7.28 16.97
C SER B 528 -55.69 7.47 15.47
N PRO B 529 -56.77 7.49 14.69
CA PRO B 529 -56.62 7.47 13.23
C PRO B 529 -56.21 8.82 12.67
N LEU B 530 -55.32 8.77 11.68
CA LEU B 530 -54.96 9.95 10.90
C LEU B 530 -56.09 10.22 9.92
N MET B 531 -56.85 11.28 10.17
CA MET B 531 -58.01 11.60 9.36
C MET B 531 -57.70 12.73 8.38
N LEU B 532 -58.34 12.68 7.22
CA LEU B 532 -58.12 13.67 6.17
C LEU B 532 -58.81 14.98 6.52
N ALA B 533 -58.28 16.07 5.96
CA ALA B 533 -58.92 17.38 6.09
C ALA B 533 -59.96 17.62 5.02
N ASN B 534 -59.83 16.97 3.86
CA ASN B 534 -60.81 17.06 2.77
C ASN B 534 -61.05 15.67 2.20
N PRO B 535 -61.70 14.79 2.97
CA PRO B 535 -61.94 13.43 2.47
C PRO B 535 -62.95 13.41 1.34
N ILE B 536 -62.78 12.44 0.44
CA ILE B 536 -63.67 12.33 -0.70
C ILE B 536 -65.02 11.76 -0.30
N SER B 537 -65.10 11.09 0.84
CA SER B 537 -66.34 10.52 1.34
C SER B 537 -66.13 10.12 2.80
N SER B 538 -67.19 9.61 3.43
CA SER B 538 -67.10 9.20 4.82
C SER B 538 -66.33 7.89 4.98
N ASP B 539 -66.43 7.00 4.00
CA ASP B 539 -65.76 5.70 4.06
C ASP B 539 -64.34 5.75 3.54
N LEU B 540 -63.85 6.91 3.12
CA LEU B 540 -62.48 7.08 2.63
C LEU B 540 -61.85 8.30 3.30
N ALA B 541 -61.99 8.39 4.62
CA ALA B 541 -61.59 9.58 5.37
C ALA B 541 -60.36 9.37 6.23
N ALA B 542 -60.14 8.17 6.77
CA ALA B 542 -59.04 7.91 7.69
C ALA B 542 -58.01 7.01 7.03
N MET B 543 -56.75 7.44 7.08
CA MET B 543 -55.66 6.60 6.59
C MET B 543 -55.59 5.32 7.42
N ARG B 544 -55.47 4.19 6.74
CA ARG B 544 -55.62 2.89 7.39
C ARG B 544 -54.50 2.66 8.40
N SER B 545 -54.87 2.43 9.67
CA SER B 545 -53.91 1.97 10.66
C SER B 545 -53.54 0.51 10.46
N THR B 546 -54.39 -0.24 9.79
CA THR B 546 -54.12 -1.62 9.40
C THR B 546 -54.72 -1.86 8.03
N LEU B 547 -54.10 -2.76 7.27
CA LEU B 547 -54.61 -3.07 5.94
C LEU B 547 -55.98 -3.73 5.99
N LEU B 548 -56.42 -4.20 7.16
CA LEU B 548 -57.72 -4.85 7.26
C LEU B 548 -58.87 -3.87 7.07
N SER B 549 -58.68 -2.61 7.49
CA SER B 549 -59.74 -1.62 7.36
C SER B 549 -60.08 -1.32 5.91
N SER B 550 -59.16 -1.60 4.98
CA SER B 550 -59.41 -1.41 3.56
C SER B 550 -59.59 -2.72 2.80
N LEU B 551 -59.13 -3.85 3.34
CA LEU B 551 -59.32 -5.14 2.71
C LEU B 551 -60.65 -5.80 3.06
N ILE B 552 -61.16 -5.54 4.26
CA ILE B 552 -62.45 -6.12 4.65
C ILE B 552 -63.57 -5.68 3.71
N PRO B 553 -63.68 -4.40 3.30
CA PRO B 553 -64.72 -4.07 2.31
C PRO B 553 -64.61 -4.87 1.02
N CYS B 554 -63.39 -5.10 0.54
CA CYS B 554 -63.22 -5.90 -0.68
C CYS B 554 -63.62 -7.35 -0.45
N VAL B 555 -63.35 -7.88 0.74
CA VAL B 555 -63.79 -9.23 1.07
C VAL B 555 -65.31 -9.30 1.11
N GLN B 556 -65.94 -8.29 1.71
CA GLN B 556 -67.40 -8.24 1.71
C GLN B 556 -67.96 -8.01 0.32
N TYR B 557 -67.23 -7.28 -0.53
CA TYR B 557 -67.68 -7.04 -1.89
C TYR B 557 -67.90 -8.35 -2.64
N ASN B 558 -66.93 -9.27 -2.55
CA ASN B 558 -67.07 -10.55 -3.23
C ASN B 558 -68.15 -11.40 -2.57
N LEU B 559 -68.23 -11.37 -1.24
CA LEU B 559 -69.24 -12.15 -0.53
C LEU B 559 -70.66 -11.72 -0.91
N ASN B 560 -70.86 -10.43 -1.16
CA ASN B 560 -72.15 -9.94 -1.62
C ASN B 560 -72.41 -10.27 -3.09
N ARG B 561 -71.62 -11.15 -3.69
CA ARG B 561 -71.76 -11.51 -5.10
C ARG B 561 -71.51 -13.00 -5.29
N GLN B 562 -71.92 -13.80 -4.30
CA GLN B 562 -71.87 -15.26 -4.35
C GLN B 562 -70.42 -15.74 -4.55
N GLN B 563 -69.62 -15.50 -3.52
CA GLN B 563 -68.21 -15.91 -3.51
C GLN B 563 -67.90 -16.48 -2.13
N SER B 564 -68.03 -17.81 -2.01
CA SER B 564 -67.81 -18.46 -0.72
C SER B 564 -66.36 -18.35 -0.26
N ARG B 565 -65.42 -18.37 -1.19
CA ARG B 565 -63.99 -18.47 -0.88
C ARG B 565 -63.27 -17.28 -1.51
N VAL B 566 -62.58 -16.50 -0.68
CA VAL B 566 -61.82 -15.33 -1.13
C VAL B 566 -60.57 -15.22 -0.26
N ARG B 567 -59.40 -15.25 -0.91
CA ARG B 567 -58.11 -15.21 -0.22
C ARG B 567 -57.28 -14.09 -0.82
N PHE B 568 -57.05 -13.04 -0.05
CA PHE B 568 -56.36 -11.85 -0.52
C PHE B 568 -55.00 -11.71 0.14
N PHE B 569 -54.13 -10.93 -0.53
CA PHE B 569 -52.88 -10.49 0.07
C PHE B 569 -52.50 -9.17 -0.58
N GLU B 570 -52.09 -8.20 0.23
CA GLU B 570 -51.75 -6.88 -0.25
C GLU B 570 -50.40 -6.45 0.31
N LEU B 571 -49.60 -5.79 -0.51
CA LEU B 571 -48.28 -5.29 -0.14
C LEU B 571 -48.29 -3.77 -0.24
N GLY B 572 -48.93 -3.13 0.74
CA GLY B 572 -49.03 -1.69 0.76
C GLY B 572 -48.44 -1.06 2.00
N LEU B 573 -48.96 0.09 2.40
CA LEU B 573 -48.49 0.82 3.57
C LEU B 573 -49.62 0.98 4.58
N ARG B 574 -49.27 0.86 5.86
CA ARG B 574 -50.16 1.25 6.94
C ARG B 574 -49.55 2.44 7.67
N PHE B 575 -50.42 3.21 8.32
CA PHE B 575 -50.04 4.50 8.91
C PHE B 575 -50.25 4.42 10.41
N ASP B 576 -49.15 4.25 11.14
CA ASP B 576 -49.19 4.12 12.61
C ASP B 576 -49.18 5.52 13.21
N TYR B 577 -50.33 5.97 13.69
CA TYR B 577 -50.48 7.29 14.29
C TYR B 577 -50.81 7.22 15.77
N GLN B 578 -50.62 6.05 16.39
CA GLN B 578 -50.94 5.87 17.79
C GLN B 578 -49.85 6.48 18.67
N ASN B 579 -50.28 7.11 19.77
CA ASN B 579 -49.37 7.78 20.71
C ASN B 579 -48.48 8.80 19.99
N ALA B 580 -49.06 9.52 19.04
CA ALA B 580 -48.36 10.54 18.28
C ALA B 580 -48.89 11.91 18.68
N ASN B 581 -47.99 12.82 19.03
CA ASN B 581 -48.36 14.17 19.44
C ASN B 581 -48.34 15.17 18.31
N SER B 582 -47.85 14.78 17.13
CA SER B 582 -47.83 15.67 15.97
C SER B 582 -47.78 14.81 14.72
N ILE B 583 -47.93 15.47 13.56
CA ILE B 583 -48.07 14.74 12.31
C ILE B 583 -46.73 14.16 11.87
N GLN B 584 -45.61 14.79 12.22
CA GLN B 584 -44.31 14.25 11.84
C GLN B 584 -43.92 13.02 12.64
N ASP B 585 -44.68 12.67 13.68
CA ASP B 585 -44.50 11.43 14.41
C ASP B 585 -45.15 10.24 13.72
N LEU B 586 -45.69 10.44 12.52
CA LEU B 586 -46.34 9.35 11.80
C LEU B 586 -45.30 8.36 11.28
N LYS B 587 -45.61 7.08 11.43
CA LYS B 587 -44.75 5.99 10.96
C LYS B 587 -45.48 5.28 9.81
N GLN B 588 -44.95 5.43 8.60
CA GLN B 588 -45.50 4.79 7.41
C GLN B 588 -44.63 3.58 7.09
N ILE B 589 -45.06 2.40 7.54
CA ILE B 589 -44.26 1.20 7.36
C ILE B 589 -44.92 0.29 6.32
N PRO B 590 -44.14 -0.30 5.42
CA PRO B 590 -44.73 -1.23 4.44
C PRO B 590 -45.01 -2.59 5.07
N THR B 591 -46.20 -3.11 4.77
CA THR B 591 -46.67 -4.35 5.39
C THR B 591 -47.17 -5.32 4.34
N LEU B 592 -47.14 -6.59 4.69
CA LEU B 592 -47.75 -7.67 3.92
C LEU B 592 -48.92 -8.23 4.72
N ALA B 593 -50.11 -8.17 4.15
CA ALA B 593 -51.32 -8.62 4.82
C ALA B 593 -51.88 -9.87 4.14
N LEU B 594 -52.61 -10.66 4.92
CA LEU B 594 -53.28 -11.85 4.43
C LEU B 594 -54.69 -11.88 4.98
N VAL B 595 -55.68 -12.06 4.09
CA VAL B 595 -57.07 -12.22 4.49
C VAL B 595 -57.61 -13.46 3.80
N ALA B 596 -58.24 -14.34 4.57
CA ALA B 596 -58.73 -15.61 4.04
C ALA B 596 -60.12 -15.88 4.58
N VAL B 597 -61.07 -16.11 3.68
CA VAL B 597 -62.44 -16.50 4.02
C VAL B 597 -62.83 -17.68 3.14
N GLY B 598 -63.27 -18.76 3.76
CA GLY B 598 -63.69 -19.95 3.05
C GLY B 598 -62.76 -21.12 3.29
N SER B 599 -62.91 -22.14 2.44
CA SER B 599 -62.10 -23.34 2.55
C SER B 599 -60.67 -23.07 2.09
N ARG B 600 -59.74 -23.89 2.60
CA ARG B 600 -58.34 -23.73 2.24
C ARG B 600 -58.09 -24.08 0.78
N GLU B 601 -58.74 -25.12 0.28
CA GLU B 601 -58.62 -25.55 -1.10
C GLU B 601 -59.96 -25.43 -1.81
N PRO B 602 -59.96 -25.13 -3.11
CA PRO B 602 -61.23 -25.05 -3.84
C PRO B 602 -62.00 -26.36 -3.80
N GLU B 603 -63.30 -26.26 -4.06
CA GLU B 603 -64.18 -27.41 -3.98
C GLU B 603 -63.77 -28.48 -4.97
N SER B 604 -63.53 -29.69 -4.47
CA SER B 604 -63.14 -30.82 -5.31
C SER B 604 -63.75 -32.08 -4.72
N TRP B 605 -63.50 -33.21 -5.39
CA TRP B 605 -64.03 -34.50 -4.95
C TRP B 605 -63.23 -35.12 -3.82
N HIS B 606 -62.19 -34.44 -3.33
CA HIS B 606 -61.33 -35.04 -2.31
C HIS B 606 -61.89 -34.87 -0.91
N ALA B 607 -62.58 -33.77 -0.63
CA ALA B 607 -63.11 -33.52 0.69
C ALA B 607 -64.23 -32.49 0.62
N LYS B 608 -65.13 -32.55 1.58
CA LYS B 608 -66.17 -31.53 1.68
C LYS B 608 -65.54 -30.21 2.10
N PRO B 609 -65.99 -29.09 1.53
CA PRO B 609 -65.36 -27.80 1.83
C PRO B 609 -65.49 -27.44 3.30
N GLN B 610 -64.35 -27.12 3.93
CA GLN B 610 -64.28 -26.76 5.33
C GLN B 610 -63.29 -25.63 5.51
N PRO B 611 -63.59 -24.67 6.38
CA PRO B 611 -62.68 -23.53 6.58
C PRO B 611 -61.40 -23.95 7.31
N MET B 612 -60.40 -23.08 7.21
CA MET B 612 -59.12 -23.35 7.81
C MET B 612 -59.18 -23.24 9.33
N ASP B 613 -58.27 -23.93 10.00
CA ASP B 613 -58.04 -23.76 11.43
C ASP B 613 -56.77 -22.93 11.63
N PHE B 614 -56.38 -22.74 12.88
CA PHE B 614 -55.21 -21.93 13.17
C PHE B 614 -53.94 -22.55 12.59
N PHE B 615 -53.89 -23.89 12.52
CA PHE B 615 -52.69 -24.56 12.05
C PHE B 615 -52.62 -24.63 10.53
N ASP B 616 -53.75 -24.57 9.84
CA ASP B 616 -53.71 -24.37 8.39
C ASP B 616 -53.14 -23.01 8.05
N PHE B 617 -53.57 -21.97 8.78
CA PHE B 617 -53.09 -20.62 8.52
C PHE B 617 -51.67 -20.41 9.02
N LYS B 618 -51.31 -21.03 10.15
CA LYS B 618 -49.95 -20.92 10.65
C LYS B 618 -48.97 -21.60 9.70
N GLY B 619 -49.37 -22.74 9.12
CA GLY B 619 -48.50 -23.42 8.17
C GLY B 619 -48.19 -22.57 6.95
N GLU B 620 -49.13 -21.72 6.54
CA GLU B 620 -48.87 -20.82 5.43
C GLU B 620 -47.95 -19.67 5.83
N VAL B 621 -48.21 -19.06 6.99
CA VAL B 621 -47.38 -17.95 7.44
C VAL B 621 -45.97 -18.43 7.77
N GLU B 622 -45.84 -19.64 8.32
CA GLU B 622 -44.51 -20.18 8.60
C GLU B 622 -43.69 -20.34 7.33
N GLU B 623 -44.35 -20.74 6.23
CA GLU B 623 -43.62 -20.91 4.97
C GLU B 623 -43.20 -19.58 4.37
N ILE B 624 -44.01 -18.55 4.54
CA ILE B 624 -43.64 -17.22 4.08
C ILE B 624 -42.41 -16.72 4.84
N LEU B 625 -42.40 -16.92 6.16
CA LEU B 625 -41.23 -16.57 6.96
C LEU B 625 -40.05 -17.46 6.62
N ALA B 626 -40.30 -18.75 6.36
CA ALA B 626 -39.22 -19.65 5.98
C ALA B 626 -38.66 -19.31 4.61
N ALA B 627 -39.48 -18.76 3.73
CA ALA B 627 -39.00 -18.37 2.40
C ALA B 627 -38.01 -17.22 2.46
N GLY B 628 -37.96 -16.48 3.57
CA GLY B 628 -37.04 -15.38 3.70
C GLY B 628 -36.00 -15.58 4.78
N ARG B 629 -35.82 -16.83 5.20
CA ARG B 629 -34.84 -17.19 6.23
C ARG B 629 -35.09 -16.43 7.53
N VAL B 630 -36.36 -16.24 7.87
CA VAL B 630 -36.75 -15.48 9.06
C VAL B 630 -37.02 -16.47 10.19
N LYS B 631 -36.25 -16.35 11.28
CA LYS B 631 -36.46 -17.17 12.47
C LYS B 631 -37.34 -16.40 13.45
N VAL B 632 -38.46 -17.00 13.85
CA VAL B 632 -39.47 -16.32 14.63
C VAL B 632 -39.79 -17.13 15.88
N GLU B 633 -40.51 -16.49 16.80
CA GLU B 633 -41.05 -17.12 18.00
C GLU B 633 -42.45 -16.57 18.22
N TYR B 634 -43.38 -17.45 18.61
CA TYR B 634 -44.79 -17.09 18.70
C TYR B 634 -45.21 -16.91 20.15
N VAL B 635 -45.88 -15.79 20.43
CA VAL B 635 -46.50 -15.54 21.73
C VAL B 635 -47.94 -15.11 21.48
N ARG B 636 -48.73 -15.14 22.54
CA ARG B 636 -50.14 -14.78 22.42
C ARG B 636 -50.30 -13.31 22.12
N SER B 637 -51.15 -12.99 21.15
CA SER B 637 -51.35 -11.62 20.71
C SER B 637 -52.47 -10.95 21.50
N GLU B 638 -52.41 -9.62 21.54
CA GLU B 638 -53.39 -8.82 22.28
C GLU B 638 -54.10 -7.81 21.39
N ARG B 639 -54.12 -8.05 20.08
CA ARG B 639 -54.83 -7.14 19.18
C ARG B 639 -56.33 -7.20 19.47
N PRO B 640 -57.00 -6.06 19.62
CA PRO B 640 -58.43 -6.10 19.96
C PRO B 640 -59.29 -6.77 18.89
N TRP B 641 -58.85 -6.76 17.63
CA TRP B 641 -59.61 -7.35 16.54
C TRP B 641 -59.27 -8.82 16.30
N LEU B 642 -58.73 -9.50 17.30
CA LEU B 642 -58.31 -10.89 17.16
C LEU B 642 -58.96 -11.75 18.23
N HIS B 643 -59.16 -13.01 17.90
CA HIS B 643 -59.59 -14.01 18.87
C HIS B 643 -58.47 -14.20 19.89
N PRO B 644 -58.72 -13.93 21.18
CA PRO B 644 -57.62 -13.97 22.16
C PRO B 644 -56.97 -15.34 22.30
N GLY B 645 -57.70 -16.42 22.06
CA GLY B 645 -57.16 -17.75 22.24
C GLY B 645 -56.44 -18.29 21.02
N GLN B 646 -56.79 -17.78 19.84
CA GLN B 646 -56.24 -18.27 18.58
C GLN B 646 -55.54 -17.14 17.82
N SER B 647 -54.77 -16.33 18.54
CA SER B 647 -54.00 -15.25 17.95
C SER B 647 -52.54 -15.38 18.37
N ALA B 648 -51.64 -14.96 17.48
CA ALA B 648 -50.21 -15.11 17.71
C ALA B 648 -49.47 -13.86 17.29
N GLU B 649 -48.53 -13.43 18.11
CA GLU B 649 -47.62 -12.34 17.79
C GLU B 649 -46.31 -12.93 17.30
N ILE B 650 -45.84 -12.46 16.15
CA ILE B 650 -44.63 -12.99 15.52
C ILE B 650 -43.44 -12.16 15.99
N LEU B 651 -42.54 -12.78 16.75
CA LEU B 651 -41.42 -12.09 17.36
C LEU B 651 -40.11 -12.51 16.72
N VAL B 652 -39.28 -11.53 16.37
CA VAL B 652 -37.92 -11.75 15.91
C VAL B 652 -36.99 -10.98 16.84
N ASP B 653 -36.06 -11.69 17.47
CA ASP B 653 -35.17 -11.11 18.48
C ASP B 653 -35.96 -10.44 19.62
N GLY B 654 -37.12 -11.00 19.94
CA GLY B 654 -37.94 -10.48 21.01
C GLY B 654 -38.93 -9.40 20.59
N GLN B 655 -38.69 -8.74 19.46
CA GLN B 655 -39.56 -7.67 19.00
C GLN B 655 -40.53 -8.20 17.94
N SER B 656 -41.74 -7.66 17.94
CA SER B 656 -42.79 -8.15 17.06
C SER B 656 -42.61 -7.60 15.65
N ILE B 657 -42.72 -8.47 14.66
CA ILE B 657 -42.73 -8.08 13.26
C ILE B 657 -44.11 -8.23 12.63
N GLY B 658 -45.09 -8.75 13.36
CA GLY B 658 -46.42 -8.91 12.83
C GLY B 658 -47.24 -9.85 13.70
N TYR B 659 -48.34 -10.32 13.13
CA TYR B 659 -49.26 -11.19 13.86
C TYR B 659 -50.00 -12.08 12.88
N LEU B 660 -50.68 -13.08 13.43
CA LEU B 660 -51.62 -13.91 12.68
C LEU B 660 -52.60 -14.52 13.65
N GLY B 661 -53.79 -14.83 13.16
CA GLY B 661 -54.80 -15.44 13.99
C GLY B 661 -56.18 -15.25 13.41
N ARG B 662 -57.16 -15.74 14.16
CA ARG B 662 -58.55 -15.65 13.75
C ARG B 662 -59.13 -14.29 14.14
N LEU B 663 -59.99 -13.77 13.27
CA LEU B 663 -60.71 -12.54 13.59
C LEU B 663 -61.65 -12.78 14.76
N HIS B 664 -61.83 -11.75 15.58
CA HIS B 664 -62.68 -11.89 16.76
C HIS B 664 -64.11 -12.25 16.34
N PRO B 665 -64.70 -13.31 16.90
CA PRO B 665 -66.00 -13.77 16.41
C PRO B 665 -67.11 -12.74 16.54
N SER B 666 -67.09 -11.91 17.59
CA SER B 666 -68.05 -10.83 17.71
C SER B 666 -67.86 -9.82 16.58
N LEU B 667 -66.61 -9.41 16.35
CA LEU B 667 -66.30 -8.57 15.20
C LEU B 667 -66.52 -9.32 13.89
N GLU B 668 -66.26 -10.63 13.89
CA GLU B 668 -66.48 -11.43 12.69
C GLU B 668 -67.95 -11.49 12.31
N ASN B 669 -68.84 -11.43 13.29
CA ASN B 669 -70.28 -11.50 13.05
C ASN B 669 -70.88 -10.12 12.76
N GLU B 670 -70.31 -9.06 13.33
CA GLU B 670 -70.81 -7.71 13.05
C GLU B 670 -70.61 -7.32 11.60
N LEU B 671 -69.58 -7.87 10.95
CA LEU B 671 -69.29 -7.59 9.55
C LEU B 671 -69.89 -8.61 8.60
N ASP B 672 -70.64 -9.59 9.12
CA ASP B 672 -71.27 -10.64 8.33
C ASP B 672 -70.23 -11.41 7.51
N LEU B 673 -69.34 -12.08 8.25
CA LEU B 673 -68.26 -12.85 7.67
C LEU B 673 -68.26 -14.26 8.25
N SER B 674 -67.73 -15.21 7.47
CA SER B 674 -67.52 -16.56 7.96
C SER B 674 -66.23 -16.62 8.76
N THR B 675 -65.65 -17.82 8.90
CA THR B 675 -64.40 -17.99 9.63
C THR B 675 -63.29 -17.29 8.85
N THR B 676 -62.89 -16.11 9.31
CA THR B 676 -61.88 -15.30 8.64
C THR B 676 -60.53 -15.46 9.34
N TRP B 677 -59.46 -15.45 8.54
CA TRP B 677 -58.11 -15.57 9.05
C TRP B 677 -57.29 -14.40 8.53
N VAL B 678 -56.74 -13.61 9.44
CA VAL B 678 -56.00 -12.40 9.09
C VAL B 678 -54.57 -12.52 9.59
N ALA B 679 -53.67 -11.80 8.91
CA ALA B 679 -52.27 -11.78 9.29
C ALA B 679 -51.61 -10.56 8.65
N GLU B 680 -50.67 -9.96 9.37
CA GLU B 680 -49.91 -8.83 8.86
C GLU B 680 -48.46 -9.00 9.29
N LEU B 681 -47.54 -8.59 8.41
CA LEU B 681 -46.10 -8.70 8.68
C LEU B 681 -45.39 -7.50 8.07
N ASP B 682 -44.38 -7.01 8.77
CA ASP B 682 -43.57 -5.92 8.25
C ASP B 682 -42.72 -6.42 7.08
N GLN B 683 -42.80 -5.69 5.96
CA GLN B 683 -42.02 -6.08 4.78
C GLN B 683 -40.53 -6.02 5.04
N ALA B 684 -40.10 -5.11 5.93
CA ALA B 684 -38.67 -4.98 6.23
C ALA B 684 -38.12 -6.26 6.86
N ALA B 685 -38.94 -6.98 7.62
CA ALA B 685 -38.48 -8.20 8.26
C ALA B 685 -38.58 -9.40 7.33
N VAL B 686 -39.58 -9.44 6.45
CA VAL B 686 -39.75 -10.57 5.55
C VAL B 686 -38.77 -10.49 4.39
N LEU B 687 -38.75 -9.35 3.70
CA LEU B 687 -37.86 -9.16 2.55
C LEU B 687 -36.46 -8.73 3.03
N GLN B 688 -35.89 -9.55 3.90
CA GLN B 688 -34.61 -9.24 4.51
C GLN B 688 -33.45 -9.81 3.70
N SER B 689 -32.28 -9.22 3.89
CA SER B 689 -31.06 -9.78 3.34
C SER B 689 -30.57 -10.93 4.23
N TYR B 690 -29.80 -11.83 3.63
CA TYR B 690 -29.35 -13.01 4.36
C TYR B 690 -27.97 -13.41 3.89
N VAL B 691 -27.29 -14.16 4.74
CA VAL B 691 -25.99 -14.77 4.43
C VAL B 691 -25.96 -16.14 5.08
N SER B 692 -25.58 -17.16 4.31
CA SER B 692 -25.56 -18.53 4.78
C SER B 692 -24.12 -19.01 4.90
N ASN B 693 -23.83 -19.70 6.01
CA ASN B 693 -22.49 -20.23 6.28
C ASN B 693 -22.54 -21.75 6.25
N PHE B 694 -21.55 -22.35 5.59
CA PHE B 694 -21.49 -23.80 5.47
C PHE B 694 -20.92 -24.41 6.74
N THR B 695 -21.61 -25.41 7.27
CA THR B 695 -21.13 -26.20 8.40
C THR B 695 -20.92 -27.63 7.96
N GLU B 696 -19.91 -28.28 8.57
CA GLU B 696 -19.53 -29.62 8.14
C GLU B 696 -20.64 -30.63 8.42
N LEU B 697 -20.72 -31.63 7.55
CA LEU B 697 -21.66 -32.74 7.71
C LEU B 697 -20.91 -33.96 8.22
N SER B 698 -21.57 -34.72 9.10
CA SER B 698 -20.96 -35.91 9.68
C SER B 698 -21.03 -37.08 8.72
N ARG B 699 -19.99 -37.91 8.73
CA ARG B 699 -19.96 -39.13 7.94
C ARG B 699 -20.62 -40.31 8.64
N PHE B 700 -21.09 -40.11 9.87
CA PHE B 700 -21.53 -41.21 10.71
C PHE B 700 -23.04 -41.16 10.93
N PRO B 701 -23.69 -42.31 11.14
CA PRO B 701 -25.14 -42.34 11.25
C PRO B 701 -25.65 -41.64 12.49
N SER B 702 -26.93 -41.32 12.47
CA SER B 702 -27.63 -40.73 13.60
C SER B 702 -28.37 -41.81 14.38
N VAL B 703 -28.85 -41.45 15.56
CA VAL B 703 -29.60 -42.36 16.41
C VAL B 703 -30.90 -41.68 16.79
N ARG B 704 -32.03 -42.31 16.43
CA ARG B 704 -33.35 -41.78 16.71
C ARG B 704 -33.85 -42.29 18.06
N ARG B 705 -34.44 -41.38 18.84
CA ARG B 705 -34.99 -41.72 20.15
C ARG B 705 -36.29 -40.96 20.35
N ASP B 706 -37.25 -41.61 21.01
CA ASP B 706 -38.55 -41.02 21.28
C ASP B 706 -38.70 -40.71 22.76
N ILE B 707 -39.51 -39.69 23.06
CA ILE B 707 -39.83 -39.32 24.43
C ILE B 707 -41.32 -38.99 24.49
N ALA B 708 -42.03 -39.68 25.38
CA ALA B 708 -43.45 -39.45 25.59
C ALA B 708 -43.63 -38.72 26.91
N LEU B 709 -44.37 -37.61 26.88
CA LEU B 709 -44.61 -36.79 28.05
C LEU B 709 -46.07 -36.83 28.47
N LEU B 710 -46.30 -36.63 29.76
CA LEU B 710 -47.62 -36.37 30.32
C LEU B 710 -47.48 -35.09 31.14
N ILE B 711 -47.82 -33.95 30.53
CA ILE B 711 -47.52 -32.64 31.10
C ILE B 711 -48.82 -31.85 31.21
N SER B 712 -48.78 -30.81 32.03
CA SER B 712 -49.93 -29.93 32.20
C SER B 712 -50.32 -29.30 30.86
N ASP B 713 -51.61 -28.99 30.73
CA ASP B 713 -52.12 -28.44 29.48
C ASP B 713 -51.59 -27.03 29.19
N ASN B 714 -51.22 -26.28 30.23
CA ASN B 714 -50.81 -24.89 30.09
C ASN B 714 -49.28 -24.72 30.01
N ILE B 715 -48.59 -25.68 29.40
CA ILE B 715 -47.16 -25.58 29.16
C ILE B 715 -46.96 -25.64 27.65
N ASN B 716 -46.48 -24.54 27.07
CA ASN B 716 -46.33 -24.46 25.62
C ASN B 716 -45.33 -25.50 25.12
N VAL B 717 -45.61 -26.04 23.94
CA VAL B 717 -44.76 -27.08 23.37
C VAL B 717 -43.39 -26.52 23.04
N ARG B 718 -43.33 -25.25 22.61
CA ARG B 718 -42.05 -24.65 22.28
C ARG B 718 -41.15 -24.53 23.52
N ASP B 719 -41.74 -24.19 24.66
CA ASP B 719 -40.95 -24.10 25.89
C ASP B 719 -40.36 -25.46 26.26
N ILE B 720 -41.11 -26.54 26.03
CA ILE B 720 -40.59 -27.87 26.30
C ILE B 720 -39.48 -28.22 25.31
N GLN B 721 -39.64 -27.81 24.05
CA GLN B 721 -38.66 -28.17 23.02
C GLN B 721 -37.31 -27.51 23.28
N GLN B 722 -37.32 -26.22 23.61
CA GLN B 722 -36.06 -25.52 23.84
C GLN B 722 -35.42 -25.90 25.17
N LEU B 723 -36.18 -26.51 26.08
CA LEU B 723 -35.58 -27.07 27.29
C LEU B 723 -34.93 -28.42 27.02
N ILE B 724 -35.56 -29.23 26.16
CA ILE B 724 -34.96 -30.50 25.76
C ILE B 724 -33.68 -30.26 24.97
N GLU B 725 -33.73 -29.33 24.01
CA GLU B 725 -32.56 -29.03 23.19
C GLU B 725 -31.43 -28.42 24.03
N LYS B 726 -31.78 -27.72 25.12
CA LYS B 726 -30.75 -27.13 25.96
C LYS B 726 -30.08 -28.17 26.84
N THR B 727 -30.87 -28.90 27.64
CA THR B 727 -30.31 -29.91 28.52
C THR B 727 -29.79 -31.12 27.75
N GLY B 728 -30.17 -31.27 26.48
CA GLY B 728 -29.68 -32.39 25.70
C GLY B 728 -28.18 -32.27 25.39
N GLY B 729 -27.75 -31.08 24.99
CA GLY B 729 -26.35 -30.83 24.75
C GLY B 729 -26.01 -30.76 23.27
N GLU B 730 -24.70 -30.88 23.01
CA GLU B 730 -24.21 -30.79 21.63
C GLU B 730 -24.54 -32.04 20.83
N LEU B 731 -24.59 -33.21 21.49
CA LEU B 731 -24.83 -34.45 20.77
C LEU B 731 -26.24 -34.51 20.19
N LEU B 732 -27.17 -33.76 20.77
CA LEU B 732 -28.55 -33.73 20.27
C LEU B 732 -28.63 -32.84 19.05
N ASP B 733 -28.95 -33.44 17.90
CA ASP B 733 -28.98 -32.68 16.65
C ASP B 733 -30.30 -31.94 16.47
N SER B 734 -31.41 -32.67 16.42
CA SER B 734 -32.71 -32.07 16.16
C SER B 734 -33.76 -32.70 17.06
N THR B 735 -34.80 -31.92 17.34
CA THR B 735 -35.99 -32.41 18.03
C THR B 735 -37.23 -31.88 17.32
N TRP B 736 -38.28 -32.69 17.29
CA TRP B 736 -39.54 -32.27 16.69
C TRP B 736 -40.68 -33.06 17.29
N LEU B 737 -41.74 -32.37 17.67
CA LEU B 737 -42.95 -33.02 18.17
C LEU B 737 -43.64 -33.76 17.03
N PHE B 738 -43.97 -35.04 17.26
CA PHE B 738 -44.60 -35.84 16.21
C PHE B 738 -45.96 -36.40 16.61
N ASP B 739 -46.44 -36.16 17.82
CA ASP B 739 -47.75 -36.65 18.22
C ASP B 739 -48.23 -35.91 19.45
N VAL B 740 -49.53 -35.62 19.48
CA VAL B 740 -50.21 -35.04 20.64
C VAL B 740 -51.48 -35.84 20.89
N TYR B 741 -51.69 -36.25 22.14
CA TYR B 741 -52.83 -37.09 22.50
C TYR B 741 -53.60 -36.43 23.64
N THR B 742 -54.92 -36.34 23.48
CA THR B 742 -55.80 -35.74 24.48
C THR B 742 -57.11 -36.51 24.56
N GLY B 743 -57.04 -37.83 24.48
CA GLY B 743 -58.22 -38.67 24.53
C GLY B 743 -58.37 -39.45 25.81
N GLN B 744 -58.80 -40.71 25.69
CA GLN B 744 -58.99 -41.55 26.87
C GLN B 744 -57.65 -41.83 27.54
N GLY B 745 -57.65 -41.80 28.87
CA GLY B 745 -56.45 -42.04 29.65
C GLY B 745 -55.67 -40.80 30.01
N VAL B 746 -56.13 -39.62 29.63
CA VAL B 746 -55.48 -38.36 29.94
C VAL B 746 -56.41 -37.56 30.84
N GLU B 747 -55.94 -37.22 32.04
CA GLU B 747 -56.75 -36.44 32.96
C GLU B 747 -57.03 -35.06 32.39
N GLU B 748 -58.26 -34.59 32.57
CA GLU B 748 -58.65 -33.29 32.05
C GLU B 748 -57.82 -32.20 32.71
N GLY B 749 -57.05 -31.49 31.89
CA GLY B 749 -56.06 -30.53 32.37
C GLY B 749 -54.63 -30.89 32.00
N LYS B 750 -54.41 -32.05 31.39
CA LYS B 750 -53.08 -32.49 30.95
C LYS B 750 -53.19 -32.93 29.49
N ARG B 751 -52.04 -33.32 28.92
CA ARG B 751 -52.01 -33.82 27.56
C ARG B 751 -50.75 -34.66 27.38
N SER B 752 -50.81 -35.58 26.42
CA SER B 752 -49.71 -36.48 26.11
C SER B 752 -48.96 -35.96 24.90
N LEU B 753 -47.67 -35.67 25.07
CA LEU B 753 -46.82 -35.19 23.99
C LEU B 753 -45.74 -36.21 23.69
N ALA B 754 -45.43 -36.37 22.42
CA ALA B 754 -44.41 -37.33 21.96
C ALA B 754 -43.39 -36.59 21.12
N PHE B 755 -42.16 -36.49 21.63
CA PHE B 755 -41.08 -35.80 20.95
C PHE B 755 -40.10 -36.80 20.36
N ALA B 756 -39.58 -36.45 19.19
CA ALA B 756 -38.53 -37.24 18.53
C ALA B 756 -37.19 -36.55 18.75
N LEU B 757 -36.18 -37.33 19.11
CA LEU B 757 -34.86 -36.80 19.44
C LEU B 757 -33.83 -37.45 18.52
N LEU B 758 -33.22 -36.63 17.67
CA LEU B 758 -32.21 -37.10 16.72
C LEU B 758 -30.83 -36.80 17.28
N TRP B 759 -30.05 -37.85 17.52
CA TRP B 759 -28.71 -37.72 18.08
C TRP B 759 -27.67 -37.90 16.99
N GLN B 760 -26.66 -37.03 16.99
CA GLN B 760 -25.61 -37.07 15.98
C GLN B 760 -24.27 -36.71 16.62
N HIS B 761 -23.22 -37.39 16.17
CA HIS B 761 -21.86 -37.07 16.57
C HIS B 761 -21.04 -36.66 15.36
N PRO B 762 -20.23 -35.60 15.48
CA PRO B 762 -19.54 -35.09 14.28
C PRO B 762 -18.46 -36.00 13.73
N SER B 763 -17.77 -36.77 14.57
CA SER B 763 -16.56 -37.46 14.14
C SER B 763 -16.54 -38.95 14.43
N ARG B 764 -17.62 -39.53 14.95
CA ARG B 764 -17.62 -40.96 15.26
C ARG B 764 -19.06 -41.45 15.36
N THR B 765 -19.20 -42.76 15.54
CA THR B 765 -20.50 -43.37 15.82
C THR B 765 -20.86 -43.18 17.28
N LEU B 766 -22.12 -42.86 17.53
CA LEU B 766 -22.57 -42.65 18.90
C LEU B 766 -22.63 -43.97 19.66
N GLU B 767 -22.14 -43.95 20.90
CA GLU B 767 -22.21 -45.10 21.78
C GLU B 767 -23.51 -45.08 22.57
N ASP B 768 -24.00 -46.27 22.91
CA ASP B 768 -25.24 -46.36 23.68
C ASP B 768 -25.11 -45.78 25.08
N ALA B 769 -23.89 -45.65 25.59
CA ALA B 769 -23.70 -45.06 26.91
C ALA B 769 -23.98 -43.56 26.89
N GLU B 770 -23.56 -42.87 25.83
CA GLU B 770 -23.78 -41.42 25.74
C GLU B 770 -25.26 -41.10 25.61
N ILE B 771 -25.97 -41.83 24.75
CA ILE B 771 -27.37 -41.52 24.49
C ILE B 771 -28.21 -41.74 25.73
N LYS B 772 -28.07 -42.90 26.37
CA LYS B 772 -28.81 -43.16 27.61
C LYS B 772 -28.43 -42.17 28.70
N SER B 773 -27.18 -41.72 28.73
CA SER B 773 -26.80 -40.67 29.67
C SER B 773 -27.52 -39.37 29.37
N GLY B 774 -27.71 -39.04 28.10
CA GLY B 774 -28.42 -37.85 27.70
C GLY B 774 -29.92 -37.97 27.91
N MET B 775 -30.49 -39.12 27.58
CA MET B 775 -31.92 -39.33 27.76
C MET B 775 -32.29 -39.29 29.24
N ASP B 776 -31.50 -39.95 30.09
CA ASP B 776 -31.77 -39.90 31.53
C ASP B 776 -31.61 -38.48 32.08
N ASN B 777 -30.70 -37.69 31.50
CA ASN B 777 -30.56 -36.31 31.91
C ASN B 777 -31.76 -35.48 31.47
N ILE B 778 -32.32 -35.79 30.30
CA ILE B 778 -33.45 -35.02 29.79
C ILE B 778 -34.73 -35.36 30.54
N ILE B 779 -34.95 -36.65 30.81
CA ILE B 779 -36.17 -37.03 31.54
C ILE B 779 -36.14 -36.53 32.97
N GLN B 780 -34.95 -36.49 33.58
CA GLN B 780 -34.85 -35.99 34.96
C GLN B 780 -35.17 -34.51 35.02
N VAL B 781 -34.73 -33.74 34.02
CA VAL B 781 -35.03 -32.31 33.99
C VAL B 781 -36.52 -32.09 33.76
N LEU B 782 -37.10 -32.82 32.80
CA LEU B 782 -38.52 -32.65 32.49
C LEU B 782 -39.41 -33.12 33.64
N GLU B 783 -38.95 -34.12 34.40
CA GLU B 783 -39.72 -34.57 35.56
C GLU B 783 -39.72 -33.52 36.67
N ASN B 784 -38.56 -32.89 36.90
CA ASN B 784 -38.45 -31.92 37.99
C ASN B 784 -39.00 -30.55 37.60
N THR B 785 -38.87 -30.16 36.33
CA THR B 785 -39.24 -28.81 35.92
C THR B 785 -40.75 -28.66 35.80
N TYR B 786 -41.44 -29.66 35.24
CA TYR B 786 -42.86 -29.56 34.95
C TYR B 786 -43.72 -30.56 35.70
N GLN B 787 -43.13 -31.40 36.55
CA GLN B 787 -43.85 -32.47 37.26
C GLN B 787 -44.59 -33.36 36.27
N ALA B 788 -43.83 -33.96 35.37
CA ALA B 788 -44.37 -34.78 34.30
C ALA B 788 -43.88 -36.22 34.43
N THR B 789 -44.68 -37.14 33.89
CA THR B 789 -44.31 -38.55 33.81
C THR B 789 -43.87 -38.87 32.40
N LEU B 790 -42.72 -39.51 32.26
CA LEU B 790 -42.08 -39.69 30.97
C LEU B 790 -41.81 -41.16 30.68
N ARG B 791 -41.48 -41.43 29.41
CA ARG B 791 -41.05 -42.74 28.96
C ARG B 791 -39.96 -42.55 27.92
N ALA B 792 -39.29 -43.65 27.57
CA ALA B 792 -38.20 -43.61 26.60
C ALA B 792 -38.35 -44.81 25.67
N SER B 793 -38.95 -44.57 24.51
CA SER B 793 -39.15 -45.62 23.52
C SER B 793 -37.89 -45.88 22.72
N MET C 1 -89.82 -8.22 47.83
CA MET C 1 -90.19 -7.11 48.69
C MET C 1 -90.97 -6.06 47.90
N ARG C 2 -91.52 -5.07 48.62
CA ARG C 2 -92.30 -4.02 47.99
C ARG C 2 -92.51 -2.83 48.94
N VAL C 3 -92.49 -3.09 50.24
CA VAL C 3 -92.82 -2.06 51.24
C VAL C 3 -91.52 -1.38 51.62
N THR C 4 -91.11 -0.41 50.80
CA THR C 4 -89.97 0.46 51.08
C THR C 4 -90.40 1.89 50.80
N MET C 5 -90.81 2.61 51.84
CA MET C 5 -91.36 3.97 51.69
C MET C 5 -90.23 5.00 51.67
N SER C 6 -89.38 4.90 50.66
CA SER C 6 -88.28 5.84 50.49
C SER C 6 -87.72 5.66 49.09
N LEU C 7 -87.59 6.77 48.35
CA LEU C 7 -87.08 6.70 46.98
C LEU C 7 -85.61 6.31 46.95
N GLU C 8 -84.81 6.85 47.88
CA GLU C 8 -83.40 6.49 47.91
C GLU C 8 -83.21 5.04 48.36
N ALA C 9 -84.06 4.57 49.27
CA ALA C 9 -83.98 3.17 49.68
C ALA C 9 -84.47 2.24 48.59
N LEU C 10 -85.34 2.73 47.70
CA LEU C 10 -85.79 1.91 46.58
C LEU C 10 -84.67 1.71 45.57
N THR C 11 -83.88 2.75 45.31
CA THR C 11 -82.80 2.66 44.33
C THR C 11 -81.73 1.67 44.78
N THR C 12 -81.24 1.82 46.02
CA THR C 12 -80.18 0.94 46.50
C THR C 12 -80.65 -0.50 46.60
N GLU C 13 -81.96 -0.72 46.82
CA GLU C 13 -82.49 -2.06 46.76
C GLU C 13 -82.58 -2.55 45.31
N ALA C 14 -82.90 -1.65 44.39
CA ALA C 14 -82.94 -2.03 42.98
C ALA C 14 -81.53 -2.29 42.44
N LEU C 15 -80.58 -1.43 42.78
CA LEU C 15 -79.21 -1.62 42.32
C LEU C 15 -78.59 -2.89 42.90
N ALA C 16 -78.95 -3.24 44.14
CA ALA C 16 -78.44 -4.47 44.74
C ALA C 16 -79.08 -5.70 44.10
N ALA C 17 -80.34 -5.59 43.66
CA ALA C 17 -80.99 -6.71 43.01
C ALA C 17 -80.49 -6.89 41.58
N ILE C 18 -80.07 -5.80 40.94
CA ILE C 18 -79.51 -5.91 39.58
C ILE C 18 -78.14 -6.56 39.62
N ALA C 19 -77.29 -6.14 40.57
CA ALA C 19 -75.94 -6.70 40.68
C ALA C 19 -75.98 -8.17 41.11
N ALA C 20 -77.04 -8.60 41.79
CA ALA C 20 -77.13 -10.00 42.21
C ALA C 20 -77.69 -10.90 41.12
N ALA C 21 -78.37 -10.35 40.12
CA ALA C 21 -78.92 -11.14 39.03
C ALA C 21 -77.77 -11.64 38.16
N GLN C 22 -77.53 -12.95 38.17
CA GLN C 22 -76.44 -13.57 37.43
C GLN C 22 -76.91 -14.26 36.17
N ASP C 23 -78.13 -13.98 35.71
CA ASP C 23 -78.67 -14.54 34.48
C ASP C 23 -79.41 -13.45 33.72
N LEU C 24 -79.53 -13.65 32.41
CA LEU C 24 -80.28 -12.69 31.59
C LEU C 24 -81.78 -12.85 31.80
N VAL C 25 -82.26 -14.08 31.99
CA VAL C 25 -83.67 -14.29 32.31
C VAL C 25 -83.97 -13.76 33.70
N ALA C 26 -83.06 -13.97 34.65
CA ALA C 26 -83.23 -13.42 35.99
C ALA C 26 -83.06 -11.90 36.01
N LEU C 27 -82.40 -11.33 35.01
CA LEU C 27 -82.27 -9.87 34.94
C LEU C 27 -83.60 -9.22 34.59
N ASP C 28 -84.34 -9.81 33.66
CA ASP C 28 -85.69 -9.33 33.39
C ASP C 28 -86.61 -9.54 34.58
N GLN C 29 -86.37 -10.59 35.37
CA GLN C 29 -87.15 -10.80 36.58
C GLN C 29 -86.94 -9.67 37.58
N VAL C 30 -85.70 -9.17 37.67
CA VAL C 30 -85.42 -8.02 38.51
C VAL C 30 -86.08 -6.77 37.93
N ARG C 31 -86.10 -6.65 36.61
CA ARG C 31 -86.64 -5.45 35.97
C ARG C 31 -88.17 -5.43 36.02
N VAL C 32 -88.81 -6.60 35.91
CA VAL C 32 -90.27 -6.64 35.86
C VAL C 32 -90.86 -6.14 37.18
N GLN C 33 -90.37 -6.67 38.30
CA GLN C 33 -90.88 -6.30 39.62
C GLN C 33 -90.19 -5.05 40.18
N PHE C 34 -89.63 -4.21 39.30
CA PHE C 34 -89.03 -2.95 39.73
C PHE C 34 -89.30 -1.79 38.78
N THR C 35 -90.12 -1.99 37.73
CA THR C 35 -90.38 -0.92 36.78
C THR C 35 -91.87 -0.67 36.61
N GLY C 36 -92.45 -1.15 35.51
CA GLY C 36 -93.83 -0.82 35.19
C GLY C 36 -94.85 -1.89 35.55
N LYS C 37 -94.41 -3.14 35.64
CA LYS C 37 -95.32 -4.24 35.91
C LYS C 37 -95.85 -4.20 37.34
N LYS C 38 -96.65 -3.17 37.65
CA LYS C 38 -97.26 -3.02 38.97
C LYS C 38 -96.22 -3.01 40.08
N SER C 39 -95.07 -2.39 39.80
CA SER C 39 -93.98 -2.33 40.77
C SER C 39 -94.15 -1.07 41.64
N GLN C 40 -93.12 -0.76 42.43
CA GLN C 40 -93.20 0.40 43.31
C GLN C 40 -93.00 1.71 42.55
N LEU C 41 -92.29 1.66 41.42
CA LEU C 41 -92.15 2.86 40.60
C LEU C 41 -93.43 3.20 39.85
N ALA C 42 -94.22 2.18 39.50
CA ALA C 42 -95.48 2.43 38.81
C ALA C 42 -96.52 2.99 39.75
N GLU C 43 -96.57 2.48 40.99
CA GLU C 43 -97.52 3.00 41.97
C GLU C 43 -97.16 4.42 42.41
N GLN C 44 -95.87 4.73 42.48
CA GLN C 44 -95.47 6.09 42.84
C GLN C 44 -95.73 7.07 41.69
N SER C 45 -95.57 6.60 40.45
CA SER C 45 -95.86 7.47 39.31
C SER C 45 -97.35 7.73 39.16
N LYS C 46 -98.19 6.77 39.55
CA LYS C 46 -99.63 6.98 39.48
C LYS C 46 -100.11 7.90 40.60
N ALA C 47 -99.48 7.84 41.77
CA ALA C 47 -99.86 8.71 42.88
C ALA C 47 -99.37 10.13 42.68
N LEU C 48 -98.19 10.31 42.05
CA LEU C 48 -97.66 11.65 41.82
C LEU C 48 -98.46 12.40 40.76
N GLY C 49 -99.22 11.71 39.92
CA GLY C 49 -100.02 12.36 38.91
C GLY C 49 -101.51 12.24 39.16
N LYS C 50 -101.90 12.18 40.43
CA LYS C 50 -103.29 12.06 40.83
C LYS C 50 -103.85 13.36 41.39
N MET C 51 -103.15 13.98 42.35
CA MET C 51 -103.58 15.23 42.96
C MET C 51 -102.32 16.02 43.32
N ASP C 52 -101.62 16.50 42.28
CA ASP C 52 -100.37 17.24 42.46
C ASP C 52 -100.21 18.22 41.31
N PRO C 53 -100.86 19.39 41.40
CA PRO C 53 -100.64 20.42 40.38
C PRO C 53 -99.23 21.01 40.48
N GLU C 54 -98.82 21.35 41.70
CA GLU C 54 -97.49 21.86 41.96
C GLU C 54 -96.59 20.85 42.66
N GLU C 55 -97.14 19.80 43.25
CA GLU C 55 -96.34 18.78 43.91
C GLU C 55 -95.76 17.76 42.93
N ARG C 56 -96.26 17.73 41.69
CA ARG C 56 -95.70 16.84 40.68
C ARG C 56 -94.46 17.41 40.02
N LYS C 57 -94.13 18.67 40.28
CA LYS C 57 -92.91 19.24 39.73
C LYS C 57 -91.67 18.66 40.41
N VAL C 58 -91.83 18.16 41.64
CA VAL C 58 -90.69 17.60 42.38
C VAL C 58 -90.85 16.09 42.46
N GLN C 59 -92.10 15.62 42.52
CA GLN C 59 -92.33 14.19 42.58
C GLN C 59 -92.10 13.53 41.23
N GLY C 60 -92.56 14.17 40.15
CA GLY C 60 -92.35 13.62 38.83
C GLY C 60 -90.91 13.68 38.38
N ALA C 61 -90.16 14.69 38.84
CA ALA C 61 -88.75 14.80 38.50
C ALA C 61 -87.89 13.79 39.25
N ALA C 62 -88.28 13.45 40.48
CA ALA C 62 -87.52 12.45 41.24
C ALA C 62 -87.76 11.05 40.70
N ILE C 63 -88.99 10.76 40.27
CA ILE C 63 -89.28 9.45 39.70
C ILE C 63 -88.59 9.27 38.36
N HIS C 64 -88.54 10.33 37.55
CA HIS C 64 -87.80 10.27 36.29
C HIS C 64 -86.32 10.06 36.52
N ALA C 65 -85.79 10.58 37.64
CA ALA C 65 -84.38 10.36 37.96
C ALA C 65 -84.15 8.94 38.46
N VAL C 66 -85.08 8.39 39.22
CA VAL C 66 -84.96 7.02 39.70
C VAL C 66 -85.08 6.03 38.55
N ARG C 67 -86.04 6.27 37.65
CA ARG C 67 -86.20 5.39 36.49
C ARG C 67 -84.99 5.46 35.57
N GLU C 68 -84.30 6.60 35.53
CA GLU C 68 -83.11 6.73 34.70
C GLU C 68 -81.92 6.01 35.32
N THR C 69 -81.80 6.05 36.65
CA THR C 69 -80.70 5.35 37.31
C THR C 69 -80.88 3.84 37.24
N ILE C 70 -82.12 3.36 37.32
CA ILE C 70 -82.37 1.93 37.20
C ILE C 70 -82.13 1.46 35.79
N ASN C 71 -82.62 2.21 34.79
CA ASN C 71 -82.44 1.82 33.40
C ASN C 71 -80.97 1.85 32.99
N ASN C 72 -80.16 2.73 33.60
CA ASN C 72 -78.74 2.75 33.31
C ASN C 72 -78.00 1.60 33.98
N ALA C 73 -78.46 1.17 35.16
CA ALA C 73 -77.87 0.01 35.80
C ALA C 73 -78.36 -1.29 35.19
N LEU C 74 -79.55 -1.27 34.57
CA LEU C 74 -80.06 -2.46 33.88
C LEU C 74 -79.31 -2.68 32.57
N THR C 75 -79.12 -1.63 31.78
CA THR C 75 -78.49 -1.77 30.47
C THR C 75 -76.99 -2.01 30.58
N GLU C 76 -76.38 -1.69 31.72
CA GLU C 76 -74.96 -1.93 31.90
C GLU C 76 -74.68 -3.33 32.43
N ARG C 77 -75.47 -3.78 33.42
CA ARG C 77 -75.32 -5.14 33.90
C ARG C 77 -75.73 -6.16 32.84
N GLN C 78 -76.61 -5.76 31.92
CA GLN C 78 -76.98 -6.65 30.82
C GLN C 78 -75.79 -6.94 29.92
N THR C 79 -75.09 -5.88 29.49
CA THR C 79 -73.88 -6.08 28.69
C THR C 79 -72.74 -6.66 29.52
N ALA C 80 -72.76 -6.48 30.84
CA ALA C 80 -71.73 -7.09 31.68
C ALA C 80 -71.92 -8.61 31.76
N LEU C 81 -73.16 -9.08 31.65
CA LEU C 81 -73.40 -10.52 31.63
C LEU C 81 -73.16 -11.12 30.26
N GLN C 82 -73.44 -10.37 29.19
CA GLN C 82 -73.18 -10.89 27.85
C GLN C 82 -71.69 -10.89 27.54
N GLN C 83 -70.91 -10.03 28.19
CA GLN C 83 -69.47 -10.05 28.04
C GLN C 83 -68.84 -11.16 28.88
N ALA C 84 -69.42 -11.46 30.05
CA ALA C 84 -68.95 -12.60 30.83
C ALA C 84 -69.26 -13.91 30.13
N ALA C 85 -70.39 -13.98 29.44
CA ALA C 85 -70.71 -15.18 28.66
C ALA C 85 -69.82 -15.28 27.42
N LEU C 86 -69.45 -14.15 26.83
CA LEU C 86 -68.54 -14.18 25.68
C LEU C 86 -67.13 -14.54 26.12
N ALA C 87 -66.67 -14.00 27.25
CA ALA C 87 -65.35 -14.33 27.74
C ALA C 87 -65.25 -15.80 28.14
N GLN C 88 -66.35 -16.40 28.58
CA GLN C 88 -66.36 -17.83 28.87
C GLN C 88 -66.31 -18.65 27.60
N LYS C 89 -66.89 -18.15 26.50
CA LYS C 89 -66.84 -18.87 25.23
C LYS C 89 -65.45 -18.78 24.61
N LEU C 90 -64.83 -17.60 24.64
CA LEU C 90 -63.52 -17.43 24.03
C LEU C 90 -62.46 -18.26 24.74
N ALA C 91 -62.59 -18.40 26.07
CA ALA C 91 -61.67 -19.25 26.80
C ALA C 91 -61.91 -20.73 26.52
N SER C 92 -63.11 -21.09 26.07
CA SER C 92 -63.40 -22.48 25.75
C SER C 92 -62.62 -22.94 24.52
N GLU C 93 -62.50 -22.08 23.52
CA GLU C 93 -61.83 -22.42 22.27
C GLU C 93 -60.43 -21.83 22.20
N THR C 94 -59.65 -22.05 23.27
CA THR C 94 -58.27 -21.60 23.34
C THR C 94 -57.34 -22.74 22.93
N ILE C 95 -56.35 -22.43 22.10
CA ILE C 95 -55.45 -23.43 21.55
C ILE C 95 -54.01 -23.03 21.85
N ASP C 96 -53.13 -24.04 21.86
CA ASP C 96 -51.70 -23.80 22.06
C ASP C 96 -51.13 -23.11 20.84
N ILE C 97 -50.68 -21.87 21.01
CA ILE C 97 -50.18 -21.08 19.88
C ILE C 97 -48.87 -21.65 19.36
N THR C 98 -48.00 -22.12 20.25
CA THR C 98 -46.68 -22.60 19.85
C THR C 98 -46.71 -23.94 19.14
N LEU C 99 -47.87 -24.59 19.03
CA LEU C 99 -47.94 -25.85 18.31
C LEU C 99 -47.59 -25.64 16.84
N PRO C 100 -46.76 -26.51 16.26
CA PRO C 100 -46.34 -26.31 14.86
C PRO C 100 -47.53 -26.37 13.91
N GLY C 101 -47.53 -25.49 12.93
CA GLY C 101 -48.60 -25.42 11.96
C GLY C 101 -48.63 -26.63 11.05
N ARG C 102 -49.71 -26.70 10.27
CA ARG C 102 -49.93 -27.78 9.31
C ARG C 102 -49.67 -27.24 7.91
N GLY C 103 -48.53 -27.61 7.34
CA GLY C 103 -48.18 -27.12 6.02
C GLY C 103 -46.89 -27.76 5.54
N GLN C 104 -46.40 -27.24 4.42
CA GLN C 104 -45.19 -27.74 3.81
C GLN C 104 -43.97 -26.99 4.31
N ARG C 105 -42.83 -27.69 4.32
CA ARG C 105 -41.54 -27.05 4.57
C ARG C 105 -40.99 -26.54 3.25
N ILE C 106 -40.58 -25.27 3.23
CA ILE C 106 -40.10 -24.66 2.01
C ILE C 106 -38.86 -25.39 1.50
N GLY C 107 -38.80 -25.60 0.19
CA GLY C 107 -37.67 -26.24 -0.42
C GLY C 107 -36.44 -25.35 -0.42
N THR C 108 -35.42 -25.81 -1.13
CA THR C 108 -34.15 -25.11 -1.20
C THR C 108 -33.74 -24.89 -2.65
N VAL C 109 -32.84 -23.94 -2.86
CA VAL C 109 -32.23 -23.68 -4.15
C VAL C 109 -30.76 -24.08 -4.06
N HIS C 110 -30.24 -24.66 -5.13
CA HIS C 110 -28.88 -25.18 -5.11
C HIS C 110 -27.88 -24.04 -4.90
N PRO C 111 -26.78 -24.29 -4.16
CA PRO C 111 -25.82 -23.21 -3.90
C PRO C 111 -25.22 -22.60 -5.16
N VAL C 112 -24.79 -23.44 -6.11
CA VAL C 112 -24.19 -22.88 -7.33
C VAL C 112 -25.25 -22.14 -8.15
N THR C 113 -26.52 -22.52 -8.01
CA THR C 113 -27.58 -21.77 -8.68
C THR C 113 -27.73 -20.38 -8.08
N GLN C 114 -27.63 -20.27 -6.75
CA GLN C 114 -27.70 -18.96 -6.11
C GLN C 114 -26.48 -18.11 -6.45
N VAL C 115 -25.29 -18.72 -6.46
CA VAL C 115 -24.09 -18.00 -6.86
C VAL C 115 -24.17 -17.60 -8.33
N GLN C 116 -24.69 -18.49 -9.17
CA GLN C 116 -24.83 -18.19 -10.60
C GLN C 116 -25.77 -17.02 -10.81
N GLU C 117 -26.92 -17.02 -10.14
CA GLU C 117 -27.88 -15.93 -10.30
C GLU C 117 -27.38 -14.64 -9.65
N ARG C 118 -26.43 -14.71 -8.72
CA ARG C 118 -25.86 -13.49 -8.17
C ARG C 118 -24.83 -12.88 -9.11
N ILE C 119 -23.95 -13.70 -9.68
CA ILE C 119 -22.95 -13.19 -10.62
C ILE C 119 -23.64 -12.62 -11.86
N CYS C 120 -24.71 -13.27 -12.31
CA CYS C 120 -25.40 -12.82 -13.52
C CYS C 120 -26.21 -11.55 -13.28
N GLN C 121 -26.85 -11.43 -12.13
CA GLN C 121 -27.68 -10.25 -11.87
C GLN C 121 -26.86 -8.97 -11.84
N PHE C 122 -25.57 -9.07 -11.50
CA PHE C 122 -24.70 -7.90 -11.61
C PHE C 122 -24.64 -7.38 -13.03
N PHE C 123 -24.70 -8.28 -14.02
CA PHE C 123 -24.59 -7.91 -15.42
C PHE C 123 -25.94 -7.70 -16.08
N THR C 124 -26.94 -8.51 -15.74
CA THR C 124 -28.25 -8.35 -16.36
C THR C 124 -28.87 -7.01 -16.00
N LYS C 125 -28.70 -6.56 -14.75
CA LYS C 125 -29.17 -5.25 -14.35
C LYS C 125 -28.39 -4.11 -15.00
N ALA C 126 -27.25 -4.42 -15.63
CA ALA C 126 -26.38 -3.40 -16.21
C ALA C 126 -26.33 -3.47 -17.73
N GLY C 127 -27.34 -4.07 -18.37
CA GLY C 127 -27.44 -4.10 -19.81
C GLY C 127 -27.07 -5.42 -20.45
N PHE C 128 -26.26 -6.25 -19.78
CA PHE C 128 -25.94 -7.56 -20.31
C PHE C 128 -27.16 -8.46 -20.32
N THR C 129 -27.11 -9.51 -21.12
CA THR C 129 -28.19 -10.47 -21.23
C THR C 129 -27.65 -11.89 -21.08
N VAL C 130 -28.48 -12.77 -20.55
CA VAL C 130 -28.09 -14.16 -20.34
C VAL C 130 -28.23 -14.92 -21.65
N ALA C 131 -27.24 -15.76 -21.96
CA ALA C 131 -27.24 -16.57 -23.16
C ALA C 131 -26.88 -18.00 -22.79
N THR C 132 -27.74 -18.94 -23.19
CA THR C 132 -27.52 -20.36 -22.96
C THR C 132 -27.46 -21.08 -24.31
N GLY C 133 -27.04 -22.34 -24.28
CA GLY C 133 -26.95 -23.15 -25.47
C GLY C 133 -26.75 -24.61 -25.17
N PRO C 134 -26.71 -25.43 -26.22
CA PRO C 134 -26.54 -26.88 -26.02
C PRO C 134 -25.17 -27.22 -25.46
N GLU C 135 -25.13 -28.33 -24.73
CA GLU C 135 -23.89 -28.78 -24.09
C GLU C 135 -23.12 -29.79 -24.94
N VAL C 136 -23.78 -30.41 -25.92
CA VAL C 136 -23.09 -31.25 -26.90
C VAL C 136 -22.71 -30.35 -28.08
N GLU C 137 -21.41 -30.14 -28.26
CA GLU C 137 -20.89 -29.16 -29.19
C GLU C 137 -20.07 -29.84 -30.29
N ASP C 138 -19.82 -29.08 -31.35
CA ASP C 138 -18.94 -29.52 -32.42
C ASP C 138 -17.56 -28.91 -32.26
N ASP C 139 -16.63 -29.34 -33.12
CA ASP C 139 -15.24 -28.91 -32.99
C ASP C 139 -15.04 -27.45 -33.40
N TYR C 140 -15.86 -26.95 -34.33
CA TYR C 140 -15.67 -25.58 -34.81
C TYR C 140 -16.04 -24.57 -33.74
N HIS C 141 -17.25 -24.68 -33.18
CA HIS C 141 -17.71 -23.71 -32.19
C HIS C 141 -17.01 -23.84 -30.85
N ASN C 142 -16.26 -24.91 -30.61
CA ASN C 142 -15.58 -25.11 -29.33
C ASN C 142 -14.07 -24.98 -29.42
N PHE C 143 -13.48 -25.05 -30.61
CA PHE C 143 -12.02 -25.03 -30.75
C PHE C 143 -11.56 -24.25 -31.97
N GLU C 144 -12.09 -24.59 -33.15
CA GLU C 144 -11.58 -24.01 -34.38
C GLU C 144 -11.82 -22.51 -34.44
N ALA C 145 -12.99 -22.05 -34.00
CA ALA C 145 -13.31 -20.63 -34.04
C ALA C 145 -12.59 -19.82 -32.98
N LEU C 146 -11.78 -20.45 -32.12
CA LEU C 146 -11.07 -19.77 -31.04
C LEU C 146 -9.56 -19.78 -31.25
N ASN C 147 -9.12 -19.74 -32.52
CA ASN C 147 -7.70 -19.71 -32.87
C ASN C 147 -6.94 -20.91 -32.33
N ILE C 148 -7.59 -22.07 -32.25
CA ILE C 148 -6.94 -23.28 -31.78
C ILE C 148 -6.73 -24.25 -32.92
N ASP C 159 -7.73 -34.03 -22.70
CA ASP C 159 -8.67 -34.58 -21.73
C ASP C 159 -10.06 -33.96 -21.89
N THR C 160 -10.71 -34.26 -23.01
CA THR C 160 -12.02 -33.72 -23.32
C THR C 160 -12.98 -34.85 -23.64
N PHE C 161 -14.16 -34.83 -23.01
CA PHE C 161 -15.19 -35.84 -23.28
C PHE C 161 -15.69 -35.66 -24.70
N TYR C 162 -15.27 -36.56 -25.59
CA TYR C 162 -15.72 -36.55 -26.98
C TYR C 162 -16.59 -37.76 -27.24
N PHE C 163 -17.35 -37.71 -28.34
CA PHE C 163 -18.20 -38.81 -28.77
C PHE C 163 -17.64 -39.45 -30.02
N ASP C 164 -17.64 -38.75 -31.15
CA ASP C 164 -16.97 -39.20 -32.36
C ASP C 164 -15.77 -38.27 -32.61
N ALA C 165 -15.44 -38.03 -33.88
CA ALA C 165 -14.28 -37.20 -34.19
C ALA C 165 -14.61 -35.71 -34.14
N ASN C 166 -15.85 -35.33 -34.42
CA ASN C 166 -16.21 -33.93 -34.53
C ASN C 166 -17.06 -33.41 -33.37
N HIS C 167 -17.63 -34.29 -32.56
CA HIS C 167 -18.53 -33.87 -31.48
C HIS C 167 -17.93 -34.22 -30.13
N LEU C 168 -18.38 -33.50 -29.11
CA LEU C 168 -17.76 -33.55 -27.79
C LEU C 168 -18.67 -32.84 -26.79
N LEU C 169 -18.36 -33.02 -25.51
CA LEU C 169 -18.96 -32.23 -24.45
C LEU C 169 -18.13 -30.96 -24.25
N ARG C 170 -18.81 -29.82 -24.21
CA ARG C 170 -18.10 -28.54 -24.22
C ARG C 170 -17.26 -28.36 -22.96
N THR C 171 -16.06 -27.81 -23.15
CA THR C 171 -15.19 -27.46 -22.03
C THR C 171 -15.41 -26.03 -21.55
N HIS C 172 -15.94 -25.16 -22.40
CA HIS C 172 -16.29 -23.80 -22.02
C HIS C 172 -17.53 -23.39 -22.81
N THR C 173 -18.25 -22.40 -22.27
CA THR C 173 -19.51 -21.97 -22.86
C THR C 173 -19.29 -21.04 -24.05
N SER C 174 -18.17 -21.22 -24.76
CA SER C 174 -17.86 -20.39 -25.92
C SER C 174 -18.77 -20.68 -27.10
N GLY C 175 -19.53 -21.78 -27.08
CA GLY C 175 -20.39 -22.10 -28.20
C GLY C 175 -21.48 -21.08 -28.42
N VAL C 176 -22.07 -20.59 -27.32
CA VAL C 176 -23.13 -19.59 -27.44
C VAL C 176 -22.55 -18.20 -27.75
N GLN C 177 -21.29 -17.96 -27.43
CA GLN C 177 -20.67 -16.67 -27.74
C GLN C 177 -20.29 -16.60 -29.21
N ILE C 178 -19.82 -17.71 -29.78
CA ILE C 178 -19.47 -17.73 -31.20
C ILE C 178 -20.73 -17.60 -32.06
N ARG C 179 -21.80 -18.29 -31.69
CA ARG C 179 -23.03 -18.25 -32.48
C ARG C 179 -23.68 -16.86 -32.42
N THR C 180 -23.66 -16.23 -31.25
CA THR C 180 -24.20 -14.87 -31.15
C THR C 180 -23.37 -13.88 -31.96
N MET C 181 -22.07 -14.16 -32.13
CA MET C 181 -21.26 -13.34 -33.03
C MET C 181 -21.60 -13.61 -34.48
N GLU C 182 -21.86 -14.87 -34.83
CA GLU C 182 -22.14 -15.25 -36.20
C GLU C 182 -23.58 -14.95 -36.62
N THR C 183 -24.46 -14.64 -35.68
CA THR C 183 -25.86 -14.38 -35.98
C THR C 183 -26.29 -12.94 -35.75
N SER C 184 -25.37 -12.07 -35.34
CA SER C 184 -25.71 -10.69 -35.07
C SER C 184 -24.47 -9.83 -35.14
N GLN C 185 -24.67 -8.52 -35.14
CA GLN C 185 -23.63 -7.51 -35.16
C GLN C 185 -23.58 -6.78 -33.82
N PRO C 186 -22.44 -6.15 -33.50
CA PRO C 186 -22.35 -5.36 -32.27
C PRO C 186 -23.41 -4.27 -32.23
N PRO C 187 -23.78 -3.78 -31.03
CA PRO C 187 -23.24 -4.14 -29.71
C PRO C 187 -23.68 -5.51 -29.21
N ILE C 188 -22.76 -6.23 -28.58
CA ILE C 188 -23.04 -7.53 -27.97
C ILE C 188 -22.56 -7.47 -26.53
N ARG C 189 -23.50 -7.61 -25.59
CA ARG C 189 -23.21 -7.61 -24.15
C ARG C 189 -23.92 -8.82 -23.56
N ILE C 190 -23.21 -9.94 -23.48
CA ILE C 190 -23.80 -11.19 -22.99
C ILE C 190 -22.92 -11.77 -21.89
N VAL C 191 -23.57 -12.48 -20.97
CA VAL C 191 -22.90 -13.31 -19.97
C VAL C 191 -23.47 -14.71 -20.09
N CYS C 192 -22.61 -15.71 -20.09
CA CYS C 192 -22.98 -17.06 -20.50
C CYS C 192 -22.69 -18.09 -19.41
N PRO C 193 -23.66 -18.45 -18.58
CA PRO C 193 -23.46 -19.56 -17.64
C PRO C 193 -23.79 -20.91 -18.27
N GLY C 194 -23.58 -21.99 -17.54
CA GLY C 194 -23.91 -23.30 -18.04
C GLY C 194 -22.95 -24.34 -17.50
N ARG C 195 -23.20 -25.59 -17.89
CA ARG C 195 -22.38 -26.72 -17.47
C ARG C 195 -21.27 -26.96 -18.48
N VAL C 196 -20.08 -27.31 -17.97
CA VAL C 196 -18.93 -27.64 -18.80
C VAL C 196 -18.28 -28.90 -18.24
N TYR C 197 -17.53 -29.58 -19.09
CA TYR C 197 -17.04 -30.93 -18.79
C TYR C 197 -15.57 -31.06 -19.17
N ARG C 198 -14.81 -31.67 -18.27
CA ARG C 198 -13.41 -31.98 -18.52
C ARG C 198 -13.10 -33.36 -17.98
N CYS C 199 -12.22 -34.09 -18.68
CA CYS C 199 -11.92 -35.49 -18.35
C CYS C 199 -10.76 -35.56 -17.35
N ASP C 200 -11.08 -35.24 -16.09
CA ASP C 200 -10.08 -35.27 -15.02
C ASP C 200 -10.83 -35.20 -13.69
N SER C 201 -11.21 -36.38 -13.18
CA SER C 201 -11.93 -36.45 -11.90
C SER C 201 -10.98 -36.29 -10.72
N ASP C 202 -10.61 -37.41 -10.10
CA ASP C 202 -9.72 -37.44 -8.92
C ASP C 202 -10.37 -36.58 -7.83
N GLN C 203 -9.64 -35.66 -7.19
CA GLN C 203 -10.21 -34.76 -6.21
C GLN C 203 -9.89 -33.32 -6.61
N THR C 204 -10.62 -32.38 -6.00
CA THR C 204 -10.55 -30.95 -6.32
C THR C 204 -10.87 -30.65 -7.78
N HIS C 205 -11.38 -31.64 -8.52
CA HIS C 205 -11.78 -31.48 -9.90
C HIS C 205 -13.00 -32.34 -10.16
N SER C 206 -13.99 -31.78 -10.85
CA SER C 206 -15.22 -32.51 -11.13
C SER C 206 -15.39 -32.71 -12.63
N PRO C 207 -15.85 -33.87 -13.07
CA PRO C 207 -16.07 -34.08 -14.51
C PRO C 207 -17.15 -33.18 -15.09
N MET C 208 -18.05 -32.66 -14.26
CA MET C 208 -19.04 -31.69 -14.69
C MET C 208 -19.04 -30.54 -13.70
N PHE C 209 -18.68 -29.34 -14.16
CA PHE C 209 -18.70 -28.15 -13.34
C PHE C 209 -19.33 -27.01 -14.13
N HIS C 210 -19.62 -25.92 -13.43
CA HIS C 210 -20.28 -24.76 -14.02
C HIS C 210 -19.28 -23.65 -14.29
N GLN C 211 -19.55 -22.88 -15.35
CA GLN C 211 -18.66 -21.81 -15.77
C GLN C 211 -19.49 -20.63 -16.26
N ILE C 212 -19.18 -19.44 -15.73
CA ILE C 212 -19.80 -18.20 -16.16
C ILE C 212 -18.77 -17.41 -16.94
N GLU C 213 -19.11 -17.06 -18.18
CA GLU C 213 -18.21 -16.34 -19.07
C GLU C 213 -18.94 -15.15 -19.68
N GLY C 214 -18.28 -14.00 -19.68
CA GLY C 214 -18.85 -12.79 -20.24
C GLY C 214 -18.24 -12.44 -21.58
N LEU C 215 -18.98 -11.65 -22.35
CA LEU C 215 -18.55 -11.21 -23.66
C LEU C 215 -19.07 -9.82 -23.93
N TYR C 216 -18.19 -8.91 -24.35
CA TYR C 216 -18.54 -7.53 -24.64
C TYR C 216 -17.75 -7.09 -25.85
N VAL C 217 -18.43 -6.83 -26.96
CA VAL C 217 -17.81 -6.30 -28.17
C VAL C 217 -18.65 -5.15 -28.68
N ALA C 218 -18.03 -3.98 -28.84
CA ALA C 218 -18.70 -2.79 -29.34
C ALA C 218 -17.76 -2.11 -30.32
N GLU C 219 -18.06 -0.84 -30.65
CA GLU C 219 -17.19 -0.11 -31.55
C GLU C 219 -15.82 0.15 -30.95
N ASN C 220 -15.73 0.23 -29.63
CA ASN C 220 -14.44 0.46 -28.98
C ASN C 220 -14.49 -0.03 -27.55
N THR C 221 -13.39 -0.63 -27.10
CA THR C 221 -13.16 -0.98 -25.71
C THR C 221 -11.66 -1.17 -25.52
N SER C 222 -11.24 -1.29 -24.27
CA SER C 222 -9.81 -1.32 -23.99
C SER C 222 -9.54 -2.23 -22.78
N PHE C 223 -8.25 -2.46 -22.54
CA PHE C 223 -7.84 -3.22 -21.37
C PHE C 223 -8.16 -2.47 -20.08
N ALA C 224 -8.25 -1.14 -20.16
CA ALA C 224 -8.61 -0.35 -18.98
C ALA C 224 -10.05 -0.63 -18.56
N GLU C 225 -10.98 -0.64 -19.52
CA GLU C 225 -12.37 -0.91 -19.20
C GLU C 225 -12.58 -2.34 -18.74
N LEU C 226 -11.81 -3.29 -19.29
CA LEU C 226 -11.90 -4.67 -18.84
C LEU C 226 -11.45 -4.82 -17.39
N LYS C 227 -10.34 -4.18 -17.02
CA LYS C 227 -9.84 -4.28 -15.66
C LYS C 227 -10.82 -3.64 -14.67
N GLY C 228 -11.36 -2.47 -15.01
CA GLY C 228 -12.28 -1.80 -14.11
C GLY C 228 -13.58 -2.57 -13.93
N LEU C 229 -14.06 -3.22 -14.99
CA LEU C 229 -15.30 -3.98 -14.89
C LEU C 229 -15.12 -5.24 -14.04
N LEU C 230 -13.95 -5.86 -14.09
CA LEU C 230 -13.72 -7.07 -13.30
C LEU C 230 -13.47 -6.76 -11.84
N ILE C 231 -12.66 -5.74 -11.55
CA ILE C 231 -12.49 -5.28 -10.17
C ILE C 231 -13.84 -4.87 -9.59
N ASN C 232 -14.72 -4.33 -10.43
CA ASN C 232 -16.09 -4.04 -9.99
C ASN C 232 -16.81 -5.32 -9.62
N LEU C 233 -16.64 -6.39 -10.41
CA LEU C 233 -17.33 -7.64 -10.14
C LEU C 233 -16.79 -8.33 -8.90
N LEU C 234 -15.47 -8.36 -8.74
CA LEU C 234 -14.88 -9.10 -7.63
C LEU C 234 -15.15 -8.41 -6.30
N ASN C 235 -15.05 -7.08 -6.25
CA ASN C 235 -15.30 -6.37 -5.01
C ASN C 235 -16.77 -6.35 -4.64
N GLU C 236 -17.66 -6.42 -5.63
CA GLU C 236 -19.10 -6.36 -5.35
C GLU C 236 -19.71 -7.74 -5.09
N PHE C 237 -19.17 -8.78 -5.72
CA PHE C 237 -19.69 -10.13 -5.47
C PHE C 237 -19.36 -10.59 -4.06
N PHE C 238 -18.07 -10.59 -3.71
CA PHE C 238 -17.64 -11.07 -2.40
C PHE C 238 -17.99 -10.09 -1.28
N GLU C 239 -18.35 -8.85 -1.60
CA GLU C 239 -18.72 -7.85 -0.60
C GLU C 239 -17.57 -7.61 0.37
N LYS C 240 -16.39 -7.32 -0.17
CA LYS C 240 -15.20 -7.09 0.65
C LYS C 240 -14.17 -6.35 -0.19
N ASP C 241 -13.47 -5.40 0.45
CA ASP C 241 -12.41 -4.63 -0.21
C ASP C 241 -11.15 -5.50 -0.26
N LEU C 242 -11.09 -6.34 -1.29
CA LEU C 242 -10.01 -7.30 -1.46
C LEU C 242 -8.93 -6.74 -2.38
N LYS C 243 -7.73 -7.31 -2.26
CA LYS C 243 -6.60 -6.94 -3.11
C LYS C 243 -6.61 -7.81 -4.37
N VAL C 244 -6.70 -7.17 -5.53
CA VAL C 244 -6.78 -7.85 -6.81
C VAL C 244 -5.48 -7.64 -7.56
N ARG C 245 -5.08 -8.67 -8.32
CA ARG C 245 -3.85 -8.63 -9.09
C ARG C 245 -4.10 -9.20 -10.48
N PHE C 246 -3.52 -8.55 -11.49
CA PHE C 246 -3.59 -9.00 -12.87
C PHE C 246 -2.24 -9.53 -13.30
N ARG C 247 -2.21 -10.75 -13.83
CA ARG C 247 -0.97 -11.38 -14.24
C ARG C 247 -1.02 -11.73 -15.73
N PRO C 248 0.08 -11.56 -16.45
CA PRO C 248 0.10 -11.93 -17.87
C PRO C 248 -0.07 -13.43 -18.05
N SER C 249 -0.86 -13.80 -19.06
CA SER C 249 -1.11 -15.20 -19.37
C SER C 249 -1.32 -15.33 -20.87
N TYR C 250 -1.77 -16.51 -21.30
CA TYR C 250 -1.98 -16.80 -22.71
C TYR C 250 -3.32 -17.49 -22.92
N PHE C 251 -4.06 -17.05 -23.93
CA PHE C 251 -5.27 -17.69 -24.39
C PHE C 251 -5.29 -17.44 -25.89
N PRO C 252 -5.53 -18.47 -26.71
CA PRO C 252 -5.53 -18.27 -28.16
C PRO C 252 -6.57 -17.27 -28.65
N PHE C 253 -7.63 -17.05 -27.89
CA PHE C 253 -8.71 -16.16 -28.29
C PHE C 253 -8.61 -14.76 -27.71
N THR C 254 -7.58 -14.47 -26.91
CA THR C 254 -7.39 -13.15 -26.34
C THR C 254 -5.93 -12.74 -26.45
N GLU C 255 -5.72 -11.48 -26.85
CA GLU C 255 -4.39 -10.90 -26.91
C GLU C 255 -4.51 -9.38 -26.83
N PRO C 256 -4.08 -8.75 -25.72
CA PRO C 256 -3.40 -9.36 -24.57
C PRO C 256 -4.32 -10.19 -23.67
N SER C 257 -3.74 -11.16 -22.98
CA SER C 257 -4.46 -12.04 -22.06
C SER C 257 -3.99 -11.78 -20.64
N ALA C 258 -4.80 -12.24 -19.68
CA ALA C 258 -4.49 -12.01 -18.28
C ALA C 258 -5.23 -13.00 -17.40
N GLU C 259 -4.60 -13.38 -16.30
CA GLU C 259 -5.22 -14.11 -15.22
C GLU C 259 -5.40 -13.18 -14.02
N VAL C 260 -6.55 -13.28 -13.36
CA VAL C 260 -6.90 -12.37 -12.27
C VAL C 260 -6.86 -13.14 -10.96
N ASP C 261 -6.16 -12.58 -9.98
CA ASP C 261 -6.05 -13.18 -8.66
C ASP C 261 -6.63 -12.22 -7.61
N ILE C 262 -7.16 -12.80 -6.54
CA ILE C 262 -7.57 -12.03 -5.36
C ILE C 262 -6.80 -12.57 -4.17
N MET C 263 -6.52 -11.69 -3.21
CA MET C 263 -5.75 -12.07 -2.04
C MET C 263 -6.65 -12.77 -1.03
N ASP C 264 -6.20 -13.92 -0.54
CA ASP C 264 -6.96 -14.69 0.43
C ASP C 264 -6.95 -13.97 1.79
N GLU C 265 -7.72 -14.53 2.72
CA GLU C 265 -7.75 -13.99 4.07
C GLU C 265 -6.47 -14.33 4.84
N ARG C 266 -5.77 -15.40 4.46
CA ARG C 266 -4.49 -15.70 5.08
C ARG C 266 -3.40 -14.76 4.62
N GLY C 267 -3.48 -14.30 3.36
CA GLY C 267 -2.51 -13.37 2.84
C GLY C 267 -1.78 -13.86 1.61
N ARG C 268 -2.46 -14.67 0.78
CA ARG C 268 -1.87 -15.21 -0.43
C ARG C 268 -2.86 -15.06 -1.59
N TRP C 269 -2.31 -15.09 -2.80
CA TRP C 269 -3.12 -14.87 -3.99
C TRP C 269 -3.88 -16.13 -4.38
N LEU C 270 -4.99 -15.93 -5.09
CA LEU C 270 -5.85 -17.03 -5.50
C LEU C 270 -6.45 -16.70 -6.86
N GLU C 271 -6.12 -17.49 -7.87
CA GLU C 271 -6.65 -17.28 -9.21
C GLU C 271 -8.15 -17.54 -9.23
N VAL C 272 -8.92 -16.57 -9.70
CA VAL C 272 -10.38 -16.65 -9.64
C VAL C 272 -10.98 -16.64 -11.03
N LEU C 273 -10.35 -15.93 -11.97
CA LEU C 273 -10.90 -15.83 -13.31
C LEU C 273 -9.80 -15.44 -14.30
N GLY C 274 -10.09 -15.69 -15.58
CA GLY C 274 -9.20 -15.27 -16.65
C GLY C 274 -9.93 -14.33 -17.59
N CYS C 275 -9.16 -13.46 -18.25
CA CYS C 275 -9.74 -12.43 -19.10
C CYS C 275 -8.74 -12.04 -20.18
N GLY C 276 -9.15 -11.10 -21.01
CA GLY C 276 -8.31 -10.61 -22.09
C GLY C 276 -9.14 -9.99 -23.19
N MET C 277 -8.49 -9.12 -23.95
CA MET C 277 -9.14 -8.49 -25.09
C MET C 277 -9.33 -9.50 -26.22
N VAL C 278 -10.52 -9.52 -26.81
CA VAL C 278 -10.84 -10.52 -27.83
C VAL C 278 -9.86 -10.42 -28.98
N HIS C 279 -9.33 -11.57 -29.41
CA HIS C 279 -8.41 -11.62 -30.53
C HIS C 279 -9.11 -11.14 -31.81
N PRO C 280 -8.39 -10.47 -32.70
CA PRO C 280 -9.02 -9.98 -33.94
C PRO C 280 -9.44 -11.08 -34.89
N ASN C 281 -8.91 -12.30 -34.75
CA ASN C 281 -9.25 -13.37 -35.67
C ASN C 281 -10.53 -14.09 -35.30
N VAL C 282 -10.79 -14.30 -34.00
CA VAL C 282 -12.05 -14.91 -33.59
C VAL C 282 -13.22 -13.98 -33.90
N LEU C 283 -13.00 -12.67 -33.84
CA LEU C 283 -14.01 -11.73 -34.32
C LEU C 283 -14.19 -11.83 -35.83
N ARG C 284 -13.08 -11.82 -36.56
CA ARG C 284 -13.16 -11.81 -38.02
C ARG C 284 -13.76 -13.11 -38.56
N ALA C 285 -13.44 -14.24 -37.94
CA ALA C 285 -13.96 -15.52 -38.42
C ALA C 285 -15.48 -15.62 -38.24
N ALA C 286 -16.03 -14.88 -37.28
CA ALA C 286 -17.46 -14.93 -37.00
C ALA C 286 -18.26 -13.90 -37.78
N GLY C 287 -17.60 -13.00 -38.51
CA GLY C 287 -18.28 -11.97 -39.25
C GLY C 287 -18.29 -10.60 -38.60
N ILE C 288 -17.37 -10.32 -37.68
CA ILE C 288 -17.26 -9.03 -37.02
C ILE C 288 -15.91 -8.44 -37.43
N ASP C 289 -15.95 -7.33 -38.15
CA ASP C 289 -14.73 -6.67 -38.60
C ASP C 289 -13.95 -6.17 -37.39
N PRO C 290 -12.76 -6.75 -37.13
CA PRO C 290 -11.98 -6.31 -35.96
C PRO C 290 -11.42 -4.91 -36.10
N ASP C 291 -11.42 -4.33 -37.29
CA ASP C 291 -10.97 -2.96 -37.46
C ASP C 291 -12.04 -1.96 -37.04
N LYS C 292 -13.31 -2.31 -37.27
CA LYS C 292 -14.42 -1.44 -36.89
C LYS C 292 -14.90 -1.67 -35.46
N TYR C 293 -14.73 -2.89 -34.94
CA TYR C 293 -15.22 -3.23 -33.62
C TYR C 293 -14.11 -3.87 -32.78
N LYS C 294 -14.15 -3.59 -31.49
CA LYS C 294 -13.23 -4.18 -30.52
C LYS C 294 -14.05 -4.81 -29.39
N GLY C 295 -13.46 -5.82 -28.74
CA GLY C 295 -14.16 -6.54 -27.70
C GLY C 295 -13.24 -7.13 -26.66
N PHE C 296 -13.84 -7.50 -25.53
CA PHE C 296 -13.14 -8.24 -24.49
C PHE C 296 -14.04 -9.37 -23.99
N ALA C 297 -13.46 -10.24 -23.18
CA ALA C 297 -14.19 -11.38 -22.62
C ALA C 297 -13.48 -11.86 -21.38
N PHE C 298 -14.21 -12.62 -20.55
CA PHE C 298 -13.65 -13.18 -19.34
C PHE C 298 -14.33 -14.50 -19.04
N GLY C 299 -13.72 -15.28 -18.15
CA GLY C 299 -14.27 -16.55 -17.74
C GLY C 299 -13.94 -16.89 -16.29
N LEU C 300 -14.96 -17.29 -15.52
CA LEU C 300 -14.78 -17.58 -14.11
C LEU C 300 -15.48 -18.89 -13.77
N GLY C 301 -14.98 -19.57 -12.74
CA GLY C 301 -15.55 -20.83 -12.30
C GLY C 301 -16.58 -20.60 -11.20
N VAL C 302 -17.77 -21.16 -11.39
CA VAL C 302 -18.85 -20.97 -10.42
C VAL C 302 -18.53 -21.68 -9.11
N GLU C 303 -18.01 -22.92 -9.20
CA GLU C 303 -17.72 -23.68 -7.99
C GLU C 303 -16.67 -23.00 -7.13
N ARG C 304 -15.64 -22.43 -7.77
CA ARG C 304 -14.63 -21.69 -7.03
C ARG C 304 -15.24 -20.48 -6.32
N PHE C 305 -16.10 -19.74 -7.01
CA PHE C 305 -16.76 -18.59 -6.38
C PHE C 305 -17.70 -19.05 -5.27
N ALA C 306 -18.36 -20.20 -5.45
CA ALA C 306 -19.29 -20.67 -4.43
C ALA C 306 -18.57 -21.19 -3.20
N MET C 307 -17.39 -21.81 -3.39
CA MET C 307 -16.64 -22.32 -2.25
C MET C 307 -16.03 -21.19 -1.44
N LEU C 308 -15.64 -20.10 -2.09
CA LEU C 308 -15.07 -18.96 -1.36
C LEU C 308 -16.14 -18.17 -0.64
N ARG C 309 -17.33 -18.07 -1.22
CA ARG C 309 -18.37 -17.23 -0.63
C ARG C 309 -19.06 -17.90 0.55
N TYR C 310 -19.33 -19.20 0.45
CA TYR C 310 -20.03 -19.92 1.52
C TYR C 310 -19.09 -20.69 2.44
N GLY C 311 -17.79 -20.73 2.14
CA GLY C 311 -16.87 -21.47 2.98
C GLY C 311 -16.91 -22.96 2.78
N ILE C 312 -17.21 -23.42 1.57
CA ILE C 312 -17.26 -24.84 1.25
C ILE C 312 -15.87 -25.30 0.86
N ASN C 313 -15.49 -26.50 1.31
CA ASN C 313 -14.17 -27.03 1.04
C ASN C 313 -14.18 -28.41 0.38
N ASP C 314 -15.36 -29.00 0.17
CA ASP C 314 -15.48 -30.29 -0.50
C ASP C 314 -16.25 -30.07 -1.80
N LEU C 315 -15.53 -30.14 -2.93
CA LEU C 315 -16.13 -29.88 -4.23
C LEU C 315 -17.15 -30.95 -4.63
N ARG C 316 -17.06 -32.15 -4.04
CA ARG C 316 -17.97 -33.22 -4.41
C ARG C 316 -19.39 -32.99 -3.90
N MET C 317 -19.56 -32.18 -2.86
CA MET C 317 -20.88 -32.02 -2.24
C MET C 317 -21.86 -31.31 -3.16
N PHE C 318 -21.39 -30.54 -4.14
CA PHE C 318 -22.30 -29.83 -5.03
C PHE C 318 -23.14 -30.79 -5.87
N TYR C 319 -22.59 -31.95 -6.23
CA TYR C 319 -23.24 -32.87 -7.15
C TYR C 319 -23.63 -34.18 -6.49
N GLN C 320 -23.36 -34.35 -5.19
CA GLN C 320 -23.92 -35.48 -4.45
C GLN C 320 -25.33 -35.20 -3.98
N ASN C 321 -25.65 -33.92 -3.74
CA ASN C 321 -27.01 -33.49 -3.40
C ASN C 321 -27.48 -34.11 -2.08
N ASP C 322 -26.68 -33.93 -1.03
CA ASP C 322 -27.11 -34.29 0.31
C ASP C 322 -28.18 -33.30 0.76
N VAL C 323 -29.36 -33.81 1.14
CA VAL C 323 -30.49 -32.93 1.44
C VAL C 323 -30.18 -32.02 2.63
N ARG C 324 -29.34 -32.49 3.55
CA ARG C 324 -28.93 -31.62 4.66
C ARG C 324 -27.84 -30.65 4.26
N PHE C 325 -27.10 -30.94 3.19
CA PHE C 325 -26.19 -29.94 2.63
C PHE C 325 -26.95 -28.84 1.92
N LEU C 326 -27.96 -29.20 1.13
CA LEU C 326 -28.76 -28.21 0.43
C LEU C 326 -29.61 -27.38 1.40
N ARG C 327 -30.03 -27.98 2.52
CA ARG C 327 -30.84 -27.27 3.49
C ARG C 327 -30.05 -26.14 4.16
N GLN C 328 -28.73 -26.27 4.24
CA GLN C 328 -27.91 -25.22 4.85
C GLN C 328 -28.03 -23.89 4.12
N PHE C 329 -28.49 -23.89 2.87
CA PHE C 329 -28.57 -22.66 2.10
C PHE C 329 -30.02 -22.24 1.93
N ALA C 330 -30.77 -22.20 3.03
CA ALA C 330 -32.17 -21.81 3.01
C ALA C 330 -32.61 -21.33 4.39
N THR D 94 -55.03 -49.55 -10.08
CA THR D 94 -55.10 -48.53 -11.13
C THR D 94 -56.32 -47.64 -10.91
N ILE D 95 -56.13 -46.33 -11.05
CA ILE D 95 -57.16 -45.34 -10.79
C ILE D 95 -57.40 -44.52 -12.04
N ASP D 96 -58.48 -43.74 -12.01
CA ASP D 96 -58.78 -42.83 -13.12
C ASP D 96 -57.83 -41.65 -13.07
N ILE D 97 -57.00 -41.52 -14.12
CA ILE D 97 -55.91 -40.55 -14.11
C ILE D 97 -56.36 -39.14 -14.43
N THR D 98 -57.59 -38.96 -14.91
CA THR D 98 -58.07 -37.64 -15.31
C THR D 98 -58.79 -36.90 -14.19
N LEU D 99 -58.96 -37.51 -13.03
CA LEU D 99 -59.58 -36.82 -11.91
C LEU D 99 -58.71 -35.64 -11.48
N PRO D 100 -59.33 -34.54 -11.02
CA PRO D 100 -58.53 -33.37 -10.62
C PRO D 100 -57.68 -33.67 -9.39
N GLY D 101 -56.48 -33.10 -9.38
CA GLY D 101 -55.55 -33.35 -8.31
C GLY D 101 -55.98 -32.72 -6.99
N ARG D 102 -55.35 -33.19 -5.92
CA ARG D 102 -55.60 -32.68 -4.57
C ARG D 102 -54.46 -31.74 -4.21
N GLY D 103 -54.76 -30.44 -4.24
CA GLY D 103 -53.77 -29.43 -3.94
C GLY D 103 -54.36 -28.05 -3.76
N GLN D 104 -53.59 -27.02 -4.12
CA GLN D 104 -54.01 -25.63 -3.97
C GLN D 104 -54.03 -24.95 -5.33
N ARG D 105 -55.06 -24.12 -5.55
CA ARG D 105 -55.15 -23.35 -6.78
C ARG D 105 -54.17 -22.19 -6.74
N ILE D 106 -53.48 -21.96 -7.87
CA ILE D 106 -52.48 -20.89 -7.92
C ILE D 106 -53.15 -19.54 -7.71
N GLY D 107 -52.44 -18.66 -7.02
CA GLY D 107 -52.97 -17.34 -6.71
C GLY D 107 -52.98 -16.39 -7.89
N THR D 108 -52.99 -15.09 -7.62
CA THR D 108 -53.12 -14.10 -8.66
C THR D 108 -52.31 -12.85 -8.30
N VAL D 109 -51.58 -12.33 -9.29
CA VAL D 109 -50.90 -11.05 -9.18
C VAL D 109 -51.77 -9.98 -9.81
N HIS D 110 -51.88 -8.84 -9.14
CA HIS D 110 -52.77 -7.77 -9.62
C HIS D 110 -52.30 -7.27 -10.98
N PRO D 111 -53.22 -6.92 -11.87
CA PRO D 111 -52.79 -6.40 -13.18
C PRO D 111 -52.03 -5.07 -13.10
N VAL D 112 -52.35 -4.23 -12.11
CA VAL D 112 -51.62 -2.98 -11.96
C VAL D 112 -50.17 -3.25 -11.58
N THR D 113 -49.93 -4.24 -10.72
CA THR D 113 -48.57 -4.59 -10.35
C THR D 113 -47.85 -5.31 -11.49
N GLN D 114 -48.58 -6.06 -12.32
CA GLN D 114 -47.97 -6.71 -13.46
C GLN D 114 -47.47 -5.68 -14.47
N VAL D 115 -48.32 -4.71 -14.81
CA VAL D 115 -47.92 -3.63 -15.72
C VAL D 115 -46.80 -2.81 -15.10
N GLN D 116 -46.87 -2.60 -13.79
CA GLN D 116 -45.82 -1.84 -13.10
C GLN D 116 -44.48 -2.58 -13.19
N GLU D 117 -44.49 -3.90 -13.01
CA GLU D 117 -43.27 -4.68 -13.16
C GLU D 117 -42.78 -4.72 -14.59
N ARG D 118 -43.71 -4.71 -15.56
CA ARG D 118 -43.30 -4.75 -16.97
C ARG D 118 -42.62 -3.45 -17.38
N ILE D 119 -43.14 -2.31 -16.93
CA ILE D 119 -42.53 -1.03 -17.27
C ILE D 119 -41.17 -0.88 -16.59
N CYS D 120 -41.07 -1.33 -15.33
CA CYS D 120 -39.84 -1.15 -14.58
C CYS D 120 -38.73 -2.07 -15.07
N GLN D 121 -39.07 -3.29 -15.51
CA GLN D 121 -38.04 -4.22 -15.94
C GLN D 121 -37.30 -3.72 -17.18
N PHE D 122 -37.97 -2.92 -18.02
CA PHE D 122 -37.26 -2.30 -19.14
C PHE D 122 -36.11 -1.44 -18.66
N PHE D 123 -36.34 -0.66 -17.59
CA PHE D 123 -35.30 0.18 -17.03
C PHE D 123 -34.44 -0.55 -16.01
N THR D 124 -35.00 -1.54 -15.30
CA THR D 124 -34.26 -2.24 -14.27
C THR D 124 -33.04 -2.94 -14.83
N LYS D 125 -33.23 -3.76 -15.87
CA LYS D 125 -32.13 -4.48 -16.51
C LYS D 125 -31.42 -3.64 -17.56
N ALA D 126 -31.55 -2.32 -17.50
CA ALA D 126 -30.88 -1.43 -18.44
C ALA D 126 -30.11 -0.30 -17.75
N GLY D 127 -29.93 -0.38 -16.44
CA GLY D 127 -29.13 0.57 -15.69
C GLY D 127 -29.87 1.34 -14.62
N PHE D 128 -31.19 1.42 -14.70
CA PHE D 128 -31.96 2.16 -13.71
C PHE D 128 -32.25 1.29 -12.49
N THR D 129 -32.36 1.95 -11.33
CA THR D 129 -32.64 1.28 -10.07
C THR D 129 -33.98 1.76 -9.54
N VAL D 130 -34.82 0.82 -9.11
CA VAL D 130 -36.14 1.16 -8.59
C VAL D 130 -35.99 1.85 -7.25
N ALA D 131 -36.72 2.95 -7.07
CA ALA D 131 -36.68 3.74 -5.84
C ALA D 131 -38.09 3.95 -5.33
N THR D 132 -38.25 3.96 -4.01
CA THR D 132 -39.55 4.15 -3.38
C THR D 132 -39.39 5.11 -2.20
N GLY D 133 -40.52 5.64 -1.74
CA GLY D 133 -40.54 6.58 -0.65
C GLY D 133 -41.89 6.67 0.03
N PRO D 134 -41.98 7.51 1.06
CA PRO D 134 -43.25 7.63 1.80
C PRO D 134 -44.33 8.27 0.94
N GLU D 135 -45.57 7.94 1.28
CA GLU D 135 -46.73 8.47 0.56
C GLU D 135 -47.31 9.73 1.20
N VAL D 136 -47.06 9.95 2.49
CA VAL D 136 -47.46 11.17 3.17
C VAL D 136 -46.24 12.10 3.18
N GLU D 137 -46.30 13.15 2.38
CA GLU D 137 -45.19 14.07 2.19
C GLU D 137 -45.48 15.42 2.82
N ASP D 138 -44.45 16.26 2.88
CA ASP D 138 -44.58 17.63 3.31
C ASP D 138 -44.62 18.54 2.07
N ASP D 139 -44.46 19.85 2.29
CA ASP D 139 -44.65 20.81 1.21
C ASP D 139 -43.38 21.09 0.41
N TYR D 140 -42.20 21.05 1.04
CA TYR D 140 -40.97 21.39 0.33
C TYR D 140 -40.63 20.35 -0.72
N HIS D 141 -40.54 19.08 -0.33
CA HIS D 141 -40.17 18.02 -1.26
C HIS D 141 -41.23 17.77 -2.34
N ASN D 142 -42.45 18.30 -2.16
CA ASN D 142 -43.50 18.09 -3.14
C ASN D 142 -43.80 19.32 -3.98
N PHE D 143 -43.32 20.50 -3.58
CA PHE D 143 -43.63 21.73 -4.31
C PHE D 143 -42.44 22.67 -4.38
N GLU D 144 -41.95 23.13 -3.23
CA GLU D 144 -40.92 24.16 -3.21
C GLU D 144 -39.63 23.70 -3.86
N ALA D 145 -39.32 22.41 -3.81
CA ALA D 145 -38.11 21.88 -4.42
C ALA D 145 -38.28 21.58 -5.90
N LEU D 146 -39.49 21.70 -6.44
CA LEU D 146 -39.77 21.44 -7.85
C LEU D 146 -39.93 22.74 -8.64
N ASN D 147 -39.25 23.81 -8.23
CA ASN D 147 -39.33 25.11 -8.89
C ASN D 147 -40.77 25.63 -8.91
N ILE D 148 -41.47 25.46 -7.80
CA ILE D 148 -42.79 26.03 -7.58
C ILE D 148 -42.65 27.05 -6.45
N PRO D 149 -42.85 28.34 -6.70
CA PRO D 149 -42.57 29.35 -5.67
C PRO D 149 -43.46 29.23 -4.44
N GLY D 150 -44.69 28.77 -4.59
CA GLY D 150 -45.59 28.64 -3.47
C GLY D 150 -47.04 28.84 -3.84
N HIS D 151 -47.44 30.11 -3.98
CA HIS D 151 -48.82 30.44 -4.34
C HIS D 151 -48.97 30.46 -5.86
N HIS D 152 -48.13 29.70 -6.57
CA HIS D 152 -48.20 29.64 -8.01
C HIS D 152 -49.47 28.89 -8.45
N PRO D 153 -49.94 29.14 -9.66
CA PRO D 153 -51.13 28.43 -10.15
C PRO D 153 -50.95 26.92 -10.26
N ALA D 154 -49.73 26.40 -10.10
CA ALA D 154 -49.46 24.97 -10.15
C ALA D 154 -49.67 24.29 -8.80
N ARG D 155 -50.48 24.87 -7.92
CA ARG D 155 -50.75 24.29 -6.61
C ARG D 155 -52.03 23.46 -6.62
N ALA D 156 -53.18 24.10 -6.87
CA ALA D 156 -54.48 23.44 -6.91
C ALA D 156 -54.75 22.67 -5.61
N MET D 157 -54.95 23.44 -4.55
CA MET D 157 -55.17 22.87 -3.23
C MET D 157 -56.49 22.11 -3.11
N HIS D 158 -57.35 22.17 -4.13
CA HIS D 158 -58.61 21.46 -4.07
C HIS D 158 -58.43 19.95 -4.29
N ASP D 159 -57.78 19.57 -5.40
CA ASP D 159 -57.69 18.17 -5.79
C ASP D 159 -56.46 17.48 -5.21
N THR D 160 -55.91 17.98 -4.10
CA THR D 160 -54.80 17.34 -3.41
C THR D 160 -55.19 17.09 -1.96
N PHE D 161 -55.23 15.82 -1.56
CA PHE D 161 -55.56 15.50 -0.18
C PHE D 161 -54.48 16.03 0.76
N TYR D 162 -54.92 16.66 1.84
CA TYR D 162 -54.00 17.24 2.81
C TYR D 162 -54.54 17.02 4.22
N PHE D 163 -53.66 17.16 5.20
CA PHE D 163 -54.01 17.06 6.61
C PHE D 163 -53.84 18.39 7.32
N ASP D 164 -52.61 18.90 7.40
CA ASP D 164 -52.36 20.24 7.93
C ASP D 164 -52.27 21.22 6.77
N ALA D 165 -51.32 22.15 6.85
CA ALA D 165 -51.00 23.03 5.73
C ALA D 165 -49.68 22.69 5.06
N ASN D 166 -48.85 21.85 5.69
CA ASN D 166 -47.56 21.46 5.14
C ASN D 166 -47.39 19.95 5.15
N HIS D 167 -48.50 19.22 5.09
CA HIS D 167 -48.47 17.76 5.06
C HIS D 167 -49.63 17.27 4.21
N LEU D 168 -49.34 16.51 3.17
CA LEU D 168 -50.34 16.10 2.19
C LEU D 168 -50.00 14.73 1.65
N LEU D 169 -50.95 14.16 0.91
CA LEU D 169 -50.72 12.93 0.18
C LEU D 169 -50.07 13.24 -1.17
N ARG D 170 -49.28 12.28 -1.66
CA ARG D 170 -48.51 12.50 -2.88
C ARG D 170 -49.43 12.69 -4.08
N THR D 171 -49.16 13.74 -4.86
CA THR D 171 -49.73 13.89 -6.18
C THR D 171 -48.85 13.27 -7.26
N HIS D 172 -47.59 13.02 -6.94
CA HIS D 172 -46.64 12.32 -7.80
C HIS D 172 -45.45 11.91 -6.95
N THR D 173 -44.73 10.89 -7.40
CA THR D 173 -43.62 10.35 -6.64
C THR D 173 -42.37 11.22 -6.80
N SER D 174 -42.52 12.53 -6.58
CA SER D 174 -41.41 13.46 -6.75
C SER D 174 -40.48 13.49 -5.54
N GLY D 175 -40.97 13.13 -4.36
CA GLY D 175 -40.14 13.21 -3.17
C GLY D 175 -38.93 12.28 -3.22
N VAL D 176 -39.11 11.08 -3.79
CA VAL D 176 -38.01 10.15 -3.89
C VAL D 176 -36.94 10.68 -4.85
N GLN D 177 -37.36 11.30 -5.95
CA GLN D 177 -36.40 11.89 -6.87
C GLN D 177 -35.70 13.09 -6.27
N ILE D 178 -36.40 13.86 -5.44
CA ILE D 178 -35.78 15.01 -4.78
C ILE D 178 -34.72 14.54 -3.79
N ARG D 179 -35.08 13.62 -2.89
CA ARG D 179 -34.13 13.15 -1.89
C ARG D 179 -32.95 12.44 -2.52
N THR D 180 -33.15 11.76 -3.66
CA THR D 180 -32.04 11.11 -4.34
C THR D 180 -31.04 12.13 -4.87
N MET D 181 -31.52 13.27 -5.37
CA MET D 181 -30.63 14.30 -5.87
C MET D 181 -29.93 15.05 -4.75
N GLU D 182 -30.60 15.22 -3.60
CA GLU D 182 -30.00 15.99 -2.51
C GLU D 182 -28.93 15.20 -1.78
N THR D 183 -29.05 13.88 -1.71
CA THR D 183 -28.04 13.05 -1.04
C THR D 183 -27.01 12.52 -2.03
N SER D 184 -27.46 11.82 -3.06
CA SER D 184 -26.56 11.26 -4.05
C SER D 184 -26.12 12.34 -5.04
N GLN D 185 -25.08 12.01 -5.82
CA GLN D 185 -24.53 12.87 -6.85
C GLN D 185 -24.62 12.17 -8.20
N PRO D 186 -24.83 12.92 -9.29
CA PRO D 186 -24.88 12.30 -10.62
C PRO D 186 -23.65 11.45 -10.87
N PRO D 187 -23.78 10.38 -11.69
CA PRO D 187 -24.97 10.00 -12.46
C PRO D 187 -26.11 9.42 -11.61
N ILE D 188 -27.34 9.77 -11.97
CA ILE D 188 -28.54 9.29 -11.31
C ILE D 188 -29.42 8.64 -12.36
N ARG D 189 -29.78 7.37 -12.14
CA ARG D 189 -30.62 6.62 -13.08
C ARG D 189 -31.61 5.81 -12.23
N ILE D 190 -32.81 6.35 -12.04
CA ILE D 190 -33.81 5.72 -11.19
C ILE D 190 -35.17 5.78 -11.85
N VAL D 191 -36.03 4.83 -11.49
CA VAL D 191 -37.46 4.87 -11.79
C VAL D 191 -38.21 4.78 -10.47
N CYS D 192 -39.25 5.59 -10.33
CA CYS D 192 -39.96 5.74 -9.06
C CYS D 192 -41.43 5.36 -9.22
N PRO D 193 -41.78 4.10 -9.02
CA PRO D 193 -43.18 3.69 -9.00
C PRO D 193 -43.79 4.03 -7.64
N GLY D 194 -45.08 3.70 -7.51
CA GLY D 194 -45.80 3.96 -6.28
C GLY D 194 -47.16 4.58 -6.50
N ARG D 195 -48.02 4.48 -5.50
CA ARG D 195 -49.37 5.02 -5.60
C ARG D 195 -49.40 6.47 -5.15
N VAL D 196 -50.22 7.28 -5.83
CA VAL D 196 -50.38 8.69 -5.52
C VAL D 196 -51.88 8.97 -5.40
N TYR D 197 -52.20 10.17 -4.92
CA TYR D 197 -53.57 10.49 -4.53
C TYR D 197 -53.98 11.86 -5.04
N ARG D 198 -55.24 11.96 -5.46
CA ARG D 198 -55.83 13.22 -5.89
C ARG D 198 -57.35 13.13 -5.68
N CYS D 199 -57.99 14.30 -5.56
CA CYS D 199 -59.40 14.36 -5.20
C CYS D 199 -60.24 14.31 -6.48
N ASP D 200 -60.63 13.11 -6.88
CA ASP D 200 -61.52 12.91 -8.01
C ASP D 200 -62.40 11.69 -7.80
N PRO D 207 -59.42 8.16 -7.03
CA PRO D 207 -58.72 8.97 -6.02
C PRO D 207 -57.31 8.45 -5.72
N MET D 208 -57.13 7.14 -5.82
CA MET D 208 -55.83 6.50 -5.63
C MET D 208 -55.43 5.82 -6.94
N PHE D 209 -54.25 6.16 -7.44
CA PHE D 209 -53.73 5.54 -8.65
C PHE D 209 -52.22 5.52 -8.59
N HIS D 210 -51.63 4.63 -9.37
CA HIS D 210 -50.18 4.46 -9.44
C HIS D 210 -49.64 5.15 -10.67
N GLN D 211 -48.38 5.59 -10.59
CA GLN D 211 -47.72 6.16 -11.75
C GLN D 211 -46.22 6.03 -11.56
N ILE D 212 -45.52 5.76 -12.66
CA ILE D 212 -44.07 5.57 -12.67
C ILE D 212 -43.41 6.82 -13.21
N GLU D 213 -42.42 7.34 -12.48
CA GLU D 213 -41.73 8.57 -12.84
C GLU D 213 -40.23 8.31 -12.82
N GLY D 214 -39.62 8.29 -14.00
CA GLY D 214 -38.19 8.09 -14.09
C GLY D 214 -37.42 9.40 -14.03
N LEU D 215 -36.14 9.27 -13.66
CA LEU D 215 -35.26 10.42 -13.52
C LEU D 215 -33.86 10.01 -13.96
N TYR D 216 -33.25 10.82 -14.83
CA TYR D 216 -31.92 10.56 -15.36
C TYR D 216 -31.14 11.85 -15.36
N VAL D 217 -30.06 11.89 -14.59
CA VAL D 217 -29.17 13.05 -14.53
C VAL D 217 -27.74 12.58 -14.73
N ALA D 218 -27.09 13.05 -15.80
CA ALA D 218 -25.71 12.70 -16.07
C ALA D 218 -24.91 13.94 -16.40
N GLU D 219 -23.70 13.77 -16.94
CA GLU D 219 -22.90 14.92 -17.31
C GLU D 219 -23.49 15.66 -18.50
N ASN D 220 -24.21 14.95 -19.37
CA ASN D 220 -24.85 15.59 -20.52
C ASN D 220 -25.95 14.70 -21.06
N THR D 221 -27.12 15.28 -21.31
CA THR D 221 -28.20 14.63 -22.02
C THR D 221 -28.92 15.70 -22.84
N SER D 222 -29.91 15.27 -23.62
CA SER D 222 -30.56 16.20 -24.54
C SER D 222 -32.01 15.80 -24.74
N PHE D 223 -32.75 16.69 -25.40
CA PHE D 223 -34.13 16.40 -25.77
C PHE D 223 -34.20 15.28 -26.79
N ALA D 224 -33.15 15.10 -27.59
CA ALA D 224 -33.12 14.03 -28.57
C ALA D 224 -33.06 12.66 -27.90
N GLU D 225 -32.28 12.55 -26.82
CA GLU D 225 -32.17 11.27 -26.12
C GLU D 225 -33.44 10.95 -25.33
N LEU D 226 -34.12 11.98 -24.81
CA LEU D 226 -35.39 11.76 -24.11
C LEU D 226 -36.45 11.21 -25.06
N LYS D 227 -36.49 11.73 -26.29
CA LYS D 227 -37.51 11.28 -27.24
C LYS D 227 -37.26 9.84 -27.68
N GLY D 228 -36.00 9.49 -27.91
CA GLY D 228 -35.69 8.12 -28.33
C GLY D 228 -35.96 7.09 -27.26
N LEU D 229 -35.55 7.38 -26.02
CA LEU D 229 -35.79 6.45 -24.92
C LEU D 229 -37.27 6.26 -24.67
N LEU D 230 -38.07 7.32 -24.82
CA LEU D 230 -39.50 7.21 -24.63
C LEU D 230 -40.18 6.46 -25.77
N ILE D 231 -39.65 6.60 -26.99
CA ILE D 231 -40.28 5.96 -28.15
C ILE D 231 -40.16 4.44 -28.06
N ASN D 232 -38.94 3.94 -27.83
CA ASN D 232 -38.78 2.50 -27.72
C ASN D 232 -39.30 1.96 -26.39
N LEU D 233 -39.56 2.82 -25.41
CA LEU D 233 -40.27 2.39 -24.22
C LEU D 233 -41.74 2.12 -24.55
N LEU D 234 -42.36 3.01 -25.31
CA LEU D 234 -43.75 2.80 -25.72
C LEU D 234 -43.87 1.68 -26.74
N ASN D 235 -42.87 1.55 -27.62
CA ASN D 235 -42.92 0.51 -28.64
C ASN D 235 -42.75 -0.88 -28.02
N GLU D 236 -41.80 -1.03 -27.09
CA GLU D 236 -41.54 -2.34 -26.51
C GLU D 236 -42.52 -2.71 -25.40
N PHE D 237 -43.18 -1.72 -24.79
CA PHE D 237 -44.21 -2.03 -23.80
C PHE D 237 -45.44 -2.61 -24.49
N PHE D 238 -46.08 -1.83 -25.36
CA PHE D 238 -47.28 -2.28 -26.06
C PHE D 238 -46.99 -3.33 -27.12
N GLU D 239 -45.72 -3.57 -27.43
CA GLU D 239 -45.32 -4.56 -28.43
C GLU D 239 -45.96 -4.28 -29.79
N LYS D 240 -45.99 -3.00 -30.16
CA LYS D 240 -46.52 -2.56 -31.44
C LYS D 240 -45.55 -1.55 -32.05
N ASP D 241 -45.83 -1.17 -33.30
CA ASP D 241 -45.10 -0.09 -33.97
C ASP D 241 -46.00 1.13 -33.93
N LEU D 242 -45.99 1.79 -32.77
CA LEU D 242 -46.93 2.87 -32.50
C LEU D 242 -46.57 4.13 -33.29
N LYS D 243 -47.59 4.96 -33.49
CA LYS D 243 -47.42 6.31 -34.02
C LYS D 243 -47.51 7.28 -32.84
N VAL D 244 -46.37 7.82 -32.43
CA VAL D 244 -46.31 8.66 -31.24
C VAL D 244 -46.27 10.13 -31.66
N ARG D 245 -46.85 10.98 -30.82
CA ARG D 245 -46.89 12.42 -31.04
C ARG D 245 -46.32 13.12 -29.83
N PHE D 246 -45.39 14.06 -30.07
CA PHE D 246 -44.80 14.86 -29.01
C PHE D 246 -45.40 16.25 -29.06
N ARG D 247 -46.17 16.61 -28.02
CA ARG D 247 -46.72 17.95 -27.93
C ARG D 247 -45.98 18.75 -26.87
N PRO D 248 -45.80 20.05 -27.07
CA PRO D 248 -45.25 20.90 -26.02
C PRO D 248 -46.28 21.18 -24.92
N SER D 249 -45.81 21.14 -23.69
CA SER D 249 -46.65 21.45 -22.53
C SER D 249 -45.78 22.16 -21.49
N TYR D 250 -46.33 22.34 -20.29
CA TYR D 250 -45.65 23.08 -19.25
C TYR D 250 -45.60 22.26 -17.96
N PHE D 251 -44.44 22.30 -17.31
CA PHE D 251 -44.23 21.76 -15.98
C PHE D 251 -43.18 22.67 -15.37
N PRO D 252 -43.37 23.12 -14.13
CA PRO D 252 -42.40 24.05 -13.52
C PRO D 252 -41.01 23.47 -13.37
N PHE D 253 -40.88 22.14 -13.34
CA PHE D 253 -39.60 21.48 -13.13
C PHE D 253 -38.93 21.03 -14.41
N THR D 254 -39.50 21.35 -15.58
CA THR D 254 -38.91 20.96 -16.85
C THR D 254 -38.99 22.12 -17.83
N GLU D 255 -37.99 22.18 -18.72
CA GLU D 255 -37.89 23.18 -19.77
C GLU D 255 -36.78 22.77 -20.73
N PRO D 256 -37.10 22.30 -21.95
CA PRO D 256 -38.44 22.16 -22.52
C PRO D 256 -39.21 20.96 -21.98
N SER D 257 -40.52 21.11 -21.86
CA SER D 257 -41.40 20.06 -21.39
C SER D 257 -42.31 19.60 -22.52
N ALA D 258 -42.67 18.31 -22.49
CA ALA D 258 -43.45 17.72 -23.56
C ALA D 258 -44.47 16.74 -22.97
N GLU D 259 -45.44 16.36 -23.81
CA GLU D 259 -46.40 15.32 -23.48
C GLU D 259 -46.55 14.42 -24.70
N VAL D 260 -46.49 13.12 -24.48
CA VAL D 260 -46.45 12.13 -25.56
C VAL D 260 -47.82 11.45 -25.66
N ASP D 261 -48.27 11.24 -26.89
CA ASP D 261 -49.50 10.52 -27.17
C ASP D 261 -49.19 9.31 -28.05
N ILE D 262 -50.14 8.38 -28.11
CA ILE D 262 -50.09 7.26 -29.02
C ILE D 262 -51.44 7.14 -29.72
N MET D 263 -51.41 6.69 -30.97
CA MET D 263 -52.63 6.56 -31.76
C MET D 263 -53.33 5.26 -31.38
N ASP D 264 -54.08 5.34 -30.30
CA ASP D 264 -54.86 4.21 -29.79
C ASP D 264 -56.32 4.34 -30.19
N GLU D 265 -57.10 3.31 -29.88
CA GLU D 265 -58.53 3.23 -30.18
C GLU D 265 -58.68 3.36 -31.70
N ARG D 266 -59.48 4.30 -32.21
CA ARG D 266 -59.72 4.46 -33.65
C ARG D 266 -59.15 5.81 -34.07
N GLY D 267 -57.87 5.84 -34.38
CA GLY D 267 -57.21 7.05 -34.83
C GLY D 267 -57.14 8.17 -33.80
N ARG D 268 -57.50 7.90 -32.56
CA ARG D 268 -57.48 8.93 -31.53
C ARG D 268 -56.08 9.10 -30.93
N TRP D 269 -55.81 10.31 -30.47
CA TRP D 269 -54.59 10.60 -29.72
C TRP D 269 -54.91 10.57 -28.24
N LEU D 270 -54.26 9.68 -27.51
CA LEU D 270 -54.46 9.54 -26.07
C LEU D 270 -53.14 9.80 -25.35
N GLU D 271 -53.18 10.68 -24.35
CA GLU D 271 -52.00 10.98 -23.57
C GLU D 271 -51.61 9.79 -22.71
N VAL D 272 -50.32 9.47 -22.69
CA VAL D 272 -49.84 8.30 -21.96
C VAL D 272 -48.81 8.74 -20.91
N LEU D 273 -48.03 9.77 -21.21
CA LEU D 273 -46.99 10.20 -20.28
C LEU D 273 -46.55 11.62 -20.63
N GLY D 274 -46.12 12.33 -19.58
CA GLY D 274 -45.48 13.62 -19.76
C GLY D 274 -43.98 13.50 -19.50
N CYS D 275 -43.19 14.43 -20.01
CA CYS D 275 -41.74 14.36 -19.88
C CYS D 275 -41.18 15.77 -19.94
N GLY D 276 -39.87 15.85 -20.10
CA GLY D 276 -39.18 17.13 -20.20
C GLY D 276 -37.76 17.04 -19.71
N MET D 277 -37.03 18.13 -19.90
CA MET D 277 -35.65 18.25 -19.44
C MET D 277 -35.64 18.97 -18.11
N VAL D 278 -34.97 18.37 -17.11
CA VAL D 278 -35.02 18.89 -15.74
C VAL D 278 -34.60 20.35 -15.71
N HIS D 279 -35.41 21.17 -15.06
CA HIS D 279 -35.15 22.60 -14.99
C HIS D 279 -33.86 22.86 -14.22
N PRO D 280 -33.07 23.86 -14.61
CA PRO D 280 -31.81 24.14 -13.89
C PRO D 280 -32.01 24.46 -12.42
N ASN D 281 -33.12 25.11 -12.06
CA ASN D 281 -33.35 25.44 -10.65
C ASN D 281 -33.63 24.19 -9.83
N VAL D 282 -34.19 23.15 -10.45
CA VAL D 282 -34.46 21.92 -9.72
C VAL D 282 -33.16 21.20 -9.40
N LEU D 283 -32.20 21.23 -10.33
CA LEU D 283 -30.89 20.64 -10.04
C LEU D 283 -30.10 21.50 -9.07
N ARG D 284 -30.18 22.82 -9.22
CA ARG D 284 -29.40 23.71 -8.36
C ARG D 284 -29.92 23.71 -6.93
N ALA D 285 -31.23 23.54 -6.75
CA ALA D 285 -31.80 23.52 -5.41
C ALA D 285 -31.44 22.25 -4.64
N ALA D 286 -31.09 21.18 -5.33
CA ALA D 286 -30.73 19.92 -4.70
C ALA D 286 -29.22 19.74 -4.54
N GLY D 287 -28.43 20.73 -4.93
CA GLY D 287 -26.99 20.63 -4.82
C GLY D 287 -26.27 20.13 -6.05
N ILE D 288 -26.92 20.17 -7.21
CA ILE D 288 -26.32 19.70 -8.46
C ILE D 288 -26.14 20.91 -9.36
N ASP D 289 -24.92 21.13 -9.82
CA ASP D 289 -24.62 22.25 -10.70
C ASP D 289 -25.34 22.08 -12.03
N PRO D 290 -26.29 22.95 -12.38
CA PRO D 290 -27.00 22.80 -13.67
C PRO D 290 -26.13 23.11 -14.88
N ASP D 291 -24.90 23.57 -14.69
CA ASP D 291 -23.99 23.81 -15.81
C ASP D 291 -23.08 22.62 -16.08
N LYS D 292 -22.74 21.84 -15.05
CA LYS D 292 -21.89 20.67 -15.20
C LYS D 292 -22.68 19.38 -15.39
N TYR D 293 -23.99 19.39 -15.15
CA TYR D 293 -24.82 18.20 -15.25
C TYR D 293 -26.14 18.52 -15.92
N LYS D 294 -26.57 17.65 -16.82
CA LYS D 294 -27.86 17.74 -17.48
C LYS D 294 -28.75 16.59 -17.03
N GLY D 295 -30.04 16.73 -17.25
CA GLY D 295 -30.97 15.70 -16.81
C GLY D 295 -32.34 15.88 -17.43
N PHE D 296 -33.02 14.75 -17.63
CA PHE D 296 -34.41 14.72 -18.07
C PHE D 296 -35.23 13.86 -17.10
N ALA D 297 -36.54 13.87 -17.29
CA ALA D 297 -37.45 13.09 -16.46
C ALA D 297 -38.73 12.85 -17.24
N PHE D 298 -39.57 11.98 -16.69
CA PHE D 298 -40.87 11.69 -17.30
C PHE D 298 -41.80 11.15 -16.21
N GLY D 299 -43.05 10.94 -16.59
CA GLY D 299 -44.05 10.42 -15.67
C GLY D 299 -45.28 9.89 -16.38
N LEU D 300 -45.60 8.62 -16.14
CA LEU D 300 -46.72 7.97 -16.80
C LEU D 300 -47.65 7.33 -15.78
N GLY D 301 -48.95 7.45 -16.00
CA GLY D 301 -49.93 6.82 -15.13
C GLY D 301 -50.02 5.34 -15.43
N VAL D 302 -49.88 4.52 -14.39
CA VAL D 302 -49.88 3.07 -14.57
C VAL D 302 -51.27 2.58 -15.00
N GLU D 303 -52.33 3.16 -14.43
CA GLU D 303 -53.67 2.75 -14.81
C GLU D 303 -53.97 3.06 -16.27
N ARG D 304 -53.35 4.11 -16.81
CA ARG D 304 -53.49 4.41 -18.24
C ARG D 304 -52.87 3.30 -19.08
N PHE D 305 -51.65 2.88 -18.74
CA PHE D 305 -50.98 1.83 -19.50
C PHE D 305 -51.70 0.49 -19.32
N ALA D 306 -52.17 0.19 -18.11
CA ALA D 306 -52.80 -1.10 -17.87
C ALA D 306 -54.09 -1.25 -18.65
N MET D 307 -54.86 -0.17 -18.78
CA MET D 307 -56.12 -0.25 -19.52
C MET D 307 -55.88 -0.38 -21.01
N LEU D 308 -54.91 0.36 -21.55
CA LEU D 308 -54.59 0.25 -22.98
C LEU D 308 -53.94 -1.09 -23.30
N ARG D 309 -53.23 -1.69 -22.33
CA ARG D 309 -52.55 -2.96 -22.57
C ARG D 309 -53.52 -4.13 -22.48
N TYR D 310 -54.43 -4.09 -21.50
CA TYR D 310 -55.34 -5.21 -21.25
C TYR D 310 -56.75 -4.97 -21.78
N GLY D 311 -57.02 -3.80 -22.35
CA GLY D 311 -58.34 -3.52 -22.89
C GLY D 311 -59.41 -3.32 -21.84
N ILE D 312 -59.08 -2.65 -20.74
CA ILE D 312 -60.02 -2.36 -19.66
C ILE D 312 -60.56 -0.95 -19.86
N ASN D 313 -61.85 -0.76 -19.58
CA ASN D 313 -62.51 0.51 -19.82
C ASN D 313 -63.00 1.21 -18.56
N ASP D 314 -63.08 0.50 -17.43
CA ASP D 314 -63.53 1.08 -16.16
C ASP D 314 -62.47 0.78 -15.10
N LEU D 315 -61.62 1.77 -14.81
CA LEU D 315 -60.53 1.55 -13.87
C LEU D 315 -61.01 1.44 -12.43
N ARG D 316 -62.31 1.59 -12.17
CA ARG D 316 -62.84 1.32 -10.83
C ARG D 316 -62.70 -0.14 -10.44
N MET D 317 -62.60 -1.04 -11.42
CA MET D 317 -62.40 -2.45 -11.13
C MET D 317 -61.01 -2.74 -10.57
N PHE D 318 -60.05 -1.85 -10.81
CA PHE D 318 -58.69 -2.08 -10.32
C PHE D 318 -58.64 -2.12 -8.80
N TYR D 319 -59.58 -1.47 -8.13
CA TYR D 319 -59.56 -1.39 -6.68
C TYR D 319 -60.84 -1.86 -6.02
N GLN D 320 -61.82 -2.33 -6.81
CA GLN D 320 -62.90 -3.11 -6.24
C GLN D 320 -62.44 -4.52 -5.88
N ASN D 321 -61.42 -5.01 -6.60
CA ASN D 321 -60.76 -6.29 -6.29
C ASN D 321 -61.75 -7.45 -6.34
N ASP D 322 -62.51 -7.52 -7.43
CA ASP D 322 -63.36 -8.68 -7.67
C ASP D 322 -62.51 -9.86 -8.06
N VAL D 323 -62.66 -10.98 -7.33
CA VAL D 323 -61.79 -12.13 -7.53
C VAL D 323 -61.95 -12.71 -8.94
N ARG D 324 -63.11 -12.53 -9.55
CA ARG D 324 -63.28 -12.95 -10.94
C ARG D 324 -62.49 -12.05 -11.89
N PHE D 325 -62.38 -10.76 -11.57
CA PHE D 325 -61.58 -9.86 -12.40
C PHE D 325 -60.10 -10.16 -12.25
N LEU D 326 -59.63 -10.37 -11.01
CA LEU D 326 -58.21 -10.67 -10.79
C LEU D 326 -57.83 -11.99 -11.42
N ARG D 327 -58.73 -12.97 -11.40
CA ARG D 327 -58.43 -14.28 -11.97
C ARG D 327 -58.21 -14.21 -13.48
N GLN D 328 -58.78 -13.20 -14.14
CA GLN D 328 -58.59 -13.06 -15.58
C GLN D 328 -57.14 -12.79 -15.95
N PHE D 329 -56.32 -12.35 -14.99
CA PHE D 329 -54.90 -12.09 -15.22
C PHE D 329 -54.04 -13.17 -14.59
N ALA D 330 -54.49 -14.42 -14.67
CA ALA D 330 -53.77 -15.54 -14.08
C ALA D 330 -53.75 -16.73 -15.04
N MET E 1 4.00 12.28 25.96
CA MET E 1 2.70 12.47 26.59
C MET E 1 2.83 13.21 27.93
N LYS E 2 1.95 14.18 28.15
CA LYS E 2 1.89 14.93 29.40
C LYS E 2 0.67 14.47 30.18
N ILE E 3 0.88 14.10 31.43
CA ILE E 3 -0.21 13.66 32.31
C ILE E 3 -0.07 14.34 33.66
N SER E 4 -1.18 14.39 34.38
CA SER E 4 -1.18 14.96 35.72
C SER E 4 -0.75 13.94 36.74
N GLU E 5 0.12 14.36 37.67
CA GLU E 5 0.60 13.45 38.71
C GLU E 5 -0.52 13.11 39.69
N ASN E 6 -1.32 14.10 40.08
CA ASN E 6 -2.42 13.84 41.00
C ASN E 6 -3.47 12.92 40.37
N TRP E 7 -3.73 13.09 39.07
CA TRP E 7 -4.62 12.17 38.38
C TRP E 7 -4.03 10.76 38.33
N LEU E 8 -2.72 10.66 38.19
CA LEU E 8 -2.07 9.36 38.21
C LEU E 8 -2.10 8.73 39.59
N ARG E 9 -2.00 9.55 40.64
CA ARG E 9 -1.99 9.02 42.00
C ARG E 9 -3.36 8.51 42.43
N THR E 10 -4.44 8.97 41.78
CA THR E 10 -5.75 8.39 42.06
C THR E 10 -5.83 6.94 41.65
N TRP E 11 -4.94 6.49 40.76
CA TRP E 11 -4.83 5.09 40.38
C TRP E 11 -3.80 4.37 41.24
N VAL E 12 -2.60 4.91 41.36
CA VAL E 12 -1.53 4.33 42.17
C VAL E 12 -0.83 5.46 42.90
N ASN E 13 -0.87 5.42 44.24
CA ASN E 13 -0.17 6.39 45.09
C ASN E 13 0.98 5.68 45.78
N PRO E 14 2.19 5.69 45.20
CA PRO E 14 3.30 4.94 45.80
C PRO E 14 3.90 5.58 47.05
N ALA E 15 3.39 6.73 47.48
CA ALA E 15 3.88 7.41 48.69
C ALA E 15 5.37 7.74 48.58
N ILE E 16 5.74 8.37 47.47
CA ILE E 16 7.10 8.87 47.25
C ILE E 16 7.01 10.33 46.86
N ASP E 17 8.16 11.01 46.91
CA ASP E 17 8.23 12.36 46.39
C ASP E 17 8.12 12.35 44.87
N SER E 18 7.79 13.51 44.30
CA SER E 18 7.59 13.60 42.86
C SER E 18 8.88 13.40 42.09
N ASP E 19 10.03 13.79 42.66
CA ASP E 19 11.30 13.65 41.97
C ASP E 19 11.67 12.18 41.79
N THR E 20 11.58 11.40 42.88
CA THR E 20 11.86 9.97 42.77
C THR E 20 10.85 9.27 41.88
N LEU E 21 9.61 9.77 41.84
CA LEU E 21 8.60 9.19 40.97
C LEU E 21 8.98 9.36 39.50
N SER E 22 9.50 10.53 39.13
CA SER E 22 9.94 10.74 37.76
C SER E 22 11.21 9.94 37.45
N ASP E 23 12.17 9.95 38.37
CA ASP E 23 13.36 9.13 38.21
C ASP E 23 13.02 7.64 38.14
N GLN E 24 11.91 7.24 38.79
CA GLN E 24 11.47 5.86 38.70
C GLN E 24 10.97 5.54 37.30
N LEU E 25 10.33 6.49 36.64
CA LEU E 25 9.79 6.25 35.30
C LEU E 25 10.90 6.24 34.25
N THR E 26 11.88 7.14 34.38
CA THR E 26 12.98 7.18 33.41
C THR E 26 13.77 5.88 33.43
N MET E 27 14.10 5.38 34.62
CA MET E 27 14.82 4.12 34.74
C MET E 27 13.97 2.92 34.37
N LEU E 28 12.67 3.11 34.16
CA LEU E 28 11.77 2.01 33.81
C LEU E 28 11.46 1.96 32.32
N GLY E 29 12.08 2.83 31.53
CA GLY E 29 11.83 2.89 30.09
C GLY E 29 10.92 4.01 29.66
N LEU E 30 10.35 4.76 30.60
CA LEU E 30 9.45 5.87 30.31
C LEU E 30 10.15 7.16 30.70
N GLU E 31 11.11 7.57 29.87
CA GLU E 31 11.92 8.75 30.15
C GLU E 31 11.08 10.02 30.21
N VAL E 32 10.93 10.58 31.41
CA VAL E 32 10.25 11.86 31.53
C VAL E 32 11.15 12.96 31.01
N ASP E 33 10.56 13.94 30.32
CA ASP E 33 11.32 15.05 29.76
C ASP E 33 11.26 16.30 30.62
N GLU E 34 10.26 16.43 31.48
CA GLU E 34 10.11 17.58 32.35
C GLU E 34 9.04 17.29 33.38
N LEU E 35 9.33 17.64 34.64
CA LEU E 35 8.36 17.59 35.72
C LEU E 35 8.25 19.00 36.29
N ALA E 36 7.14 19.68 36.00
CA ALA E 36 6.92 21.03 36.48
C ALA E 36 5.51 21.13 37.06
N SER E 37 5.35 22.05 38.02
CA SER E 37 4.06 22.30 38.61
C SER E 37 3.12 22.92 37.57
N VAL E 38 1.81 22.77 37.82
CA VAL E 38 0.81 23.33 36.92
C VAL E 38 0.99 24.84 36.79
N ALA E 39 1.36 25.50 37.89
CA ALA E 39 1.67 26.92 37.89
C ALA E 39 3.06 27.12 38.48
N LYS E 40 3.74 28.15 37.98
CA LYS E 40 5.06 28.49 38.48
C LYS E 40 4.97 28.86 39.97
N PRO E 41 6.06 28.70 40.72
CA PRO E 41 5.97 28.88 42.18
C PRO E 41 5.68 30.33 42.57
N PHE E 42 4.68 30.49 43.44
CA PHE E 42 4.42 31.77 44.09
C PHE E 42 3.83 31.49 45.47
N THR E 43 3.88 32.50 46.33
CA THR E 43 3.48 32.35 47.72
C THR E 43 2.54 33.47 48.14
N GLY E 44 1.52 33.10 48.91
CA GLY E 44 0.65 34.08 49.55
C GLY E 44 -0.37 34.74 48.65
N VAL E 45 -1.28 33.96 48.09
CA VAL E 45 -2.39 34.48 47.30
C VAL E 45 -3.64 33.68 47.67
N VAL E 46 -4.64 34.36 48.22
CA VAL E 46 -5.82 33.70 48.77
C VAL E 46 -7.05 34.10 47.96
N VAL E 47 -8.05 33.22 47.99
CA VAL E 47 -9.35 33.54 47.38
C VAL E 47 -10.05 34.59 48.21
N GLY E 48 -10.60 35.60 47.55
CA GLY E 48 -11.28 36.67 48.23
C GLY E 48 -12.49 37.16 47.46
N GLU E 49 -13.42 37.75 48.20
CA GLU E 49 -14.61 38.38 47.63
C GLU E 49 -14.54 39.88 47.83
N VAL E 50 -14.95 40.63 46.81
CA VAL E 50 -14.97 42.09 46.88
C VAL E 50 -16.30 42.52 47.47
N LEU E 51 -16.25 43.31 48.55
CA LEU E 51 -17.45 43.73 49.26
C LEU E 51 -18.06 45.00 48.66
N THR E 52 -17.24 46.03 48.47
CA THR E 52 -17.71 47.30 47.95
C THR E 52 -16.77 47.78 46.84
N VAL E 53 -17.35 48.46 45.86
CA VAL E 53 -16.61 49.01 44.72
C VAL E 53 -16.97 50.47 44.58
N GLU E 54 -15.97 51.35 44.63
CA GLU E 54 -16.18 52.78 44.52
C GLU E 54 -15.01 53.41 43.78
N GLN E 55 -15.30 54.28 42.82
CA GLN E 55 -14.26 54.89 42.02
C GLN E 55 -13.47 55.91 42.84
N HIS E 56 -14.13 57.02 43.21
CA HIS E 56 -13.51 58.12 43.95
C HIS E 56 -12.18 58.57 43.35
N PRO E 57 -12.19 59.07 42.10
CA PRO E 57 -10.93 59.54 41.51
C PRO E 57 -10.86 61.05 41.38
N ASP E 58 -9.67 61.55 41.04
CA ASP E 58 -9.51 62.94 40.61
C ASP E 58 -9.49 63.04 39.09
N ALA E 59 -8.64 62.26 38.44
CA ALA E 59 -8.62 62.15 36.99
C ALA E 59 -8.10 60.75 36.62
N ASP E 60 -8.64 59.73 37.28
CA ASP E 60 -8.16 58.36 37.15
C ASP E 60 -9.26 57.46 36.64
N ARG E 61 -8.86 56.43 35.88
CA ARG E 61 -9.77 55.43 35.36
C ARG E 61 -9.69 54.11 36.13
N LEU E 62 -9.42 54.19 37.43
CA LEU E 62 -9.29 53.02 38.28
C LEU E 62 -10.56 52.85 39.12
N ARG E 63 -10.49 52.03 40.17
CA ARG E 63 -11.63 51.80 41.04
C ARG E 63 -11.12 51.22 42.35
N VAL E 64 -11.42 51.89 43.46
CA VAL E 64 -11.01 51.44 44.79
C VAL E 64 -12.07 50.47 45.31
N THR E 65 -11.62 49.31 45.79
CA THR E 65 -12.52 48.28 46.27
C THR E 65 -12.06 47.75 47.62
N THR E 66 -12.93 46.96 48.25
CA THR E 66 -12.64 46.30 49.52
C THR E 66 -12.84 44.81 49.35
N VAL E 67 -11.79 44.04 49.63
CA VAL E 67 -11.80 42.59 49.43
C VAL E 67 -11.80 41.91 50.80
N ASN E 68 -12.55 40.81 50.91
CA ASN E 68 -12.65 40.04 52.15
C ASN E 68 -11.87 38.74 51.97
N ILE E 69 -10.74 38.62 52.66
CA ILE E 69 -9.90 37.43 52.55
C ILE E 69 -10.17 36.51 53.72
N GLY E 70 -11.27 36.78 54.43
CA GLY E 70 -11.69 35.92 55.53
C GLY E 70 -10.80 35.96 56.73
N SER E 71 -10.23 37.12 57.05
CA SER E 71 -9.36 37.26 58.22
C SER E 71 -9.35 38.72 58.65
N GLY E 72 -9.90 38.99 59.83
CA GLY E 72 -9.88 40.32 60.39
C GLY E 72 -10.70 41.34 59.63
N GLU E 73 -10.05 42.42 59.19
CA GLU E 73 -10.66 43.53 58.48
C GLU E 73 -10.48 43.38 56.98
N PRO E 74 -11.49 43.73 56.18
CA PRO E 74 -11.34 43.63 54.72
C PRO E 74 -10.31 44.62 54.20
N LEU E 75 -9.42 44.13 53.36
CA LEU E 75 -8.34 44.95 52.83
C LEU E 75 -8.87 46.00 51.86
N GLN E 76 -8.06 47.03 51.62
CA GLN E 76 -8.38 48.11 50.71
C GLN E 76 -7.45 47.99 49.49
N ILE E 77 -8.00 47.47 48.39
CA ILE E 77 -7.23 47.22 47.18
C ILE E 77 -7.76 48.13 46.08
N VAL E 78 -6.84 48.75 45.35
CA VAL E 78 -7.18 49.62 44.23
C VAL E 78 -6.71 48.95 42.95
N CYS E 79 -7.62 48.78 41.99
CA CYS E 79 -7.30 48.14 40.72
C CYS E 79 -8.09 48.82 39.60
N GLY E 80 -7.57 48.68 38.39
CA GLY E 80 -8.22 49.22 37.21
C GLY E 80 -8.73 48.14 36.28
N ALA E 81 -8.91 46.93 36.81
CA ALA E 81 -9.40 45.83 36.01
C ALA E 81 -10.84 46.08 35.57
N PRO E 82 -11.24 45.58 34.40
CA PRO E 82 -12.58 45.88 33.89
C PRO E 82 -13.70 45.24 34.70
N ASN E 83 -13.66 43.92 34.85
CA ASN E 83 -14.80 43.19 35.42
C ASN E 83 -14.82 43.23 36.94
N VAL E 84 -14.41 44.34 37.54
CA VAL E 84 -14.43 44.49 38.99
C VAL E 84 -15.85 44.92 39.38
N ARG E 85 -16.63 43.98 39.88
CA ARG E 85 -18.00 44.25 40.32
C ARG E 85 -18.16 43.77 41.76
N ALA E 86 -18.98 44.49 42.52
CA ALA E 86 -19.20 44.15 43.92
C ALA E 86 -19.86 42.79 44.05
N GLY E 87 -19.23 41.91 44.82
CA GLY E 87 -19.71 40.56 45.01
C GLY E 87 -19.03 39.50 44.18
N MET E 88 -17.87 39.80 43.61
CA MET E 88 -17.15 38.88 42.74
C MET E 88 -16.04 38.17 43.49
N LYS E 89 -15.89 36.87 43.22
CA LYS E 89 -14.77 36.10 43.74
C LYS E 89 -13.59 36.20 42.78
N ALA E 90 -12.42 36.55 43.30
CA ALA E 90 -11.24 36.73 42.47
C ALA E 90 -10.01 36.52 43.34
N PRO E 91 -8.89 36.10 42.75
CA PRO E 91 -7.65 35.96 43.53
C PRO E 91 -7.15 37.32 44.01
N VAL E 92 -6.74 37.35 45.28
CA VAL E 92 -6.26 38.58 45.92
C VAL E 92 -4.88 38.33 46.48
N ALA E 93 -3.90 39.09 46.02
CA ALA E 93 -2.52 38.98 46.51
C ALA E 93 -2.37 39.85 47.74
N THR E 94 -1.99 39.24 48.86
CA THR E 94 -1.79 39.98 50.10
C THR E 94 -0.44 40.69 50.08
N ILE E 95 -0.19 41.49 51.12
CA ILE E 95 1.09 42.17 51.25
C ILE E 95 2.15 41.15 51.64
N GLY E 96 3.30 41.21 50.96
CA GLY E 96 4.37 40.26 51.18
C GLY E 96 4.38 39.09 50.23
N ALA E 97 3.44 39.03 49.29
CA ALA E 97 3.42 37.95 48.32
C ALA E 97 4.53 38.13 47.28
N VAL E 98 4.81 37.05 46.56
CA VAL E 98 5.86 37.04 45.54
C VAL E 98 5.25 36.36 44.30
N LEU E 99 4.67 37.15 43.42
CA LEU E 99 4.18 36.63 42.15
C LEU E 99 5.36 36.16 41.30
N PRO E 100 5.11 35.25 40.35
CA PRO E 100 6.23 34.70 39.55
C PRO E 100 6.97 35.79 38.80
N GLY E 101 8.30 35.75 38.90
CA GLY E 101 9.14 36.68 38.17
C GLY E 101 9.51 37.93 38.95
N ASP E 102 10.09 37.74 40.13
CA ASP E 102 10.59 38.82 40.99
C ASP E 102 9.51 39.83 41.38
N PHE E 103 8.24 39.49 41.19
CA PHE E 103 7.13 40.42 41.45
C PHE E 103 6.76 40.32 42.92
N LYS E 104 7.41 41.14 43.75
CA LYS E 104 7.10 41.22 45.17
C LYS E 104 6.09 42.35 45.37
N ILE E 105 4.86 41.99 45.71
CA ILE E 105 3.80 42.97 45.87
C ILE E 105 4.06 43.78 47.14
N LYS E 106 4.28 45.08 46.97
CA LYS E 106 4.54 46.00 48.08
C LYS E 106 3.33 46.90 48.31
N LYS E 107 3.42 47.71 49.36
CA LYS E 107 2.39 48.70 49.66
C LYS E 107 2.72 49.98 48.92
N GLY E 108 1.95 51.03 49.19
CA GLY E 108 2.17 52.33 48.57
C GLY E 108 0.84 53.00 48.24
N LYS E 109 0.91 54.30 47.99
CA LYS E 109 -0.26 55.10 47.66
C LYS E 109 -0.32 55.29 46.15
N LEU E 110 -1.38 54.76 45.53
CA LEU E 110 -1.59 54.87 44.10
C LEU E 110 -2.69 55.91 43.86
N ARG E 111 -2.29 57.08 43.35
CA ARG E 111 -3.22 58.17 43.04
C ARG E 111 -4.00 58.62 44.28
N GLY E 112 -3.34 58.58 45.43
CA GLY E 112 -3.94 59.06 46.66
C GLY E 112 -4.80 58.04 47.38
N VAL E 113 -4.48 56.76 47.27
CA VAL E 113 -5.23 55.71 47.95
C VAL E 113 -4.31 54.52 48.20
N GLU E 114 -3.99 54.27 49.48
CA GLU E 114 -3.08 53.20 49.84
C GLU E 114 -3.72 51.85 49.56
N SER E 115 -3.20 51.14 48.56
CA SER E 115 -3.69 49.81 48.21
C SER E 115 -2.95 48.76 49.03
N GLN E 116 -3.71 47.92 49.73
CA GLN E 116 -3.15 46.88 50.59
C GLN E 116 -3.16 45.51 49.91
N GLY E 117 -3.08 45.47 48.59
CA GLY E 117 -3.08 44.21 47.87
C GLY E 117 -3.25 44.44 46.39
N MET E 118 -3.56 43.34 45.69
CA MET E 118 -3.75 43.36 44.25
C MET E 118 -4.73 42.27 43.85
N LEU E 119 -5.79 42.66 43.15
CA LEU E 119 -6.75 41.70 42.60
C LEU E 119 -6.10 41.07 41.36
N CYS E 120 -5.56 39.87 41.53
CA CYS E 120 -4.79 39.23 40.47
C CYS E 120 -5.69 38.74 39.35
N GLY E 121 -5.08 38.52 38.19
CA GLY E 121 -5.72 37.87 37.07
C GLY E 121 -5.12 36.50 36.81
N ALA E 122 -5.43 35.96 35.63
CA ALA E 122 -4.93 34.64 35.28
C ALA E 122 -3.46 34.68 34.89
N SER E 123 -3.05 35.69 34.12
CA SER E 123 -1.67 35.77 33.66
C SER E 123 -0.69 36.19 34.75
N GLU E 124 -1.18 36.73 35.87
CA GLU E 124 -0.30 37.13 36.96
C GLU E 124 0.03 35.97 37.90
N ILE E 125 -0.67 34.85 37.81
CA ILE E 125 -0.36 33.67 38.60
C ILE E 125 -0.03 32.52 37.67
N ASP E 126 0.44 32.85 36.46
CA ASP E 126 0.89 31.87 35.48
C ASP E 126 -0.24 30.93 35.06
N LEU E 127 -1.35 31.52 34.64
CA LEU E 127 -2.49 30.78 34.11
C LEU E 127 -2.91 31.40 32.79
N GLU E 128 -3.99 30.87 32.21
CA GLU E 128 -4.43 31.28 30.88
C GLU E 128 -5.41 32.44 30.99
N ASP E 129 -5.01 33.60 30.45
CA ASP E 129 -5.82 34.81 30.52
C ASP E 129 -7.01 34.69 29.59
N LYS E 130 -8.17 34.35 30.15
CA LYS E 130 -9.38 34.20 29.35
C LYS E 130 -9.99 35.56 29.01
N ILE E 131 -10.22 36.39 30.03
CA ILE E 131 -10.84 37.70 29.84
C ILE E 131 -9.79 38.82 29.74
N ASP E 132 -8.51 38.46 29.72
CA ASP E 132 -7.41 39.44 29.67
C ASP E 132 -7.50 40.41 30.84
N GLY E 133 -7.64 39.85 32.04
CA GLY E 133 -7.77 40.69 33.24
C GLY E 133 -8.02 39.83 34.46
N LEU E 134 -8.77 40.40 35.39
CA LEU E 134 -9.11 39.70 36.62
C LEU E 134 -9.97 38.47 36.32
N LEU E 135 -9.60 37.34 36.90
CA LEU E 135 -10.30 36.08 36.67
C LEU E 135 -11.34 35.87 37.75
N GLU E 136 -12.57 35.56 37.33
CA GLU E 136 -13.65 35.30 38.28
C GLU E 136 -13.57 33.86 38.76
N LEU E 137 -13.83 33.68 40.05
CA LEU E 137 -13.84 32.37 40.70
C LEU E 137 -15.27 31.89 40.91
N PRO E 138 -15.48 30.58 41.06
CA PRO E 138 -16.83 30.06 41.21
C PRO E 138 -17.53 30.63 42.45
N ALA E 139 -18.84 30.36 42.52
CA ALA E 139 -19.66 30.90 43.60
C ALA E 139 -19.26 30.32 44.95
N ASP E 140 -19.10 28.99 45.01
CA ASP E 140 -18.70 28.32 46.24
C ASP E 140 -17.20 28.38 46.51
N ALA E 141 -16.59 29.54 46.28
CA ALA E 141 -15.15 29.67 46.48
C ALA E 141 -14.85 29.91 47.95
N PRO E 142 -13.95 29.13 48.56
CA PRO E 142 -13.62 29.32 49.98
C PRO E 142 -12.69 30.52 50.17
N VAL E 143 -13.22 31.58 50.77
CA VAL E 143 -12.42 32.77 51.02
C VAL E 143 -11.39 32.47 52.12
N GLY E 144 -10.14 32.84 51.86
CA GLY E 144 -9.04 32.64 52.78
C GLY E 144 -8.11 31.50 52.40
N VAL E 145 -8.63 30.50 51.70
CA VAL E 145 -7.80 29.37 51.31
C VAL E 145 -6.84 29.80 50.21
N ASN E 146 -5.60 29.31 50.29
CA ASN E 146 -4.61 29.61 49.26
C ASN E 146 -5.09 29.08 47.91
N ILE E 147 -4.98 29.92 46.87
CA ILE E 147 -5.49 29.55 45.56
C ILE E 147 -4.70 28.39 44.95
N ARG E 148 -3.49 28.13 45.45
CA ARG E 148 -2.73 26.98 44.96
C ARG E 148 -3.37 25.67 45.41
N GLU E 149 -4.04 25.68 46.55
CA GLU E 149 -4.75 24.49 47.03
C GLU E 149 -6.15 24.39 46.46
N TYR E 150 -6.79 25.53 46.16
CA TYR E 150 -8.13 25.51 45.60
C TYR E 150 -8.10 25.05 44.14
N LEU E 151 -7.21 25.62 43.34
CA LEU E 151 -7.08 25.27 41.94
C LEU E 151 -6.10 24.13 41.71
N LYS E 152 -5.48 23.60 42.76
CA LYS E 152 -4.50 22.52 42.67
C LYS E 152 -3.38 22.88 41.70
N LEU E 153 -2.73 24.01 41.98
CA LEU E 153 -1.63 24.50 41.15
C LEU E 153 -0.30 23.82 41.45
N ASP E 154 -0.13 23.30 42.67
CA ASP E 154 1.09 22.59 43.02
C ASP E 154 1.13 21.17 42.45
N ASP E 155 0.07 20.74 41.77
CA ASP E 155 0.11 19.48 41.03
C ASP E 155 1.17 19.56 39.95
N ASN E 156 1.77 18.42 39.63
CA ASN E 156 2.85 18.36 38.67
C ASN E 156 2.38 17.73 37.36
N VAL E 157 2.95 18.19 36.26
CA VAL E 157 2.71 17.64 34.93
C VAL E 157 3.95 16.87 34.52
N ILE E 158 3.77 15.57 34.24
CA ILE E 158 4.86 14.69 33.90
C ILE E 158 4.87 14.51 32.38
N ASP E 159 5.95 14.95 31.74
CA ASP E 159 6.07 14.87 30.28
C ASP E 159 6.75 13.55 29.93
N ILE E 160 5.95 12.51 29.75
CA ILE E 160 6.48 11.19 29.44
C ILE E 160 6.85 11.11 27.97
N SER E 161 7.94 10.41 27.66
CA SER E 161 8.36 10.13 26.30
C SER E 161 8.34 8.62 26.11
N ILE E 162 7.26 8.11 25.52
CA ILE E 162 7.04 6.67 25.41
C ILE E 162 7.61 6.17 24.09
N THR E 163 8.42 5.12 24.15
CA THR E 163 8.91 4.49 22.94
C THR E 163 7.77 3.79 22.19
N PRO E 164 7.90 3.62 20.87
CA PRO E 164 6.77 3.09 20.10
C PRO E 164 6.39 1.66 20.44
N ASN E 165 7.24 0.91 21.13
CA ASN E 165 6.89 -0.47 21.48
C ASN E 165 5.98 -0.55 22.70
N ARG E 166 5.85 0.52 23.48
CA ARG E 166 5.03 0.53 24.69
C ARG E 166 3.74 1.29 24.44
N GLY E 167 2.94 0.75 23.53
CA GLY E 167 1.65 1.33 23.20
C GLY E 167 0.68 1.41 24.36
N ASP E 168 0.83 0.51 25.35
CA ASP E 168 -0.09 0.52 26.49
C ASP E 168 0.10 1.75 27.37
N CYS E 169 1.31 2.28 27.44
CA CYS E 169 1.63 3.38 28.36
C CYS E 169 1.07 4.72 27.91
N PHE E 170 0.37 4.78 26.78
CA PHE E 170 -0.18 6.04 26.28
C PHE E 170 -1.47 6.45 26.98
N SER E 171 -1.54 6.29 28.30
CA SER E 171 -2.72 6.65 29.07
C SER E 171 -2.36 6.62 30.55
N ILE E 172 -3.30 7.07 31.39
CA ILE E 172 -3.13 6.95 32.83
C ILE E 172 -3.09 5.49 33.24
N ARG E 173 -3.93 4.66 32.61
CA ARG E 173 -3.99 3.25 32.94
C ARG E 173 -2.68 2.54 32.62
N GLY E 174 -2.00 2.93 31.54
CA GLY E 174 -0.74 2.31 31.20
C GLY E 174 0.41 2.75 32.10
N ILE E 175 0.41 4.03 32.49
CA ILE E 175 1.45 4.53 33.38
C ILE E 175 1.23 4.06 34.80
N ALA E 176 -0.03 3.98 35.23
CA ALA E 176 -0.33 3.51 36.58
C ALA E 176 0.05 2.04 36.74
N ARG E 177 -0.10 1.24 35.69
CA ARG E 177 0.33 -0.15 35.75
C ARG E 177 1.84 -0.25 35.90
N GLU E 178 2.58 0.58 35.18
CA GLU E 178 4.04 0.51 35.23
C GLU E 178 4.58 1.00 36.57
N VAL E 179 3.94 2.01 37.15
CA VAL E 179 4.38 2.49 38.46
C VAL E 179 3.94 1.57 39.59
N ALA E 180 2.92 0.74 39.36
CA ALA E 180 2.47 -0.18 40.39
C ALA E 180 3.37 -1.40 40.52
N VAL E 181 3.97 -1.85 39.40
CA VAL E 181 4.80 -3.05 39.46
C VAL E 181 6.15 -2.75 40.09
N ILE E 182 6.63 -1.51 40.00
CA ILE E 182 7.94 -1.17 40.55
C ILE E 182 7.87 -0.78 42.02
N ASN E 183 6.70 -0.36 42.50
CA ASN E 183 6.52 -0.03 43.91
C ASN E 183 5.78 -1.11 44.68
N GLN E 184 5.49 -2.25 44.05
CA GLN E 184 4.80 -3.37 44.69
C GLN E 184 3.42 -2.97 45.20
N LEU E 185 2.75 -2.05 44.50
CA LEU E 185 1.39 -1.66 44.81
C LEU E 185 0.41 -2.40 43.91
N GLN E 186 -0.88 -2.20 44.19
CA GLN E 186 -1.96 -2.73 43.36
C GLN E 186 -2.70 -1.56 42.74
N MET E 187 -2.89 -1.61 41.42
CA MET E 187 -3.50 -0.52 40.68
C MET E 187 -4.97 -0.37 41.09
N ASN E 188 -5.30 0.75 41.74
CA ASN E 188 -6.65 1.02 42.20
C ASN E 188 -7.45 1.57 41.04
N GLU E 189 -8.10 0.67 40.30
CA GLU E 189 -8.87 1.06 39.14
C GLU E 189 -10.27 1.52 39.54
N PRO E 190 -10.84 2.49 38.82
CA PRO E 190 -12.18 2.97 39.16
C PRO E 190 -13.24 1.94 38.80
N GLU E 191 -14.35 1.99 39.53
CA GLU E 191 -15.45 1.07 39.28
C GLU E 191 -16.09 1.38 37.94
N ILE E 192 -16.02 0.42 37.02
CA ILE E 192 -16.58 0.56 35.68
C ILE E 192 -17.99 -0.02 35.71
N LYS E 193 -18.99 0.86 35.84
CA LYS E 193 -20.38 0.43 35.86
C LYS E 193 -20.98 0.52 34.47
N SER E 194 -21.74 -0.51 34.10
CA SER E 194 -22.38 -0.57 32.79
C SER E 194 -23.80 -0.01 32.87
N VAL E 195 -24.23 0.59 31.77
CA VAL E 195 -25.56 1.19 31.66
C VAL E 195 -26.46 0.26 30.86
N ASP E 196 -27.67 0.04 31.35
CA ASP E 196 -28.62 -0.80 30.64
C ASP E 196 -29.32 -0.01 29.54
N ALA E 197 -29.66 -0.70 28.46
CA ALA E 197 -30.32 -0.08 27.33
C ALA E 197 -31.79 0.13 27.66
N THR E 198 -32.25 1.38 27.61
CA THR E 198 -33.63 1.70 27.92
C THR E 198 -34.51 1.75 26.67
N ILE E 199 -33.93 1.94 25.49
CA ILE E 199 -34.70 1.96 24.25
C ILE E 199 -34.26 0.80 23.37
N THR E 200 -34.81 0.73 22.16
CA THR E 200 -34.51 -0.35 21.22
C THR E 200 -34.12 0.21 19.86
N ASP E 201 -33.28 1.25 19.86
CA ASP E 201 -32.76 1.84 18.64
C ASP E 201 -31.33 1.34 18.41
N GLU E 202 -31.10 0.72 17.25
CA GLU E 202 -29.81 0.11 16.96
C GLU E 202 -29.45 0.40 15.50
N LYS E 203 -28.16 0.59 15.25
CA LYS E 203 -27.66 0.91 13.92
C LYS E 203 -26.88 -0.28 13.36
N LYS E 204 -27.12 -0.59 12.10
CA LYS E 204 -26.49 -1.72 11.44
C LYS E 204 -25.04 -1.39 11.10
N VAL E 205 -24.13 -2.31 11.40
CA VAL E 205 -22.70 -2.14 11.15
C VAL E 205 -22.23 -3.27 10.26
N VAL E 206 -21.45 -2.92 9.23
CA VAL E 206 -20.89 -3.89 8.29
C VAL E 206 -19.39 -3.61 8.15
N ILE E 207 -18.58 -4.62 8.37
CA ILE E 207 -17.13 -4.52 8.24
C ILE E 207 -16.77 -5.04 6.85
N ASN E 208 -16.45 -4.12 5.95
CA ASN E 208 -16.07 -4.48 4.59
C ASN E 208 -14.57 -4.65 4.41
N THR E 209 -13.79 -4.53 5.48
CA THR E 209 -12.34 -4.63 5.39
C THR E 209 -11.84 -5.65 6.42
N ASP E 210 -10.54 -5.63 6.68
CA ASP E 210 -9.92 -6.48 7.69
C ASP E 210 -9.25 -5.68 8.80
N GLY E 211 -9.25 -4.35 8.71
CA GLY E 211 -8.60 -3.52 9.68
C GLY E 211 -9.43 -3.12 10.88
N ALA E 212 -10.65 -3.62 10.98
CA ALA E 212 -11.54 -3.34 12.11
C ALA E 212 -12.10 -4.66 12.65
N PRO E 213 -11.27 -5.43 13.37
CA PRO E 213 -11.73 -6.72 13.89
C PRO E 213 -12.74 -6.61 15.02
N ARG E 214 -12.96 -5.42 15.57
CA ARG E 214 -13.93 -5.25 16.65
C ARG E 214 -14.46 -3.82 16.60
N TYR E 215 -15.74 -3.68 16.31
CA TYR E 215 -16.40 -2.38 16.20
C TYR E 215 -17.60 -2.36 17.12
N LEU E 216 -17.63 -1.40 18.04
CA LEU E 216 -18.77 -1.22 18.94
C LEU E 216 -19.45 0.11 18.66
N GLY E 217 -20.76 0.07 18.53
CA GLY E 217 -21.54 1.27 18.33
C GLY E 217 -22.80 1.28 19.19
N ARG E 218 -23.12 2.44 19.75
CA ARG E 218 -24.30 2.59 20.59
C ARG E 218 -25.10 3.78 20.12
N VAL E 219 -26.40 3.59 19.92
CA VAL E 219 -27.31 4.67 19.55
C VAL E 219 -27.82 5.34 20.82
N ILE E 220 -27.59 6.64 20.93
CA ILE E 220 -27.98 7.42 22.10
C ILE E 220 -28.81 8.61 21.62
N LYS E 221 -30.02 8.75 22.17
CA LYS E 221 -30.95 9.78 21.75
C LYS E 221 -31.15 10.80 22.86
N ASN E 222 -31.46 12.03 22.46
CA ASN E 222 -31.79 13.13 23.36
C ASN E 222 -30.65 13.39 24.36
N VAL E 223 -29.51 13.81 23.81
CA VAL E 223 -28.36 14.20 24.60
C VAL E 223 -28.27 15.72 24.62
N ASN E 224 -27.78 16.25 25.74
CA ASN E 224 -27.56 17.70 25.87
C ASN E 224 -26.15 18.00 25.38
N VAL E 225 -26.03 18.16 24.06
CA VAL E 225 -24.74 18.47 23.46
C VAL E 225 -24.24 19.84 23.89
N LYS E 226 -25.13 20.70 24.37
CA LYS E 226 -24.77 22.03 24.87
C LYS E 226 -24.70 22.04 26.39
N ALA E 227 -24.14 20.99 27.00
CA ALA E 227 -24.00 20.89 28.44
C ALA E 227 -22.58 21.24 28.86
N ALA E 228 -22.46 21.67 30.12
CA ALA E 228 -21.17 22.08 30.65
C ALA E 228 -20.33 20.87 31.03
N THR E 229 -19.01 21.03 30.91
CA THR E 229 -18.06 20.01 31.34
C THR E 229 -17.54 20.36 32.71
N PRO E 230 -17.63 19.44 33.68
CA PRO E 230 -17.18 19.76 35.05
C PRO E 230 -15.70 20.11 35.08
N GLU E 231 -15.31 20.83 36.14
CA GLU E 231 -13.93 21.31 36.25
C GLU E 231 -12.94 20.16 36.38
N TRP E 232 -13.33 19.07 37.04
CA TRP E 232 -12.42 17.94 37.19
C TRP E 232 -12.08 17.32 35.84
N MET E 233 -13.04 17.29 34.91
CA MET E 233 -12.74 16.82 33.56
C MET E 233 -12.03 17.89 32.75
N GLU E 234 -12.32 19.17 33.00
CA GLU E 234 -11.65 20.25 32.30
C GLU E 234 -10.18 20.33 32.71
N GLN E 235 -9.92 20.28 34.03
CA GLN E 235 -8.54 20.41 34.51
C GLN E 235 -7.72 19.18 34.13
N ALA E 236 -8.29 17.98 34.27
CA ALA E 236 -7.54 16.76 33.94
C ALA E 236 -7.15 16.74 32.48
N LEU E 237 -8.03 17.21 31.60
CA LEU E 237 -7.70 17.28 30.18
C LEU E 237 -6.78 18.44 29.86
N ALA E 238 -6.90 19.55 30.60
CA ALA E 238 -6.09 20.74 30.29
C ALA E 238 -4.61 20.47 30.52
N ARG E 239 -4.24 20.05 31.73
CA ARG E 239 -2.84 19.80 32.04
C ARG E 239 -2.27 18.58 31.32
N SER E 240 -3.12 17.83 30.61
CA SER E 240 -2.64 16.76 29.74
C SER E 240 -2.46 17.23 28.29
N GLY E 241 -2.64 18.52 28.02
CA GLY E 241 -2.45 19.06 26.69
C GLY E 241 -3.67 19.02 25.80
N ILE E 242 -4.88 18.95 26.37
CA ILE E 242 -6.11 18.86 25.61
C ILE E 242 -7.07 19.93 26.09
N ARG E 243 -7.42 20.87 25.22
CA ARG E 243 -8.37 21.90 25.57
C ARG E 243 -9.81 21.40 25.42
N THR E 244 -10.73 22.08 26.09
CA THR E 244 -12.13 21.69 26.08
C THR E 244 -12.85 22.27 24.87
N HIS E 245 -13.82 21.50 24.36
CA HIS E 245 -14.62 21.93 23.22
C HIS E 245 -16.09 21.70 23.52
N SER E 246 -16.60 20.52 23.18
CA SER E 246 -17.95 20.11 23.50
C SER E 246 -17.93 19.08 24.61
N ILE E 247 -19.12 18.73 25.10
CA ILE E 247 -19.21 17.75 26.18
C ILE E 247 -18.94 16.34 25.67
N LEU E 248 -19.35 16.05 24.43
CA LEU E 248 -19.15 14.71 23.88
C LEU E 248 -17.68 14.46 23.58
N VAL E 249 -17.01 15.43 22.95
CA VAL E 249 -15.60 15.24 22.60
C VAL E 249 -14.72 15.26 23.83
N ASP E 250 -15.15 15.94 24.90
CA ASP E 250 -14.38 15.94 26.13
C ASP E 250 -14.42 14.58 26.82
N VAL E 251 -15.57 13.92 26.80
CA VAL E 251 -15.68 12.59 27.38
C VAL E 251 -14.85 11.59 26.58
N THR E 252 -14.95 11.64 25.25
CA THR E 252 -14.18 10.72 24.42
C THR E 252 -12.68 10.99 24.52
N ASN E 253 -12.28 12.25 24.71
CA ASN E 253 -10.87 12.55 24.93
C ASN E 253 -10.42 12.17 26.32
N TYR E 254 -11.29 12.34 27.32
CA TYR E 254 -10.95 11.95 28.69
C TYR E 254 -10.83 10.43 28.82
N VAL E 255 -11.70 9.69 28.13
CA VAL E 255 -11.66 8.24 28.22
C VAL E 255 -10.38 7.69 27.59
N LEU E 256 -9.95 8.28 26.47
CA LEU E 256 -8.72 7.81 25.84
C LEU E 256 -7.48 8.22 26.63
N MET E 257 -7.57 9.33 27.38
CA MET E 257 -6.48 9.70 28.26
C MET E 257 -6.48 8.94 29.57
N GLU E 258 -7.62 8.34 29.94
CA GLU E 258 -7.73 7.59 31.19
C GLU E 258 -7.47 6.10 30.97
N LEU E 259 -7.98 5.53 29.88
CA LEU E 259 -7.84 4.11 29.61
C LEU E 259 -6.98 3.79 28.40
N GLY E 260 -6.91 4.68 27.42
CA GLY E 260 -6.13 4.45 26.21
C GLY E 260 -6.95 4.12 24.99
N GLN E 261 -8.28 4.04 25.10
CA GLN E 261 -9.13 3.67 23.98
C GLN E 261 -9.72 4.92 23.34
N PRO E 262 -9.32 5.29 22.13
CA PRO E 262 -9.92 6.46 21.47
C PRO E 262 -11.34 6.16 21.04
N MET E 263 -12.22 7.16 21.22
CA MET E 263 -13.61 7.04 20.86
C MET E 263 -14.05 8.29 20.10
N HIS E 264 -15.17 8.16 19.37
CA HIS E 264 -15.68 9.26 18.57
C HIS E 264 -17.20 9.15 18.51
N ALA E 265 -17.88 10.30 18.59
CA ALA E 265 -19.33 10.36 18.55
C ALA E 265 -19.77 11.09 17.28
N PHE E 266 -20.74 10.51 16.59
CA PHE E 266 -21.27 11.08 15.36
C PHE E 266 -22.62 11.76 15.61
N ASP E 267 -23.12 12.42 14.58
CA ASP E 267 -24.49 12.92 14.56
C ASP E 267 -25.36 11.85 13.93
N LEU E 268 -26.24 11.24 14.73
CA LEU E 268 -27.03 10.11 14.24
C LEU E 268 -27.93 10.53 13.07
N ALA E 269 -28.43 11.76 13.07
CA ALA E 269 -29.28 12.23 12.00
C ALA E 269 -28.52 12.45 10.70
N LYS E 270 -27.19 12.35 10.71
CA LYS E 270 -26.37 12.55 9.51
C LYS E 270 -25.68 11.27 9.08
N ILE E 271 -26.22 10.12 9.44
CA ILE E 271 -25.74 8.82 8.98
C ILE E 271 -26.88 8.17 8.21
N GLU E 272 -26.68 8.01 6.89
CA GLU E 272 -27.74 7.52 6.00
C GLU E 272 -27.69 5.99 5.98
N GLY E 273 -28.42 5.37 6.89
CA GLY E 273 -28.55 3.93 6.90
C GLY E 273 -27.40 3.20 7.55
N THR E 274 -26.99 2.07 6.95
CA THR E 274 -25.95 1.24 7.52
C THR E 274 -24.61 1.97 7.54
N VAL E 275 -23.91 1.88 8.67
CA VAL E 275 -22.57 2.42 8.79
C VAL E 275 -21.57 1.35 8.38
N HIS E 276 -20.55 1.75 7.63
CA HIS E 276 -19.58 0.82 7.08
C HIS E 276 -18.17 1.22 7.50
N VAL E 277 -17.39 0.24 7.92
CA VAL E 277 -15.95 0.42 8.09
C VAL E 277 -15.26 -0.26 6.92
N ARG E 278 -15.05 0.50 5.84
CA ARG E 278 -14.49 -0.02 4.60
C ARG E 278 -13.21 0.73 4.26
N GLN E 279 -12.53 0.25 3.22
CA GLN E 279 -11.42 0.98 2.66
C GLN E 279 -11.95 2.08 1.74
N ALA E 280 -11.30 3.24 1.76
CA ALA E 280 -11.77 4.37 0.99
C ALA E 280 -11.70 4.09 -0.51
N LYS E 281 -12.68 4.62 -1.24
CA LYS E 281 -12.68 4.50 -2.69
C LYS E 281 -11.55 5.36 -3.26
N PRO E 282 -11.07 5.00 -4.46
CA PRO E 282 -9.95 5.76 -5.06
C PRO E 282 -10.27 7.24 -5.20
N GLN E 283 -9.42 8.06 -4.59
CA GLN E 283 -9.54 9.52 -4.64
C GLN E 283 -10.87 10.01 -4.08
N GLU E 284 -11.32 9.36 -3.00
CA GLU E 284 -12.56 9.75 -2.34
C GLU E 284 -12.32 10.99 -1.49
N LYS E 285 -13.22 11.96 -1.60
CA LYS E 285 -13.07 13.23 -0.90
C LYS E 285 -13.82 13.21 0.42
N LEU E 286 -13.28 13.97 1.38
CA LEU E 286 -13.88 14.09 2.71
C LEU E 286 -13.30 15.32 3.37
N GLN E 287 -14.16 16.09 4.04
CA GLN E 287 -13.76 17.27 4.77
C GLN E 287 -13.75 16.96 6.27
N LEU E 288 -12.57 17.01 6.88
CA LEU E 288 -12.43 16.75 8.30
C LEU E 288 -12.97 17.93 9.11
N LEU E 289 -13.13 17.71 10.41
CA LEU E 289 -13.68 18.75 11.28
C LEU E 289 -12.73 19.90 11.49
N ASN E 290 -11.49 19.82 10.99
CA ASN E 290 -10.57 20.94 10.98
C ASN E 290 -10.64 21.74 9.69
N ASP E 291 -11.75 21.64 8.96
CA ASP E 291 -12.01 22.37 7.72
C ASP E 291 -11.10 21.94 6.59
N GLN E 292 -10.22 20.96 6.82
CA GLN E 292 -9.31 20.51 5.79
C GLN E 292 -10.00 19.49 4.89
N GLU E 293 -9.97 19.73 3.59
CA GLU E 293 -10.47 18.79 2.60
C GLU E 293 -9.34 17.93 2.10
N VAL E 294 -9.54 16.61 2.11
CA VAL E 294 -8.50 15.65 1.79
C VAL E 294 -9.04 14.63 0.81
N GLU E 295 -8.19 14.21 -0.13
CA GLU E 295 -8.50 13.11 -1.05
C GLU E 295 -7.83 11.85 -0.53
N LEU E 296 -8.63 10.79 -0.35
CA LEU E 296 -8.14 9.55 0.22
C LEU E 296 -7.64 8.62 -0.88
N GLN E 297 -7.12 7.46 -0.49
CA GLN E 297 -6.66 6.44 -1.41
C GLN E 297 -7.34 5.12 -1.05
N GLU E 298 -7.08 4.09 -1.84
CA GLU E 298 -7.69 2.78 -1.62
C GLU E 298 -6.95 1.96 -0.57
N ASP E 299 -6.08 2.58 0.23
CA ASP E 299 -5.36 1.88 1.29
C ASP E 299 -5.60 2.49 2.66
N VAL E 300 -6.32 3.60 2.76
CA VAL E 300 -6.64 4.22 4.04
C VAL E 300 -8.04 3.79 4.44
N MET E 301 -8.17 3.19 5.61
CA MET E 301 -9.46 2.73 6.11
C MET E 301 -10.28 3.90 6.61
N VAL E 302 -11.59 3.86 6.32
CA VAL E 302 -12.51 4.94 6.66
C VAL E 302 -13.78 4.36 7.26
N ILE E 303 -14.57 5.24 7.86
CA ILE E 303 -15.88 4.92 8.40
C ILE E 303 -16.91 5.71 7.59
N ALA E 304 -17.83 5.01 6.96
CA ALA E 304 -18.77 5.64 6.05
C ALA E 304 -20.15 5.01 6.21
N ASP E 305 -21.13 5.54 5.48
CA ASP E 305 -22.47 4.96 5.46
C ASP E 305 -22.80 4.48 4.05
N ASP E 306 -24.09 4.42 3.71
CA ASP E 306 -24.50 3.92 2.40
C ASP E 306 -24.39 4.96 1.29
N GLN E 307 -24.05 6.21 1.61
CA GLN E 307 -24.04 7.25 0.60
C GLN E 307 -22.73 8.02 0.58
N LYS E 308 -22.36 8.61 1.72
CA LYS E 308 -21.18 9.45 1.81
C LYS E 308 -20.13 8.77 2.69
N ALA E 309 -19.07 9.52 3.01
CA ALA E 309 -18.02 9.08 3.92
C ALA E 309 -18.05 9.94 5.17
N LEU E 310 -17.90 9.30 6.33
CA LEU E 310 -18.09 9.98 7.61
C LEU E 310 -16.80 10.35 8.32
N ALA E 311 -15.78 9.49 8.29
CA ALA E 311 -14.58 9.74 9.07
C ALA E 311 -13.44 8.89 8.54
N ILE E 312 -12.22 9.40 8.74
CA ILE E 312 -11.02 8.60 8.53
C ILE E 312 -10.84 7.71 9.76
N ALA E 313 -10.78 6.40 9.54
CA ALA E 313 -10.84 5.45 10.65
C ALA E 313 -9.68 5.64 11.61
N GLY E 314 -10.01 5.98 12.86
CA GLY E 314 -9.03 6.09 13.92
C GLY E 314 -8.10 7.29 13.85
N ILE E 315 -8.29 8.18 12.88
CA ILE E 315 -7.40 9.32 12.72
C ILE E 315 -8.13 10.62 13.04
N MET E 316 -9.13 10.96 12.23
CA MET E 316 -9.92 12.15 12.47
C MET E 316 -11.27 12.01 11.79
N GLY E 317 -12.31 12.52 12.44
CA GLY E 317 -13.65 12.46 11.90
C GLY E 317 -13.89 13.48 10.80
N GLY E 318 -15.12 13.47 10.28
CA GLY E 318 -15.52 14.39 9.24
C GLY E 318 -16.37 15.52 9.80
N LEU E 319 -16.36 16.65 9.07
CA LEU E 319 -17.11 17.82 9.50
C LEU E 319 -18.62 17.57 9.41
N ALA E 320 -19.05 16.84 8.38
CA ALA E 320 -20.48 16.61 8.18
C ALA E 320 -21.06 15.78 9.31
N SER E 321 -20.41 14.68 9.66
CA SER E 321 -20.92 13.77 10.68
C SER E 321 -20.57 14.21 12.10
N SER E 322 -19.82 15.29 12.27
CA SER E 322 -19.44 15.73 13.60
C SER E 322 -20.66 16.28 14.36
N VAL E 323 -20.64 16.11 15.67
CA VAL E 323 -21.73 16.57 16.53
C VAL E 323 -21.59 18.08 16.73
N THR E 324 -22.63 18.83 16.38
CA THR E 324 -22.65 20.27 16.47
C THR E 324 -23.61 20.72 17.58
N ASP E 325 -23.79 22.04 17.69
CA ASP E 325 -24.67 22.58 18.73
C ASP E 325 -26.14 22.32 18.45
N ASP E 326 -26.51 21.90 17.23
CA ASP E 326 -27.88 21.56 16.89
C ASP E 326 -28.11 20.05 16.87
N THR E 327 -27.29 19.29 17.59
CA THR E 327 -27.39 17.84 17.61
C THR E 327 -28.25 17.38 18.78
N THR E 328 -29.11 16.40 18.52
CA THR E 328 -29.93 15.79 19.55
C THR E 328 -29.69 14.31 19.74
N ASP E 329 -29.35 13.57 18.68
CA ASP E 329 -29.09 12.15 18.74
C ASP E 329 -27.67 11.88 18.25
N ILE E 330 -26.95 11.02 18.97
CA ILE E 330 -25.57 10.70 18.65
C ILE E 330 -25.41 9.20 18.52
N PHE E 331 -24.37 8.81 17.78
CA PHE E 331 -23.98 7.41 17.62
C PHE E 331 -22.52 7.28 18.05
N LEU E 332 -22.32 6.66 19.21
CA LEU E 332 -21.00 6.61 19.84
C LEU E 332 -20.22 5.41 19.32
N GLU E 333 -18.99 5.67 18.88
CA GLU E 333 -18.11 4.63 18.34
C GLU E 333 -17.00 4.31 19.35
N SER E 334 -16.73 3.01 19.52
CA SER E 334 -15.67 2.53 20.39
C SER E 334 -15.13 1.23 19.78
N ALA E 335 -14.21 1.38 18.83
CA ALA E 335 -13.69 0.25 18.07
C ALA E 335 -12.19 0.12 18.27
N PHE E 336 -11.67 -1.05 17.90
CA PHE E 336 -10.25 -1.31 17.84
C PHE E 336 -9.86 -1.52 16.39
N PHE E 337 -8.90 -0.73 15.91
CA PHE E 337 -8.37 -0.87 14.56
C PHE E 337 -6.97 -1.46 14.63
N ALA E 338 -6.68 -2.38 13.71
CA ALA E 338 -5.38 -3.02 13.68
C ALA E 338 -4.29 -1.96 13.45
N PRO E 339 -3.23 -1.94 14.26
CA PRO E 339 -2.19 -0.91 14.09
C PRO E 339 -1.52 -0.96 12.73
N LEU E 340 -1.50 -2.13 12.08
CA LEU E 340 -0.93 -2.24 10.75
C LEU E 340 -1.83 -1.62 9.69
N ALA E 341 -3.13 -1.47 9.98
CA ALA E 341 -4.09 -1.01 9.00
C ALA E 341 -4.23 0.51 8.94
N ILE E 342 -3.64 1.24 9.88
CA ILE E 342 -3.76 2.70 9.91
C ILE E 342 -2.39 3.34 10.09
N ALA E 343 -1.34 2.52 10.09
CA ALA E 343 0.00 3.03 10.34
C ALA E 343 0.45 3.94 9.21
N GLY E 344 0.80 5.19 9.54
CA GLY E 344 1.29 6.13 8.57
C GLY E 344 0.25 6.90 7.80
N ARG E 345 -1.01 6.47 7.83
CA ARG E 345 -2.04 7.15 7.05
C ARG E 345 -2.30 8.56 7.56
N ALA E 346 -2.03 8.82 8.83
CA ALA E 346 -2.31 10.14 9.40
C ALA E 346 -1.34 11.19 8.86
N ARG E 347 -0.04 10.89 8.87
CA ARG E 347 0.95 11.84 8.41
C ARG E 347 0.88 12.08 6.90
N ARG E 348 0.32 11.13 6.14
CA ARG E 348 0.13 11.37 4.71
C ARG E 348 -0.82 12.54 4.46
N PHE E 349 -1.66 12.90 5.43
CA PHE E 349 -2.57 14.02 5.32
C PHE E 349 -2.19 15.17 6.23
N GLY E 350 -0.98 15.16 6.79
CA GLY E 350 -0.57 16.21 7.71
C GLY E 350 -1.30 16.18 9.02
N LEU E 351 -1.52 14.99 9.59
CA LEU E 351 -2.28 14.83 10.82
C LEU E 351 -1.44 14.07 11.84
N HIS E 352 -1.61 14.45 13.12
CA HIS E 352 -0.94 13.78 14.24
C HIS E 352 -1.83 13.99 15.47
N THR E 353 -2.88 13.19 15.58
CA THR E 353 -3.83 13.28 16.66
C THR E 353 -3.53 12.23 17.73
N ASP E 354 -4.17 12.42 18.90
CA ASP E 354 -4.03 11.44 19.97
C ASP E 354 -4.57 10.08 19.55
N SER E 355 -5.62 10.05 18.73
CA SER E 355 -6.19 8.79 18.30
C SER E 355 -5.28 8.07 17.30
N SER E 356 -4.67 8.82 16.38
CA SER E 356 -3.86 8.19 15.33
C SER E 356 -2.63 7.52 15.91
N GLN E 357 -1.91 8.20 16.79
CA GLN E 357 -0.67 7.63 17.33
C GLN E 357 -0.96 6.45 18.25
N ARG E 358 -2.00 6.55 19.07
CA ARG E 358 -2.33 5.44 19.98
C ARG E 358 -2.76 4.21 19.21
N TYR E 359 -3.54 4.38 18.14
CA TYR E 359 -3.88 3.24 17.30
C TYR E 359 -2.67 2.72 16.55
N GLU E 360 -1.70 3.59 16.23
CA GLU E 360 -0.49 3.14 15.55
C GLU E 360 0.38 2.29 16.45
N ARG E 361 0.54 2.68 17.71
CA ARG E 361 1.32 1.90 18.67
C ARG E 361 0.58 0.70 19.22
N GLY E 362 -0.69 0.53 18.84
CA GLY E 362 -1.47 -0.61 19.32
C GLY E 362 -2.28 -0.30 20.56
N VAL E 363 -3.60 -0.42 20.45
CA VAL E 363 -4.50 -0.24 21.57
C VAL E 363 -4.95 -1.60 22.07
N ASP E 364 -5.24 -1.68 23.37
CA ASP E 364 -5.79 -2.90 23.96
C ASP E 364 -7.04 -3.33 23.21
N PHE E 365 -6.98 -4.46 22.51
CA PHE E 365 -8.11 -4.91 21.70
C PHE E 365 -9.28 -5.41 22.55
N GLU E 366 -9.06 -5.68 23.84
CA GLU E 366 -10.12 -6.09 24.75
C GLU E 366 -10.68 -4.91 25.54
N LEU E 367 -10.41 -3.70 25.09
CA LEU E 367 -10.78 -2.46 25.79
C LEU E 367 -12.00 -1.71 25.22
N PRO E 368 -12.41 -1.93 23.96
CA PRO E 368 -13.63 -1.23 23.48
C PRO E 368 -14.85 -1.39 24.37
N VAL E 369 -15.07 -2.57 24.94
CA VAL E 369 -16.26 -2.79 25.76
C VAL E 369 -16.18 -1.95 27.04
N ILE E 370 -14.99 -1.82 27.62
CA ILE E 370 -14.85 -1.04 28.84
C ILE E 370 -14.97 0.44 28.54
N ALA E 371 -14.38 0.90 27.44
CA ALA E 371 -14.46 2.31 27.08
C ALA E 371 -15.88 2.70 26.72
N MET E 372 -16.62 1.80 26.08
CA MET E 372 -18.02 2.07 25.79
C MET E 372 -18.83 2.22 27.08
N ASN E 373 -18.50 1.43 28.10
CA ASN E 373 -19.20 1.53 29.38
C ASN E 373 -18.82 2.81 30.11
N ARG E 374 -17.53 3.17 30.07
CA ARG E 374 -17.08 4.37 30.80
C ARG E 374 -17.60 5.64 30.15
N ALA E 375 -17.55 5.73 28.83
CA ALA E 375 -18.03 6.92 28.14
C ALA E 375 -19.54 7.05 28.27
N SER E 376 -20.27 5.93 28.20
CA SER E 376 -21.71 5.98 28.42
C SER E 376 -22.05 6.32 29.87
N GLN E 377 -21.20 5.91 30.81
CA GLN E 377 -21.39 6.31 32.19
C GLN E 377 -21.25 7.83 32.34
N LEU E 378 -20.28 8.42 31.66
CA LEU E 378 -20.07 9.86 31.74
C LEU E 378 -21.09 10.63 30.93
N ILE E 379 -21.53 10.08 29.79
CA ILE E 379 -22.56 10.74 29.00
C ILE E 379 -23.89 10.75 29.74
N GLN E 380 -24.22 9.64 30.41
CA GLN E 380 -25.45 9.60 31.21
C GLN E 380 -25.39 10.57 32.38
N GLU E 381 -24.21 10.75 32.97
CA GLU E 381 -24.11 11.59 34.17
C GLU E 381 -24.01 13.07 33.81
N LEU E 382 -23.22 13.41 32.80
CA LEU E 382 -22.97 14.80 32.47
C LEU E 382 -23.81 15.34 31.31
N ALA E 383 -24.42 14.46 30.51
CA ALA E 383 -25.23 14.91 29.39
C ALA E 383 -26.60 14.24 29.39
N GLY E 384 -26.66 12.99 29.83
CA GLY E 384 -27.91 12.26 29.88
C GLY E 384 -28.43 11.87 28.51
N GLY E 385 -29.37 10.95 28.48
CA GLY E 385 -29.95 10.51 27.22
C GLY E 385 -30.55 9.13 27.34
N GLU E 386 -31.28 8.75 26.29
CA GLU E 386 -31.92 7.45 26.19
C GLU E 386 -30.99 6.51 25.43
N PHE E 387 -30.41 5.55 26.14
CA PHE E 387 -29.35 4.72 25.60
C PHE E 387 -29.93 3.48 24.93
N GLY E 388 -29.39 3.15 23.76
CA GLY E 388 -29.79 1.95 23.04
C GLY E 388 -28.86 0.79 23.30
N PRO E 389 -29.10 -0.33 22.62
CA PRO E 389 -28.23 -1.50 22.80
C PRO E 389 -26.88 -1.30 22.14
N ILE E 390 -25.89 -2.05 22.63
CA ILE E 390 -24.54 -2.00 22.09
C ILE E 390 -24.43 -2.98 20.93
N THR E 391 -23.98 -2.49 19.78
CA THR E 391 -23.82 -3.31 18.59
C THR E 391 -22.38 -3.83 18.55
N VAL E 392 -22.23 -5.14 18.67
CA VAL E 392 -20.92 -5.78 18.61
C VAL E 392 -20.76 -6.45 17.26
N ALA E 393 -19.79 -5.98 16.48
CA ALA E 393 -19.50 -6.51 15.15
C ALA E 393 -18.04 -6.92 15.13
N GLU E 394 -17.77 -8.21 15.29
CA GLU E 394 -16.42 -8.73 15.42
C GLU E 394 -16.11 -9.73 14.32
N LYS E 395 -14.83 -9.80 13.95
CA LYS E 395 -14.27 -10.87 13.14
C LYS E 395 -13.14 -11.46 13.97
N SER E 396 -13.52 -12.26 14.97
CA SER E 396 -12.60 -12.65 16.04
C SER E 396 -11.43 -13.50 15.55
N ASP E 397 -11.50 -14.04 14.33
CA ASP E 397 -10.43 -14.89 13.84
C ASP E 397 -9.16 -14.11 13.54
N LEU E 398 -9.25 -12.79 13.37
CA LEU E 398 -8.09 -11.95 13.06
C LEU E 398 -7.82 -10.92 14.14
N LEU E 399 -8.18 -11.24 15.38
CA LEU E 399 -7.82 -10.42 16.52
C LEU E 399 -6.36 -10.67 16.91
N PRO E 400 -5.74 -9.74 17.64
CA PRO E 400 -4.35 -9.96 18.08
C PRO E 400 -4.24 -11.21 18.94
N LYS E 401 -3.38 -12.13 18.49
CA LYS E 401 -3.16 -13.38 19.21
C LYS E 401 -2.22 -13.15 20.39
N ARG E 402 -2.45 -13.92 21.46
CA ARG E 402 -1.61 -13.87 22.67
C ARG E 402 -1.23 -15.30 23.04
N GLU E 403 -0.41 -15.93 22.21
CA GLU E 403 0.02 -17.29 22.45
C GLU E 403 0.98 -17.35 23.64
N ALA E 404 1.09 -18.55 24.22
CA ALA E 404 1.97 -18.76 25.36
C ALA E 404 3.40 -18.94 24.89
N ILE E 405 4.33 -18.22 25.52
CA ILE E 405 5.75 -18.29 25.21
C ILE E 405 6.45 -18.98 26.37
N GLU E 406 7.29 -19.97 26.06
CA GLU E 406 7.98 -20.74 27.08
C GLU E 406 9.17 -19.96 27.62
N LEU E 407 9.37 -20.03 28.94
CA LEU E 407 10.45 -19.32 29.59
C LEU E 407 11.14 -20.26 30.58
N LYS E 408 12.46 -20.35 30.48
CA LYS E 408 13.27 -21.16 31.38
C LYS E 408 14.18 -20.27 32.21
N GLN E 409 14.56 -20.78 33.38
CA GLN E 409 15.47 -20.05 34.24
C GLN E 409 16.89 -20.01 33.69
N ALA E 410 17.27 -20.98 32.85
CA ALA E 410 18.62 -21.00 32.31
C ALA E 410 18.83 -19.94 31.24
N GLN E 411 17.80 -19.65 30.43
CA GLN E 411 17.95 -18.68 29.35
C GLN E 411 17.87 -17.24 29.83
N VAL E 412 17.20 -16.98 30.96
CA VAL E 412 17.20 -15.63 31.51
C VAL E 412 18.52 -15.32 32.22
N ASP E 413 19.24 -16.34 32.70
CA ASP E 413 20.56 -16.12 33.29
C ASP E 413 21.64 -16.03 32.22
N GLN E 414 21.45 -16.71 31.08
CA GLN E 414 22.43 -16.62 30.00
C GLN E 414 22.40 -15.26 29.33
N LEU E 415 21.21 -14.73 29.05
CA LEU E 415 21.11 -13.45 28.35
C LEU E 415 21.44 -12.29 29.27
N LEU E 416 21.14 -12.41 30.56
CA LEU E 416 21.43 -11.34 31.52
C LEU E 416 22.85 -11.43 32.07
N GLY E 417 23.43 -12.63 32.14
CA GLY E 417 24.75 -12.83 32.68
C GLY E 417 24.79 -13.04 34.18
N TYR E 418 23.81 -12.50 34.90
CA TYR E 418 23.71 -12.66 36.34
C TYR E 418 22.40 -13.36 36.68
N LYS E 419 22.41 -14.08 37.81
CA LYS E 419 21.26 -14.88 38.21
C LYS E 419 20.30 -14.04 39.04
N VAL E 420 19.03 -14.00 38.62
CA VAL E 420 17.97 -13.31 39.32
C VAL E 420 17.08 -14.34 39.99
N ALA E 421 16.53 -13.98 41.14
CA ALA E 421 15.69 -14.90 41.90
C ALA E 421 14.45 -15.27 41.10
N ALA E 422 14.09 -16.55 41.14
CA ALA E 422 12.92 -17.02 40.42
C ALA E 422 11.63 -16.46 41.01
N GLU E 423 11.60 -16.19 42.32
CA GLU E 423 10.43 -15.57 42.91
C GLU E 423 10.27 -14.12 42.45
N PHE E 424 11.38 -13.45 42.12
CA PHE E 424 11.28 -12.11 41.57
C PHE E 424 10.80 -12.15 40.12
N ILE E 425 11.26 -13.14 39.35
CA ILE E 425 10.86 -13.25 37.95
C ILE E 425 9.37 -13.51 37.84
N THR E 426 8.86 -14.49 38.61
CA THR E 426 7.45 -14.80 38.55
C THR E 426 6.58 -13.68 39.11
N ASP E 427 7.08 -12.97 40.13
CA ASP E 427 6.33 -11.85 40.68
C ASP E 427 6.30 -10.68 39.72
N ALA E 428 7.46 -10.29 39.18
CA ALA E 428 7.51 -9.16 38.26
C ALA E 428 6.71 -9.44 36.99
N LEU E 429 6.80 -10.66 36.47
CA LEU E 429 6.07 -11.00 35.25
C LEU E 429 4.57 -11.05 35.48
N THR E 430 4.14 -11.45 36.68
CA THR E 430 2.71 -11.52 36.97
C THR E 430 2.12 -10.11 37.09
N ARG E 431 2.82 -9.20 37.77
CA ARG E 431 2.32 -7.85 37.96
C ARG E 431 2.25 -7.07 36.64
N LEU E 432 3.03 -7.45 35.64
CA LEU E 432 2.97 -6.81 34.33
C LEU E 432 1.73 -7.22 33.54
N GLY E 433 0.88 -8.08 34.09
CA GLY E 433 -0.32 -8.52 33.41
C GLY E 433 -0.26 -9.90 32.80
N CYS E 434 0.81 -10.66 33.04
CA CYS E 434 0.97 -11.97 32.45
C CYS E 434 0.44 -13.05 33.39
N GLU E 435 -0.10 -14.11 32.80
CA GLU E 435 -0.56 -15.29 33.53
C GLU E 435 0.49 -16.37 33.37
N VAL E 436 1.43 -16.42 34.31
CA VAL E 436 2.54 -17.36 34.25
C VAL E 436 2.18 -18.62 35.02
N THR E 437 2.13 -19.75 34.33
CA THR E 437 1.90 -21.06 34.94
C THR E 437 3.21 -21.82 34.96
N VAL E 438 3.65 -22.20 36.16
CA VAL E 438 4.93 -22.89 36.30
C VAL E 438 4.84 -24.26 35.66
N GLN E 439 5.66 -24.49 34.64
CA GLN E 439 5.70 -25.78 33.95
C GLN E 439 6.69 -26.68 34.68
N ALA E 440 6.16 -27.65 35.43
CA ALA E 440 6.97 -28.62 36.17
C ALA E 440 7.96 -27.94 37.11
N ASN E 441 9.24 -27.97 36.75
CA ASN E 441 10.29 -27.39 37.58
C ASN E 441 11.24 -26.58 36.71
N GLY E 442 11.44 -25.32 37.08
CA GLY E 442 12.39 -24.46 36.41
C GLY E 442 11.85 -23.71 35.20
N GLU E 443 10.89 -24.30 34.48
CA GLU E 443 10.36 -23.71 33.27
C GLU E 443 9.01 -23.05 33.55
N TRP E 444 8.60 -22.20 32.61
CA TRP E 444 7.34 -21.47 32.72
C TRP E 444 6.66 -21.41 31.36
N SER E 445 5.32 -21.28 31.40
CA SER E 445 4.51 -21.04 30.21
C SER E 445 3.68 -19.80 30.50
N VAL E 446 4.11 -18.65 29.99
CA VAL E 446 3.54 -17.36 30.32
C VAL E 446 2.84 -16.79 29.09
N VAL E 447 1.62 -16.33 29.27
CA VAL E 447 0.85 -15.67 28.22
C VAL E 447 0.92 -14.17 28.45
N PRO E 448 1.17 -13.36 27.42
CA PRO E 448 1.21 -11.90 27.61
C PRO E 448 -0.20 -11.33 27.68
N PRO E 449 -0.39 -10.21 28.36
CA PRO E 449 -1.72 -9.60 28.43
C PRO E 449 -2.13 -9.02 27.09
N SER E 450 -3.38 -8.54 27.04
CA SER E 450 -3.93 -7.99 25.81
C SER E 450 -3.34 -6.63 25.48
N HIS E 451 -2.85 -5.88 26.48
CA HIS E 451 -2.36 -4.54 26.25
C HIS E 451 -0.89 -4.49 25.84
N ARG E 452 -0.18 -5.63 25.85
CA ARG E 452 1.23 -5.67 25.50
C ARG E 452 1.36 -6.23 24.08
N TYR E 453 1.74 -5.36 23.14
CA TYR E 453 2.04 -5.76 21.78
C TYR E 453 3.53 -5.99 21.55
N ASP E 454 4.33 -5.96 22.62
CA ASP E 454 5.77 -6.11 22.51
C ASP E 454 6.28 -7.41 23.14
N MET E 455 5.38 -8.32 23.50
CA MET E 455 5.74 -9.63 24.05
C MET E 455 5.38 -10.69 23.02
N ALA E 456 6.41 -11.28 22.41
CA ALA E 456 6.19 -12.31 21.39
C ALA E 456 7.17 -13.49 21.49
N ILE E 457 8.38 -13.30 22.02
CA ILE E 457 9.34 -14.38 22.22
C ILE E 457 9.90 -14.26 23.62
N TYR E 458 10.68 -15.26 24.02
CA TYR E 458 11.18 -15.31 25.40
C TYR E 458 12.20 -14.20 25.68
N GLN E 459 12.88 -13.68 24.67
CA GLN E 459 13.79 -12.56 24.89
C GLN E 459 13.04 -11.31 25.34
N ASP E 460 11.79 -11.16 24.91
CA ASP E 460 10.98 -10.04 25.36
C ASP E 460 10.75 -10.11 26.87
N LEU E 461 10.56 -11.32 27.40
CA LEU E 461 10.37 -11.47 28.84
C LEU E 461 11.65 -11.19 29.60
N ILE E 462 12.79 -11.60 29.04
CA ILE E 462 14.08 -11.36 29.70
C ILE E 462 14.36 -9.88 29.80
N GLU E 463 13.85 -9.08 28.85
CA GLU E 463 13.97 -7.64 28.96
C GLU E 463 13.08 -7.09 30.07
N GLU E 464 11.88 -7.66 30.22
CA GLU E 464 10.94 -7.14 31.22
C GLU E 464 11.44 -7.38 32.63
N VAL E 465 11.99 -8.57 32.91
CA VAL E 465 12.56 -8.82 34.23
C VAL E 465 13.77 -7.94 34.46
N ALA E 466 14.50 -7.58 33.39
CA ALA E 466 15.63 -6.68 33.55
C ALA E 466 15.19 -5.26 33.84
N ARG E 467 14.01 -4.85 33.35
CA ARG E 467 13.52 -3.51 33.63
C ARG E 467 13.06 -3.37 35.07
N ILE E 468 12.29 -4.35 35.56
CA ILE E 468 11.71 -4.24 36.89
C ILE E 468 12.77 -4.48 37.96
N ASP E 469 13.61 -5.51 37.78
CA ASP E 469 14.71 -5.73 38.72
C ASP E 469 15.65 -4.53 38.73
N GLY E 470 15.90 -3.94 37.57
CA GLY E 470 16.71 -2.74 37.50
C GLY E 470 17.87 -2.83 36.55
N TYR E 471 17.99 -1.86 35.64
CA TYR E 471 19.16 -1.80 34.78
C TYR E 471 20.41 -1.37 35.54
N ASP E 472 20.25 -0.70 36.68
CA ASP E 472 21.37 -0.41 37.55
C ASP E 472 21.82 -1.64 38.35
N ASN E 473 21.11 -2.75 38.23
CA ASN E 473 21.51 -4.01 38.85
C ASN E 473 22.14 -4.97 37.85
N ILE E 474 22.46 -4.50 36.66
CA ILE E 474 23.18 -5.32 35.67
C ILE E 474 24.64 -5.39 36.11
N GLN E 475 25.07 -6.58 36.52
CA GLN E 475 26.43 -6.74 37.01
C GLN E 475 27.44 -6.58 35.88
N ILE E 476 28.66 -6.22 36.25
CA ILE E 476 29.70 -5.89 35.28
C ILE E 476 30.51 -7.13 34.96
N SER E 477 30.74 -7.37 33.67
CA SER E 477 31.57 -8.48 33.22
C SER E 477 32.19 -8.10 31.88
N LEU E 478 33.13 -8.93 31.43
CA LEU E 478 33.82 -8.69 30.17
C LEU E 478 33.78 -9.96 29.31
N PRO E 479 33.51 -9.82 28.01
CA PRO E 479 33.47 -10.99 27.13
C PRO E 479 34.85 -11.59 26.92
N SER E 480 34.86 -12.86 26.57
CA SER E 480 36.09 -13.61 26.37
C SER E 480 36.15 -14.14 24.94
N MET E 481 37.37 -14.18 24.40
CA MET E 481 37.60 -14.66 23.04
C MET E 481 38.91 -15.43 22.99
N ASP E 482 39.07 -16.23 21.94
CA ASP E 482 40.32 -16.94 21.69
C ASP E 482 41.20 -16.09 20.78
N VAL E 483 42.45 -15.89 21.20
CA VAL E 483 43.36 -15.04 20.45
C VAL E 483 43.87 -15.77 19.21
N GLN E 484 43.10 -15.68 18.13
CA GLN E 484 43.45 -16.31 16.86
C GLN E 484 44.06 -15.24 15.97
N LEU E 485 45.36 -15.38 15.68
CA LEU E 485 46.07 -14.42 14.85
C LEU E 485 45.47 -14.37 13.44
N ALA E 486 44.80 -13.27 13.13
CA ALA E 486 44.10 -13.16 11.85
C ALA E 486 45.10 -12.98 10.70
N LYS E 487 44.63 -13.31 9.50
CA LYS E 487 45.45 -13.17 8.30
C LYS E 487 45.69 -11.69 8.00
N TYR E 488 46.90 -11.39 7.55
CA TYR E 488 47.26 -10.00 7.27
C TYR E 488 48.35 -9.97 6.20
N GLN E 489 48.15 -9.12 5.19
CA GLN E 489 49.16 -8.84 4.17
C GLN E 489 49.71 -7.45 4.42
N ASP E 490 51.04 -7.34 4.46
CA ASP E 490 51.66 -6.03 4.62
C ASP E 490 51.32 -5.15 3.43
N ARG E 491 50.71 -3.99 3.71
CA ARG E 491 50.19 -3.12 2.68
C ARG E 491 50.37 -1.67 3.11
N PHE E 492 49.95 -0.76 2.24
CA PHE E 492 49.94 0.67 2.54
C PHE E 492 48.68 0.95 3.36
N GLU E 493 48.84 1.01 4.68
CA GLU E 493 47.69 1.26 5.55
C GLU E 493 47.17 2.69 5.38
N ILE E 494 45.90 2.87 5.73
CA ILE E 494 45.28 4.19 5.57
C ILE E 494 45.87 5.20 6.53
N ALA E 495 46.36 4.75 7.69
CA ALA E 495 47.00 5.66 8.64
C ALA E 495 48.31 6.20 8.09
N GLN E 496 49.03 5.39 7.31
CA GLN E 496 50.28 5.84 6.72
C GLN E 496 50.06 6.68 5.47
N LEU E 497 48.95 6.45 4.76
CA LEU E 497 48.60 7.31 3.63
C LEU E 497 48.24 8.70 4.11
N ARG E 498 47.45 8.80 5.19
CA ARG E 498 47.16 10.10 5.78
C ARG E 498 48.41 10.75 6.33
N GLN E 499 49.34 9.96 6.86
CA GLN E 499 50.59 10.52 7.38
C GLN E 499 51.48 11.00 6.24
N THR E 500 51.46 10.31 5.10
CA THR E 500 52.30 10.73 3.96
C THR E 500 51.78 12.03 3.35
N VAL E 501 50.47 12.11 3.11
CA VAL E 501 49.91 13.29 2.48
C VAL E 501 49.93 14.48 3.43
N ALA E 502 49.87 14.23 4.73
CA ALA E 502 49.97 15.33 5.69
C ALA E 502 51.39 15.88 5.76
N THR E 503 52.40 15.02 5.59
CA THR E 503 53.78 15.50 5.54
C THR E 503 54.02 16.32 4.27
N LEU E 504 53.24 16.08 3.22
CA LEU E 504 53.36 16.88 2.00
C LEU E 504 52.63 18.22 2.10
N GLY E 505 52.03 18.52 3.26
CA GLY E 505 51.44 19.82 3.47
C GLY E 505 49.98 19.96 3.14
N TYR E 506 49.19 18.90 3.33
CA TYR E 506 47.76 18.92 3.02
C TYR E 506 46.95 18.67 4.27
N GLN E 507 45.90 19.47 4.44
CA GLN E 507 44.98 19.32 5.57
C GLN E 507 43.78 18.48 5.14
N GLU E 508 43.32 17.62 6.05
CA GLU E 508 42.21 16.73 5.73
C GLU E 508 40.89 17.49 5.80
N ALA E 509 40.17 17.52 4.69
CA ALA E 509 38.82 18.08 4.62
C ALA E 509 37.81 16.96 4.43
N ILE E 510 36.63 17.16 5.01
CA ILE E 510 35.53 16.20 4.92
C ILE E 510 34.31 16.96 4.44
N SER E 511 34.08 16.95 3.13
CA SER E 511 32.93 17.62 2.55
C SER E 511 31.77 16.63 2.39
N PHE E 512 30.61 17.17 2.01
CA PHE E 512 29.43 16.34 1.86
C PHE E 512 29.57 15.42 0.64
N SER E 513 28.89 14.27 0.72
CA SER E 513 28.82 13.37 -0.41
C SER E 513 27.89 13.89 -1.49
N PHE E 514 26.99 14.80 -1.15
CA PHE E 514 26.14 15.49 -2.11
C PHE E 514 26.61 16.91 -2.29
N ALA E 515 26.63 17.37 -3.54
CA ALA E 515 27.08 18.73 -3.85
C ALA E 515 26.05 19.47 -4.69
N ASP E 516 26.45 20.59 -5.28
CA ASP E 516 25.56 21.37 -6.12
C ASP E 516 25.50 20.78 -7.53
N ALA E 517 24.29 20.67 -8.07
CA ALA E 517 24.13 20.13 -9.41
C ALA E 517 24.68 21.08 -10.47
N LYS E 518 24.66 22.38 -10.20
CA LYS E 518 25.23 23.34 -11.14
C LYS E 518 26.74 23.18 -11.24
N LEU E 519 27.40 22.95 -10.11
CA LEU E 519 28.84 22.74 -10.13
C LEU E 519 29.20 21.42 -10.81
N GLU E 520 28.35 20.40 -10.68
CA GLU E 520 28.61 19.13 -11.34
C GLU E 520 28.60 19.29 -12.86
N LYS E 521 27.72 20.14 -13.38
CA LYS E 521 27.69 20.40 -14.82
C LYS E 521 28.81 21.31 -15.28
N GLN E 522 29.37 22.14 -14.39
CA GLN E 522 30.51 22.97 -14.77
C GLN E 522 31.76 22.11 -14.97
N LEU E 523 32.01 21.18 -14.05
CA LEU E 523 33.17 20.31 -14.18
C LEU E 523 33.02 19.39 -15.38
N ASN E 524 31.93 18.65 -15.45
CA ASN E 524 31.65 17.75 -16.57
C ASN E 524 30.30 18.09 -17.16
N PRO E 525 30.23 18.74 -18.32
CA PRO E 525 28.92 19.07 -18.91
C PRO E 525 28.10 17.85 -19.32
N GLN E 526 28.74 16.71 -19.53
CA GLN E 526 28.05 15.48 -19.95
C GLN E 526 27.95 14.48 -18.79
N VAL E 527 27.74 14.97 -17.58
CA VAL E 527 27.62 14.11 -16.41
C VAL E 527 26.14 13.88 -16.14
N SER E 528 25.83 12.68 -15.64
CA SER E 528 24.48 12.30 -15.24
C SER E 528 24.55 11.88 -13.76
N PRO E 529 24.60 12.84 -12.85
CA PRO E 529 24.79 12.50 -11.44
C PRO E 529 23.53 11.93 -10.81
N LEU E 530 23.72 10.97 -9.91
CA LEU E 530 22.60 10.43 -9.14
C LEU E 530 22.12 11.47 -8.15
N MET E 531 20.89 11.93 -8.31
CA MET E 531 20.35 13.02 -7.52
C MET E 531 19.31 12.53 -6.53
N LEU E 532 19.24 13.21 -5.39
CA LEU E 532 18.30 12.87 -4.34
C LEU E 532 16.87 13.11 -4.79
N ALA E 533 15.95 12.38 -4.16
CA ALA E 533 14.52 12.61 -4.38
C ALA E 533 13.94 13.64 -3.42
N ASN E 534 14.55 13.83 -2.26
CA ASN E 534 14.10 14.81 -1.27
C ASN E 534 15.29 15.54 -0.68
N PRO E 535 15.99 16.34 -1.50
CA PRO E 535 17.14 17.08 -0.97
C PRO E 535 16.70 18.24 -0.10
N ILE E 536 17.58 18.61 0.84
CA ILE E 536 17.26 19.71 1.74
C ILE E 536 17.37 21.04 1.04
N SER E 537 18.20 21.13 -0.01
CA SER E 537 18.36 22.36 -0.76
C SER E 537 18.94 22.02 -2.13
N SER E 538 19.05 23.03 -2.98
CA SER E 538 19.53 22.81 -4.35
C SER E 538 21.03 22.56 -4.41
N ASP E 539 21.79 23.11 -3.46
CA ASP E 539 23.24 22.96 -3.45
C ASP E 539 23.71 21.70 -2.71
N LEU E 540 22.78 20.83 -2.31
CA LEU E 540 23.09 19.54 -1.74
C LEU E 540 22.13 18.49 -2.28
N ALA E 541 21.95 18.48 -3.61
CA ALA E 541 20.92 17.68 -4.24
C ALA E 541 21.44 16.57 -5.15
N ALA E 542 22.75 16.52 -5.41
CA ALA E 542 23.30 15.52 -6.32
C ALA E 542 24.52 14.87 -5.67
N MET E 543 24.51 13.54 -5.62
CA MET E 543 25.67 12.81 -5.13
C MET E 543 26.88 13.11 -6.00
N ARG E 544 27.99 13.45 -5.36
CA ARG E 544 29.15 13.96 -6.10
C ARG E 544 29.72 12.89 -7.02
N SER E 545 29.86 13.24 -8.30
CA SER E 545 30.58 12.38 -9.23
C SER E 545 32.08 12.46 -9.02
N THR E 546 32.56 13.62 -8.56
CA THR E 546 33.96 13.81 -8.19
C THR E 546 34.00 14.57 -6.87
N LEU E 547 35.04 14.31 -6.08
CA LEU E 547 35.18 14.99 -4.80
C LEU E 547 35.43 16.48 -4.95
N LEU E 548 35.75 16.95 -6.16
CA LEU E 548 35.97 18.38 -6.37
C LEU E 548 34.66 19.17 -6.23
N SER E 549 33.54 18.59 -6.69
CA SER E 549 32.27 19.29 -6.63
C SER E 549 31.86 19.66 -5.22
N SER E 550 32.37 18.95 -4.21
CA SER E 550 32.13 19.27 -2.82
C SER E 550 33.32 19.94 -2.13
N LEU E 551 34.52 19.81 -2.70
CA LEU E 551 35.69 20.46 -2.12
C LEU E 551 35.86 21.89 -2.61
N ILE E 552 35.46 22.16 -3.86
CA ILE E 552 35.54 23.53 -4.37
C ILE E 552 34.76 24.51 -3.50
N PRO E 553 33.54 24.20 -3.04
CA PRO E 553 32.89 25.13 -2.10
C PRO E 553 33.66 25.34 -0.81
N CYS E 554 34.36 24.33 -0.32
CA CYS E 554 35.15 24.50 0.90
C CYS E 554 36.38 25.35 0.63
N VAL E 555 36.99 25.22 -0.55
CA VAL E 555 38.11 26.07 -0.90
C VAL E 555 37.64 27.52 -1.05
N GLN E 556 36.51 27.74 -1.71
CA GLN E 556 35.95 29.08 -1.82
C GLN E 556 35.56 29.62 -0.45
N TYR E 557 35.19 28.74 0.48
CA TYR E 557 34.88 29.17 1.84
C TYR E 557 36.10 29.83 2.47
N ASN E 558 37.27 29.21 2.33
CA ASN E 558 38.47 29.77 2.96
C ASN E 558 38.96 31.01 2.22
N LEU E 559 38.85 31.00 0.88
CA LEU E 559 39.30 32.16 0.10
C LEU E 559 38.52 33.42 0.49
N ASN E 560 37.23 33.27 0.78
CA ASN E 560 36.43 34.40 1.23
C ASN E 560 36.77 34.82 2.66
N ARG E 561 37.51 34.00 3.40
CA ARG E 561 38.01 34.34 4.73
C ARG E 561 39.46 34.80 4.66
N GLN E 562 39.82 35.55 3.63
CA GLN E 562 41.18 36.04 3.35
C GLN E 562 42.23 34.97 3.67
N GLN E 563 42.03 33.78 3.11
CA GLN E 563 42.99 32.68 3.19
C GLN E 563 43.48 32.39 1.77
N SER E 564 44.66 32.92 1.43
CA SER E 564 45.18 32.80 0.08
C SER E 564 45.73 31.41 -0.22
N ARG E 565 46.09 30.64 0.80
CA ARG E 565 46.71 29.33 0.62
C ARG E 565 45.89 28.28 1.37
N VAL E 566 45.35 27.32 0.64
CA VAL E 566 44.55 26.25 1.21
C VAL E 566 44.84 24.97 0.45
N ARG E 567 45.18 23.91 1.18
CA ARG E 567 45.56 22.62 0.59
C ARG E 567 44.77 21.52 1.29
N PHE E 568 43.84 20.91 0.57
CA PHE E 568 42.94 19.92 1.14
C PHE E 568 43.20 18.53 0.54
N PHE E 569 42.91 17.50 1.33
CA PHE E 569 42.85 16.14 0.86
C PHE E 569 41.71 15.43 1.58
N GLU E 570 41.03 14.52 0.86
CA GLU E 570 39.85 13.86 1.41
C GLU E 570 39.84 12.39 1.03
N LEU E 571 39.48 11.55 1.99
CA LEU E 571 39.31 10.11 1.78
C LEU E 571 37.82 9.81 1.87
N GLY E 572 37.13 9.97 0.75
CA GLY E 572 35.69 9.75 0.72
C GLY E 572 35.22 8.98 -0.50
N LEU E 573 33.92 9.03 -0.76
CA LEU E 573 33.30 8.31 -1.86
C LEU E 573 32.92 9.27 -2.98
N ARG E 574 33.17 8.85 -4.22
CA ARG E 574 32.57 9.46 -5.38
C ARG E 574 31.64 8.45 -6.04
N PHE E 575 30.54 8.95 -6.60
CA PHE E 575 29.46 8.10 -7.08
C PHE E 575 29.39 8.20 -8.60
N ASP E 576 29.96 7.19 -9.27
CA ASP E 576 29.99 7.14 -10.72
C ASP E 576 28.64 6.65 -11.24
N TYR E 577 27.88 7.54 -11.87
CA TYR E 577 26.56 7.23 -12.39
C TYR E 577 26.48 7.41 -13.90
N GLN E 578 27.62 7.39 -14.58
CA GLN E 578 27.67 7.62 -16.02
C GLN E 578 27.29 6.36 -16.78
N ASN E 579 26.50 6.55 -17.84
CA ASN E 579 26.02 5.44 -18.68
C ASN E 579 25.31 4.38 -17.84
N ALA E 580 24.50 4.83 -16.89
CA ALA E 580 23.72 3.95 -16.03
C ALA E 580 22.23 4.16 -16.29
N ASN E 581 21.52 3.08 -16.52
CA ASN E 581 20.08 3.13 -16.78
C ASN E 581 19.24 2.91 -15.53
N SER E 582 19.85 2.56 -14.41
CA SER E 582 19.16 2.39 -13.15
C SER E 582 20.14 2.60 -12.02
N ILE E 583 19.60 2.77 -10.80
CA ILE E 583 20.46 3.05 -9.65
C ILE E 583 21.30 1.85 -9.25
N GLN E 584 20.88 0.64 -9.62
CA GLN E 584 21.69 -0.54 -9.31
C GLN E 584 22.98 -0.61 -10.12
N ASP E 585 23.12 0.25 -11.13
CA ASP E 585 24.36 0.35 -11.90
C ASP E 585 25.33 1.38 -11.33
N LEU E 586 24.97 2.01 -10.21
CA LEU E 586 25.83 3.02 -9.61
C LEU E 586 27.07 2.37 -8.99
N LYS E 587 28.23 2.99 -9.23
CA LYS E 587 29.49 2.55 -8.65
C LYS E 587 29.93 3.55 -7.60
N GLN E 588 30.35 3.04 -6.44
CA GLN E 588 30.79 3.86 -5.31
C GLN E 588 32.26 3.55 -5.06
N ILE E 589 33.14 4.44 -5.52
CA ILE E 589 34.58 4.20 -5.51
C ILE E 589 35.18 5.02 -4.37
N PRO E 590 35.75 4.39 -3.34
CA PRO E 590 36.51 5.14 -2.33
C PRO E 590 37.78 5.72 -2.96
N THR E 591 37.94 7.03 -2.85
CA THR E 591 39.00 7.72 -3.56
C THR E 591 39.78 8.62 -2.63
N LEU E 592 40.97 9.02 -3.08
CA LEU E 592 41.81 10.01 -2.43
C LEU E 592 41.90 11.21 -3.36
N ALA E 593 41.42 12.36 -2.91
CA ALA E 593 41.40 13.57 -3.71
C ALA E 593 42.39 14.60 -3.15
N LEU E 594 42.95 15.40 -4.05
CA LEU E 594 43.86 16.48 -3.69
C LEU E 594 43.39 17.77 -4.36
N VAL E 595 43.49 18.87 -3.63
CA VAL E 595 43.20 20.19 -4.17
C VAL E 595 44.04 21.20 -3.39
N ALA E 596 44.67 22.12 -4.12
CA ALA E 596 45.55 23.09 -3.50
C ALA E 596 45.59 24.36 -4.34
N VAL E 597 45.38 25.50 -3.69
CA VAL E 597 45.54 26.81 -4.32
C VAL E 597 46.55 27.59 -3.50
N GLY E 598 47.23 28.52 -4.16
CA GLY E 598 48.24 29.33 -3.51
C GLY E 598 49.64 28.78 -3.70
N SER E 599 50.56 29.29 -2.89
CA SER E 599 51.96 28.92 -3.00
C SER E 599 52.20 27.49 -2.54
N ARG E 600 53.30 26.91 -3.02
CA ARG E 600 53.68 25.56 -2.62
C ARG E 600 54.02 25.52 -1.13
N GLU E 601 54.89 26.42 -0.68
CA GLU E 601 55.30 26.55 0.70
C GLU E 601 54.74 27.83 1.29
N PRO E 602 54.47 27.87 2.59
CA PRO E 602 53.97 29.11 3.21
C PRO E 602 54.98 30.23 3.08
N GLU E 603 54.46 31.47 3.15
CA GLU E 603 55.29 32.64 2.94
C GLU E 603 56.39 32.74 4.00
N SER E 604 57.63 32.86 3.53
CA SER E 604 58.78 32.99 4.41
C SER E 604 59.79 33.93 3.76
N TRP E 605 60.92 34.11 4.45
CA TRP E 605 61.94 35.04 3.98
C TRP E 605 62.82 34.47 2.88
N HIS E 606 62.59 33.23 2.46
CA HIS E 606 63.48 32.60 1.48
C HIS E 606 63.16 33.04 0.06
N ALA E 607 61.89 33.23 -0.26
CA ALA E 607 61.51 33.60 -1.62
C ALA E 607 60.11 34.22 -1.59
N LYS E 608 59.80 34.95 -2.66
CA LYS E 608 58.46 35.51 -2.80
C LYS E 608 57.46 34.37 -3.07
N PRO E 609 56.26 34.44 -2.50
CA PRO E 609 55.30 33.34 -2.67
C PRO E 609 54.83 33.24 -4.11
N GLN E 610 54.95 32.03 -4.67
CA GLN E 610 54.54 31.74 -6.03
C GLN E 610 53.77 30.43 -6.07
N PRO E 611 52.73 30.33 -6.87
CA PRO E 611 51.95 29.10 -6.94
C PRO E 611 52.75 27.97 -7.58
N MET E 612 52.23 26.75 -7.40
CA MET E 612 52.89 25.58 -7.93
C MET E 612 52.76 25.52 -9.46
N ASP E 613 53.63 24.73 -10.07
CA ASP E 613 53.50 24.34 -11.46
C ASP E 613 53.11 22.87 -11.52
N PHE E 614 53.05 22.33 -12.74
CA PHE E 614 52.66 20.93 -12.89
C PHE E 614 53.68 20.00 -12.25
N PHE E 615 54.95 20.39 -12.23
CA PHE E 615 55.99 19.50 -11.74
C PHE E 615 56.11 19.53 -10.22
N ASP E 616 55.75 20.65 -9.59
CA ASP E 616 55.62 20.66 -8.13
C ASP E 616 54.50 19.74 -7.69
N PHE E 617 53.35 19.83 -8.36
CA PHE E 617 52.21 18.99 -7.99
C PHE E 617 52.43 17.54 -8.40
N LYS E 618 53.17 17.31 -9.48
CA LYS E 618 53.48 15.93 -9.87
C LYS E 618 54.48 15.31 -8.89
N GLY E 619 55.43 16.09 -8.40
CA GLY E 619 56.38 15.58 -7.42
C GLY E 619 55.73 15.18 -6.10
N GLU E 620 54.54 15.68 -5.82
CA GLU E 620 53.85 15.30 -4.60
C GLU E 620 53.05 14.02 -4.79
N VAL E 621 52.36 13.87 -5.92
CA VAL E 621 51.60 12.65 -6.17
C VAL E 621 52.49 11.50 -6.63
N GLU E 622 53.66 11.80 -7.19
CA GLU E 622 54.63 10.74 -7.49
C GLU E 622 55.14 10.09 -6.22
N GLU E 623 55.23 10.86 -5.14
CA GLU E 623 55.70 10.32 -3.86
C GLU E 623 54.61 9.54 -3.15
N ILE E 624 53.35 9.96 -3.29
CA ILE E 624 52.24 9.20 -2.73
C ILE E 624 52.14 7.83 -3.39
N LEU E 625 52.34 7.78 -4.70
CA LEU E 625 52.34 6.50 -5.40
C LEU E 625 53.57 5.68 -5.03
N ALA E 626 54.74 6.32 -4.96
CA ALA E 626 55.95 5.59 -4.59
C ALA E 626 55.90 5.09 -3.16
N ALA E 627 55.18 5.78 -2.28
CA ALA E 627 55.02 5.33 -0.91
C ALA E 627 54.21 4.04 -0.81
N GLY E 628 53.43 3.72 -1.84
CA GLY E 628 52.65 2.50 -1.84
C GLY E 628 53.14 1.47 -2.85
N ARG E 629 54.38 1.65 -3.31
CA ARG E 629 54.99 0.74 -4.30
C ARG E 629 54.13 0.61 -5.55
N VAL E 630 53.59 1.73 -6.01
CA VAL E 630 52.72 1.76 -7.18
C VAL E 630 53.52 2.26 -8.38
N LYS E 631 53.69 1.40 -9.37
CA LYS E 631 54.40 1.75 -10.60
C LYS E 631 53.38 2.23 -11.63
N VAL E 632 53.54 3.47 -12.09
CA VAL E 632 52.56 4.13 -12.92
C VAL E 632 53.21 4.62 -14.21
N GLU E 633 52.35 4.98 -15.17
CA GLU E 633 52.74 5.69 -16.38
C GLU E 633 51.78 6.85 -16.57
N TYR E 634 52.27 7.90 -17.22
CA TYR E 634 51.52 9.15 -17.35
C TYR E 634 51.19 9.41 -18.82
N VAL E 635 49.89 9.54 -19.11
CA VAL E 635 49.41 9.91 -20.44
C VAL E 635 48.51 11.12 -20.30
N ARG E 636 48.16 11.71 -21.43
CA ARG E 636 47.39 12.94 -21.42
C ARG E 636 45.94 12.66 -21.02
N SER E 637 45.39 13.56 -20.21
CA SER E 637 44.01 13.46 -19.74
C SER E 637 43.11 14.37 -20.55
N GLU E 638 41.86 13.92 -20.74
CA GLU E 638 40.87 14.68 -21.50
C GLU E 638 39.63 14.99 -20.66
N ARG E 639 39.76 14.99 -19.34
CA ARG E 639 38.63 15.32 -18.49
C ARG E 639 38.27 16.80 -18.67
N PRO E 640 36.98 17.13 -18.74
CA PRO E 640 36.59 18.51 -19.11
C PRO E 640 37.04 19.56 -18.12
N TRP E 641 37.09 19.25 -16.82
CA TRP E 641 37.46 20.24 -15.82
C TRP E 641 38.97 20.40 -15.66
N LEU E 642 39.76 19.86 -16.58
CA LEU E 642 41.22 19.93 -16.50
C LEU E 642 41.78 20.73 -17.66
N HIS E 643 42.89 21.41 -17.42
CA HIS E 643 43.67 22.03 -18.47
C HIS E 643 44.25 20.93 -19.36
N PRO E 644 43.83 20.82 -20.62
CA PRO E 644 44.25 19.66 -21.43
C PRO E 644 45.75 19.62 -21.73
N GLY E 645 46.48 20.71 -21.48
CA GLY E 645 47.92 20.71 -21.70
C GLY E 645 48.70 20.32 -20.48
N GLN E 646 48.22 20.73 -19.30
CA GLN E 646 48.91 20.43 -18.05
C GLN E 646 48.07 19.49 -17.18
N SER E 647 47.75 18.31 -17.70
CA SER E 647 46.99 17.33 -16.96
C SER E 647 47.37 15.94 -17.43
N ALA E 648 47.54 15.02 -16.48
CA ALA E 648 47.97 13.67 -16.78
C ALA E 648 46.99 12.66 -16.20
N GLU E 649 46.85 11.53 -16.88
CA GLU E 649 46.00 10.44 -16.43
C GLU E 649 46.90 9.33 -15.89
N ILE E 650 46.89 9.17 -14.57
CA ILE E 650 47.74 8.17 -13.92
C ILE E 650 47.15 6.79 -14.16
N LEU E 651 47.91 5.91 -14.81
CA LEU E 651 47.46 4.57 -15.14
C LEU E 651 48.44 3.54 -14.59
N VAL E 652 47.89 2.40 -14.16
CA VAL E 652 48.66 1.27 -13.66
C VAL E 652 48.32 0.06 -14.51
N ASP E 653 49.35 -0.57 -15.09
CA ASP E 653 49.19 -1.72 -15.97
C ASP E 653 48.26 -1.41 -17.15
N GLY E 654 48.28 -0.16 -17.62
CA GLY E 654 47.46 0.26 -18.73
C GLY E 654 46.13 0.86 -18.35
N GLN E 655 45.61 0.56 -17.17
CA GLN E 655 44.30 1.04 -16.74
C GLN E 655 44.47 2.25 -15.82
N SER E 656 43.67 3.28 -16.07
CA SER E 656 43.77 4.52 -15.31
C SER E 656 43.27 4.32 -13.89
N ILE E 657 44.05 4.82 -12.92
CA ILE E 657 43.65 4.81 -11.52
C ILE E 657 43.30 6.20 -11.01
N GLY E 658 43.51 7.24 -11.80
CA GLY E 658 43.23 8.59 -11.36
C GLY E 658 43.81 9.60 -12.33
N TYR E 659 43.92 10.84 -11.85
CA TYR E 659 44.41 11.93 -12.67
C TYR E 659 45.09 12.97 -11.80
N LEU E 660 45.85 13.84 -12.45
CA LEU E 660 46.42 15.03 -11.81
C LEU E 660 46.62 16.09 -12.87
N GLY E 661 46.59 17.34 -12.44
CA GLY E 661 46.82 18.44 -13.36
C GLY E 661 46.20 19.72 -12.85
N ARG E 662 46.19 20.72 -13.73
CA ARG E 662 45.66 22.03 -13.42
C ARG E 662 44.19 22.10 -13.80
N LEU E 663 43.40 22.78 -12.97
CA LEU E 663 42.01 23.03 -13.30
C LEU E 663 41.91 23.89 -14.56
N HIS E 664 40.87 23.64 -15.35
CA HIS E 664 40.71 24.36 -16.59
C HIS E 664 40.64 25.86 -16.33
N PRO E 665 41.42 26.68 -17.03
CA PRO E 665 41.45 28.11 -16.72
C PRO E 665 40.10 28.80 -16.87
N SER E 666 39.22 28.27 -17.72
CA SER E 666 37.86 28.82 -17.78
C SER E 666 37.11 28.56 -16.50
N LEU E 667 37.22 27.34 -15.95
CA LEU E 667 36.57 27.04 -14.69
C LEU E 667 37.20 27.79 -13.53
N GLU E 668 38.50 28.11 -13.63
CA GLU E 668 39.15 28.87 -12.58
C GLU E 668 38.61 30.29 -12.49
N ASN E 669 38.10 30.83 -13.60
CA ASN E 669 37.51 32.16 -13.60
C ASN E 669 36.03 32.14 -13.24
N GLU E 670 35.30 31.09 -13.64
CA GLU E 670 33.90 30.98 -13.27
C GLU E 670 33.73 30.75 -11.78
N LEU E 671 34.67 30.03 -11.15
CA LEU E 671 34.61 29.72 -9.73
C LEU E 671 35.39 30.69 -8.87
N ASP E 672 36.04 31.68 -9.47
CA ASP E 672 36.85 32.67 -8.75
C ASP E 672 37.90 31.98 -7.87
N LEU E 673 38.82 31.28 -8.54
CA LEU E 673 39.78 30.43 -7.86
C LEU E 673 41.24 30.69 -8.21
N SER E 674 41.53 31.40 -9.30
CA SER E 674 42.91 31.67 -9.75
C SER E 674 43.56 30.32 -10.04
N THR E 675 44.85 30.14 -9.71
CA THR E 675 45.56 28.91 -10.03
C THR E 675 45.28 27.85 -8.96
N THR E 676 44.67 26.74 -9.37
CA THR E 676 44.40 25.62 -8.49
C THR E 676 44.99 24.35 -9.10
N TRP E 677 45.20 23.35 -8.25
CA TRP E 677 45.77 22.07 -8.66
C TRP E 677 44.98 20.95 -8.03
N VAL E 678 44.39 20.10 -8.87
CA VAL E 678 43.47 19.06 -8.41
C VAL E 678 44.01 17.69 -8.82
N ALA E 679 43.61 16.67 -8.07
CA ALA E 679 43.99 15.30 -8.36
C ALA E 679 43.07 14.36 -7.60
N GLU E 680 42.86 13.18 -8.16
CA GLU E 680 42.07 12.13 -7.53
C GLU E 680 42.68 10.78 -7.84
N LEU E 681 42.64 9.88 -6.87
CA LEU E 681 43.21 8.55 -7.00
C LEU E 681 42.27 7.53 -6.36
N ASP E 682 42.15 6.37 -7.00
CA ASP E 682 41.37 5.29 -6.42
C ASP E 682 42.12 4.70 -5.22
N GLN E 683 41.42 4.60 -4.09
CA GLN E 683 42.07 4.11 -2.86
C GLN E 683 42.56 2.69 -3.02
N ALA E 684 41.82 1.85 -3.75
CA ALA E 684 42.22 0.47 -3.92
C ALA E 684 43.53 0.36 -4.69
N ALA E 685 43.84 1.34 -5.53
CA ALA E 685 45.09 1.31 -6.28
C ALA E 685 46.26 1.85 -5.48
N VAL E 686 45.99 2.70 -4.50
CA VAL E 686 47.06 3.27 -3.66
C VAL E 686 47.33 2.40 -2.45
N LEU E 687 46.28 2.03 -1.72
CA LEU E 687 46.40 1.23 -0.50
C LEU E 687 46.41 -0.26 -0.84
N GLN E 688 47.36 -0.65 -1.67
CA GLN E 688 47.47 -2.02 -2.16
C GLN E 688 48.50 -2.80 -1.36
N SER E 689 48.37 -4.12 -1.39
CA SER E 689 49.37 -5.00 -0.81
C SER E 689 50.60 -5.06 -1.72
N TYR E 690 51.73 -5.42 -1.11
CA TYR E 690 52.98 -5.47 -1.85
C TYR E 690 53.83 -6.63 -1.34
N VAL E 691 54.77 -7.05 -2.18
CA VAL E 691 55.75 -8.06 -1.83
C VAL E 691 57.09 -7.64 -2.43
N SER E 692 58.14 -7.65 -1.61
CA SER E 692 59.47 -7.24 -2.04
C SER E 692 60.35 -8.46 -2.24
N ASN E 693 60.95 -8.56 -3.44
CA ASN E 693 61.84 -9.65 -3.78
C ASN E 693 63.28 -9.18 -3.75
N PHE E 694 64.16 -10.01 -3.20
CA PHE E 694 65.57 -9.66 -3.06
C PHE E 694 66.35 -10.14 -4.28
N THR E 695 67.20 -9.27 -4.81
CA THR E 695 68.12 -9.62 -5.88
C THR E 695 69.53 -9.24 -5.48
N GLU E 696 70.49 -10.04 -5.93
CA GLU E 696 71.88 -9.83 -5.55
C GLU E 696 72.40 -8.50 -6.08
N LEU E 697 73.31 -7.91 -5.33
CA LEU E 697 73.96 -6.65 -5.71
C LEU E 697 75.31 -6.94 -6.33
N SER E 698 75.62 -6.22 -7.41
CA SER E 698 76.90 -6.40 -8.08
C SER E 698 78.03 -5.90 -7.20
N ARG E 699 79.06 -6.73 -7.02
CA ARG E 699 80.19 -6.39 -6.16
C ARG E 699 81.26 -5.57 -6.87
N PHE E 700 81.02 -5.16 -8.11
CA PHE E 700 82.01 -4.43 -8.88
C PHE E 700 81.43 -3.09 -9.37
N PRO E 701 82.26 -2.05 -9.47
CA PRO E 701 81.74 -0.71 -9.72
C PRO E 701 81.08 -0.58 -11.07
N SER E 702 80.32 0.50 -11.22
CA SER E 702 79.60 0.85 -12.44
C SER E 702 80.28 2.03 -13.12
N VAL E 703 79.87 2.27 -14.37
CA VAL E 703 80.41 3.37 -15.17
C VAL E 703 79.24 4.15 -15.75
N ARG E 704 79.32 5.48 -15.64
CA ARG E 704 78.26 6.37 -16.12
C ARG E 704 78.78 7.20 -17.29
N ARG E 705 78.00 7.23 -18.37
CA ARG E 705 78.26 8.11 -19.51
C ARG E 705 76.97 8.85 -19.85
N ASP E 706 77.12 10.13 -20.17
CA ASP E 706 75.97 10.99 -20.48
C ASP E 706 75.91 11.27 -21.98
N ILE E 707 74.69 11.36 -22.50
CA ILE E 707 74.45 11.75 -23.88
C ILE E 707 73.52 12.97 -23.87
N ALA E 708 73.74 13.85 -24.84
CA ALA E 708 72.98 15.09 -24.95
C ALA E 708 72.43 15.20 -26.37
N LEU E 709 71.16 14.87 -26.54
CA LEU E 709 70.53 14.85 -27.85
C LEU E 709 69.69 16.11 -28.08
N LEU E 710 69.46 16.41 -29.36
CA LEU E 710 68.63 17.53 -29.79
C LEU E 710 67.43 16.95 -30.54
N ILE E 711 66.29 16.86 -29.84
CA ILE E 711 65.09 16.24 -30.39
C ILE E 711 63.98 17.28 -30.41
N SER E 712 62.94 16.99 -31.19
CA SER E 712 61.77 17.85 -31.23
C SER E 712 61.01 17.80 -29.90
N ASP E 713 60.39 18.93 -29.56
CA ASP E 713 59.75 19.06 -28.25
C ASP E 713 58.43 18.29 -28.15
N ASN E 714 57.94 17.70 -29.23
CA ASN E 714 56.67 16.99 -29.22
C ASN E 714 56.84 15.48 -29.03
N ILE E 715 58.01 15.04 -28.57
CA ILE E 715 58.25 13.64 -28.21
C ILE E 715 58.45 13.58 -26.70
N ASN E 716 57.69 12.73 -26.03
CA ASN E 716 57.76 12.63 -24.59
C ASN E 716 59.08 11.99 -24.16
N VAL E 717 59.54 12.39 -22.96
CA VAL E 717 60.83 11.91 -22.47
C VAL E 717 60.76 10.46 -22.02
N ARG E 718 59.58 9.95 -21.65
CA ARG E 718 59.48 8.55 -21.25
C ARG E 718 59.70 7.63 -22.44
N ASP E 719 59.15 7.99 -23.61
CA ASP E 719 59.38 7.20 -24.81
C ASP E 719 60.85 7.17 -25.18
N ILE E 720 61.58 8.25 -24.89
CA ILE E 720 63.03 8.26 -25.12
C ILE E 720 63.73 7.40 -24.09
N GLN E 721 63.35 7.54 -22.82
CA GLN E 721 63.97 6.75 -21.76
C GLN E 721 63.69 5.26 -21.94
N GLN E 722 62.48 4.93 -22.41
CA GLN E 722 62.15 3.52 -22.64
C GLN E 722 62.90 2.97 -23.86
N LEU E 723 63.10 3.80 -24.88
CA LEU E 723 63.84 3.35 -26.05
C LEU E 723 65.32 3.17 -25.71
N ILE E 724 65.87 4.03 -24.85
CA ILE E 724 67.26 3.89 -24.44
C ILE E 724 67.43 2.64 -23.58
N GLU E 725 66.48 2.38 -22.67
CA GLU E 725 66.56 1.19 -21.83
C GLU E 725 66.33 -0.08 -22.63
N LYS E 726 65.53 -0.01 -23.69
CA LYS E 726 65.29 -1.19 -24.52
C LYS E 726 66.54 -1.57 -25.30
N THR E 727 67.03 -0.63 -26.13
CA THR E 727 68.22 -0.90 -26.94
C THR E 727 69.50 -0.92 -26.11
N GLY E 728 69.45 -0.51 -24.85
CA GLY E 728 70.63 -0.59 -24.00
C GLY E 728 70.96 -2.02 -23.59
N GLY E 729 69.96 -2.86 -23.44
CA GLY E 729 70.19 -4.25 -23.13
C GLY E 729 70.22 -4.54 -21.64
N GLU E 730 70.83 -5.67 -21.30
CA GLU E 730 70.93 -6.10 -19.92
C GLU E 730 71.97 -5.32 -19.14
N LEU E 731 73.04 -4.87 -19.81
CA LEU E 731 74.11 -4.18 -19.11
C LEU E 731 73.68 -2.79 -18.63
N LEU E 732 72.75 -2.16 -19.33
CA LEU E 732 72.28 -0.83 -18.94
C LEU E 732 71.40 -0.95 -17.70
N ASP E 733 71.84 -0.33 -16.61
CA ASP E 733 71.17 -0.47 -15.31
C ASP E 733 70.10 0.59 -15.10
N SER E 734 70.43 1.86 -15.31
CA SER E 734 69.50 2.94 -15.05
C SER E 734 69.74 4.08 -16.02
N THR E 735 68.65 4.75 -16.40
CA THR E 735 68.69 5.95 -17.22
C THR E 735 67.75 6.98 -16.62
N TRP E 736 68.17 8.25 -16.65
CA TRP E 736 67.37 9.32 -16.04
C TRP E 736 67.78 10.65 -16.64
N LEU E 737 66.80 11.40 -17.12
CA LEU E 737 67.05 12.73 -17.67
C LEU E 737 67.50 13.68 -16.56
N PHE E 738 68.57 14.43 -16.82
CA PHE E 738 69.10 15.34 -15.82
C PHE E 738 69.19 16.79 -16.28
N ASP E 739 68.77 17.10 -17.51
CA ASP E 739 68.79 18.48 -17.98
C ASP E 739 67.95 18.61 -19.24
N VAL E 740 67.33 19.78 -19.41
CA VAL E 740 66.65 20.16 -20.63
C VAL E 740 66.98 21.61 -20.93
N TYR E 741 67.24 21.91 -22.19
CA TYR E 741 67.68 23.24 -22.61
C TYR E 741 66.79 23.75 -23.74
N THR E 742 66.20 24.92 -23.53
CA THR E 742 65.33 25.56 -24.53
C THR E 742 65.66 27.04 -24.65
N GLY E 743 66.94 27.37 -24.59
CA GLY E 743 67.40 28.76 -24.66
C GLY E 743 67.85 29.14 -26.06
N GLN E 744 68.97 29.84 -26.13
CA GLN E 744 69.53 30.24 -27.41
C GLN E 744 70.30 29.08 -28.03
N GLY E 745 70.11 28.90 -29.34
CA GLY E 745 70.74 27.80 -30.06
C GLY E 745 69.79 26.70 -30.46
N VAL E 746 68.54 26.75 -30.01
CA VAL E 746 67.52 25.76 -30.38
C VAL E 746 66.33 26.51 -30.95
N GLU E 747 65.91 26.12 -32.15
CA GLU E 747 64.77 26.75 -32.79
C GLU E 747 63.47 26.19 -32.22
N GLU E 748 62.40 26.97 -32.37
CA GLU E 748 61.09 26.56 -31.86
C GLU E 748 60.68 25.23 -32.47
N GLY E 749 60.19 24.32 -31.62
CA GLY E 749 59.85 22.99 -32.03
C GLY E 749 60.87 21.93 -31.68
N LYS E 750 62.00 22.31 -31.09
CA LYS E 750 63.04 21.37 -30.68
C LYS E 750 63.51 21.74 -29.28
N ARG E 751 64.18 20.79 -28.64
CA ARG E 751 64.73 21.00 -27.30
C ARG E 751 65.92 20.08 -27.10
N SER E 752 66.86 20.53 -26.29
CA SER E 752 68.07 19.76 -26.00
C SER E 752 67.86 18.96 -24.72
N LEU E 753 67.97 17.64 -24.82
CA LEU E 753 67.81 16.74 -23.69
C LEU E 753 69.14 16.08 -23.37
N ALA E 754 69.37 15.85 -22.08
CA ALA E 754 70.61 15.24 -21.59
C ALA E 754 70.25 14.10 -20.63
N PHE E 755 70.52 12.87 -21.06
CA PHE E 755 70.25 11.69 -20.26
C PHE E 755 71.54 11.11 -19.71
N ALA E 756 71.45 10.54 -18.51
CA ALA E 756 72.56 9.86 -17.86
C ALA E 756 72.31 8.35 -17.89
N LEU E 757 73.31 7.60 -18.33
CA LEU E 757 73.20 6.16 -18.49
C LEU E 757 74.18 5.48 -17.54
N LEU E 758 73.66 4.60 -16.69
CA LEU E 758 74.46 3.87 -15.71
C LEU E 758 74.56 2.42 -16.15
N TRP E 759 75.78 1.95 -16.37
CA TRP E 759 76.04 0.59 -16.82
C TRP E 759 76.54 -0.24 -15.65
N GLN E 760 75.85 -1.35 -15.36
CA GLN E 760 76.25 -2.25 -14.29
C GLN E 760 76.39 -3.66 -14.85
N HIS E 761 77.03 -4.52 -14.05
CA HIS E 761 77.30 -5.90 -14.41
C HIS E 761 77.74 -6.67 -13.16
N PRO E 762 77.22 -7.88 -12.94
CA PRO E 762 77.68 -8.66 -11.78
C PRO E 762 79.17 -8.95 -11.78
N SER E 763 79.79 -9.03 -12.96
CA SER E 763 81.25 -9.12 -13.04
C SER E 763 81.83 -7.74 -13.30
N ARG E 764 82.85 -7.65 -14.14
CA ARG E 764 83.50 -6.38 -14.44
C ARG E 764 83.15 -5.93 -15.86
N THR E 765 83.04 -4.62 -16.02
CA THR E 765 82.77 -4.02 -17.31
C THR E 765 84.09 -3.60 -17.97
N LEU E 766 84.25 -3.97 -19.24
CA LEU E 766 85.49 -3.65 -19.94
C LEU E 766 85.54 -2.17 -20.30
N GLU E 767 86.76 -1.70 -20.56
CA GLU E 767 87.00 -0.29 -20.88
C GLU E 767 86.42 0.05 -22.26
N ASP E 768 85.15 0.43 -22.30
CA ASP E 768 84.47 0.91 -23.50
C ASP E 768 84.36 -0.16 -24.58
N ALA E 769 84.83 -1.38 -24.29
CA ALA E 769 84.70 -2.46 -25.27
C ALA E 769 83.24 -2.83 -25.47
N GLU E 770 82.51 -3.03 -24.38
CA GLU E 770 81.07 -3.29 -24.44
C GLU E 770 80.25 -2.03 -24.26
N ILE E 771 80.86 -0.93 -23.81
CA ILE E 771 80.13 0.32 -23.67
C ILE E 771 79.95 0.99 -25.03
N LYS E 772 81.05 1.16 -25.78
CA LYS E 772 80.96 1.77 -27.11
C LYS E 772 80.05 0.96 -28.03
N SER E 773 80.04 -0.36 -27.88
CA SER E 773 79.08 -1.17 -28.62
C SER E 773 77.64 -0.84 -28.22
N GLY E 774 77.43 -0.47 -26.97
CA GLY E 774 76.11 -0.08 -26.49
C GLY E 774 75.80 1.36 -26.82
N MET E 775 76.81 2.25 -26.73
CA MET E 775 76.60 3.65 -27.08
C MET E 775 76.28 3.80 -28.56
N ASP E 776 77.06 3.14 -29.42
CA ASP E 776 76.79 3.19 -30.85
C ASP E 776 75.44 2.57 -31.19
N ASN E 777 75.02 1.57 -30.42
CA ASN E 777 73.72 0.95 -30.66
C ASN E 777 72.59 1.88 -30.23
N ILE E 778 72.76 2.59 -29.11
CA ILE E 778 71.74 3.53 -28.65
C ILE E 778 71.74 4.78 -29.52
N ILE E 779 72.93 5.25 -29.91
CA ILE E 779 73.03 6.43 -30.76
C ILE E 779 72.40 6.17 -32.12
N GLN E 780 72.60 4.97 -32.67
CA GLN E 780 72.07 4.65 -33.99
C GLN E 780 70.54 4.61 -33.98
N VAL E 781 69.95 3.96 -32.97
CA VAL E 781 68.50 3.84 -32.91
C VAL E 781 67.84 5.16 -32.54
N LEU E 782 68.57 6.08 -31.91
CA LEU E 782 68.02 7.39 -31.63
C LEU E 782 68.11 8.32 -32.82
N GLU E 783 69.16 8.20 -33.63
CA GLU E 783 69.29 9.01 -34.84
C GLU E 783 68.35 8.54 -35.95
N ASN E 784 67.94 7.27 -35.92
CA ASN E 784 67.07 6.74 -36.96
C ASN E 784 65.59 6.86 -36.60
N THR E 785 65.25 6.84 -35.31
CA THR E 785 63.84 6.88 -34.91
C THR E 785 63.31 8.30 -34.85
N TYR E 786 64.11 9.24 -34.36
CA TYR E 786 63.66 10.61 -34.17
C TYR E 786 64.46 11.64 -34.97
N GLN E 787 65.50 11.22 -35.68
CA GLN E 787 66.34 12.13 -36.46
C GLN E 787 66.90 13.25 -35.58
N ALA E 788 67.71 12.85 -34.61
CA ALA E 788 68.27 13.77 -33.63
C ALA E 788 69.79 13.76 -33.70
N THR E 789 70.39 14.85 -33.24
CA THR E 789 71.84 14.99 -33.14
C THR E 789 72.25 14.97 -31.67
N LEU E 790 73.31 14.23 -31.37
CA LEU E 790 73.71 14.00 -29.98
C LEU E 790 75.21 13.85 -29.88
N ARG E 791 75.71 13.91 -28.65
CA ARG E 791 77.11 13.68 -28.34
C ARG E 791 77.20 12.58 -27.27
N ALA E 792 78.38 12.42 -26.69
CA ALA E 792 78.62 11.42 -25.66
C ALA E 792 79.56 12.00 -24.61
N SER E 793 79.94 11.15 -23.65
CA SER E 793 80.85 11.50 -22.55
C SER E 793 80.27 12.54 -21.61
N MET F 1 77.90 -36.14 21.06
CA MET F 1 78.52 -37.42 21.37
C MET F 1 78.37 -38.39 20.19
N LYS F 2 79.44 -39.14 19.92
CA LYS F 2 79.40 -40.14 18.86
C LYS F 2 79.02 -41.50 19.43
N ILE F 3 78.22 -42.25 18.68
CA ILE F 3 77.77 -43.56 19.11
C ILE F 3 77.64 -44.47 17.89
N SER F 4 78.31 -45.62 17.92
CA SER F 4 78.20 -46.58 16.84
C SER F 4 76.84 -47.27 16.90
N GLU F 5 76.13 -47.29 15.76
CA GLU F 5 74.80 -47.89 15.74
C GLU F 5 74.88 -49.40 15.96
N ASN F 6 75.89 -50.06 15.39
CA ASN F 6 76.04 -51.49 15.60
C ASN F 6 76.28 -51.81 17.07
N TRP F 7 77.12 -51.01 17.73
CA TRP F 7 77.32 -51.19 19.17
C TRP F 7 76.05 -50.86 19.93
N LEU F 8 75.34 -49.81 19.52
CA LEU F 8 74.08 -49.47 20.17
C LEU F 8 73.02 -50.54 19.93
N ARG F 9 73.12 -51.27 18.83
CA ARG F 9 72.19 -52.35 18.52
C ARG F 9 72.61 -53.69 19.11
N THR F 10 73.71 -53.72 19.88
CA THR F 10 74.13 -54.97 20.52
C THR F 10 73.28 -55.26 21.75
N TRP F 11 73.05 -54.26 22.59
CA TRP F 11 72.23 -54.43 23.79
C TRP F 11 70.75 -54.18 23.53
N VAL F 12 70.41 -53.27 22.63
CA VAL F 12 69.02 -52.94 22.31
C VAL F 12 68.90 -52.77 20.81
N ASN F 13 68.15 -53.65 20.16
CA ASN F 13 67.99 -53.63 18.71
C ASN F 13 66.53 -53.86 18.34
N PRO F 14 65.77 -52.78 18.13
CA PRO F 14 64.41 -52.92 17.61
C PRO F 14 64.39 -52.96 16.09
N ALA F 15 63.38 -53.65 15.57
CA ALA F 15 63.24 -53.82 14.12
C ALA F 15 62.82 -52.51 13.50
N ILE F 16 63.80 -51.76 12.98
CA ILE F 16 63.55 -50.49 12.32
C ILE F 16 63.75 -50.59 10.81
N ASP F 17 64.80 -51.30 10.37
CA ASP F 17 65.09 -51.56 8.97
C ASP F 17 65.31 -50.26 8.17
N SER F 18 65.67 -49.18 8.85
CA SER F 18 65.93 -47.90 8.19
C SER F 18 66.62 -46.93 9.14
N ASP F 19 66.57 -45.64 8.82
CA ASP F 19 67.09 -44.60 9.69
C ASP F 19 66.03 -44.05 10.63
N THR F 20 64.98 -44.83 10.90
CA THR F 20 63.94 -44.41 11.82
C THR F 20 64.46 -44.28 13.26
N LEU F 21 65.54 -44.96 13.59
CA LEU F 21 66.12 -44.85 14.93
C LEU F 21 66.55 -43.42 15.22
N SER F 22 67.30 -42.81 14.29
CA SER F 22 67.70 -41.42 14.46
C SER F 22 66.50 -40.48 14.42
N ASP F 23 65.44 -40.86 13.70
CA ASP F 23 64.23 -40.06 13.68
C ASP F 23 63.57 -40.04 15.06
N GLN F 24 63.31 -41.23 15.62
CA GLN F 24 62.70 -41.31 16.94
C GLN F 24 63.63 -40.79 18.03
N LEU F 25 64.93 -40.73 17.78
CA LEU F 25 65.86 -40.20 18.77
C LEU F 25 65.77 -38.67 18.84
N THR F 26 65.60 -38.03 17.68
CA THR F 26 65.45 -36.57 17.67
C THR F 26 64.07 -36.15 18.15
N MET F 27 63.03 -36.94 17.83
CA MET F 27 61.68 -36.66 18.31
C MET F 27 61.57 -36.71 19.83
N LEU F 28 62.62 -37.16 20.53
CA LEU F 28 62.61 -37.22 21.99
C LEU F 28 63.41 -36.10 22.64
N GLY F 29 64.42 -35.56 21.96
CA GLY F 29 65.23 -34.49 22.52
C GLY F 29 66.71 -34.69 22.26
N LEU F 30 67.06 -35.80 21.62
CA LEU F 30 68.44 -36.13 21.29
C LEU F 30 68.61 -35.98 19.78
N GLU F 31 68.81 -34.75 19.34
CA GLU F 31 68.89 -34.45 17.93
C GLU F 31 70.12 -35.08 17.30
N VAL F 32 69.92 -35.79 16.20
CA VAL F 32 71.03 -36.37 15.44
C VAL F 32 71.55 -35.33 14.46
N ASP F 33 72.81 -34.93 14.63
CA ASP F 33 73.39 -33.94 13.74
C ASP F 33 73.80 -34.56 12.41
N GLU F 34 74.26 -35.82 12.42
CA GLU F 34 74.72 -36.48 11.21
C GLU F 34 74.84 -37.97 11.47
N LEU F 35 74.55 -38.77 10.46
CA LEU F 35 74.76 -40.21 10.48
C LEU F 35 75.55 -40.60 9.23
N ALA F 36 76.63 -41.34 9.42
CA ALA F 36 77.48 -41.74 8.32
C ALA F 36 78.16 -43.06 8.64
N SER F 37 78.21 -43.95 7.64
CA SER F 37 78.78 -45.28 7.83
C SER F 37 80.30 -45.27 7.76
N VAL F 38 80.92 -44.19 7.28
CA VAL F 38 82.36 -44.10 7.08
C VAL F 38 82.82 -45.26 6.21
N ALA F 39 81.98 -45.64 5.23
CA ALA F 39 82.24 -46.77 4.34
C ALA F 39 81.76 -46.36 2.94
N LYS F 40 82.63 -45.66 2.21
CA LYS F 40 82.29 -45.25 0.86
C LYS F 40 82.16 -46.47 -0.05
N PRO F 41 81.34 -46.37 -1.11
CA PRO F 41 81.15 -47.50 -2.04
C PRO F 41 82.41 -47.83 -2.83
N ASP F 155 78.36 -50.39 9.73
CA ASP F 155 78.30 -49.66 10.99
C ASP F 155 78.41 -48.16 10.75
N ASN F 156 77.39 -47.42 11.19
CA ASN F 156 77.37 -45.97 11.07
C ASN F 156 77.33 -45.34 12.46
N VAL F 157 78.11 -44.28 12.62
CA VAL F 157 78.20 -43.57 13.90
C VAL F 157 77.22 -42.40 13.89
N ILE F 158 76.50 -42.23 15.00
CA ILE F 158 75.52 -41.18 15.15
C ILE F 158 76.13 -40.04 15.95
N ASP F 159 75.98 -38.81 15.45
CA ASP F 159 76.51 -37.63 16.13
C ASP F 159 75.35 -36.96 16.87
N ILE F 160 75.08 -37.48 18.06
CA ILE F 160 73.96 -37.00 18.87
C ILE F 160 74.35 -35.68 19.54
N SER F 161 73.47 -34.69 19.44
CA SER F 161 73.71 -33.37 20.04
C SER F 161 73.03 -33.34 21.41
N ILE F 162 73.66 -34.01 22.38
CA ILE F 162 73.10 -34.08 23.71
C ILE F 162 73.25 -32.72 24.41
N THR F 163 72.36 -32.46 25.35
CA THR F 163 72.32 -31.23 26.13
C THR F 163 72.32 -31.57 27.61
N PRO F 164 72.71 -30.62 28.48
CA PRO F 164 72.81 -30.94 29.91
C PRO F 164 71.50 -31.34 30.57
N ASN F 165 70.39 -31.28 29.82
CA ASN F 165 69.11 -31.72 30.37
C ASN F 165 69.08 -33.23 30.56
N ARG F 166 69.67 -33.98 29.63
CA ARG F 166 69.65 -35.43 29.65
C ARG F 166 71.04 -35.92 30.06
N GLY F 167 71.26 -36.00 31.37
CA GLY F 167 72.50 -36.58 31.87
C GLY F 167 72.61 -38.08 31.71
N ASP F 168 71.51 -38.73 31.33
CA ASP F 168 71.56 -40.19 31.13
C ASP F 168 72.34 -40.54 29.87
N CYS F 169 72.19 -39.74 28.81
CA CYS F 169 72.81 -40.03 27.51
C CYS F 169 74.22 -39.48 27.40
N PHE F 170 75.01 -39.56 28.47
CA PHE F 170 76.42 -39.23 28.43
C PHE F 170 77.29 -40.47 28.24
N SER F 171 76.69 -41.57 27.78
CA SER F 171 77.41 -42.82 27.57
C SER F 171 76.65 -43.63 26.52
N ILE F 172 77.10 -44.86 26.29
CA ILE F 172 76.45 -45.74 25.33
C ILE F 172 75.18 -46.34 25.93
N ARG F 173 75.14 -46.52 27.26
CA ARG F 173 73.99 -47.14 27.89
C ARG F 173 72.79 -46.20 27.94
N GLY F 174 73.04 -44.89 28.05
CA GLY F 174 71.93 -43.95 28.17
C GLY F 174 71.05 -43.92 26.94
N ILE F 175 71.65 -43.84 25.75
CA ILE F 175 70.88 -43.85 24.52
C ILE F 175 70.28 -45.23 24.29
N ALA F 176 71.00 -46.29 24.68
CA ALA F 176 70.45 -47.64 24.57
C ALA F 176 69.20 -47.82 25.42
N ARG F 177 69.14 -47.15 26.57
CA ARG F 177 67.94 -47.18 27.39
C ARG F 177 66.84 -46.31 26.81
N GLU F 178 67.20 -45.21 26.15
CA GLU F 178 66.19 -44.31 25.60
C GLU F 178 65.55 -44.89 24.35
N VAL F 179 66.34 -45.53 23.48
CA VAL F 179 65.79 -46.19 22.32
C VAL F 179 64.96 -47.42 22.71
N ALA F 180 65.23 -47.99 23.88
CA ALA F 180 64.44 -49.12 24.36
C ALA F 180 63.17 -48.69 25.07
N VAL F 181 63.09 -47.44 25.51
CA VAL F 181 61.88 -46.96 26.18
C VAL F 181 60.77 -46.72 25.15
N ILE F 182 61.11 -46.05 24.05
CA ILE F 182 60.10 -45.75 23.04
C ILE F 182 59.72 -47.02 22.26
N ASN F 183 60.62 -47.99 22.17
CA ASN F 183 60.33 -49.25 21.52
C ASN F 183 59.75 -50.28 22.47
N GLN F 184 59.87 -50.07 23.77
CA GLN F 184 59.33 -50.97 24.80
C GLN F 184 59.84 -52.41 24.62
N PRO F 400 73.95 -38.30 45.92
CA PRO F 400 72.77 -37.84 45.18
C PRO F 400 71.46 -38.18 45.89
N LYS F 401 70.57 -37.20 45.99
CA LYS F 401 69.28 -37.37 46.66
C LYS F 401 68.16 -37.38 45.62
N ARG F 402 67.20 -38.29 45.80
CA ARG F 402 66.08 -38.47 44.88
C ARG F 402 64.79 -38.46 45.71
N GLU F 403 64.29 -37.26 46.02
CA GLU F 403 63.05 -37.13 46.75
C GLU F 403 61.87 -37.42 45.85
N ALA F 404 60.88 -38.14 46.39
CA ALA F 404 59.72 -38.55 45.61
C ALA F 404 58.88 -37.33 45.25
N ILE F 405 58.66 -37.12 43.95
CA ILE F 405 57.87 -36.02 43.45
C ILE F 405 56.44 -36.50 43.23
N GLU F 406 55.48 -35.79 43.80
CA GLU F 406 54.08 -36.15 43.68
C GLU F 406 53.55 -35.79 42.29
N LEU F 407 52.59 -36.58 41.81
CA LEU F 407 51.99 -36.35 40.50
C LEU F 407 50.50 -36.64 40.59
N LYS F 408 49.69 -35.75 40.03
CA LYS F 408 48.24 -35.91 39.95
C LYS F 408 47.82 -35.96 38.49
N GLN F 409 46.74 -36.71 38.23
CA GLN F 409 46.24 -36.82 36.87
C GLN F 409 45.75 -35.47 36.36
N ALA F 410 45.17 -34.66 37.25
CA ALA F 410 44.66 -33.35 36.84
C ALA F 410 45.80 -32.40 36.52
N GLN F 411 46.98 -32.61 37.10
CA GLN F 411 48.10 -31.72 36.85
C GLN F 411 48.72 -31.98 35.48
N VAL F 412 48.78 -33.23 35.05
CA VAL F 412 49.29 -33.53 33.71
C VAL F 412 48.29 -33.08 32.65
N ASP F 413 46.99 -33.17 32.94
CA ASP F 413 45.98 -32.76 31.97
C ASP F 413 45.90 -31.25 31.84
N GLN F 414 46.16 -30.52 32.92
CA GLN F 414 46.02 -29.06 32.87
C GLN F 414 47.26 -28.38 32.32
N LEU F 415 48.43 -29.00 32.47
CA LEU F 415 49.67 -28.40 31.97
C LEU F 415 49.93 -28.78 30.52
N LEU F 416 49.60 -30.00 30.12
CA LEU F 416 49.78 -30.44 28.75
C LEU F 416 48.59 -30.08 27.87
N GLY F 417 47.38 -30.03 28.45
CA GLY F 417 46.18 -29.73 27.71
C GLY F 417 45.56 -30.90 26.97
N TYR F 418 46.33 -31.94 26.69
CA TYR F 418 45.83 -33.16 26.05
C TYR F 418 45.84 -34.28 27.08
N LYS F 419 44.66 -34.75 27.47
CA LYS F 419 44.56 -35.79 28.48
C LYS F 419 45.06 -37.12 27.91
N VAL F 420 45.96 -37.77 28.64
CA VAL F 420 46.49 -39.07 28.28
C VAL F 420 46.16 -40.05 29.41
N ALA F 421 45.80 -41.27 29.03
CA ALA F 421 45.37 -42.26 30.02
C ALA F 421 46.47 -42.53 31.04
N ALA F 422 46.06 -42.61 32.32
CA ALA F 422 47.02 -42.84 33.39
C ALA F 422 47.70 -44.20 33.29
N GLU F 423 47.09 -45.15 32.58
CA GLU F 423 47.72 -46.45 32.40
C GLU F 423 48.98 -46.34 31.56
N PHE F 424 48.96 -45.51 30.52
CA PHE F 424 50.15 -45.28 29.72
C PHE F 424 51.10 -44.27 30.35
N ILE F 425 50.62 -43.46 31.29
CA ILE F 425 51.49 -42.55 32.01
C ILE F 425 52.43 -43.32 32.93
N THR F 426 51.87 -44.14 33.81
CA THR F 426 52.69 -44.90 34.75
C THR F 426 53.53 -45.96 34.04
N ASP F 427 53.01 -46.53 32.96
CA ASP F 427 53.76 -47.54 32.21
C ASP F 427 55.01 -46.94 31.58
N ALA F 428 54.84 -45.80 30.88
CA ALA F 428 55.97 -45.20 30.19
C ALA F 428 56.93 -44.53 31.17
N LEU F 429 56.40 -43.89 32.21
CA LEU F 429 57.27 -43.21 33.17
C LEU F 429 58.13 -44.18 33.95
N THR F 430 57.62 -45.39 34.23
CA THR F 430 58.43 -46.38 34.91
C THR F 430 59.33 -47.16 33.94
N ARG F 431 59.05 -47.10 32.64
CA ARG F 431 59.98 -47.67 31.67
C ARG F 431 61.27 -46.87 31.61
N LEU F 432 61.22 -45.57 31.94
CA LEU F 432 62.43 -44.80 32.19
C LEU F 432 63.12 -45.19 33.47
N GLY F 433 62.59 -46.17 34.20
CA GLY F 433 63.12 -46.55 35.49
C GLY F 433 62.76 -45.54 36.56
N CYS F 434 61.58 -45.68 37.16
CA CYS F 434 61.12 -44.77 38.20
C CYS F 434 60.29 -45.55 39.20
N GLU F 435 60.68 -45.49 40.47
CA GLU F 435 59.94 -46.16 41.53
C GLU F 435 58.59 -45.48 41.75
N VAL F 436 57.56 -45.95 41.05
CA VAL F 436 56.23 -45.37 41.13
C VAL F 436 55.48 -46.01 42.28
N THR F 437 54.92 -45.19 43.16
CA THR F 437 54.12 -45.65 44.30
C THR F 437 52.72 -45.07 44.16
N VAL F 438 51.73 -45.95 43.99
CA VAL F 438 50.35 -45.53 43.75
C VAL F 438 49.64 -45.56 45.10
N GLN F 439 49.74 -44.45 45.83
CA GLN F 439 49.04 -44.29 47.09
C GLN F 439 47.85 -43.34 46.90
N ALA F 440 47.11 -43.13 47.98
CA ALA F 440 45.92 -42.26 47.99
C ALA F 440 44.94 -42.82 46.96
N ASN F 441 44.45 -42.02 46.01
CA ASN F 441 43.51 -42.50 45.00
C ASN F 441 43.61 -41.57 43.80
N GLY F 442 44.31 -42.01 42.75
CA GLY F 442 44.48 -41.23 41.56
C GLY F 442 45.72 -40.36 41.51
N GLU F 443 46.51 -40.33 42.59
CA GLU F 443 47.73 -39.54 42.65
C GLU F 443 48.91 -40.47 42.88
N TRP F 444 50.00 -40.21 42.17
CA TRP F 444 51.18 -41.07 42.18
C TRP F 444 52.39 -40.31 42.69
N SER F 445 53.16 -40.96 43.57
CA SER F 445 54.40 -40.41 44.11
C SER F 445 55.56 -41.13 43.42
N VAL F 446 56.13 -40.48 42.41
CA VAL F 446 57.21 -41.08 41.62
C VAL F 446 58.55 -40.73 42.25
N VAL F 447 59.37 -41.75 42.46
CA VAL F 447 60.71 -41.59 43.03
C VAL F 447 61.72 -41.57 41.89
N PRO F 448 62.60 -40.57 41.81
CA PRO F 448 63.56 -40.53 40.72
C PRO F 448 64.58 -41.64 40.86
N PRO F 449 65.16 -42.11 39.76
CA PRO F 449 66.15 -43.19 39.84
C PRO F 449 67.56 -42.68 40.11
N SER F 450 68.55 -43.53 39.88
CA SER F 450 69.94 -43.10 39.86
C SER F 450 70.33 -42.45 38.54
N HIS F 451 69.43 -42.45 37.55
CA HIS F 451 69.72 -41.81 36.28
C HIS F 451 69.75 -40.29 36.41
N ARG F 452 68.87 -39.73 37.24
CA ARG F 452 68.71 -38.28 37.37
C ARG F 452 68.40 -37.65 36.02
N TYR F 453 67.20 -37.95 35.53
CA TYR F 453 66.73 -37.46 34.24
C TYR F 453 66.11 -36.07 34.36
N ASP F 454 66.81 -35.17 35.06
CA ASP F 454 66.36 -33.81 35.30
C ASP F 454 64.99 -33.79 35.96
N MET F 455 64.85 -34.58 37.03
CA MET F 455 63.59 -34.72 37.74
C MET F 455 63.70 -34.03 39.10
N ALA F 456 62.73 -33.14 39.38
CA ALA F 456 62.69 -32.43 40.65
C ALA F 456 61.26 -32.07 41.00
N ILE F 457 60.64 -31.21 40.20
CA ILE F 457 59.25 -30.85 40.36
C ILE F 457 58.41 -31.72 39.43
N TYR F 458 57.09 -31.67 39.61
CA TYR F 458 56.21 -32.49 38.78
C TYR F 458 56.15 -32.00 37.33
N GLN F 459 56.51 -30.74 37.08
CA GLN F 459 56.60 -30.26 35.71
C GLN F 459 57.66 -31.04 34.93
N ASP F 460 58.76 -31.41 35.60
CA ASP F 460 59.77 -32.24 34.96
C ASP F 460 59.20 -33.61 34.58
N LEU F 461 58.33 -34.16 35.42
CA LEU F 461 57.72 -35.45 35.11
C LEU F 461 56.75 -35.33 33.94
N ILE F 462 55.99 -34.24 33.88
CA ILE F 462 55.11 -34.02 32.73
C ILE F 462 55.93 -33.84 31.46
N GLU F 463 57.11 -33.23 31.58
CA GLU F 463 58.03 -33.18 30.44
C GLU F 463 58.40 -34.58 29.97
N GLU F 464 58.57 -35.51 30.91
CA GLU F 464 58.88 -36.88 30.53
C GLU F 464 57.67 -37.56 29.90
N VAL F 465 56.48 -37.38 30.51
CA VAL F 465 55.27 -37.99 29.97
C VAL F 465 54.98 -37.49 28.56
N ALA F 466 55.38 -36.25 28.25
CA ALA F 466 55.08 -35.67 26.95
C ALA F 466 56.05 -36.13 25.87
N ARG F 467 57.33 -36.31 26.22
CA ARG F 467 58.33 -36.59 25.19
C ARG F 467 58.20 -38.00 24.63
N ILE F 468 57.96 -39.00 25.49
CA ILE F 468 57.80 -40.36 24.99
C ILE F 468 56.40 -40.60 24.43
N ASP F 469 55.43 -39.78 24.81
CA ASP F 469 54.11 -39.84 24.17
C ASP F 469 54.14 -39.27 22.77
N GLY F 470 55.17 -38.50 22.44
CA GLY F 470 55.28 -37.89 21.13
C GLY F 470 54.76 -36.47 21.09
N TYR F 471 55.63 -35.51 20.77
CA TYR F 471 55.18 -34.13 20.63
C TYR F 471 54.24 -33.95 19.45
N ASP F 472 54.26 -34.88 18.48
CA ASP F 472 53.28 -34.85 17.41
C ASP F 472 51.88 -35.22 17.90
N ASN F 473 51.78 -35.81 19.09
CA ASN F 473 50.50 -36.13 19.69
C ASN F 473 49.98 -35.03 20.60
N ILE F 474 50.74 -33.94 20.77
CA ILE F 474 50.26 -32.80 21.55
C ILE F 474 49.10 -32.17 20.79
N GLN F 475 47.90 -32.26 21.36
CA GLN F 475 46.73 -31.67 20.72
C GLN F 475 46.89 -30.15 20.62
N ILE F 476 46.11 -29.56 19.72
CA ILE F 476 46.24 -28.15 19.37
C ILE F 476 45.09 -27.38 20.01
N SER F 477 45.40 -26.23 20.59
CA SER F 477 44.39 -25.35 21.16
C SER F 477 44.91 -23.92 21.12
N LEU F 478 44.05 -22.99 21.51
CA LEU F 478 44.42 -21.57 21.56
C LEU F 478 43.97 -20.97 22.89
N PRO F 479 44.77 -20.08 23.47
CA PRO F 479 44.38 -19.48 24.74
C PRO F 479 43.26 -18.47 24.57
N SER F 480 42.59 -18.18 25.69
CA SER F 480 41.48 -17.24 25.73
C SER F 480 41.76 -16.14 26.75
N MET F 481 41.10 -15.01 26.58
CA MET F 481 41.28 -13.87 27.46
C MET F 481 40.08 -12.96 27.36
N ASP F 482 39.90 -12.13 28.39
CA ASP F 482 38.85 -11.13 28.39
C ASP F 482 39.30 -9.93 27.57
N VAL F 483 38.52 -9.59 26.53
CA VAL F 483 38.85 -8.46 25.67
C VAL F 483 38.71 -7.16 26.45
N GLN F 484 39.82 -6.68 26.99
CA GLN F 484 39.84 -5.46 27.79
C GLN F 484 40.45 -4.32 26.96
N LEU F 485 39.72 -3.22 26.86
CA LEU F 485 40.21 -2.06 26.12
C LEU F 485 41.28 -1.35 26.95
N ALA F 486 42.52 -1.41 26.49
CA ALA F 486 43.63 -0.85 27.25
C ALA F 486 43.61 0.67 27.20
N LYS F 487 44.19 1.28 28.24
CA LYS F 487 44.30 2.73 28.29
C LYS F 487 45.22 3.24 27.18
N TYR F 488 44.90 4.43 26.67
CA TYR F 488 45.64 4.98 25.55
C TYR F 488 45.60 6.49 25.61
N GLN F 489 46.69 7.11 25.17
CA GLN F 489 46.81 8.56 25.06
C GLN F 489 47.16 8.90 23.61
N ASP F 490 46.46 9.88 23.05
CA ASP F 490 46.74 10.33 21.69
C ASP F 490 48.17 10.81 21.59
N ARG F 491 49.05 10.00 20.99
CA ARG F 491 50.47 10.31 20.93
C ARG F 491 50.99 10.10 19.52
N PHE F 492 52.15 10.70 19.27
CA PHE F 492 52.87 10.52 18.00
C PHE F 492 53.48 9.13 18.00
N GLU F 493 52.84 8.19 17.31
CA GLU F 493 53.32 6.81 17.30
C GLU F 493 54.61 6.69 16.48
N ILE F 494 55.41 5.68 16.82
CA ILE F 494 56.69 5.49 16.15
C ILE F 494 56.48 5.13 14.68
N ALA F 495 55.41 4.41 14.36
CA ALA F 495 55.12 4.10 12.96
C ALA F 495 54.79 5.35 12.17
N GLN F 496 54.08 6.30 12.79
CA GLN F 496 53.79 7.56 12.13
C GLN F 496 55.05 8.43 12.03
N LEU F 497 56.01 8.25 12.93
CA LEU F 497 57.23 9.03 12.90
C LEU F 497 58.10 8.65 11.71
N ARG F 498 58.38 7.35 11.56
CA ARG F 498 59.20 6.90 10.44
C ARG F 498 58.51 7.14 9.11
N GLN F 499 57.18 7.21 9.10
CA GLN F 499 56.46 7.55 7.88
C GLN F 499 56.65 9.01 7.52
N THR F 500 56.76 9.89 8.52
CA THR F 500 56.98 11.31 8.24
C THR F 500 58.39 11.54 7.70
N VAL F 501 59.39 10.95 8.34
CA VAL F 501 60.77 11.13 7.89
C VAL F 501 61.04 10.40 6.58
N ALA F 502 60.27 9.35 6.27
CA ALA F 502 60.40 8.71 4.97
C ALA F 502 59.82 9.60 3.86
N THR F 503 58.72 10.31 4.17
CA THR F 503 58.20 11.30 3.24
C THR F 503 59.15 12.48 3.07
N LEU F 504 60.09 12.66 3.99
CA LEU F 504 61.14 13.66 3.84
C LEU F 504 62.35 13.14 3.08
N GLY F 505 62.34 11.87 2.67
CA GLY F 505 63.42 11.31 1.89
C GLY F 505 64.58 10.81 2.70
N TYR F 506 64.32 9.90 3.64
CA TYR F 506 65.36 9.31 4.48
C TYR F 506 65.15 7.80 4.55
N GLN F 507 66.25 7.07 4.47
CA GLN F 507 66.22 5.61 4.51
C GLN F 507 66.64 5.13 5.89
N GLU F 508 65.83 4.26 6.48
CA GLU F 508 66.13 3.76 7.82
C GLU F 508 67.30 2.79 7.78
N ALA F 509 68.32 3.07 8.58
CA ALA F 509 69.50 2.22 8.66
C ALA F 509 69.72 1.86 10.12
N ILE F 510 69.62 0.57 10.43
CA ILE F 510 69.96 0.08 11.76
C ILE F 510 71.46 -0.16 11.81
N SER F 511 72.14 0.50 12.73
CA SER F 511 73.59 0.45 12.82
C SER F 511 74.01 -0.26 14.10
N PHE F 512 75.29 -0.65 14.14
CA PHE F 512 75.82 -1.34 15.31
C PHE F 512 75.75 -0.44 16.54
N SER F 513 75.41 -1.04 17.68
CA SER F 513 75.36 -0.31 18.93
C SER F 513 76.75 0.14 19.38
N PHE F 514 77.81 -0.47 18.84
CA PHE F 514 79.18 -0.14 19.19
C PHE F 514 79.93 0.30 17.94
N ALA F 515 80.87 1.24 18.12
CA ALA F 515 81.65 1.76 17.01
C ALA F 515 83.14 1.71 17.33
N ASP F 516 83.94 2.42 16.54
CA ASP F 516 85.38 2.46 16.76
C ASP F 516 85.72 3.46 17.86
N ALA F 517 86.75 3.13 18.64
CA ALA F 517 87.14 3.98 19.76
C ALA F 517 87.72 5.31 19.28
N LYS F 518 88.53 5.27 18.23
CA LYS F 518 89.14 6.50 17.73
C LYS F 518 88.11 7.42 17.10
N LEU F 519 87.10 6.85 16.44
CA LEU F 519 86.07 7.67 15.79
C LEU F 519 85.22 8.39 16.83
N GLU F 520 84.91 7.72 17.94
CA GLU F 520 84.13 8.36 18.99
C GLU F 520 84.83 9.57 19.57
N LYS F 521 86.16 9.54 19.62
CA LYS F 521 86.93 10.70 20.08
C LYS F 521 87.12 11.75 19.00
N GLN F 522 86.98 11.38 17.73
CA GLN F 522 87.08 12.37 16.65
C GLN F 522 85.93 13.36 16.71
N LEU F 523 84.70 12.86 16.85
CA LEU F 523 83.54 13.74 16.98
C LEU F 523 83.63 14.56 18.26
N ASN F 524 83.72 13.88 19.40
CA ASN F 524 83.79 14.53 20.72
C ASN F 524 84.99 13.99 21.48
N PRO F 525 86.10 14.73 21.51
CA PRO F 525 87.26 14.29 22.29
C PRO F 525 87.18 14.61 23.77
N GLN F 526 86.21 15.43 24.19
CA GLN F 526 86.12 15.82 25.59
C GLN F 526 85.76 14.63 26.49
N VAL F 527 84.97 13.68 25.98
CA VAL F 527 84.57 12.53 26.76
C VAL F 527 84.02 11.45 25.85
N SER F 528 84.46 10.21 26.03
CA SER F 528 83.91 9.06 25.33
C SER F 528 84.25 7.75 26.05
N PRO F 529 83.83 7.57 27.33
CA PRO F 529 84.19 6.34 28.03
C PRO F 529 83.05 5.33 28.10
N LEU F 530 83.07 4.33 27.22
CA LEU F 530 82.05 3.28 27.23
C LEU F 530 82.48 2.11 26.35
N MET F 531 83.53 1.41 26.76
CA MET F 531 84.09 0.32 25.96
C MET F 531 83.70 -1.04 26.52
N LEU F 532 83.68 -2.03 25.63
CA LEU F 532 83.40 -3.41 26.00
C LEU F 532 84.65 -4.07 26.57
N ALA F 533 84.44 -5.16 27.31
CA ALA F 533 85.56 -5.87 27.89
C ALA F 533 86.18 -6.87 26.91
N ASN F 534 85.35 -7.51 26.09
CA ASN F 534 85.81 -8.49 25.11
C ASN F 534 85.19 -8.19 23.74
N PRO F 535 85.66 -7.13 23.08
CA PRO F 535 85.15 -6.82 21.74
C PRO F 535 85.66 -7.82 20.72
N ILE F 536 84.84 -8.05 19.69
CA ILE F 536 85.22 -8.99 18.64
C ILE F 536 86.39 -8.45 17.83
N SER F 537 86.42 -7.13 17.62
CA SER F 537 87.51 -6.48 16.90
C SER F 537 87.56 -5.03 17.33
N SER F 538 88.33 -4.22 16.58
CA SER F 538 88.56 -2.83 16.98
C SER F 538 87.31 -1.98 16.76
N ASP F 539 86.65 -2.14 15.61
CA ASP F 539 85.51 -1.30 15.26
C ASP F 539 84.24 -1.64 16.03
N LEU F 540 84.25 -2.71 16.84
CA LEU F 540 83.08 -3.05 17.64
C LEU F 540 83.47 -3.09 19.12
N ALA F 541 84.04 -2.00 19.62
CA ALA F 541 84.66 -2.01 20.94
C ALA F 541 84.16 -0.95 21.91
N ALA F 542 83.27 -0.04 21.48
CA ALA F 542 82.83 1.03 22.36
C ALA F 542 81.38 1.35 22.06
N MET F 543 80.52 1.26 23.08
CA MET F 543 79.12 1.61 22.92
C MET F 543 78.98 3.07 22.53
N ARG F 544 78.18 3.33 21.49
CA ARG F 544 78.12 4.66 20.90
C ARG F 544 77.51 5.67 21.87
N SER F 545 78.19 6.80 22.03
CA SER F 545 77.62 7.95 22.71
C SER F 545 76.82 8.84 21.78
N THR F 546 76.78 8.52 20.50
CA THR F 546 76.11 9.33 19.49
C THR F 546 75.98 8.47 18.24
N LEU F 547 74.78 8.43 17.68
CA LEU F 547 74.51 7.55 16.53
C LEU F 547 75.36 7.91 15.31
N LEU F 548 76.02 9.07 15.31
CA LEU F 548 76.90 9.41 14.20
C LEU F 548 78.10 8.48 14.13
N SER F 549 78.68 8.13 15.28
CA SER F 549 79.87 7.29 15.31
C SER F 549 79.62 5.92 14.69
N SER F 550 78.37 5.46 14.65
CA SER F 550 78.03 4.18 14.03
C SER F 550 77.46 4.33 12.63
N LEU F 551 76.83 5.46 12.32
CA LEU F 551 76.28 5.69 10.98
C LEU F 551 77.29 6.27 10.01
N ILE F 552 78.31 6.97 10.51
CA ILE F 552 79.35 7.51 9.62
C ILE F 552 80.06 6.40 8.85
N PRO F 553 80.44 5.26 9.45
CA PRO F 553 80.99 4.18 8.63
C PRO F 553 80.03 3.67 7.57
N CYS F 554 78.71 3.81 7.78
CA CYS F 554 77.75 3.32 6.81
C CYS F 554 77.64 4.25 5.60
N VAL F 555 77.58 5.57 5.83
CA VAL F 555 77.59 6.50 4.71
C VAL F 555 78.95 6.48 4.02
N GLN F 556 80.04 6.30 4.78
CA GLN F 556 81.35 6.08 4.17
C GLN F 556 81.35 4.82 3.32
N TYR F 557 80.65 3.78 3.77
CA TYR F 557 80.54 2.55 2.99
C TYR F 557 79.88 2.81 1.64
N ASN F 558 78.84 3.63 1.62
CA ASN F 558 78.13 3.92 0.38
C ASN F 558 78.91 4.88 -0.51
N LEU F 559 79.59 5.86 0.09
CA LEU F 559 80.38 6.80 -0.69
C LEU F 559 81.52 6.10 -1.42
N ASN F 560 82.07 5.04 -0.84
CA ASN F 560 83.10 4.26 -1.51
C ASN F 560 82.52 3.27 -2.52
N ARG F 561 81.21 3.03 -2.49
CA ARG F 561 80.51 2.26 -3.52
C ARG F 561 79.89 3.19 -4.56
N GLN F 562 80.61 4.26 -4.92
CA GLN F 562 80.15 5.34 -5.79
C GLN F 562 78.67 5.65 -5.63
N GLN F 563 78.31 6.27 -4.51
CA GLN F 563 76.93 6.69 -4.24
C GLN F 563 77.00 8.14 -3.75
N SER F 564 76.77 9.09 -4.66
CA SER F 564 76.91 10.50 -4.33
C SER F 564 75.89 10.95 -3.29
N ARG F 565 74.72 10.33 -3.25
CA ARG F 565 73.61 10.77 -2.41
C ARG F 565 73.20 9.63 -1.48
N VAL F 566 73.18 9.90 -0.18
CA VAL F 566 72.75 8.92 0.82
C VAL F 566 72.22 9.68 2.03
N ARG F 567 70.98 9.38 2.41
CA ARG F 567 70.30 10.04 3.52
C ARG F 567 69.78 8.98 4.47
N PHE F 568 70.26 9.00 5.71
CA PHE F 568 69.97 7.97 6.68
C PHE F 568 69.21 8.54 7.87
N PHE F 569 68.45 7.66 8.53
CA PHE F 569 67.86 7.97 9.83
C PHE F 569 67.75 6.67 10.62
N GLU F 570 67.94 6.76 11.93
CA GLU F 570 67.97 5.58 12.78
C GLU F 570 67.19 5.84 14.07
N LEU F 571 66.45 4.83 14.51
CA LEU F 571 65.71 4.86 15.76
C LEU F 571 66.35 3.83 16.70
N GLY F 572 67.47 4.23 17.32
CA GLY F 572 68.19 3.35 18.20
C GLY F 572 68.57 3.99 19.52
N LEU F 573 69.35 3.27 20.32
CA LEU F 573 69.76 3.74 21.64
C LEU F 573 71.17 4.31 21.59
N ARG F 574 71.37 5.41 22.31
CA ARG F 574 72.71 5.95 22.58
C ARG F 574 73.03 5.74 24.06
N PHE F 575 74.32 5.77 24.37
CA PHE F 575 74.81 5.44 25.71
C PHE F 575 75.59 6.62 26.26
N ASP F 576 75.00 7.30 27.24
CA ASP F 576 75.61 8.45 27.88
C ASP F 576 76.40 8.01 29.11
N TYR F 577 77.61 8.55 29.25
CA TYR F 577 78.47 8.18 30.36
C TYR F 577 79.19 9.36 30.99
N GLN F 578 78.99 10.58 30.49
CA GLN F 578 79.65 11.75 31.05
C GLN F 578 79.15 11.99 32.48
N ASN F 579 80.10 12.21 33.40
CA ASN F 579 79.82 12.41 34.82
C ASN F 579 79.06 11.21 35.40
N ALA F 580 79.76 10.08 35.43
CA ALA F 580 79.21 8.83 35.95
C ALA F 580 80.27 8.17 36.82
N ASN F 581 79.99 8.06 38.11
CA ASN F 581 80.93 7.44 39.05
C ASN F 581 80.88 5.92 39.00
N SER F 582 79.82 5.34 38.46
CA SER F 582 79.68 3.89 38.36
C SER F 582 79.19 3.54 36.96
N ILE F 583 79.14 2.24 36.68
CA ILE F 583 78.69 1.78 35.37
C ILE F 583 77.17 1.83 35.27
N GLN F 584 76.46 1.56 36.37
CA GLN F 584 75.01 1.63 36.37
C GLN F 584 74.47 3.05 36.24
N ASP F 585 75.34 4.06 36.38
CA ASP F 585 74.95 5.45 36.12
C ASP F 585 74.77 5.76 34.64
N LEU F 586 74.84 4.73 33.81
CA LEU F 586 74.65 4.89 32.37
C LEU F 586 73.24 5.38 32.08
N LYS F 587 73.13 6.29 31.11
CA LYS F 587 71.83 6.80 30.65
C LYS F 587 71.62 6.30 29.23
N GLN F 588 70.84 5.22 29.09
CA GLN F 588 70.48 4.69 27.78
C GLN F 588 69.27 5.46 27.26
N ILE F 589 69.49 6.29 26.25
CA ILE F 589 68.47 7.20 25.72
C ILE F 589 68.10 6.74 24.32
N PRO F 590 66.85 6.35 24.07
CA PRO F 590 66.44 6.07 22.68
C PRO F 590 66.47 7.35 21.86
N THR F 591 67.20 7.30 20.74
CA THR F 591 67.53 8.50 19.98
C THR F 591 67.10 8.33 18.52
N LEU F 592 66.45 9.37 17.99
CA LEU F 592 66.20 9.49 16.56
C LEU F 592 67.28 10.40 15.97
N ALA F 593 68.08 9.84 15.06
CA ALA F 593 69.18 10.57 14.45
C ALA F 593 69.01 10.59 12.94
N LEU F 594 69.52 11.65 12.32
CA LEU F 594 69.51 11.79 10.87
C LEU F 594 70.89 12.22 10.40
N VAL F 595 71.33 11.69 9.27
CA VAL F 595 72.59 12.07 8.63
C VAL F 595 72.38 12.04 7.13
N ALA F 596 72.79 13.09 6.45
CA ALA F 596 72.55 13.21 5.01
C ALA F 596 73.72 13.93 4.34
N VAL F 597 74.25 13.31 3.29
CA VAL F 597 75.25 13.93 2.43
C VAL F 597 74.76 13.87 1.00
N GLY F 598 75.26 14.78 0.19
CA GLY F 598 74.86 14.88 -1.21
C GLY F 598 73.76 15.88 -1.44
N SER F 599 73.12 15.75 -2.59
CA SER F 599 72.05 16.67 -2.98
C SER F 599 70.81 16.46 -2.11
N ARG F 600 70.00 17.51 -1.99
CA ARG F 600 68.80 17.43 -1.17
C ARG F 600 67.74 16.56 -1.83
N GLU F 601 67.55 16.70 -3.13
CA GLU F 601 66.62 15.89 -3.91
C GLU F 601 67.39 15.20 -5.03
N PRO F 602 66.89 14.08 -5.54
CA PRO F 602 67.61 13.36 -6.60
C PRO F 602 67.86 14.24 -7.82
N GLU F 603 68.94 13.93 -8.53
CA GLU F 603 69.35 14.73 -9.67
C GLU F 603 68.32 14.66 -10.78
N SER F 604 67.75 15.83 -11.13
CA SER F 604 66.74 15.91 -12.17
C SER F 604 66.99 17.18 -12.98
N TRP F 605 66.14 17.41 -13.97
CA TRP F 605 66.30 18.53 -14.90
C TRP F 605 65.84 19.86 -14.33
N HIS F 606 65.28 19.88 -13.11
CA HIS F 606 64.76 21.12 -12.57
C HIS F 606 65.87 22.08 -12.15
N ALA F 607 66.95 21.54 -11.58
CA ALA F 607 68.08 22.35 -11.17
C ALA F 607 69.31 21.46 -11.08
N LYS F 608 70.47 22.10 -10.95
CA LYS F 608 71.70 21.33 -10.82
C LYS F 608 71.84 20.79 -9.40
N PRO F 609 72.35 19.57 -9.25
CA PRO F 609 72.42 18.95 -7.91
C PRO F 609 73.39 19.70 -7.00
N GLN F 610 72.88 20.19 -5.88
CA GLN F 610 73.65 20.89 -4.88
C GLN F 610 73.21 20.41 -3.50
N PRO F 611 74.11 20.46 -2.51
CA PRO F 611 73.71 20.04 -1.16
C PRO F 611 72.78 21.04 -0.50
N MET F 612 71.99 20.54 0.44
CA MET F 612 71.08 21.39 1.19
C MET F 612 71.84 22.23 2.21
N ASP F 613 71.33 23.43 2.46
CA ASP F 613 71.94 24.33 3.44
C ASP F 613 71.28 24.11 4.80
N PHE F 614 71.46 25.07 5.72
CA PHE F 614 70.95 24.89 7.08
C PHE F 614 69.43 24.98 7.12
N PHE F 615 68.85 25.90 6.37
CA PHE F 615 67.40 26.10 6.42
C PHE F 615 66.63 25.05 5.63
N ASP F 616 67.28 24.37 4.69
CA ASP F 616 66.65 23.21 4.08
C ASP F 616 66.67 22.00 5.02
N PHE F 617 67.71 21.91 5.86
CA PHE F 617 67.76 20.86 6.87
C PHE F 617 66.93 21.22 8.09
N LYS F 618 66.84 22.50 8.43
CA LYS F 618 66.00 22.93 9.54
C LYS F 618 64.52 22.75 9.19
N GLY F 619 64.14 23.00 7.93
CA GLY F 619 62.77 22.80 7.53
C GLY F 619 62.32 21.36 7.65
N GLU F 620 63.23 20.41 7.40
CA GLU F 620 62.91 19.00 7.60
C GLU F 620 62.80 18.67 9.09
N VAL F 621 63.72 19.20 9.89
CA VAL F 621 63.67 18.95 11.34
C VAL F 621 62.45 19.62 11.96
N GLU F 622 62.20 20.89 11.59
CA GLU F 622 61.04 21.59 12.12
C GLU F 622 59.73 20.88 11.80
N GLU F 623 59.69 20.13 10.69
CA GLU F 623 58.50 19.38 10.36
C GLU F 623 58.40 18.07 11.12
N ILE F 624 59.54 17.42 11.39
CA ILE F 624 59.53 16.24 12.25
C ILE F 624 59.07 16.62 13.65
N LEU F 625 59.43 17.81 14.11
CA LEU F 625 58.95 18.29 15.41
C LEU F 625 57.49 18.73 15.34
N ALA F 626 57.08 19.33 14.22
CA ALA F 626 55.69 19.72 14.05
C ALA F 626 54.76 18.51 14.14
N ALA F 627 55.14 17.42 13.48
CA ALA F 627 54.47 16.15 13.69
C ALA F 627 54.76 15.67 15.11
N GLY F 628 53.71 15.54 15.92
CA GLY F 628 53.86 15.28 17.34
C GLY F 628 53.63 16.50 18.21
N ARG F 629 53.43 17.66 17.61
CA ARG F 629 53.09 18.89 18.33
C ARG F 629 54.14 19.25 19.39
N VAL F 630 55.39 19.31 18.96
CA VAL F 630 56.50 19.67 19.83
C VAL F 630 56.87 21.11 19.54
N LYS F 631 56.65 21.99 20.50
CA LYS F 631 56.97 23.41 20.36
C LYS F 631 58.38 23.64 20.88
N VAL F 632 59.28 24.10 20.00
CA VAL F 632 60.69 24.18 20.32
C VAL F 632 61.21 25.60 20.09
N GLU F 633 62.37 25.87 20.68
CA GLU F 633 63.12 27.10 20.45
C GLU F 633 64.56 26.72 20.13
N TYR F 634 65.22 27.54 19.32
CA TYR F 634 66.54 27.23 18.80
C TYR F 634 67.57 28.21 19.32
N VAL F 635 68.63 27.67 19.95
CA VAL F 635 69.79 28.45 20.37
C VAL F 635 71.03 27.79 19.78
N ARG F 636 72.12 28.56 19.75
CA ARG F 636 73.35 28.09 19.12
C ARG F 636 73.93 26.90 19.89
N SER F 637 74.22 25.82 19.17
CA SER F 637 74.80 24.64 19.78
C SER F 637 76.31 24.80 19.94
N GLU F 638 76.89 23.97 20.81
CA GLU F 638 78.32 24.05 21.07
C GLU F 638 78.97 22.66 21.16
N ARG F 639 78.38 21.66 20.53
CA ARG F 639 78.98 20.34 20.52
C ARG F 639 80.25 20.35 19.65
N PRO F 640 81.26 19.56 20.03
CA PRO F 640 82.56 19.67 19.34
C PRO F 640 82.51 19.29 17.87
N TRP F 641 81.59 18.43 17.45
CA TRP F 641 81.57 17.92 16.08
C TRP F 641 80.55 18.66 15.21
N LEU F 642 80.07 19.82 15.65
CA LEU F 642 79.15 20.62 14.86
C LEU F 642 79.81 21.93 14.43
N HIS F 643 79.43 22.41 13.25
CA HIS F 643 79.87 23.71 12.76
C HIS F 643 79.32 24.78 13.71
N PRO F 644 80.18 25.48 14.44
CA PRO F 644 79.69 26.42 15.48
C PRO F 644 78.81 27.53 14.94
N GLY F 645 78.90 27.86 13.66
CA GLY F 645 78.08 28.90 13.08
C GLY F 645 76.81 28.38 12.45
N GLN F 646 76.81 27.11 12.04
CA GLN F 646 75.66 26.51 11.39
C GLN F 646 75.17 25.27 12.14
N SER F 647 74.88 25.43 13.42
CA SER F 647 74.31 24.35 14.22
C SER F 647 73.57 24.97 15.39
N ALA F 648 72.42 24.39 15.74
CA ALA F 648 71.55 24.93 16.77
C ALA F 648 71.12 23.84 17.73
N GLU F 649 70.75 24.27 18.93
CA GLU F 649 70.22 23.38 19.96
C GLU F 649 68.70 23.48 19.99
N ILE F 650 68.04 22.34 20.18
CA ILE F 650 66.59 22.27 20.19
C ILE F 650 66.11 22.28 21.64
N LEU F 651 65.38 23.32 22.02
CA LEU F 651 64.97 23.54 23.40
C LEU F 651 63.46 23.37 23.53
N VAL F 652 63.04 22.53 24.47
CA VAL F 652 61.64 22.38 24.85
C VAL F 652 61.49 22.82 26.31
N ASP F 653 60.73 23.88 26.52
CA ASP F 653 60.59 24.51 27.85
C ASP F 653 61.94 24.89 28.43
N GLY F 654 62.91 25.18 27.58
CA GLY F 654 64.24 25.57 28.01
C GLY F 654 65.23 24.45 28.22
N GLN F 655 64.88 23.22 27.84
CA GLN F 655 65.76 22.06 28.01
C GLN F 655 66.09 21.47 26.66
N SER F 656 67.32 20.99 26.51
CA SER F 656 67.82 20.48 25.24
C SER F 656 67.19 19.13 24.94
N ILE F 657 66.38 19.06 23.88
CA ILE F 657 65.83 17.79 23.40
C ILE F 657 66.66 17.20 22.27
N GLY F 658 67.67 17.92 21.79
CA GLY F 658 68.49 17.42 20.71
C GLY F 658 69.22 18.57 20.03
N TYR F 659 69.74 18.28 18.85
CA TYR F 659 70.50 19.27 18.09
C TYR F 659 70.31 19.02 16.61
N LEU F 660 70.87 19.94 15.80
CA LEU F 660 70.90 19.82 14.36
C LEU F 660 71.94 20.80 13.83
N GLY F 661 72.51 20.47 12.69
CA GLY F 661 73.48 21.36 12.07
C GLY F 661 74.43 20.61 11.17
N ARG F 662 75.39 21.36 10.66
CA ARG F 662 76.39 20.83 9.73
C ARG F 662 77.61 20.33 10.50
N LEU F 663 78.19 19.23 10.01
CA LEU F 663 79.40 18.70 10.60
C LEU F 663 80.54 19.71 10.48
N HIS F 664 81.48 19.63 11.40
CA HIS F 664 82.62 20.55 11.37
C HIS F 664 83.44 20.32 10.11
N PRO F 665 83.85 21.39 9.42
CA PRO F 665 84.57 21.20 8.15
C PRO F 665 85.83 20.38 8.28
N SER F 666 86.56 20.52 9.40
CA SER F 666 87.71 19.66 9.63
C SER F 666 87.29 18.21 9.80
N LEU F 667 86.22 17.96 10.57
CA LEU F 667 85.69 16.61 10.71
C LEU F 667 85.17 16.09 9.38
N GLU F 668 84.76 16.98 8.48
CA GLU F 668 84.27 16.55 7.17
C GLU F 668 85.40 16.10 6.26
N ASN F 669 86.53 16.81 6.28
CA ASN F 669 87.66 16.45 5.42
C ASN F 669 88.41 15.23 5.96
N GLU F 670 88.57 15.15 7.28
CA GLU F 670 89.23 13.98 7.87
C GLU F 670 88.45 12.70 7.58
N LEU F 671 87.12 12.77 7.68
CA LEU F 671 86.28 11.63 7.31
C LEU F 671 85.97 11.57 5.83
N ASP F 672 86.37 12.58 5.07
CA ASP F 672 86.16 12.65 3.62
C ASP F 672 84.67 12.56 3.28
N LEU F 673 83.93 13.56 3.73
CA LEU F 673 82.50 13.68 3.49
C LEU F 673 82.19 15.09 2.99
N SER F 674 81.26 15.19 2.05
CA SER F 674 80.99 16.45 1.35
C SER F 674 79.74 17.10 1.92
N THR F 675 79.94 18.13 2.76
CA THR F 675 78.85 18.93 3.32
C THR F 675 77.76 18.07 3.94
N THR F 676 78.03 17.52 5.12
CA THR F 676 77.10 16.63 5.79
C THR F 676 76.21 17.39 6.76
N TRP F 677 74.99 16.87 6.95
CA TRP F 677 74.02 17.45 7.87
C TRP F 677 73.55 16.38 8.82
N VAL F 678 73.71 16.60 10.12
CA VAL F 678 73.39 15.62 11.14
C VAL F 678 72.48 16.25 12.18
N ALA F 679 71.58 15.43 12.72
CA ALA F 679 70.66 15.87 13.76
C ALA F 679 70.30 14.68 14.62
N GLU F 680 70.17 14.90 15.93
CA GLU F 680 69.77 13.86 16.86
C GLU F 680 68.74 14.43 17.82
N LEU F 681 67.77 13.59 18.19
CA LEU F 681 66.73 13.98 19.13
C LEU F 681 66.36 12.78 20.00
N ASP F 682 65.87 13.08 21.20
CA ASP F 682 65.38 12.04 22.09
C ASP F 682 63.99 11.59 21.63
N GLN F 683 63.81 10.27 21.51
CA GLN F 683 62.53 9.74 21.04
C GLN F 683 61.40 10.10 22.00
N ALA F 684 61.68 10.13 23.30
CA ALA F 684 60.65 10.44 24.28
C ALA F 684 60.12 11.87 24.14
N ALA F 685 60.92 12.78 23.55
CA ALA F 685 60.47 14.14 23.33
C ALA F 685 59.73 14.32 22.02
N VAL F 686 59.88 13.39 21.08
CA VAL F 686 59.18 13.45 19.80
C VAL F 686 57.96 12.54 19.80
N LEU F 687 58.09 11.32 20.33
CA LEU F 687 56.97 10.39 20.41
C LEU F 687 56.20 10.59 21.73
N GLN F 688 55.66 11.80 21.87
CA GLN F 688 54.97 12.20 23.08
C GLN F 688 53.47 12.28 22.85
N SER F 689 52.72 12.29 23.95
CA SER F 689 51.28 12.47 23.89
C SER F 689 50.94 13.94 23.73
N TYR F 690 49.83 14.20 23.05
CA TYR F 690 49.36 15.56 22.81
C TYR F 690 47.88 15.67 23.14
N VAL F 691 47.48 16.87 23.56
CA VAL F 691 46.09 17.18 23.88
C VAL F 691 45.74 18.51 23.23
N SER F 692 44.76 18.50 22.34
CA SER F 692 44.34 19.69 21.62
C SER F 692 42.96 20.11 22.09
N ASN F 693 42.79 21.42 22.33
CA ASN F 693 41.51 21.98 22.74
C ASN F 693 41.08 23.05 21.75
N PHE F 694 39.79 23.15 21.52
CA PHE F 694 39.22 24.04 20.52
C PHE F 694 39.00 25.44 21.10
N THR F 695 39.43 26.45 20.37
CA THR F 695 39.18 27.84 20.70
C THR F 695 38.31 28.47 19.60
N GLU F 696 37.54 29.48 19.99
CA GLU F 696 36.62 30.11 19.05
C GLU F 696 37.39 30.85 17.95
N LEU F 697 36.91 30.71 16.73
CA LEU F 697 37.48 31.43 15.59
C LEU F 697 36.78 32.77 15.42
N SER F 698 37.58 33.81 15.18
CA SER F 698 37.02 35.15 15.00
C SER F 698 36.19 35.20 13.72
N ARG F 699 34.92 35.58 13.86
CA ARG F 699 33.99 35.63 12.74
C ARG F 699 34.15 36.88 11.88
N PHE F 700 35.19 37.67 12.10
CA PHE F 700 35.34 38.95 11.43
C PHE F 700 36.70 39.05 10.75
N PRO F 701 36.78 39.80 9.65
CA PRO F 701 38.03 39.83 8.88
C PRO F 701 39.17 40.45 9.67
N SER F 702 40.39 40.16 9.21
CA SER F 702 41.62 40.66 9.79
C SER F 702 42.23 41.74 8.90
N VAL F 703 43.24 42.41 9.43
CA VAL F 703 43.95 43.46 8.71
C VAL F 703 45.45 43.17 8.80
N ARG F 704 46.10 43.08 7.65
CA ARG F 704 47.53 42.80 7.58
C ARG F 704 48.31 44.11 7.46
N ARG F 705 49.38 44.24 8.25
CA ARG F 705 50.27 45.39 8.20
C ARG F 705 51.70 44.91 8.14
N ASP F 706 52.50 45.55 7.30
CA ASP F 706 53.91 45.21 7.12
C ASP F 706 54.78 46.28 7.79
N ILE F 707 55.85 45.83 8.44
CA ILE F 707 56.81 46.72 9.08
C ILE F 707 58.21 46.28 8.66
N ALA F 708 59.05 47.25 8.30
CA ALA F 708 60.42 47.00 7.87
C ALA F 708 61.37 47.65 8.88
N LEU F 709 62.22 46.84 9.50
CA LEU F 709 63.14 47.33 10.52
C LEU F 709 64.54 47.51 9.93
N LEU F 710 65.50 47.78 10.81
CA LEU F 710 66.91 47.90 10.43
C LEU F 710 67.76 47.70 11.67
N ILE F 711 67.95 46.46 12.09
CA ILE F 711 68.56 46.14 13.37
C ILE F 711 69.95 45.56 13.14
N SER F 712 70.72 45.47 14.23
CA SER F 712 72.07 44.94 14.17
C SER F 712 72.05 43.46 13.78
N ASP F 713 73.23 42.96 13.41
CA ASP F 713 73.33 41.58 12.95
C ASP F 713 73.26 40.59 14.11
N ASN F 714 73.73 40.97 15.30
CA ASN F 714 73.73 40.08 16.45
C ASN F 714 72.38 40.00 17.15
N ILE F 715 71.32 40.54 16.54
CA ILE F 715 69.98 40.49 17.11
C ILE F 715 69.20 39.42 16.37
N ASN F 716 68.89 38.32 17.06
CA ASN F 716 68.17 37.22 16.44
C ASN F 716 66.76 37.66 16.04
N VAL F 717 66.30 37.18 14.89
CA VAL F 717 64.95 37.49 14.43
C VAL F 717 63.89 36.88 15.33
N ARG F 718 64.23 35.82 16.07
CA ARG F 718 63.28 35.22 16.99
C ARG F 718 63.01 36.15 18.17
N ASP F 719 64.06 36.77 18.72
CA ASP F 719 63.88 37.70 19.83
C ASP F 719 63.11 38.94 19.39
N ILE F 720 63.29 39.38 18.14
CA ILE F 720 62.52 40.50 17.62
C ILE F 720 61.04 40.11 17.52
N GLN F 721 60.76 38.90 17.03
CA GLN F 721 59.39 38.46 16.89
C GLN F 721 58.72 38.30 18.26
N GLN F 722 59.45 37.75 19.23
CA GLN F 722 58.88 37.64 20.57
C GLN F 722 58.63 39.00 21.20
N LEU F 723 59.54 39.95 20.98
CA LEU F 723 59.32 41.31 21.44
C LEU F 723 58.20 41.99 20.65
N ILE F 724 58.00 41.59 19.40
CA ILE F 724 56.93 42.15 18.59
C ILE F 724 55.57 41.65 19.07
N GLU F 725 55.47 40.35 19.36
CA GLU F 725 54.18 39.78 19.76
C GLU F 725 53.79 40.18 21.17
N LYS F 726 54.77 40.46 22.05
CA LYS F 726 54.45 40.84 23.42
C LYS F 726 53.85 42.24 23.47
N THR F 727 54.45 43.19 22.76
CA THR F 727 53.97 44.56 22.76
C THR F 727 52.77 44.77 21.85
N GLY F 728 52.38 43.76 21.08
CA GLY F 728 51.23 43.86 20.20
C GLY F 728 49.91 43.78 20.94
N GLY F 729 49.85 42.93 21.97
CA GLY F 729 48.65 42.79 22.75
C GLY F 729 47.83 41.56 22.38
N GLU F 730 46.52 41.63 22.63
CA GLU F 730 45.63 40.51 22.31
C GLU F 730 45.09 40.56 20.89
N LEU F 731 45.06 41.75 20.27
CA LEU F 731 44.54 41.86 18.91
C LEU F 731 45.50 41.23 17.91
N LEU F 732 46.77 41.60 17.97
CA LEU F 732 47.78 41.00 17.10
C LEU F 732 47.97 39.53 17.49
N ASP F 733 47.63 38.62 16.58
CA ASP F 733 47.67 37.19 16.87
C ASP F 733 48.85 36.46 16.24
N SER F 734 49.28 36.85 15.04
CA SER F 734 50.31 36.12 14.33
C SER F 734 51.23 37.09 13.61
N THR F 735 52.53 36.82 13.68
CA THR F 735 53.55 37.56 12.95
C THR F 735 54.49 36.56 12.28
N TRP F 736 55.05 36.96 11.15
CA TRP F 736 56.00 36.10 10.46
C TRP F 736 56.93 36.95 9.61
N LEU F 737 58.23 36.62 9.67
CA LEU F 737 59.23 37.30 8.86
C LEU F 737 59.14 36.81 7.41
N PHE F 738 59.05 37.75 6.47
CA PHE F 738 58.89 37.40 5.07
C PHE F 738 59.97 37.98 4.16
N ASP F 739 60.97 38.69 4.71
CA ASP F 739 62.04 39.22 3.89
C ASP F 739 63.19 39.67 4.78
N VAL F 740 64.41 39.34 4.38
CA VAL F 740 65.63 39.83 5.03
C VAL F 740 66.48 40.51 3.98
N TYR F 741 67.16 41.59 4.38
CA TYR F 741 68.03 42.33 3.48
C TYR F 741 69.38 42.54 4.16
N THR F 742 70.46 42.34 3.39
CA THR F 742 71.80 42.44 3.94
C THR F 742 72.80 42.96 2.91
N GLY F 743 72.35 43.79 1.98
CA GLY F 743 73.23 44.33 0.97
C GLY F 743 72.69 45.63 0.42
N GLN F 744 73.60 46.42 -0.15
CA GLN F 744 73.27 47.72 -0.73
C GLN F 744 72.62 48.64 0.32
N GLY F 745 73.40 48.93 1.36
CA GLY F 745 72.89 49.68 2.50
C GLY F 745 72.98 48.86 3.77
N VAL F 746 73.76 47.77 3.71
CA VAL F 746 73.92 46.90 4.86
C VAL F 746 74.67 47.60 5.99
N GLU F 747 75.52 48.57 5.65
CA GLU F 747 76.36 49.31 6.60
C GLU F 747 77.33 48.41 7.36
N GLU F 748 77.49 47.16 6.94
CA GLU F 748 78.44 46.22 7.54
C GLU F 748 78.17 46.06 9.04
N GLY F 749 76.95 45.65 9.37
CA GLY F 749 76.58 45.42 10.75
C GLY F 749 75.10 45.54 11.02
N LYS F 750 74.31 45.88 10.01
CA LYS F 750 72.88 46.04 10.15
C LYS F 750 72.16 45.32 9.03
N ARG F 751 70.93 44.87 9.32
CA ARG F 751 70.09 44.19 8.35
C ARG F 751 68.67 44.71 8.48
N SER F 752 67.93 44.68 7.38
CA SER F 752 66.56 45.19 7.33
C SER F 752 65.60 44.02 7.26
N LEU F 753 64.95 43.72 8.38
CA LEU F 753 63.96 42.66 8.44
C LEU F 753 62.59 43.21 8.04
N ALA F 754 61.76 42.34 7.49
CA ALA F 754 60.41 42.69 7.08
C ALA F 754 59.43 41.72 7.74
N PHE F 755 58.68 42.20 8.72
CA PHE F 755 57.71 41.40 9.45
C PHE F 755 56.30 41.74 8.99
N ALA F 756 55.45 40.72 8.89
CA ALA F 756 54.06 40.89 8.52
C ALA F 756 53.20 40.72 9.76
N LEU F 757 52.44 41.76 10.10
CA LEU F 757 51.56 41.75 11.25
C LEU F 757 50.13 41.48 10.79
N LEU F 758 49.39 40.72 11.61
CA LEU F 758 48.01 40.37 11.31
C LEU F 758 47.16 40.68 12.53
N TRP F 759 46.32 41.71 12.41
CA TRP F 759 45.47 42.17 13.52
C TRP F 759 44.10 41.53 13.40
N GLN F 760 43.62 40.95 14.50
CA GLN F 760 42.36 40.22 14.52
C GLN F 760 41.58 40.62 15.75
N HIS F 761 40.38 41.20 15.55
CA HIS F 761 39.52 41.54 16.67
C HIS F 761 38.62 40.35 17.01
N PRO F 762 38.44 40.06 18.30
CA PRO F 762 37.71 38.84 18.68
C PRO F 762 36.24 38.85 18.30
N SER F 763 35.57 40.01 18.33
CA SER F 763 34.13 40.03 18.15
C SER F 763 33.62 41.15 17.26
N ARG F 764 34.49 41.84 16.54
CA ARG F 764 34.05 42.94 15.69
C ARG F 764 35.08 43.16 14.59
N THR F 765 34.82 44.16 13.74
CA THR F 765 35.75 44.55 12.70
C THR F 765 36.75 45.55 13.24
N LEU F 766 37.97 45.49 12.71
CA LEU F 766 39.05 46.35 13.19
C LEU F 766 38.81 47.80 12.78
N GLU F 767 39.13 48.72 13.68
CA GLU F 767 39.08 50.15 13.40
C GLU F 767 40.49 50.65 13.11
N ASP F 768 40.60 51.59 12.18
CA ASP F 768 41.90 52.10 11.78
C ASP F 768 42.61 52.85 12.91
N ALA F 769 41.87 53.32 13.91
CA ALA F 769 42.50 54.03 15.02
C ALA F 769 43.28 53.09 15.91
N GLU F 770 42.65 51.99 16.34
CA GLU F 770 43.34 51.04 17.21
C GLU F 770 44.46 50.29 16.48
N ILE F 771 44.38 50.18 15.15
CA ILE F 771 45.46 49.56 14.41
C ILE F 771 46.66 50.50 14.34
N LYS F 772 46.41 51.78 14.04
CA LYS F 772 47.50 52.75 13.96
C LYS F 772 48.17 52.93 15.32
N SER F 773 47.38 52.94 16.40
CA SER F 773 47.97 53.06 17.73
C SER F 773 48.81 51.83 18.07
N GLY F 774 48.35 50.64 17.65
CA GLY F 774 49.15 49.44 17.84
C GLY F 774 50.40 49.43 16.98
N MET F 775 50.33 50.02 15.79
CA MET F 775 51.51 50.09 14.93
C MET F 775 52.52 51.09 15.47
N ASP F 776 52.05 52.23 15.99
CA ASP F 776 52.97 53.21 16.55
C ASP F 776 53.54 52.74 17.88
N ASN F 777 52.81 51.88 18.60
CA ASN F 777 53.32 51.35 19.86
C ASN F 777 54.44 50.35 19.63
N ILE F 778 54.27 49.46 18.64
CA ILE F 778 55.24 48.39 18.45
C ILE F 778 56.53 48.94 17.86
N ILE F 779 56.44 49.96 16.99
CA ILE F 779 57.66 50.49 16.37
C ILE F 779 58.45 51.33 17.37
N GLN F 780 57.78 51.93 18.34
CA GLN F 780 58.50 52.71 19.34
C GLN F 780 59.27 51.81 20.30
N VAL F 781 58.66 50.71 20.72
CA VAL F 781 59.37 49.75 21.58
C VAL F 781 60.52 49.11 20.82
N LEU F 782 60.37 48.94 19.50
CA LEU F 782 61.45 48.42 18.69
C LEU F 782 62.57 49.44 18.53
N GLU F 783 62.21 50.72 18.43
CA GLU F 783 63.22 51.77 18.29
C GLU F 783 63.92 52.10 19.60
N ASN F 784 63.33 51.74 20.74
CA ASN F 784 63.93 52.03 22.04
C ASN F 784 64.77 50.85 22.54
N THR F 785 64.21 49.65 22.51
CA THR F 785 64.90 48.46 23.02
C THR F 785 65.92 47.89 22.05
N TYR F 786 66.09 48.50 20.87
CA TYR F 786 67.00 47.95 19.88
C TYR F 786 67.68 49.04 19.06
N GLN F 787 67.08 50.22 19.00
CA GLN F 787 67.55 51.33 18.18
C GLN F 787 67.61 50.93 16.70
N ALA F 788 66.49 51.08 16.00
CA ALA F 788 66.41 50.76 14.59
C ALA F 788 65.61 51.84 13.88
N THR F 789 65.62 51.78 12.54
CA THR F 789 64.87 52.70 11.71
C THR F 789 63.98 51.92 10.76
N LEU F 790 63.01 52.63 10.17
CA LEU F 790 62.06 52.02 9.24
C LEU F 790 61.96 52.88 7.99
N ARG F 791 61.23 52.37 7.01
CA ARG F 791 61.03 53.06 5.75
C ARG F 791 59.60 52.91 5.25
N MET G 5 128.19 30.31 15.21
CA MET G 5 128.93 31.36 14.53
C MET G 5 128.13 31.93 13.38
N SER G 6 128.70 31.89 12.18
CA SER G 6 128.00 32.39 11.00
C SER G 6 126.90 31.44 10.55
N LEU G 7 127.06 30.14 10.81
CA LEU G 7 125.99 29.19 10.49
C LEU G 7 124.81 29.36 11.44
N GLU G 8 125.08 29.68 12.71
CA GLU G 8 124.01 29.95 13.65
C GLU G 8 123.27 31.24 13.32
N ALA G 9 123.96 32.21 12.73
CA ALA G 9 123.31 33.44 12.30
C ALA G 9 122.49 33.25 11.04
N LEU G 10 122.86 32.28 10.21
CA LEU G 10 122.08 32.00 9.00
C LEU G 10 120.80 31.25 9.32
N THR G 11 120.84 30.37 10.32
CA THR G 11 119.63 29.64 10.71
C THR G 11 118.65 30.53 11.42
N THR G 12 119.14 31.37 12.35
CA THR G 12 118.25 32.29 13.06
C THR G 12 117.65 33.33 12.13
N GLU G 13 118.39 33.74 11.09
CA GLU G 13 117.84 34.67 10.11
C GLU G 13 116.86 33.99 9.17
N ALA G 14 117.07 32.69 8.90
CA ALA G 14 116.09 31.95 8.11
C ALA G 14 114.83 31.66 8.92
N LEU G 15 114.99 31.35 10.21
CA LEU G 15 113.84 31.18 11.08
C LEU G 15 113.15 32.51 11.38
N ALA G 16 113.86 33.63 11.22
CA ALA G 16 113.22 34.94 11.35
C ALA G 16 112.32 35.22 10.15
N ALA G 17 112.71 34.75 8.96
CA ALA G 17 111.87 34.85 7.78
C ALA G 17 110.79 33.78 7.72
N ILE G 18 110.88 32.74 8.55
CA ILE G 18 109.85 31.72 8.59
C ILE G 18 108.66 32.16 9.44
N ALA G 19 108.85 33.10 10.36
CA ALA G 19 107.76 33.63 11.16
C ALA G 19 107.09 34.84 10.53
N ALA G 20 107.74 35.46 9.54
CA ALA G 20 107.17 36.60 8.83
C ALA G 20 106.30 36.19 7.64
N ALA G 21 106.23 34.90 7.34
CA ALA G 21 105.39 34.42 6.24
C ALA G 21 103.94 34.40 6.69
N GLN G 22 103.11 35.21 6.03
CA GLN G 22 101.70 35.33 6.38
C GLN G 22 100.78 34.66 5.35
N ASP G 23 101.32 33.77 4.53
CA ASP G 23 100.53 33.06 3.54
C ASP G 23 101.06 31.65 3.38
N LEU G 24 100.21 30.76 2.88
CA LEU G 24 100.62 29.38 2.64
C LEU G 24 101.53 29.28 1.43
N VAL G 25 101.26 30.08 0.40
CA VAL G 25 102.14 30.09 -0.78
C VAL G 25 103.46 30.76 -0.43
N ALA G 26 103.43 31.82 0.39
CA ALA G 26 104.66 32.47 0.83
C ALA G 26 105.46 31.59 1.78
N LEU G 27 104.83 30.60 2.41
CA LEU G 27 105.56 29.68 3.27
C LEU G 27 106.53 28.82 2.46
N ASP G 28 106.07 28.31 1.31
CA ASP G 28 106.98 27.58 0.43
C ASP G 28 108.05 28.49 -0.15
N GLN G 29 107.72 29.76 -0.39
CA GLN G 29 108.73 30.71 -0.86
C GLN G 29 109.82 30.92 0.19
N VAL G 30 109.48 30.79 1.47
CA VAL G 30 110.50 30.84 2.52
C VAL G 30 111.23 29.52 2.62
N ARG G 31 110.52 28.40 2.41
CA ARG G 31 111.13 27.08 2.55
C ARG G 31 112.00 26.73 1.35
N VAL G 32 111.60 27.14 0.14
CA VAL G 32 112.37 26.82 -1.04
C VAL G 32 113.73 27.50 -1.00
N GLN G 33 113.77 28.77 -0.57
CA GLN G 33 115.01 29.51 -0.44
C GLN G 33 115.73 29.25 0.89
N PHE G 34 115.39 28.17 1.57
CA PHE G 34 116.03 27.83 2.84
C PHE G 34 115.94 26.34 3.11
N THR G 69 116.40 23.90 15.00
CA THR G 69 115.59 22.99 14.19
C THR G 69 114.81 23.75 13.13
N ILE G 70 115.20 23.57 11.87
CA ILE G 70 114.52 24.25 10.77
C ILE G 70 113.22 23.57 10.41
N ASN G 71 113.21 22.23 10.44
CA ASN G 71 111.99 21.50 10.08
C ASN G 71 110.90 21.67 11.15
N ASN G 72 111.29 21.82 12.42
CA ASN G 72 110.30 22.02 13.47
C ASN G 72 109.62 23.37 13.34
N ALA G 73 110.39 24.40 12.97
CA ALA G 73 109.80 25.72 12.74
C ALA G 73 108.97 25.78 11.47
N LEU G 74 109.20 24.86 10.53
CA LEU G 74 108.40 24.84 9.30
C LEU G 74 106.99 24.33 9.59
N THR G 75 106.87 23.24 10.35
CA THR G 75 105.57 22.68 10.67
C THR G 75 104.83 23.51 11.72
N GLU G 76 105.56 24.16 12.63
CA GLU G 76 104.92 24.96 13.66
C GLU G 76 104.29 26.22 13.07
N ARG G 77 104.93 26.82 12.07
CA ARG G 77 104.37 28.00 11.41
C ARG G 77 103.27 27.66 10.42
N GLN G 78 103.28 26.44 9.87
CA GLN G 78 102.24 26.04 8.93
C GLN G 78 100.92 25.77 9.63
N THR G 79 100.96 25.06 10.76
CA THR G 79 99.73 24.77 11.50
C THR G 79 99.16 26.01 12.15
N ALA G 80 100.00 26.97 12.52
CA ALA G 80 99.51 28.21 13.12
C ALA G 80 98.75 29.05 12.09
N LEU G 81 99.23 29.06 10.84
CA LEU G 81 98.52 29.77 9.79
C LEU G 81 97.21 29.08 9.41
N GLN G 82 97.17 27.75 9.55
CA GLN G 82 95.93 27.03 9.28
C GLN G 82 94.88 27.30 10.35
N GLN G 83 95.31 27.62 11.57
CA GLN G 83 94.36 27.95 12.63
C GLN G 83 93.66 29.27 12.36
N ALA G 84 94.36 30.23 11.73
CA ALA G 84 93.72 31.49 11.37
C ALA G 84 92.80 31.32 10.17
N ALA G 85 93.09 30.34 9.30
CA ALA G 85 92.21 30.09 8.16
C ALA G 85 90.92 29.42 8.59
N LEU G 86 90.96 28.59 9.64
CA LEU G 86 89.74 27.99 10.15
C LEU G 86 88.86 29.01 10.85
N ALA G 87 89.47 29.92 11.63
CA ALA G 87 88.70 30.95 12.32
C ALA G 87 88.06 31.92 11.34
N GLN G 88 88.70 32.17 10.20
CA GLN G 88 88.11 33.07 9.21
C GLN G 88 86.98 32.38 8.44
N LYS G 89 87.07 31.06 8.27
CA LYS G 89 86.01 30.34 7.57
C LYS G 89 84.75 30.23 8.43
N LEU G 90 84.91 29.82 9.69
CA LEU G 90 83.75 29.66 10.56
C LEU G 90 83.09 30.99 10.88
N ALA G 91 83.87 32.07 10.95
CA ALA G 91 83.29 33.38 11.22
C ALA G 91 82.50 33.90 10.02
N SER G 92 82.91 33.54 8.80
CA SER G 92 82.18 33.96 7.61
C SER G 92 80.91 33.15 7.39
N GLU G 93 80.93 31.87 7.76
CA GLU G 93 79.79 30.97 7.57
C GLU G 93 78.77 31.06 8.70
N THR G 94 78.81 32.13 9.50
CA THR G 94 77.87 32.28 10.61
C THR G 94 76.53 32.76 10.09
N ILE G 95 75.48 31.99 10.37
CA ILE G 95 74.12 32.36 9.99
C ILE G 95 73.29 32.46 11.26
N ASP G 96 72.12 33.09 11.13
CA ASP G 96 71.17 33.21 12.24
C ASP G 96 70.37 31.91 12.30
N ILE G 97 70.71 31.07 13.28
CA ILE G 97 70.05 29.77 13.40
C ILE G 97 68.60 29.87 13.85
N THR G 98 68.14 31.06 14.24
CA THR G 98 66.75 31.27 14.60
C THR G 98 65.88 31.66 13.42
N LEU G 99 66.46 31.87 12.25
CA LEU G 99 65.68 32.20 11.07
C LEU G 99 64.75 31.02 10.74
N PRO G 100 63.54 31.30 10.27
CA PRO G 100 62.61 30.20 9.92
C PRO G 100 63.21 29.31 8.85
N GLY G 101 62.94 28.01 8.97
CA GLY G 101 63.46 27.04 8.04
C GLY G 101 62.78 27.13 6.68
N ARG G 102 63.39 26.44 5.72
CA ARG G 102 62.88 26.36 4.35
C ARG G 102 62.39 24.94 4.13
N GLY G 103 61.09 24.74 4.37
CA GLY G 103 60.49 23.43 4.21
C GLY G 103 59.00 23.50 3.95
N GLN G 104 58.26 22.55 4.51
CA GLN G 104 56.81 22.47 4.33
C GLN G 104 56.14 22.45 5.69
N ARG G 105 55.09 23.25 5.84
CA ARG G 105 54.30 23.22 7.06
C ARG G 105 53.47 21.93 7.09
N ILE G 106 53.55 21.20 8.20
CA ILE G 106 52.91 19.90 8.28
C ILE G 106 51.38 20.08 8.19
N GLY G 107 50.73 19.10 7.56
CA GLY G 107 49.30 19.14 7.39
C GLY G 107 48.55 18.73 8.65
N THR G 108 47.22 18.78 8.54
CA THR G 108 46.35 18.45 9.66
C THR G 108 45.47 17.26 9.30
N VAL G 109 45.01 16.58 10.35
CA VAL G 109 44.04 15.49 10.23
C VAL G 109 42.72 15.98 10.80
N HIS G 110 41.62 15.65 10.12
CA HIS G 110 40.32 16.15 10.53
C HIS G 110 39.99 15.67 11.95
N PRO G 111 39.31 16.49 12.75
CA PRO G 111 39.01 16.08 14.12
C PRO G 111 38.23 14.79 14.23
N VAL G 112 37.20 14.60 13.40
CA VAL G 112 36.39 13.39 13.50
C VAL G 112 37.17 12.17 13.03
N THR G 113 38.22 12.35 12.23
CA THR G 113 39.06 11.22 11.86
C THR G 113 39.93 10.78 13.04
N GLN G 114 40.47 11.73 13.80
CA GLN G 114 41.24 11.39 14.99
C GLN G 114 40.35 10.70 16.03
N VAL G 115 39.10 11.16 16.17
CA VAL G 115 38.19 10.53 17.10
C VAL G 115 37.84 9.12 16.64
N GLN G 116 37.59 8.93 15.34
CA GLN G 116 37.35 7.60 14.81
C GLN G 116 38.58 6.72 14.97
N GLU G 117 39.77 7.26 14.71
CA GLU G 117 40.99 6.49 14.92
C GLU G 117 41.16 6.11 16.39
N ARG G 118 40.71 6.97 17.31
CA ARG G 118 40.86 6.66 18.73
C ARG G 118 39.83 5.64 19.20
N ILE G 119 38.57 5.79 18.79
CA ILE G 119 37.53 4.86 19.23
C ILE G 119 37.79 3.48 18.67
N CYS G 120 38.11 3.39 17.37
CA CYS G 120 38.43 2.10 16.78
C CYS G 120 39.73 1.52 17.30
N GLN G 121 40.63 2.37 17.81
CA GLN G 121 41.91 1.88 18.33
C GLN G 121 41.72 0.94 19.50
N PHE G 122 40.76 1.26 20.40
CA PHE G 122 40.51 0.41 21.56
C PHE G 122 40.07 -0.98 21.14
N PHE G 123 39.36 -1.10 20.01
CA PHE G 123 38.80 -2.38 19.58
C PHE G 123 39.75 -3.15 18.68
N THR G 124 40.46 -2.47 17.78
CA THR G 124 41.40 -3.16 16.89
C THR G 124 42.56 -3.77 17.69
N LYS G 125 43.04 -3.06 18.71
CA LYS G 125 44.06 -3.58 19.61
C LYS G 125 43.48 -4.55 20.63
N ALA G 126 42.22 -4.94 20.49
CA ALA G 126 41.58 -5.90 21.38
C ALA G 126 40.96 -7.07 20.63
N GLY G 127 41.19 -7.19 19.32
CA GLY G 127 40.70 -8.31 18.54
C GLY G 127 39.63 -7.99 17.54
N PHE G 128 39.15 -6.75 17.49
CA PHE G 128 38.11 -6.38 16.53
C PHE G 128 38.74 -6.02 15.18
N THR G 129 37.87 -5.93 14.16
CA THR G 129 38.29 -5.64 12.80
C THR G 129 37.41 -4.54 12.23
N VAL G 130 38.04 -3.50 11.69
CA VAL G 130 37.29 -2.41 11.09
C VAL G 130 36.66 -2.89 9.78
N ALA G 131 35.41 -2.47 9.54
CA ALA G 131 34.68 -2.85 8.35
C ALA G 131 33.93 -1.66 7.80
N THR G 132 33.84 -1.57 6.48
CA THR G 132 33.16 -0.47 5.80
C THR G 132 32.29 -1.05 4.68
N GLY G 133 31.72 -0.17 3.86
CA GLY G 133 30.87 -0.57 2.77
C GLY G 133 30.26 0.61 2.06
N PRO G 134 29.35 0.34 1.12
CA PRO G 134 28.72 1.43 0.36
C PRO G 134 27.82 2.30 1.25
N GLU G 135 27.68 3.56 0.85
CA GLU G 135 26.94 4.53 1.64
C GLU G 135 25.49 4.69 1.20
N VAL G 136 25.19 4.43 -0.07
CA VAL G 136 23.82 4.39 -0.56
C VAL G 136 23.42 2.92 -0.67
N GLU G 137 22.45 2.51 0.14
CA GLU G 137 22.08 1.11 0.29
C GLU G 137 20.64 0.91 -0.18
N ASP G 138 20.26 -0.36 -0.34
CA ASP G 138 18.90 -0.71 -0.70
C ASP G 138 18.04 -0.82 0.56
N ASP G 139 16.81 -1.31 0.42
CA ASP G 139 15.88 -1.33 1.54
C ASP G 139 16.10 -2.53 2.46
N TYR G 140 16.55 -3.67 1.92
CA TYR G 140 16.69 -4.87 2.73
C TYR G 140 17.81 -4.72 3.76
N HIS G 141 19.03 -4.46 3.30
CA HIS G 141 20.16 -4.37 4.21
C HIS G 141 20.04 -3.21 5.18
N ASN G 142 19.19 -2.22 4.87
CA ASN G 142 19.05 -1.04 5.72
C ASN G 142 17.87 -1.11 6.67
N PHE G 143 16.83 -1.88 6.35
CA PHE G 143 15.62 -1.90 7.16
C PHE G 143 15.13 -3.31 7.45
N GLU G 144 14.71 -4.04 6.41
CA GLU G 144 14.05 -5.33 6.62
C GLU G 144 14.96 -6.35 7.28
N ALA G 145 16.26 -6.32 7.00
CA ALA G 145 17.19 -7.25 7.62
C ALA G 145 17.42 -6.93 9.10
N LEU G 146 17.00 -5.76 9.57
CA LEU G 146 17.14 -5.36 10.96
C LEU G 146 15.87 -5.59 11.77
N ASN G 147 15.02 -6.51 11.34
CA ASN G 147 13.75 -6.82 12.02
C ASN G 147 12.87 -5.57 12.11
N ILE G 148 12.84 -4.79 11.04
CA ILE G 148 11.99 -3.61 10.91
C ILE G 148 10.89 -3.95 9.91
N PRO G 149 9.64 -4.10 10.35
CA PRO G 149 8.56 -4.40 9.40
C PRO G 149 8.28 -3.22 8.48
N GLY G 150 7.56 -3.50 7.41
CA GLY G 150 7.24 -2.47 6.44
C GLY G 150 6.30 -1.43 7.02
N HIS G 151 6.60 -0.16 6.74
CA HIS G 151 5.81 0.98 7.22
C HIS G 151 5.71 1.00 8.74
N HIS G 152 6.77 0.56 9.42
CA HIS G 152 6.78 0.58 10.87
C HIS G 152 6.96 2.02 11.36
N PRO G 153 6.32 2.39 12.48
CA PRO G 153 6.47 3.76 12.98
C PRO G 153 7.82 4.03 13.61
N ALA G 154 8.89 3.60 12.93
CA ALA G 154 10.26 3.83 13.37
C ALA G 154 10.80 5.02 12.60
N ARG G 155 10.80 6.19 13.24
CA ARG G 155 11.27 7.46 12.68
C ARG G 155 10.45 7.93 11.49
N ALA G 156 9.33 7.28 11.20
CA ALA G 156 8.40 7.66 10.11
C ALA G 156 9.18 7.60 8.80
N MET G 157 9.09 8.61 7.94
CA MET G 157 9.79 8.58 6.65
C MET G 157 10.45 9.90 6.26
N HIS G 158 10.08 11.03 6.87
CA HIS G 158 10.60 12.34 6.49
C HIS G 158 11.97 12.63 7.09
N ASP G 159 12.76 11.60 7.43
CA ASP G 159 14.07 11.80 8.04
C ASP G 159 15.12 10.90 7.39
N THR G 160 14.97 10.60 6.10
CA THR G 160 15.93 9.76 5.41
C THR G 160 15.99 10.15 3.95
N PHE G 161 17.20 10.43 3.46
CA PHE G 161 17.39 10.74 2.05
C PHE G 161 17.10 9.51 1.20
N TYR G 162 16.21 9.64 0.24
CA TYR G 162 15.82 8.55 -0.64
C TYR G 162 16.08 8.93 -2.09
N PHE G 163 16.20 7.90 -2.93
CA PHE G 163 16.37 8.08 -4.38
C PHE G 163 15.11 7.62 -5.11
N ASP G 164 14.82 6.33 -5.11
CA ASP G 164 13.58 5.79 -5.67
C ASP G 164 12.70 5.34 -4.50
N ALA G 165 12.20 4.10 -4.48
CA ALA G 165 11.42 3.60 -3.36
C ALA G 165 12.12 2.55 -2.53
N ASN G 166 13.19 1.94 -3.05
CA ASN G 166 13.92 0.90 -2.34
C ASN G 166 15.43 1.16 -2.37
N HIS G 167 15.83 2.42 -2.50
CA HIS G 167 17.24 2.80 -2.44
C HIS G 167 17.35 4.13 -1.72
N LEU G 168 18.30 4.21 -0.79
CA LEU G 168 18.40 5.37 0.09
C LEU G 168 19.83 5.49 0.59
N LEU G 169 20.13 6.62 1.22
CA LEU G 169 21.40 6.80 1.90
C LEU G 169 21.33 6.17 3.29
N ARG G 170 22.48 5.70 3.77
CA ARG G 170 22.54 4.99 5.03
C ARG G 170 22.07 5.88 6.18
N THR G 171 21.06 5.41 6.91
CA THR G 171 20.73 6.02 8.19
C THR G 171 21.67 5.56 9.29
N HIS G 172 22.31 4.40 9.12
CA HIS G 172 23.34 3.91 10.02
C HIS G 172 24.12 2.82 9.28
N THR G 173 25.31 2.52 9.81
CA THR G 173 26.18 1.53 9.18
C THR G 173 25.70 0.11 9.44
N SER G 174 24.43 -0.16 9.18
CA SER G 174 23.86 -1.47 9.44
C SER G 174 24.16 -2.46 8.32
N GLY G 175 24.24 -1.98 7.08
CA GLY G 175 24.47 -2.89 5.96
C GLY G 175 25.79 -3.62 6.06
N VAL G 176 26.83 -2.94 6.56
CA VAL G 176 28.14 -3.57 6.67
C VAL G 176 28.16 -4.61 7.77
N GLN G 177 27.26 -4.51 8.75
CA GLN G 177 27.15 -5.54 9.79
C GLN G 177 26.28 -6.69 9.32
N ILE G 178 25.24 -6.40 8.54
CA ILE G 178 24.38 -7.45 8.01
C ILE G 178 25.14 -8.30 6.99
N ARG G 179 25.86 -7.65 6.08
CA ARG G 179 26.57 -8.39 5.04
C ARG G 179 27.64 -9.30 5.63
N THR G 180 28.35 -8.82 6.65
CA THR G 180 29.39 -9.64 7.27
C THR G 180 28.79 -10.86 7.98
N MET G 181 27.61 -10.69 8.59
CA MET G 181 26.95 -11.83 9.22
C MET G 181 26.43 -12.83 8.20
N GLU G 182 26.26 -12.43 6.95
CA GLU G 182 25.74 -13.33 5.93
C GLU G 182 26.84 -14.22 5.36
N THR G 183 28.04 -13.69 5.18
CA THR G 183 29.13 -14.46 4.59
C THR G 183 29.99 -15.16 5.64
N SER G 184 30.44 -14.43 6.65
CA SER G 184 31.34 -14.97 7.65
C SER G 184 30.56 -15.67 8.76
N GLN G 185 31.21 -16.65 9.39
CA GLN G 185 30.65 -17.39 10.52
C GLN G 185 31.21 -16.85 11.83
N PRO G 186 30.45 -16.96 12.92
CA PRO G 186 30.97 -16.53 14.21
C PRO G 186 32.18 -17.36 14.60
N PRO G 187 33.08 -16.80 15.44
CA PRO G 187 33.02 -15.49 16.09
C PRO G 187 33.16 -14.29 15.15
N ILE G 188 32.36 -13.26 15.40
CA ILE G 188 32.38 -12.03 14.61
C ILE G 188 32.66 -10.88 15.57
N ARG G 189 33.78 -10.17 15.34
CA ARG G 189 34.20 -9.06 16.18
C ARG G 189 34.60 -7.92 15.23
N ILE G 190 33.65 -7.03 14.93
CA ILE G 190 33.87 -5.97 13.96
C ILE G 190 33.40 -4.65 14.56
N VAL G 191 34.11 -3.57 14.22
CA VAL G 191 33.70 -2.20 14.51
C VAL G 191 33.52 -1.49 13.18
N CYS G 192 32.46 -0.69 13.07
CA CYS G 192 32.04 -0.15 11.77
C CYS G 192 31.85 1.36 11.84
N PRO G 193 32.86 2.14 11.46
CA PRO G 193 32.67 3.58 11.26
C PRO G 193 32.32 3.91 9.82
N GLY G 194 31.76 5.10 9.63
CA GLY G 194 31.42 5.55 8.30
C GLY G 194 30.44 6.70 8.35
N ARG G 195 30.20 7.26 7.17
CA ARG G 195 29.28 8.38 7.03
C ARG G 195 27.84 7.89 6.96
N VAL G 196 26.95 8.61 7.63
CA VAL G 196 25.52 8.31 7.62
C VAL G 196 24.76 9.60 7.36
N TYR G 197 23.55 9.47 6.83
CA TYR G 197 22.80 10.60 6.32
C TYR G 197 21.35 10.56 6.78
N ARG G 198 20.82 11.72 7.13
CA ARG G 198 19.40 11.89 7.39
C ARG G 198 19.03 13.34 7.09
N CYS G 199 17.86 13.55 6.51
CA CYS G 199 17.44 14.89 6.09
C CYS G 199 16.88 15.64 7.30
N ASP G 200 17.76 16.42 7.93
CA ASP G 200 17.39 17.28 9.04
C ASP G 200 18.43 18.40 9.16
N SER G 201 18.26 19.47 8.37
CA SER G 201 19.23 20.55 8.30
C SER G 201 18.99 21.64 9.35
N ASP G 202 18.40 21.29 10.48
CA ASP G 202 18.26 22.25 11.57
C ASP G 202 19.63 22.67 12.07
N GLN G 203 19.70 23.88 12.62
CA GLN G 203 20.98 24.44 13.07
C GLN G 203 21.65 23.58 14.13
N THR G 204 20.89 22.71 14.80
CA THR G 204 21.45 21.82 15.80
C THR G 204 22.02 20.53 15.22
N HIS G 205 21.63 20.17 13.99
CA HIS G 205 22.12 18.96 13.36
C HIS G 205 22.73 19.26 11.99
N SER G 206 22.99 18.21 11.21
CA SER G 206 23.56 18.36 9.87
C SER G 206 23.08 17.20 9.02
N PRO G 207 23.00 17.37 7.70
CA PRO G 207 22.56 16.25 6.84
C PRO G 207 23.53 15.09 6.81
N MET G 208 24.80 15.30 7.14
CA MET G 208 25.78 14.23 7.18
C MET G 208 26.48 14.22 8.53
N PHE G 209 26.61 13.05 9.12
CA PHE G 209 27.41 12.87 10.32
C PHE G 209 27.98 11.45 10.29
N HIS G 210 28.83 11.15 11.28
CA HIS G 210 29.53 9.88 11.34
C HIS G 210 29.09 9.09 12.56
N GLN G 211 28.92 7.78 12.38
CA GLN G 211 28.53 6.88 13.46
C GLN G 211 29.46 5.68 13.48
N ILE G 212 29.85 5.27 14.68
CA ILE G 212 30.66 4.07 14.89
C ILE G 212 29.77 3.04 15.58
N GLU G 213 29.63 1.87 14.96
CA GLU G 213 28.73 0.83 15.44
C GLU G 213 29.48 -0.49 15.47
N GLY G 214 29.50 -1.13 16.64
CA GLY G 214 30.22 -2.37 16.81
C GLY G 214 29.33 -3.59 16.93
N LEU G 215 29.90 -4.77 16.72
CA LEU G 215 29.13 -6.01 16.76
C LEU G 215 30.02 -7.13 17.31
N TYR G 216 29.48 -7.91 18.24
CA TYR G 216 30.18 -9.05 18.81
C TYR G 216 29.23 -10.24 18.82
N VAL G 217 29.58 -11.28 18.05
CA VAL G 217 28.81 -12.52 18.00
C VAL G 217 29.76 -13.67 18.33
N ALA G 218 29.38 -14.49 19.29
CA ALA G 218 30.20 -15.62 19.70
C ALA G 218 29.29 -16.75 20.17
N GLU G 219 29.90 -17.79 20.74
CA GLU G 219 29.12 -18.91 21.26
C GLU G 219 28.21 -18.48 22.40
N ASN G 220 28.64 -17.53 23.22
CA ASN G 220 27.83 -17.08 24.34
C ASN G 220 28.29 -15.68 24.74
N THR G 221 27.32 -14.80 24.97
CA THR G 221 27.57 -13.47 25.51
C THR G 221 26.31 -13.02 26.24
N SER G 222 26.45 -11.97 27.05
CA SER G 222 25.37 -11.57 27.92
C SER G 222 25.33 -10.06 28.05
N PHE G 223 24.27 -9.57 28.72
CA PHE G 223 24.14 -8.15 29.02
C PHE G 223 25.23 -7.69 29.97
N ALA G 224 25.73 -8.59 30.81
CA ALA G 224 26.80 -8.22 31.74
C ALA G 224 28.10 -7.92 31.01
N GLU G 225 28.42 -8.72 30.00
CA GLU G 225 29.65 -8.47 29.23
C GLU G 225 29.55 -7.17 28.44
N LEU G 226 28.37 -6.86 27.90
CA LEU G 226 28.19 -5.63 27.14
C LEU G 226 28.35 -4.40 28.03
N LYS G 227 27.82 -4.45 29.25
CA LYS G 227 27.91 -3.30 30.14
C LYS G 227 29.35 -3.01 30.53
N GLY G 228 30.14 -4.06 30.78
CA GLY G 228 31.52 -3.86 31.15
C GLY G 228 32.37 -3.32 30.01
N LEU G 229 32.11 -3.79 28.79
CA LEU G 229 32.87 -3.31 27.64
C LEU G 229 32.59 -1.85 27.35
N LEU G 230 31.33 -1.42 27.47
CA LEU G 230 30.99 -0.04 27.20
C LEU G 230 31.49 0.88 28.30
N ILE G 231 31.46 0.42 29.55
CA ILE G 231 31.99 1.22 30.66
C ILE G 231 33.48 1.48 30.44
N ASN G 232 34.20 0.49 29.92
CA ASN G 232 35.61 0.71 29.60
C ASN G 232 35.78 1.60 28.37
N LEU G 233 34.89 1.45 27.38
CA LEU G 233 34.97 2.30 26.20
C LEU G 233 34.77 3.77 26.55
N LEU G 234 33.83 4.06 27.46
CA LEU G 234 33.59 5.43 27.86
C LEU G 234 34.66 5.95 28.81
N ASN G 235 35.22 5.08 29.66
CA ASN G 235 36.24 5.52 30.60
C ASN G 235 37.56 5.78 29.90
N GLU G 236 37.97 4.89 29.01
CA GLU G 236 39.29 5.00 28.40
C GLU G 236 39.32 6.04 27.27
N PHE G 237 38.19 6.27 26.61
CA PHE G 237 38.15 7.30 25.57
C PHE G 237 38.21 8.69 26.17
N PHE G 238 37.28 9.01 27.07
CA PHE G 238 37.26 10.33 27.70
C PHE G 238 38.35 10.49 28.74
N GLU G 239 39.03 9.41 29.14
CA GLU G 239 40.13 9.45 30.09
C GLU G 239 39.71 10.10 31.41
N LYS G 240 38.68 9.51 32.01
CA LYS G 240 38.13 10.03 33.27
C LYS G 240 37.24 8.97 33.88
N ASP G 241 37.38 8.77 35.20
CA ASP G 241 36.48 7.90 35.94
C ASP G 241 35.14 8.60 36.09
N LEU G 242 34.15 8.14 35.34
CA LEU G 242 32.87 8.83 35.18
C LEU G 242 31.78 8.13 35.99
N LYS G 243 30.52 8.45 35.70
CA LYS G 243 29.36 7.79 36.29
C LYS G 243 28.39 7.47 35.16
N VAL G 244 28.32 6.19 34.79
CA VAL G 244 27.52 5.74 33.66
C VAL G 244 26.18 5.25 34.16
N ARG G 245 25.12 5.62 33.45
CA ARG G 245 23.75 5.19 33.75
C ARG G 245 23.19 4.41 32.57
N PHE G 246 22.66 3.22 32.84
CA PHE G 246 22.00 2.40 31.84
C PHE G 246 20.49 2.48 32.06
N ARG G 247 19.77 2.95 31.06
CA ARG G 247 18.31 3.02 31.14
C ARG G 247 17.70 2.31 29.94
N PRO G 248 16.58 1.63 30.14
CA PRO G 248 15.98 0.85 29.04
C PRO G 248 15.46 1.75 27.93
N SER G 249 15.46 1.19 26.71
CA SER G 249 14.94 1.86 25.53
C SER G 249 14.46 0.79 24.56
N TYR G 250 14.12 1.20 23.34
CA TYR G 250 13.62 0.28 22.33
C TYR G 250 14.47 0.37 21.07
N PHE G 251 14.72 -0.79 20.46
CA PHE G 251 15.36 -0.93 19.17
C PHE G 251 14.76 -2.18 18.54
N PRO G 252 14.31 -2.11 17.29
CA PRO G 252 13.70 -3.30 16.68
C PRO G 252 14.68 -4.44 16.47
N PHE G 253 15.97 -4.12 16.31
CA PHE G 253 17.01 -5.12 16.10
C PHE G 253 17.69 -5.55 17.39
N THR G 254 17.12 -5.22 18.55
CA THR G 254 17.82 -5.41 19.80
C THR G 254 16.82 -5.66 20.93
N GLU G 255 17.04 -6.73 21.70
CA GLU G 255 16.21 -7.04 22.85
C GLU G 255 17.00 -7.93 23.81
N PRO G 256 17.28 -7.47 25.04
CA PRO G 256 16.92 -6.17 25.60
C PRO G 256 17.72 -5.01 25.02
N SER G 257 17.16 -3.81 25.06
CA SER G 257 17.81 -2.61 24.56
C SER G 257 18.03 -1.64 25.72
N ALA G 258 18.94 -0.69 25.51
CA ALA G 258 19.29 0.25 26.58
C ALA G 258 19.89 1.51 25.97
N GLU G 259 19.78 2.60 26.73
CA GLU G 259 20.48 3.84 26.46
C GLU G 259 21.54 4.07 27.52
N VAL G 260 22.72 4.49 27.10
CA VAL G 260 23.87 4.69 27.99
C VAL G 260 24.12 6.18 28.13
N ASP G 261 24.20 6.65 29.37
CA ASP G 261 24.43 8.05 29.68
C ASP G 261 25.72 8.21 30.48
N ILE G 262 26.35 9.37 30.33
CA ILE G 262 27.51 9.73 31.13
C ILE G 262 27.22 11.05 31.85
N MET G 263 27.91 11.26 32.96
CA MET G 263 27.71 12.45 33.77
C MET G 263 28.57 13.59 33.23
N ASP G 264 27.93 14.71 32.91
CA ASP G 264 28.63 15.88 32.41
C ASP G 264 29.35 16.59 33.55
N GLU G 265 30.15 17.60 33.19
CA GLU G 265 30.83 18.41 34.20
C GLU G 265 29.85 19.20 35.05
N ARG G 266 28.64 19.43 34.55
CA ARG G 266 27.59 20.13 35.28
C ARG G 266 26.69 19.18 36.06
N GLY G 267 27.12 17.94 36.27
CA GLY G 267 26.27 16.95 36.90
C GLY G 267 25.07 16.55 36.06
N ARG G 268 25.15 16.74 34.76
CA ARG G 268 24.03 16.50 33.85
C ARG G 268 24.24 15.19 33.09
N TRP G 269 23.16 14.46 32.87
CA TRP G 269 23.24 13.21 32.12
C TRP G 269 23.24 13.48 30.63
N LEU G 270 24.19 12.86 29.92
CA LEU G 270 24.33 13.02 28.47
C LEU G 270 24.26 11.66 27.81
N GLU G 271 23.25 11.47 26.96
CA GLU G 271 23.11 10.24 26.20
C GLU G 271 24.22 10.17 25.14
N VAL G 272 25.05 9.13 25.21
CA VAL G 272 26.20 9.01 24.33
C VAL G 272 26.05 7.88 23.32
N LEU G 273 25.35 6.79 23.65
CA LEU G 273 25.25 5.67 22.73
C LEU G 273 24.14 4.74 23.20
N GLY G 274 23.58 3.99 22.25
CA GLY G 274 22.62 2.95 22.55
C GLY G 274 23.22 1.58 22.36
N CYS G 275 22.66 0.57 23.01
CA CYS G 275 23.26 -0.76 22.97
C CYS G 275 22.19 -1.81 23.23
N GLY G 276 22.61 -3.01 23.60
CA GLY G 276 21.73 -4.12 23.90
C GLY G 276 22.16 -5.38 23.20
N MET G 277 21.36 -6.43 23.38
CA MET G 277 21.62 -7.74 22.80
C MET G 277 20.94 -7.86 21.44
N VAL G 278 21.66 -8.43 20.47
CA VAL G 278 21.14 -8.54 19.12
C VAL G 278 19.89 -9.41 19.12
N HIS G 279 18.87 -8.95 18.41
CA HIS G 279 17.62 -9.70 18.34
C HIS G 279 17.84 -11.04 17.63
N PRO G 280 17.22 -12.12 18.09
CA PRO G 280 17.45 -13.42 17.44
C PRO G 280 17.00 -13.49 16.00
N ASN G 281 15.95 -12.73 15.62
CA ASN G 281 15.52 -12.74 14.24
C ASN G 281 16.50 -12.01 13.32
N VAL G 282 17.33 -11.12 13.88
CA VAL G 282 18.36 -10.46 13.08
C VAL G 282 19.48 -11.43 12.74
N LEU G 283 19.90 -12.24 13.72
CA LEU G 283 20.92 -13.25 13.46
C LEU G 283 20.39 -14.35 12.55
N ARG G 284 19.15 -14.80 12.78
CA ARG G 284 18.59 -15.88 11.99
C ARG G 284 18.38 -15.49 10.53
N ALA G 285 18.04 -14.22 10.29
CA ALA G 285 17.79 -13.77 8.92
C ALA G 285 19.07 -13.69 8.09
N ALA G 286 20.24 -13.73 8.73
CA ALA G 286 21.52 -13.64 8.03
C ALA G 286 22.24 -14.98 7.96
N GLY G 287 21.58 -16.06 8.37
CA GLY G 287 22.21 -17.38 8.33
C GLY G 287 22.96 -17.77 9.58
N ILE G 288 22.69 -17.12 10.70
CA ILE G 288 23.35 -17.43 11.97
C ILE G 288 22.31 -18.03 12.90
N ASP G 289 22.57 -19.22 13.40
CA ASP G 289 21.66 -19.91 14.30
C ASP G 289 21.56 -19.16 15.63
N PRO G 290 20.40 -18.59 15.97
CA PRO G 290 20.30 -17.85 17.24
C PRO G 290 20.25 -18.75 18.47
N ASP G 291 20.03 -20.06 18.30
CA ASP G 291 20.00 -20.96 19.45
C ASP G 291 21.40 -21.23 19.98
N LYS G 292 22.38 -21.40 19.09
CA LYS G 292 23.74 -21.73 19.51
C LYS G 292 24.58 -20.49 19.76
N TYR G 293 24.39 -19.43 18.98
CA TYR G 293 25.21 -18.23 19.06
C TYR G 293 24.38 -17.06 19.59
N LYS G 294 24.98 -16.29 20.50
CA LYS G 294 24.41 -15.06 21.00
C LYS G 294 25.27 -13.88 20.56
N GLY G 295 24.72 -12.68 20.67
CA GLY G 295 25.45 -11.50 20.25
C GLY G 295 24.90 -10.24 20.87
N PHE G 296 25.75 -9.20 20.87
CA PHE G 296 25.34 -7.87 21.29
C PHE G 296 25.94 -6.85 20.33
N ALA G 297 25.50 -5.61 20.46
CA ALA G 297 25.97 -4.54 19.59
C ALA G 297 25.72 -3.20 20.27
N PHE G 298 26.23 -2.14 19.64
CA PHE G 298 26.03 -0.79 20.14
C PHE G 298 26.31 0.19 19.00
N GLY G 299 25.95 1.45 19.23
CA GLY G 299 26.16 2.48 18.24
C GLY G 299 26.27 3.86 18.85
N LEU G 300 27.27 4.64 18.43
CA LEU G 300 27.51 5.96 18.96
C LEU G 300 27.72 6.95 17.82
N GLY G 301 27.49 8.23 18.13
CA GLY G 301 27.70 9.29 17.16
C GLY G 301 29.08 9.90 17.34
N VAL G 302 29.83 9.95 16.23
CA VAL G 302 31.19 10.44 16.28
C VAL G 302 31.22 11.94 16.57
N GLU G 303 30.30 12.70 15.95
CA GLU G 303 30.28 14.14 16.15
C GLU G 303 29.98 14.51 17.59
N ARG G 304 29.20 13.70 18.29
CA ARG G 304 28.92 14.00 19.69
C ARG G 304 30.10 13.67 20.58
N PHE G 305 30.77 12.55 20.32
CA PHE G 305 31.99 12.22 21.07
C PHE G 305 33.10 13.23 20.79
N ALA G 306 33.17 13.75 19.57
CA ALA G 306 34.20 14.73 19.24
C ALA G 306 33.93 16.06 19.93
N MET G 307 32.66 16.46 20.02
CA MET G 307 32.34 17.74 20.65
C MET G 307 32.55 17.69 22.16
N LEU G 308 32.41 16.51 22.77
CA LEU G 308 32.61 16.40 24.21
C LEU G 308 34.09 16.27 24.58
N ARG G 309 34.90 15.69 23.69
CA ARG G 309 36.31 15.51 24.00
C ARG G 309 37.12 16.77 23.70
N TYR G 310 36.87 17.42 22.56
CA TYR G 310 37.59 18.62 22.18
C TYR G 310 36.94 19.90 22.69
N GLY G 311 35.74 19.81 23.27
CA GLY G 311 35.07 21.01 23.74
C GLY G 311 34.47 21.86 22.64
N ILE G 312 33.98 21.23 21.57
CA ILE G 312 33.36 21.94 20.46
C ILE G 312 31.87 22.07 20.73
N ASN G 313 31.28 23.21 20.36
CA ASN G 313 29.88 23.49 20.62
C ASN G 313 29.02 23.65 19.38
N ASP G 314 29.62 23.84 18.20
CA ASP G 314 28.88 23.98 16.95
C ASP G 314 29.44 22.96 15.96
N LEU G 315 28.69 21.88 15.73
CA LEU G 315 29.16 20.79 14.87
C LEU G 315 29.15 21.15 13.40
N ARG G 316 28.63 22.31 13.01
CA ARG G 316 28.64 22.71 11.62
C ARG G 316 30.05 22.97 11.10
N MET G 317 30.99 23.28 11.98
CA MET G 317 32.36 23.54 11.55
C MET G 317 33.05 22.27 11.04
N PHE G 318 32.52 21.09 11.37
CA PHE G 318 33.14 19.85 10.93
C PHE G 318 33.15 19.74 9.40
N TYR G 319 32.06 20.17 8.75
CA TYR G 319 31.99 20.11 7.30
C TYR G 319 32.34 21.42 6.62
N GLN G 320 32.36 22.54 7.36
CA GLN G 320 32.78 23.80 6.77
C GLN G 320 34.25 23.77 6.37
N ASN G 321 35.08 23.04 7.13
CA ASN G 321 36.48 22.82 6.80
C ASN G 321 37.25 24.14 6.68
N ASP G 322 37.08 25.00 7.68
CA ASP G 322 37.88 26.22 7.75
C ASP G 322 39.31 25.86 8.11
N VAL G 323 40.27 26.42 7.37
CA VAL G 323 41.67 26.06 7.55
C VAL G 323 42.12 26.31 8.99
N ARG G 324 41.66 27.41 9.59
CA ARG G 324 42.03 27.71 10.97
C ARG G 324 41.44 26.68 11.92
N PHE G 325 40.25 26.18 11.63
CA PHE G 325 39.63 25.16 12.49
C PHE G 325 40.41 23.86 12.44
N LEU G 326 40.73 23.39 11.23
CA LEU G 326 41.49 22.16 11.09
C LEU G 326 42.90 22.30 11.65
N ARG G 327 43.43 23.53 11.69
CA ARG G 327 44.79 23.74 12.19
C ARG G 327 44.86 23.56 13.69
N GLN G 328 43.80 23.91 14.42
CA GLN G 328 43.82 23.82 15.88
C GLN G 328 44.05 22.39 16.37
N PHE G 329 43.76 21.39 15.55
CA PHE G 329 43.93 19.99 15.92
C PHE G 329 45.19 19.40 15.31
N ALA G 330 46.26 20.18 15.25
CA ALA G 330 47.54 19.73 14.72
C ALA G 330 48.69 20.24 15.58
N MET H 1 27.44 47.78 -47.59
CA MET H 1 26.22 47.75 -48.40
C MET H 1 24.98 47.69 -47.50
N ARG H 2 23.82 48.00 -48.08
CA ARG H 2 22.57 47.98 -47.34
C ARG H 2 21.37 47.92 -48.28
N VAL H 3 21.57 48.33 -49.54
CA VAL H 3 20.49 48.41 -50.50
C VAL H 3 20.19 47.04 -51.07
N THR H 4 19.52 46.19 -50.29
CA THR H 4 19.07 44.87 -50.73
C THR H 4 17.59 44.77 -50.36
N MET H 5 16.72 45.13 -51.30
CA MET H 5 15.28 45.15 -51.06
C MET H 5 14.69 43.74 -51.18
N SER H 6 15.17 42.86 -50.31
CA SER H 6 14.70 41.48 -50.25
C SER H 6 15.14 40.88 -48.92
N LEU H 7 14.18 40.27 -48.21
CA LEU H 7 14.49 39.69 -46.91
C LEU H 7 15.42 38.50 -47.04
N GLU H 8 15.21 37.66 -48.06
CA GLU H 8 16.09 36.51 -48.26
C GLU H 8 17.48 36.94 -48.70
N ALA H 9 17.59 38.02 -49.48
CA ALA H 9 18.89 38.55 -49.85
C ALA H 9 19.59 39.26 -48.69
N LEU H 10 18.83 39.77 -47.72
CA LEU H 10 19.44 40.40 -46.55
C LEU H 10 20.04 39.36 -45.61
N THR H 11 19.37 38.22 -45.45
CA THR H 11 19.89 37.19 -44.56
C THR H 11 21.15 36.54 -45.12
N THR H 12 21.15 36.22 -46.42
CA THR H 12 22.32 35.61 -47.02
C THR H 12 23.52 36.54 -46.99
N GLU H 13 23.30 37.85 -47.06
CA GLU H 13 24.38 38.80 -46.90
C GLU H 13 24.80 38.92 -45.44
N ALA H 14 23.85 38.81 -44.50
CA ALA H 14 24.20 38.86 -43.09
C ALA H 14 24.97 37.63 -42.66
N LEU H 15 24.55 36.44 -43.12
CA LEU H 15 25.26 35.22 -42.76
C LEU H 15 26.64 35.17 -43.40
N ALA H 16 26.80 35.78 -44.58
CA ALA H 16 28.13 35.83 -45.20
C ALA H 16 29.05 36.78 -44.48
N ALA H 17 28.50 37.83 -43.86
CA ALA H 17 29.31 38.77 -43.09
C ALA H 17 29.67 38.21 -41.71
N ILE H 18 28.79 37.39 -41.13
CA ILE H 18 29.08 36.79 -39.84
C ILE H 18 30.19 35.76 -39.96
N ALA H 19 30.13 34.93 -41.00
CA ALA H 19 31.18 33.93 -41.21
C ALA H 19 32.52 34.56 -41.60
N ALA H 20 32.50 35.79 -42.13
CA ALA H 20 33.72 36.47 -42.51
C ALA H 20 34.38 37.21 -41.34
N ALA H 21 33.62 37.56 -40.30
CA ALA H 21 34.17 38.23 -39.14
C ALA H 21 35.06 37.26 -38.37
N GLN H 22 36.36 37.52 -38.36
CA GLN H 22 37.34 36.66 -37.71
C GLN H 22 37.81 37.19 -36.37
N ASP H 23 37.10 38.17 -35.80
CA ASP H 23 37.45 38.73 -34.50
C ASP H 23 36.19 38.98 -33.70
N LEU H 24 36.32 38.95 -32.37
CA LEU H 24 35.18 39.26 -31.51
C LEU H 24 34.81 40.74 -31.61
N VAL H 25 35.80 41.61 -31.79
CA VAL H 25 35.51 43.03 -32.00
C VAL H 25 34.86 43.23 -33.36
N ALA H 26 35.34 42.51 -34.38
CA ALA H 26 34.73 42.59 -35.70
C ALA H 26 33.39 41.88 -35.76
N LEU H 27 33.10 41.01 -34.77
CA LEU H 27 31.80 40.35 -34.73
C LEU H 27 30.70 41.34 -34.36
N ASP H 28 30.96 42.21 -33.39
CA ASP H 28 30.01 43.27 -33.07
C ASP H 28 29.87 44.26 -34.21
N GLN H 29 30.95 44.47 -34.98
CA GLN H 29 30.87 45.35 -36.14
C GLN H 29 29.89 44.81 -37.17
N VAL H 30 29.87 43.49 -37.36
CA VAL H 30 28.89 42.90 -38.27
C VAL H 30 27.50 42.92 -37.66
N ARG H 31 27.40 42.91 -36.33
CA ARG H 31 26.10 42.87 -35.68
C ARG H 31 25.44 44.24 -35.64
N VAL H 32 26.21 45.30 -35.42
CA VAL H 32 25.64 46.64 -35.25
C VAL H 32 24.95 47.10 -36.53
N GLN H 33 25.63 46.98 -37.68
CA GLN H 33 25.07 47.34 -38.97
C GLN H 33 24.22 46.24 -39.58
N PHE H 34 23.66 45.34 -38.75
CA PHE H 34 22.75 44.30 -39.25
C PHE H 34 21.62 43.96 -38.29
N THR H 35 21.48 44.67 -37.15
CA THR H 35 20.45 44.37 -36.17
C THR H 35 19.66 45.64 -35.91
N GLY H 36 19.88 46.29 -34.78
CA GLY H 36 19.12 47.49 -34.44
C GLY H 36 19.80 48.77 -34.86
N LYS H 37 19.78 49.78 -34.00
CA LYS H 37 20.39 51.07 -34.27
C LYS H 37 19.86 51.69 -35.56
N LYS H 38 20.63 51.59 -36.64
CA LYS H 38 20.24 52.13 -37.93
C LYS H 38 20.64 51.17 -39.04
N SER H 39 20.23 49.92 -38.91
CA SER H 39 20.49 48.89 -39.91
C SER H 39 19.28 48.74 -40.83
N GLN H 40 19.26 47.65 -41.60
CA GLN H 40 18.16 47.42 -42.52
C GLN H 40 16.98 46.74 -41.84
N LEU H 41 17.23 45.96 -40.78
CA LEU H 41 16.15 45.33 -40.05
C LEU H 41 15.36 46.35 -39.24
N ALA H 42 16.05 47.38 -38.70
CA ALA H 42 15.34 48.42 -37.95
C ALA H 42 14.47 49.25 -38.86
N GLU H 43 14.92 49.51 -40.09
CA GLU H 43 14.10 50.25 -41.04
C GLU H 43 12.96 49.41 -41.58
N GLN H 44 13.16 48.10 -41.69
CA GLN H 44 12.09 47.23 -42.16
C GLN H 44 11.04 47.01 -41.08
N SER H 45 11.47 46.95 -39.82
CA SER H 45 10.52 46.77 -38.72
C SER H 45 9.69 48.03 -38.48
N LYS H 46 10.29 49.21 -38.68
CA LYS H 46 9.54 50.45 -38.52
C LYS H 46 8.54 50.63 -39.66
N ALA H 47 8.93 50.30 -40.89
CA ALA H 47 7.99 50.37 -42.01
C ALA H 47 6.88 49.34 -41.87
N LEU H 48 7.15 48.22 -41.20
CA LEU H 48 6.11 47.22 -40.96
C LEU H 48 5.12 47.67 -39.90
N GLY H 49 5.46 48.69 -39.10
CA GLY H 49 4.55 49.20 -38.10
C GLY H 49 3.99 50.55 -38.48
N LYS H 50 3.97 50.85 -39.77
CA LYS H 50 3.45 52.12 -40.30
C LYS H 50 2.21 51.79 -41.14
N MET H 51 1.04 51.86 -40.49
CA MET H 51 -0.25 51.59 -41.13
C MET H 51 -0.26 50.19 -41.75
N ASP H 52 -0.29 49.19 -40.85
CA ASP H 52 -0.32 47.79 -41.24
C ASP H 52 -1.19 47.01 -40.27
N PRO H 53 -2.51 47.14 -40.36
CA PRO H 53 -3.38 46.33 -39.51
C PRO H 53 -3.34 44.85 -39.88
N GLU H 54 -3.41 44.54 -41.17
CA GLU H 54 -3.31 43.16 -41.64
C GLU H 54 -2.04 42.88 -42.41
N GLU H 55 -1.26 43.91 -42.76
CA GLU H 55 0.00 43.71 -43.47
C GLU H 55 1.12 43.25 -42.54
N ARG H 56 0.99 43.47 -41.23
CA ARG H 56 2.00 43.03 -40.27
C ARG H 56 1.84 41.58 -39.86
N LYS H 57 0.76 40.92 -40.28
CA LYS H 57 0.56 39.52 -39.93
C LYS H 57 1.53 38.62 -40.71
N VAL H 58 1.79 38.97 -41.97
CA VAL H 58 2.72 38.22 -42.80
C VAL H 58 4.12 38.82 -42.78
N GLN H 59 4.21 40.15 -42.72
CA GLN H 59 5.52 40.79 -42.66
C GLN H 59 6.18 40.58 -41.30
N GLY H 60 5.39 40.64 -40.22
CA GLY H 60 5.94 40.43 -38.89
C GLY H 60 6.42 39.00 -38.68
N ALA H 61 5.74 38.03 -39.30
CA ALA H 61 6.19 36.64 -39.18
C ALA H 61 7.50 36.42 -39.92
N ALA H 62 7.69 37.09 -41.06
CA ALA H 62 8.94 36.97 -41.79
C ALA H 62 10.04 37.83 -41.17
N ILE H 63 9.68 38.94 -40.54
CA ILE H 63 10.69 39.79 -39.90
C ILE H 63 11.19 39.13 -38.63
N HIS H 64 10.29 38.50 -37.86
CA HIS H 64 10.71 37.80 -36.65
C HIS H 64 11.52 36.56 -36.97
N ALA H 65 11.25 35.92 -38.10
CA ALA H 65 12.02 34.73 -38.48
C ALA H 65 13.44 35.09 -38.89
N VAL H 66 13.60 36.15 -39.70
CA VAL H 66 14.92 36.56 -40.12
C VAL H 66 15.69 37.20 -38.97
N ARG H 67 14.98 37.78 -38.01
CA ARG H 67 15.65 38.36 -36.85
C ARG H 67 16.17 37.28 -35.91
N GLU H 68 15.49 36.14 -35.83
CA GLU H 68 15.94 35.05 -34.99
C GLU H 68 17.07 34.26 -35.63
N THR H 69 17.04 34.10 -36.96
CA THR H 69 18.11 33.35 -37.63
C THR H 69 19.43 34.09 -37.57
N ILE H 70 19.40 35.42 -37.69
CA ILE H 70 20.64 36.19 -37.64
C ILE H 70 21.22 36.21 -36.24
N ASN H 71 20.36 36.16 -35.22
CA ASN H 71 20.86 36.17 -33.84
C ASN H 71 21.42 34.82 -33.43
N ASN H 72 20.77 33.73 -33.83
CA ASN H 72 21.28 32.40 -33.48
C ASN H 72 22.54 32.07 -34.27
N ALA H 73 22.66 32.55 -35.51
CA ALA H 73 23.89 32.40 -36.25
C ALA H 73 24.98 33.33 -35.74
N LEU H 74 24.62 34.43 -35.08
CA LEU H 74 25.61 35.31 -34.50
C LEU H 74 26.22 34.70 -33.25
N THR H 75 25.38 34.19 -32.34
CA THR H 75 25.87 33.56 -31.12
C THR H 75 26.52 32.21 -31.39
N GLU H 76 26.32 31.63 -32.57
CA GLU H 76 26.96 30.36 -32.89
C GLU H 76 28.37 30.57 -33.44
N ARG H 77 28.56 31.61 -34.25
CA ARG H 77 29.90 31.92 -34.75
C ARG H 77 30.78 32.53 -33.67
N GLN H 78 30.18 33.29 -32.74
CA GLN H 78 30.95 33.86 -31.65
C GLN H 78 31.48 32.78 -30.72
N THR H 79 30.70 31.73 -30.49
CA THR H 79 31.17 30.62 -29.68
C THR H 79 32.31 29.86 -30.37
N ALA H 80 32.16 29.59 -31.66
CA ALA H 80 33.22 28.90 -32.40
C ALA H 80 34.47 29.77 -32.51
N LEU H 81 34.31 31.10 -32.47
CA LEU H 81 35.45 32.01 -32.50
C LEU H 81 36.03 32.23 -31.11
N GLN H 82 35.21 32.14 -30.06
CA GLN H 82 35.72 32.20 -28.70
C GLN H 82 36.43 30.92 -28.30
N GLN H 83 35.97 29.77 -28.82
CA GLN H 83 36.66 28.51 -28.59
C GLN H 83 38.00 28.47 -29.32
N ALA H 84 38.06 29.05 -30.52
CA ALA H 84 39.30 29.04 -31.29
C ALA H 84 40.39 29.84 -30.57
N ALA H 85 40.03 30.95 -29.95
CA ALA H 85 41.01 31.73 -29.19
C ALA H 85 41.41 31.02 -27.90
N LEU H 86 40.52 30.18 -27.36
CA LEU H 86 40.86 29.42 -26.17
C LEU H 86 41.86 28.31 -26.46
N ALA H 87 41.69 27.63 -27.59
CA ALA H 87 42.64 26.58 -27.98
C ALA H 87 44.01 27.15 -28.29
N GLN H 88 44.07 28.42 -28.71
CA GLN H 88 45.36 29.05 -28.96
C GLN H 88 46.10 29.33 -27.66
N LYS H 89 45.36 29.70 -26.60
CA LYS H 89 45.99 29.88 -25.30
C LYS H 89 46.36 28.53 -24.68
N LEU H 90 45.52 27.52 -24.88
CA LEU H 90 45.81 26.20 -24.32
C LEU H 90 47.00 25.55 -25.01
N ALA H 91 47.12 25.72 -26.32
CA ALA H 91 48.28 25.18 -27.03
C ALA H 91 49.55 25.92 -26.66
N SER H 92 49.43 27.18 -26.22
CA SER H 92 50.62 27.93 -25.80
C SER H 92 51.14 27.42 -24.47
N GLU H 93 50.24 27.12 -23.53
CA GLU H 93 50.61 26.65 -22.20
C GLU H 93 50.71 25.13 -22.12
N THR H 94 50.94 24.46 -23.23
CA THR H 94 51.03 23.00 -23.25
C THR H 94 52.46 22.56 -22.98
N ILE H 95 52.62 21.63 -22.03
CA ILE H 95 53.92 21.12 -21.63
C ILE H 95 53.92 19.60 -21.73
N ASP H 96 55.13 19.03 -21.70
CA ASP H 96 55.29 17.59 -21.70
C ASP H 96 55.04 17.06 -20.29
N ILE H 97 53.88 16.44 -20.08
CA ILE H 97 53.48 15.99 -18.75
C ILE H 97 54.27 14.80 -18.25
N THR H 98 55.04 14.14 -19.12
CA THR H 98 55.80 12.97 -18.72
C THR H 98 57.17 13.32 -18.16
N LEU H 99 57.52 14.60 -18.10
CA LEU H 99 58.78 14.99 -17.48
C LEU H 99 58.73 14.66 -15.99
N PRO H 100 59.84 14.23 -15.39
CA PRO H 100 59.83 13.89 -13.97
C PRO H 100 59.46 15.09 -13.10
N GLY H 101 58.67 14.83 -12.07
CA GLY H 101 58.23 15.90 -11.19
C GLY H 101 59.33 16.37 -10.26
N ARG H 102 59.18 17.62 -9.82
CA ARG H 102 60.14 18.24 -8.91
C ARG H 102 59.70 17.94 -7.48
N GLY H 103 60.27 16.89 -6.90
CA GLY H 103 59.93 16.50 -5.55
C GLY H 103 61.01 15.67 -4.92
N GLN H 104 60.62 14.94 -3.87
CA GLN H 104 61.53 14.11 -3.11
C GLN H 104 61.28 12.65 -3.42
N ARG H 105 62.33 11.84 -3.44
CA ARG H 105 62.19 10.41 -3.58
C ARG H 105 61.77 9.82 -2.24
N ILE H 106 60.84 8.86 -2.29
CA ILE H 106 60.28 8.30 -1.07
C ILE H 106 61.37 7.60 -0.27
N GLY H 107 61.23 7.62 1.05
CA GLY H 107 62.21 7.05 1.95
C GLY H 107 62.22 5.53 1.96
N THR H 108 62.85 4.94 2.98
CA THR H 108 63.00 3.51 3.06
C THR H 108 63.01 3.08 4.52
N VAL H 109 62.23 2.06 4.84
CA VAL H 109 62.21 1.44 6.16
C VAL H 109 63.02 0.14 6.10
N HIS H 110 63.86 -0.07 7.10
CA HIS H 110 64.77 -1.21 7.07
C HIS H 110 64.00 -2.52 7.07
N PRO H 111 64.49 -3.55 6.38
CA PRO H 111 63.76 -4.83 6.35
C PRO H 111 63.60 -5.49 7.70
N VAL H 112 64.57 -5.31 8.61
CA VAL H 112 64.47 -5.93 9.92
C VAL H 112 63.35 -5.30 10.74
N THR H 113 63.09 -4.01 10.53
CA THR H 113 62.00 -3.34 11.25
C THR H 113 60.64 -3.65 10.62
N GLN H 114 60.59 -3.89 9.31
CA GLN H 114 59.35 -4.32 8.69
C GLN H 114 58.94 -5.70 9.19
N VAL H 115 59.91 -6.60 9.34
CA VAL H 115 59.62 -7.92 9.88
C VAL H 115 59.19 -7.83 11.34
N GLN H 116 59.88 -7.01 12.13
CA GLN H 116 59.49 -6.83 13.52
C GLN H 116 58.09 -6.22 13.63
N GLU H 117 57.78 -5.25 12.78
CA GLU H 117 56.47 -4.63 12.82
C GLU H 117 55.38 -5.56 12.31
N ARG H 118 55.73 -6.50 11.42
CA ARG H 118 54.76 -7.46 10.94
C ARG H 118 54.46 -8.52 11.99
N ILE H 119 55.50 -9.06 12.63
CA ILE H 119 55.29 -10.08 13.66
C ILE H 119 54.55 -9.50 14.85
N CYS H 120 54.94 -8.30 15.29
CA CYS H 120 54.25 -7.65 16.40
C CYS H 120 52.84 -7.22 16.02
N GLN H 121 52.57 -7.02 14.73
CA GLN H 121 51.21 -6.66 14.30
C GLN H 121 50.23 -7.78 14.63
N PHE H 122 50.64 -9.04 14.43
CA PHE H 122 49.74 -10.16 14.72
C PHE H 122 49.35 -10.20 16.19
N PHE H 123 50.22 -9.72 17.08
CA PHE H 123 49.97 -9.82 18.51
C PHE H 123 49.32 -8.56 19.08
N THR H 124 49.74 -7.37 18.63
CA THR H 124 49.15 -6.14 19.13
C THR H 124 47.69 -5.99 18.72
N LYS H 125 47.28 -6.67 17.65
CA LYS H 125 45.88 -6.70 17.22
C LYS H 125 45.09 -7.79 17.94
N ALA H 126 45.69 -8.46 18.93
CA ALA H 126 45.03 -9.56 19.63
C ALA H 126 45.17 -9.44 21.15
N GLY H 127 45.42 -8.25 21.66
CA GLY H 127 45.50 -8.02 23.09
C GLY H 127 46.90 -7.91 23.64
N PHE H 128 47.91 -8.36 22.91
CA PHE H 128 49.29 -8.24 23.38
C PHE H 128 49.77 -6.80 23.28
N THR H 129 50.82 -6.50 24.03
CA THR H 129 51.40 -5.17 24.08
C THR H 129 52.91 -5.24 23.88
N VAL H 130 53.44 -4.36 23.04
CA VAL H 130 54.88 -4.33 22.80
C VAL H 130 55.58 -3.73 24.01
N ALA H 131 56.66 -4.38 24.45
CA ALA H 131 57.44 -3.94 25.59
C ALA H 131 58.91 -3.90 25.21
N THR H 132 59.55 -2.75 25.43
CA THR H 132 60.96 -2.58 25.16
C THR H 132 61.71 -2.28 26.46
N GLY H 133 63.02 -2.43 26.42
CA GLY H 133 63.85 -2.20 27.58
C GLY H 133 65.27 -1.84 27.23
N PRO H 134 66.08 -1.57 28.26
CA PRO H 134 67.49 -1.23 28.01
C PRO H 134 68.25 -2.41 27.44
N GLU H 135 69.33 -2.09 26.72
CA GLU H 135 70.10 -3.12 26.02
C GLU H 135 71.27 -3.63 26.83
N VAL H 136 71.83 -2.83 27.74
CA VAL H 136 72.81 -3.34 28.70
C VAL H 136 72.05 -3.80 29.93
N GLU H 137 72.45 -4.94 30.47
CA GLU H 137 71.71 -5.57 31.55
C GLU H 137 72.67 -6.19 32.56
N ASP H 138 72.14 -6.48 33.74
CA ASP H 138 72.89 -7.14 34.78
C ASP H 138 72.65 -8.65 34.73
N ASP H 139 73.52 -9.39 35.42
CA ASP H 139 73.41 -10.84 35.42
C ASP H 139 72.13 -11.34 36.09
N TYR H 140 71.50 -10.50 36.92
CA TYR H 140 70.27 -10.90 37.60
C TYR H 140 69.10 -10.97 36.63
N HIS H 141 68.81 -9.86 35.95
CA HIS H 141 67.69 -9.83 35.02
C HIS H 141 67.95 -10.64 33.75
N ASN H 142 69.19 -11.00 33.47
CA ASN H 142 69.54 -11.71 32.25
C ASN H 142 69.71 -13.21 32.45
N PHE H 143 69.99 -13.67 33.67
CA PHE H 143 70.26 -15.08 33.89
C PHE H 143 69.76 -15.56 35.25
N GLU H 144 70.16 -14.86 36.32
CA GLU H 144 69.86 -15.35 37.67
C GLU H 144 68.36 -15.42 37.92
N ALA H 145 67.60 -14.45 37.41
CA ALA H 145 66.15 -14.50 37.53
C ALA H 145 65.50 -15.48 36.57
N LEU H 146 66.27 -16.08 35.66
CA LEU H 146 65.77 -17.04 34.70
C LEU H 146 66.07 -18.49 35.09
N ASN H 147 66.19 -18.75 36.40
CA ASN H 147 66.49 -20.08 36.93
C ASN H 147 67.81 -20.63 36.38
N ILE H 148 68.77 -19.74 36.11
CA ILE H 148 70.09 -20.13 35.64
C ILE H 148 71.06 -20.04 36.82
N PRO H 149 71.58 -21.18 37.32
CA PRO H 149 72.52 -21.18 38.45
C PRO H 149 73.93 -20.73 38.04
N ALA H 154 75.68 -22.17 32.90
CA ALA H 154 75.41 -23.55 32.47
C ALA H 154 75.68 -23.72 30.98
N ARG H 155 76.06 -22.62 30.32
CA ARG H 155 76.37 -22.61 28.90
C ARG H 155 77.85 -22.30 28.70
N ALA H 156 78.19 -21.78 27.52
CA ALA H 156 79.57 -21.42 27.20
C ALA H 156 79.83 -19.99 27.66
N MET H 157 80.69 -19.84 28.67
CA MET H 157 81.02 -18.53 29.21
C MET H 157 82.10 -17.85 28.35
N HIS H 158 81.74 -17.62 27.09
CA HIS H 158 82.63 -16.96 26.14
C HIS H 158 81.84 -16.42 24.97
N ASP H 159 80.62 -15.93 25.24
CA ASP H 159 79.75 -15.44 24.17
C ASP H 159 79.04 -14.13 24.49
N THR H 160 79.01 -13.68 25.74
CA THR H 160 78.29 -12.46 26.11
C THR H 160 79.27 -11.31 26.27
N PHE H 161 78.97 -10.19 25.62
CA PHE H 161 79.77 -8.98 25.78
C PHE H 161 79.62 -8.45 27.20
N TYR H 162 80.71 -8.44 27.96
CA TYR H 162 80.71 -7.95 29.32
C TYR H 162 81.28 -6.54 29.40
N PHE H 163 80.91 -5.83 30.46
CA PHE H 163 81.47 -4.52 30.76
C PHE H 163 82.32 -4.60 32.03
N ASP H 164 81.71 -4.78 33.19
CA ASP H 164 82.45 -5.06 34.41
C ASP H 164 82.21 -6.51 34.83
N ALA H 165 81.97 -6.73 36.12
CA ALA H 165 81.76 -8.08 36.62
C ALA H 165 80.29 -8.50 36.57
N ASN H 166 79.36 -7.57 36.73
CA ASN H 166 77.95 -7.89 36.83
C ASN H 166 77.11 -7.38 35.67
N HIS H 167 77.63 -6.49 34.83
CA HIS H 167 76.88 -5.91 33.73
C HIS H 167 77.36 -6.48 32.41
N LEU H 168 76.45 -6.50 31.43
CA LEU H 168 76.75 -7.12 30.14
C LEU H 168 75.70 -6.69 29.12
N LEU H 169 76.01 -6.92 27.85
CA LEU H 169 75.04 -6.72 26.78
C LEU H 169 74.09 -7.91 26.73
N ARG H 170 72.80 -7.62 26.66
CA ARG H 170 71.79 -8.67 26.76
C ARG H 170 71.88 -9.64 25.58
N THR H 171 71.73 -10.93 25.89
CA THR H 171 71.67 -11.96 24.86
C THR H 171 70.25 -12.24 24.40
N HIS H 172 69.25 -11.84 25.18
CA HIS H 172 67.85 -11.92 24.79
C HIS H 172 67.07 -10.90 25.60
N THR H 173 65.92 -10.50 25.06
CA THR H 173 65.08 -9.49 25.70
C THR H 173 64.29 -10.04 26.88
N SER H 174 64.87 -10.97 27.64
CA SER H 174 64.20 -11.50 28.82
C SER H 174 64.17 -10.50 29.96
N GLY H 175 65.02 -9.47 29.92
CA GLY H 175 65.06 -8.51 31.01
C GLY H 175 63.77 -7.72 31.12
N VAL H 176 63.26 -7.23 29.98
CA VAL H 176 62.01 -6.48 29.99
C VAL H 176 60.85 -7.41 30.30
N GLN H 177 60.92 -8.67 29.89
CA GLN H 177 59.89 -9.64 30.25
C GLN H 177 59.89 -9.90 31.75
N ILE H 178 61.07 -10.01 32.36
CA ILE H 178 61.15 -10.24 33.80
C ILE H 178 60.69 -9.01 34.55
N ARG H 179 61.07 -7.82 34.10
CA ARG H 179 60.69 -6.59 34.80
C ARG H 179 59.19 -6.34 34.75
N THR H 180 58.53 -6.77 33.67
CA THR H 180 57.08 -6.55 33.56
C THR H 180 56.32 -7.36 34.60
N MET H 181 56.72 -8.61 34.83
CA MET H 181 56.08 -9.41 35.87
C MET H 181 56.63 -9.10 37.26
N GLU H 182 57.77 -8.44 37.35
CA GLU H 182 58.26 -7.98 38.64
C GLU H 182 57.55 -6.72 39.12
N THR H 183 56.86 -6.01 38.23
CA THR H 183 56.17 -4.78 38.59
C THR H 183 54.66 -4.86 38.42
N SER H 184 54.12 -5.98 37.94
CA SER H 184 52.69 -6.10 37.70
C SER H 184 52.27 -7.55 37.95
N GLN H 185 50.97 -7.79 37.84
CA GLN H 185 50.35 -9.08 38.07
C GLN H 185 49.66 -9.56 36.80
N PRO H 186 49.45 -10.86 36.66
CA PRO H 186 48.73 -11.39 35.49
C PRO H 186 47.32 -10.83 35.40
N PRO H 187 46.71 -10.82 34.21
CA PRO H 187 47.23 -11.36 32.95
C PRO H 187 48.31 -10.48 32.30
N ILE H 188 49.37 -11.11 31.83
CA ILE H 188 50.49 -10.42 31.18
C ILE H 188 50.65 -11.00 29.79
N ARG H 189 50.35 -10.20 28.78
CA ARG H 189 50.48 -10.59 27.38
C ARG H 189 51.36 -9.55 26.69
N ILE H 190 52.62 -9.89 26.44
CA ILE H 190 53.57 -8.95 25.86
C ILE H 190 54.48 -9.66 24.87
N VAL H 191 54.87 -8.95 23.83
CA VAL H 191 55.89 -9.38 22.88
C VAL H 191 57.01 -8.34 22.90
N CYS H 192 58.25 -8.80 23.03
CA CYS H 192 59.38 -7.91 23.27
C CYS H 192 60.42 -8.01 22.17
N PRO H 193 60.42 -7.10 21.20
CA PRO H 193 61.51 -7.02 20.24
C PRO H 193 62.63 -6.11 20.74
N GLY H 194 63.81 -6.29 20.16
CA GLY H 194 64.95 -5.49 20.54
C GLY H 194 66.23 -6.07 19.99
N ARG H 195 67.34 -5.43 20.38
CA ARG H 195 68.66 -5.83 19.93
C ARG H 195 69.31 -6.75 20.95
N VAL H 196 69.99 -7.78 20.45
CA VAL H 196 70.72 -8.74 21.29
C VAL H 196 72.11 -8.91 20.71
N TYR H 197 73.03 -9.38 21.55
CA TYR H 197 74.44 -9.37 21.20
C TYR H 197 75.10 -10.70 21.57
N ARG H 198 75.91 -11.20 20.66
CA ARG H 198 76.72 -12.41 20.88
C ARG H 198 78.11 -12.16 20.32
N CYS H 199 79.11 -12.78 20.95
CA CYS H 199 80.52 -12.52 20.62
C CYS H 199 81.04 -13.66 19.73
N ASP H 200 80.62 -13.62 18.46
CA ASP H 200 81.10 -14.56 17.45
C ASP H 200 80.78 -14.05 16.06
N SER H 201 81.55 -13.08 15.58
CA SER H 201 81.27 -12.45 14.30
C SER H 201 82.32 -12.81 13.25
N ASP H 202 82.54 -14.10 13.02
CA ASP H 202 83.46 -14.53 12.00
C ASP H 202 82.86 -14.32 10.60
N GLN H 203 81.87 -15.13 10.26
CA GLN H 203 81.17 -15.00 8.99
C GLN H 203 79.77 -15.57 9.14
N THR H 204 78.83 -15.00 8.38
CA THR H 204 77.41 -15.37 8.42
C THR H 204 76.82 -15.26 9.82
N HIS H 205 77.43 -14.45 10.68
CA HIS H 205 76.92 -14.19 12.03
C HIS H 205 77.22 -12.76 12.40
N SER H 206 76.29 -12.11 13.09
CA SER H 206 76.44 -10.71 13.44
C SER H 206 76.57 -10.54 14.95
N PRO H 207 77.41 -9.60 15.40
CA PRO H 207 77.48 -9.31 16.84
C PRO H 207 76.26 -8.58 17.37
N MET H 208 75.40 -8.07 16.49
CA MET H 208 74.16 -7.40 16.88
C MET H 208 73.06 -7.86 15.95
N PHE H 209 72.13 -8.64 16.48
CA PHE H 209 70.96 -9.09 15.72
C PHE H 209 69.71 -8.86 16.57
N HIS H 210 68.55 -9.02 15.93
CA HIS H 210 67.28 -8.74 16.57
C HIS H 210 66.55 -10.03 16.89
N GLN H 211 65.68 -9.97 17.91
CA GLN H 211 64.95 -11.14 18.37
C GLN H 211 63.65 -10.69 18.99
N ILE H 212 62.56 -11.38 18.64
CA ILE H 212 61.23 -11.10 19.17
C ILE H 212 60.84 -12.24 20.11
N GLU H 213 60.46 -11.87 21.34
CA GLU H 213 60.11 -12.84 22.36
C GLU H 213 58.75 -12.49 22.94
N GLY H 214 57.84 -13.46 22.96
CA GLY H 214 56.52 -13.28 23.53
C GLY H 214 56.38 -13.96 24.87
N LEU H 215 55.45 -13.47 25.68
CA LEU H 215 55.23 -14.01 27.02
C LEU H 215 53.77 -13.84 27.38
N TYR H 216 53.13 -14.94 27.80
CA TYR H 216 51.74 -14.94 28.20
C TYR H 216 51.60 -15.73 29.49
N VAL H 217 50.92 -15.14 30.47
CA VAL H 217 50.63 -15.80 31.74
C VAL H 217 49.25 -15.34 32.21
N ALA H 218 48.43 -16.28 32.64
CA ALA H 218 47.07 -15.99 33.09
C ALA H 218 46.75 -16.93 34.24
N GLU H 219 45.45 -17.05 34.56
CA GLU H 219 45.04 -17.96 35.62
C GLU H 219 45.32 -19.41 35.27
N ASN H 220 45.33 -19.74 33.98
CA ASN H 220 45.63 -21.10 33.54
C ASN H 220 45.90 -21.10 32.04
N THR H 221 46.87 -21.90 31.63
CA THR H 221 47.16 -22.09 30.22
C THR H 221 47.74 -23.48 30.04
N SER H 222 47.99 -23.87 28.78
CA SER H 222 48.38 -25.23 28.47
C SER H 222 49.44 -25.25 27.39
N PHE H 223 50.14 -26.39 27.29
CA PHE H 223 51.06 -26.62 26.19
C PHE H 223 50.33 -26.70 24.86
N ALA H 224 49.07 -27.15 24.89
CA ALA H 224 48.26 -27.20 23.67
C ALA H 224 47.97 -25.81 23.14
N GLU H 225 47.77 -24.84 24.03
CA GLU H 225 47.46 -23.49 23.61
C GLU H 225 48.69 -22.80 23.01
N LEU H 226 49.87 -23.03 23.59
CA LEU H 226 51.09 -22.49 23.01
C LEU H 226 51.34 -23.08 21.62
N LYS H 227 51.05 -24.36 21.45
CA LYS H 227 51.30 -25.00 20.16
C LYS H 227 50.42 -24.41 19.07
N GLY H 228 49.15 -24.16 19.37
CA GLY H 228 48.25 -23.61 18.37
C GLY H 228 48.58 -22.16 18.01
N LEU H 229 48.97 -21.36 19.01
CA LEU H 229 49.29 -19.97 18.75
C LEU H 229 50.52 -19.83 17.85
N LEU H 230 51.49 -20.74 17.99
CA LEU H 230 52.69 -20.68 17.16
C LEU H 230 52.45 -21.22 15.76
N ILE H 231 51.58 -22.23 15.63
CA ILE H 231 51.21 -22.72 14.30
C ILE H 231 50.50 -21.63 13.53
N ASN H 232 49.67 -20.84 14.22
CA ASN H 232 49.02 -19.70 13.58
C ASN H 232 50.05 -18.64 13.20
N LEU H 233 50.97 -18.32 14.11
CA LEU H 233 51.98 -17.30 13.82
C LEU H 233 52.85 -17.69 12.62
N LEU H 234 53.22 -18.97 12.54
CA LEU H 234 54.08 -19.40 11.44
C LEU H 234 53.31 -19.47 10.13
N ASN H 235 52.06 -19.92 10.16
CA ASN H 235 51.29 -20.04 8.93
C ASN H 235 50.85 -18.69 8.39
N GLU H 236 50.63 -17.70 9.27
CA GLU H 236 50.18 -16.40 8.83
C GLU H 236 51.31 -15.44 8.49
N PHE H 237 52.47 -15.59 9.13
CA PHE H 237 53.61 -14.75 8.80
C PHE H 237 54.13 -15.07 7.40
N PHE H 238 54.53 -16.32 7.17
CA PHE H 238 55.01 -16.73 5.86
C PHE H 238 53.89 -16.88 4.84
N GLU H 239 52.62 -16.85 5.28
CA GLU H 239 51.46 -16.88 4.40
C GLU H 239 51.46 -18.14 3.53
N LYS H 240 51.72 -19.28 4.16
CA LYS H 240 51.72 -20.56 3.47
C LYS H 240 51.17 -21.64 4.39
N ASP H 241 50.76 -22.75 3.79
CA ASP H 241 50.26 -23.90 4.54
C ASP H 241 51.45 -24.81 4.85
N LEU H 242 52.17 -24.43 5.92
CA LEU H 242 53.40 -25.09 6.30
C LEU H 242 53.12 -26.29 7.19
N LYS H 243 53.99 -27.30 7.10
CA LYS H 243 53.96 -28.45 7.99
C LYS H 243 54.97 -28.20 9.12
N VAL H 244 54.45 -28.09 10.33
CA VAL H 244 55.26 -27.73 11.49
C VAL H 244 55.59 -28.98 12.29
N ARG H 245 56.70 -28.91 13.03
CA ARG H 245 57.16 -30.02 13.84
C ARG H 245 57.73 -29.48 15.15
N PHE H 246 57.57 -30.27 16.22
CA PHE H 246 58.03 -29.89 17.55
C PHE H 246 59.00 -30.94 18.07
N ARG H 247 60.19 -30.49 18.47
CA ARG H 247 61.20 -31.35 19.05
C ARG H 247 61.48 -30.91 20.48
N PRO H 248 61.54 -31.85 21.43
CA PRO H 248 61.84 -31.47 22.82
C PRO H 248 63.25 -30.92 22.95
N SER H 249 63.40 -29.97 23.87
CA SER H 249 64.68 -29.34 24.12
C SER H 249 64.76 -28.94 25.60
N TYR H 250 65.64 -28.01 25.92
CA TYR H 250 65.87 -27.60 27.30
C TYR H 250 66.07 -26.10 27.38
N PHE H 251 65.47 -25.50 28.42
CA PHE H 251 65.69 -24.12 28.79
C PHE H 251 65.49 -24.06 30.29
N PRO H 252 66.37 -23.39 31.03
CA PRO H 252 66.23 -23.36 32.49
C PRO H 252 64.98 -22.65 32.97
N PHE H 253 64.43 -21.75 32.18
CA PHE H 253 63.21 -21.02 32.51
C PHE H 253 61.97 -21.64 31.88
N THR H 254 62.09 -22.85 31.35
CA THR H 254 60.99 -23.45 30.58
C THR H 254 60.97 -24.95 30.79
N GLU H 255 59.84 -25.46 31.27
CA GLU H 255 59.65 -26.89 31.47
C GLU H 255 58.17 -27.24 31.44
N PRO H 256 57.70 -28.02 30.47
CA PRO H 256 58.49 -28.64 29.40
C PRO H 256 58.88 -27.65 28.29
N SER H 257 59.89 -28.00 27.51
CA SER H 257 60.41 -27.14 26.46
C SER H 257 60.26 -27.81 25.10
N ALA H 258 60.50 -27.04 24.05
CA ALA H 258 60.40 -27.54 22.68
C ALA H 258 61.06 -26.54 21.74
N GLU H 259 61.70 -27.08 20.69
CA GLU H 259 62.21 -26.29 19.59
C GLU H 259 61.33 -26.52 18.37
N VAL H 260 60.90 -25.43 17.73
CA VAL H 260 59.94 -25.49 16.63
C VAL H 260 60.69 -25.28 15.32
N ASP H 261 60.37 -26.12 14.33
CA ASP H 261 60.95 -25.99 13.00
C ASP H 261 59.86 -26.19 11.95
N ILE H 262 60.06 -25.57 10.79
CA ILE H 262 59.12 -25.65 9.68
C ILE H 262 59.80 -26.37 8.52
N MET H 263 58.98 -26.93 7.64
CA MET H 263 59.49 -27.67 6.50
C MET H 263 59.79 -26.70 5.36
N ASP H 264 61.00 -26.81 4.80
CA ASP H 264 61.44 -25.90 3.76
C ASP H 264 60.76 -26.22 2.43
N GLU H 265 60.96 -25.32 1.45
CA GLU H 265 60.41 -25.56 0.12
C GLU H 265 61.09 -26.73 -0.57
N ARG H 266 62.38 -26.95 -0.30
CA ARG H 266 63.08 -28.09 -0.88
C ARG H 266 62.69 -29.40 -0.20
N GLY H 267 62.13 -29.35 1.00
CA GLY H 267 61.71 -30.55 1.68
C GLY H 267 62.59 -30.92 2.85
N ARG H 268 62.97 -29.93 3.66
CA ARG H 268 63.80 -30.16 4.83
C ARG H 268 63.32 -29.28 5.97
N TRP H 269 63.73 -29.64 7.18
CA TRP H 269 63.35 -28.89 8.37
C TRP H 269 64.32 -27.73 8.61
N LEU H 270 63.86 -26.77 9.40
CA LEU H 270 64.64 -25.56 9.66
C LEU H 270 64.11 -24.91 10.93
N GLU H 271 64.95 -24.84 11.97
CA GLU H 271 64.53 -24.20 13.21
C GLU H 271 64.13 -22.76 12.97
N VAL H 272 63.06 -22.33 13.65
CA VAL H 272 62.55 -20.98 13.48
C VAL H 272 62.39 -20.30 14.83
N LEU H 273 62.04 -21.07 15.86
CA LEU H 273 61.80 -20.50 17.18
C LEU H 273 61.81 -21.60 18.23
N GLY H 274 62.08 -21.18 19.47
CA GLY H 274 61.95 -22.04 20.62
C GLY H 274 60.82 -21.57 21.52
N CYS H 275 60.26 -22.47 22.33
CA CYS H 275 59.07 -22.13 23.09
C CYS H 275 58.99 -23.03 24.32
N GLY H 276 57.80 -23.13 24.90
CA GLY H 276 57.55 -23.97 26.05
C GLY H 276 56.87 -23.20 27.17
N MET H 277 56.45 -23.97 28.17
CA MET H 277 55.74 -23.40 29.31
C MET H 277 56.73 -22.76 30.29
N VAL H 278 56.25 -21.72 30.99
CA VAL H 278 57.09 -21.02 31.94
C VAL H 278 57.39 -21.91 33.13
N HIS H 279 58.66 -21.98 33.52
CA HIS H 279 59.04 -22.76 34.68
C HIS H 279 58.43 -22.15 35.95
N PRO H 280 58.02 -22.98 36.92
CA PRO H 280 57.42 -22.42 38.14
C PRO H 280 58.37 -21.55 38.94
N ASN H 281 59.67 -21.79 38.86
CA ASN H 281 60.61 -21.05 39.70
C ASN H 281 60.85 -19.64 39.18
N VAL H 282 61.03 -19.48 37.88
CA VAL H 282 61.20 -18.14 37.31
C VAL H 282 59.92 -17.32 37.48
N LEU H 283 58.76 -17.97 37.42
CA LEU H 283 57.51 -17.25 37.65
C LEU H 283 57.35 -16.87 39.12
N ARG H 284 57.72 -17.79 40.02
CA ARG H 284 57.58 -17.51 41.45
C ARG H 284 58.59 -16.47 41.91
N ALA H 285 59.82 -16.52 41.37
CA ALA H 285 60.84 -15.56 41.78
C ALA H 285 60.47 -14.14 41.39
N ALA H 286 59.69 -13.97 40.31
CA ALA H 286 59.23 -12.66 39.89
C ALA H 286 58.03 -12.17 40.70
N GLY H 287 57.50 -12.98 41.59
CA GLY H 287 56.35 -12.61 42.39
C GLY H 287 55.02 -13.17 41.92
N ILE H 288 55.03 -14.12 40.99
CA ILE H 288 53.82 -14.72 40.45
C ILE H 288 53.83 -16.18 40.88
N ASP H 289 53.03 -16.53 41.87
CA ASP H 289 53.00 -17.89 42.37
C ASP H 289 52.48 -18.83 41.29
N PRO H 290 53.22 -19.90 40.97
CA PRO H 290 52.74 -20.82 39.92
C PRO H 290 51.60 -21.71 40.37
N ASP H 291 51.25 -21.71 41.67
CA ASP H 291 50.13 -22.50 42.13
C ASP H 291 48.82 -21.99 41.55
N LYS H 292 48.67 -20.67 41.43
CA LYS H 292 47.47 -20.06 40.88
C LYS H 292 47.59 -19.71 39.41
N TYR H 293 48.73 -19.16 38.98
CA TYR H 293 48.90 -18.68 37.62
C TYR H 293 49.84 -19.58 36.84
N LYS H 294 49.47 -19.84 35.58
CA LYS H 294 50.31 -20.58 34.64
C LYS H 294 50.61 -19.70 33.44
N GLY H 295 51.76 -19.95 32.80
CA GLY H 295 52.16 -19.13 31.68
C GLY H 295 53.04 -19.88 30.71
N PHE H 296 53.24 -19.26 29.54
CA PHE H 296 54.15 -19.79 28.52
C PHE H 296 54.88 -18.63 27.86
N ALA H 297 55.91 -18.96 27.09
CA ALA H 297 56.70 -17.96 26.40
C ALA H 297 57.41 -18.61 25.21
N PHE H 298 57.91 -17.76 24.31
CA PHE H 298 58.62 -18.23 23.13
C PHE H 298 59.59 -17.15 22.67
N GLY H 299 60.44 -17.51 21.71
CA GLY H 299 61.41 -16.59 21.17
C GLY H 299 61.88 -16.96 19.79
N LEU H 300 62.05 -15.96 18.92
CA LEU H 300 62.41 -16.20 17.53
C LEU H 300 63.38 -15.12 17.05
N GLY H 301 64.32 -15.51 16.19
CA GLY H 301 65.26 -14.55 15.63
C GLY H 301 64.65 -13.82 14.46
N VAL H 302 64.76 -12.49 14.47
CA VAL H 302 64.13 -11.68 13.43
C VAL H 302 64.85 -11.86 12.10
N GLU H 303 66.19 -11.87 12.12
CA GLU H 303 66.95 -11.98 10.88
C GLU H 303 66.66 -13.30 10.17
N ARG H 304 66.49 -14.38 10.92
CA ARG H 304 66.17 -15.67 10.31
C ARG H 304 64.82 -15.63 9.62
N PHE H 305 63.83 -14.98 10.24
CA PHE H 305 62.53 -14.82 9.59
C PHE H 305 62.65 -13.92 8.35
N ALA H 306 63.49 -12.89 8.42
CA ALA H 306 63.62 -11.97 7.29
C ALA H 306 64.33 -12.64 6.12
N MET H 307 65.31 -13.50 6.40
CA MET H 307 66.02 -14.19 5.32
C MET H 307 65.10 -15.17 4.60
N LEU H 308 64.22 -15.84 5.34
CA LEU H 308 63.24 -16.73 4.73
C LEU H 308 62.08 -15.97 4.10
N ARG H 309 61.80 -14.75 4.57
CA ARG H 309 60.69 -13.98 4.04
C ARG H 309 61.03 -13.38 2.68
N TYR H 310 62.10 -12.58 2.61
CA TYR H 310 62.47 -11.89 1.38
C TYR H 310 63.42 -12.68 0.51
N GLY H 311 63.82 -13.88 0.93
CA GLY H 311 64.70 -14.71 0.12
C GLY H 311 66.12 -14.20 0.03
N ILE H 312 66.62 -13.56 1.08
CA ILE H 312 68.00 -13.11 1.11
C ILE H 312 68.86 -14.19 1.74
N ASN H 313 70.17 -14.13 1.49
CA ASN H 313 71.10 -15.13 1.97
C ASN H 313 72.31 -14.56 2.70
N ASP H 314 72.50 -13.24 2.69
CA ASP H 314 73.63 -12.61 3.38
C ASP H 314 73.08 -11.71 4.48
N LEU H 315 73.04 -12.24 5.71
CA LEU H 315 72.52 -11.48 6.84
C LEU H 315 73.46 -10.37 7.30
N ARG H 316 74.66 -10.27 6.71
CA ARG H 316 75.56 -9.17 7.04
C ARG H 316 75.14 -7.87 6.36
N MET H 317 74.29 -7.94 5.34
CA MET H 317 73.85 -6.74 4.64
C MET H 317 72.90 -5.91 5.48
N PHE H 318 72.34 -6.47 6.55
CA PHE H 318 71.50 -5.69 7.46
C PHE H 318 72.31 -4.58 8.14
N TYR H 319 73.51 -4.92 8.61
CA TYR H 319 74.35 -3.95 9.30
C TYR H 319 75.21 -3.11 8.36
N GLN H 320 75.43 -3.58 7.13
CA GLN H 320 76.17 -2.77 6.17
C GLN H 320 75.36 -1.55 5.73
N ASN H 321 74.03 -1.70 5.63
CA ASN H 321 73.13 -0.61 5.27
C ASN H 321 73.50 -0.03 3.91
N ASP H 322 73.60 -0.90 2.91
CA ASP H 322 73.80 -0.44 1.53
C ASP H 322 72.53 0.23 1.02
N VAL H 323 72.69 1.41 0.43
CA VAL H 323 71.53 2.16 -0.07
C VAL H 323 70.79 1.34 -1.13
N ARG H 324 71.53 0.62 -1.96
CA ARG H 324 70.88 -0.20 -2.98
C ARG H 324 70.18 -1.41 -2.38
N PHE H 325 70.70 -1.94 -1.26
CA PHE H 325 70.03 -3.04 -0.58
C PHE H 325 68.76 -2.56 0.12
N LEU H 326 68.83 -1.40 0.77
CA LEU H 326 67.66 -0.85 1.46
C LEU H 326 66.59 -0.45 0.47
N ARG H 327 66.98 0.10 -0.68
CA ARG H 327 66.02 0.53 -1.70
C ARG H 327 65.23 -0.63 -2.28
N GLN H 328 65.77 -1.85 -2.24
CA GLN H 328 65.03 -3.01 -2.77
C GLN H 328 63.72 -3.22 -2.03
N PHE H 329 63.62 -2.76 -0.79
CA PHE H 329 62.43 -2.96 0.04
C PHE H 329 61.57 -1.71 0.09
N ALA H 330 61.25 -1.18 -1.09
CA ALA H 330 60.43 0.03 -1.19
C ALA H 330 59.75 0.10 -2.55
#